data_1G20
#
_entry.id   1G20
#
_cell.length_a   264.240
_cell.length_b   111.460
_cell.length_c   121.590
_cell.angle_alpha   90.00
_cell.angle_beta   97.40
_cell.angle_gamma   90.00
#
_symmetry.space_group_name_H-M   'C 1 2 1'
#
loop_
_entity.id
_entity.type
_entity.pdbx_description
1 polymer 'NITROGENASE MOLYBDENUM-IRON PROTEIN ALPHA CHAIN'
2 polymer 'NITROGENASE MOLYBDENUM-IRON PROTEIN BETA CHAIN'
3 polymer 'NITROGENASE IRON PROTEIN'
4 non-polymer '3-HYDROXY-3-CARBOXY-ADIPIC ACID'
5 non-polymer 'FE-MO-S CLUSTER'
6 non-polymer 'CALCIUM ION'
7 non-polymer 'FE(8)-S(7) CLUSTER'
8 non-polymer 'IRON/SULFUR CLUSTER'
9 water water
#
loop_
_entity_poly.entity_id
_entity_poly.type
_entity_poly.pdbx_seq_one_letter_code
_entity_poly.pdbx_strand_id
1 'polypeptide(L)'
;MTGMSREEVESLIQEVLEVYPEKARKDRNKHLAVNDPAVTQSKKCIISNKKSQPGLMTIRGCAYAGSKGVVWGPIKDMIH
ISHGPVGCGQYSRAGRRNYYIGTTGVNAFVTMNFTSDFQEKDIVFGGDKKLAKLIDEVETLFPLNKGISVQSECPIGLIG
DDIESVSKVKGAELSKTIVPVRCEGFRGVSQSLGHHIANDAVRDWVLGKRDEDTTFASTPYDVAIIGDYNIGGDAWSSRI
LLEEMGLRCVAQWSGDGSISEIELTPKVKLNLVHCYRSMNYISRHMEEKYGIPWMEYNFFGPTKTIESLRAIAAKFDESI
QKKCEEVIAKYKPEWEAVVAKYRPRLEGKRVMLYIGGLRPRHVIGAYEDLGMEVVGTGYEFAHNDDYDRTMKEMGDSTLL
YDDVTGYEFEEFVKRIKPDLIGSGIKEKFIFQKMGIPFREMHSWDYSGPYHGFDGFAIFARDMDMTLNNPCWKKLQAPWE
ASEGAEKVAASA
;
A,C
2 'polypeptide(L)'
;MSQQVDKIKASYPLFLDQDYKDMLAKKRDGFEEKYPQDKIDEVFQWTTTKEYQELNFQREALTVNPAKACQPLGAVLCAL
GFEKTMPYVHGSQGCVAYFRSYFNRHFREPVSCVSDSMTEDAAVFGGQQNMKDGLQNCKATYKPDMIAVSTTCMAEVIGD
DLNAFINNSKKEGFIPDEFPVPFAHTPSFVGSHVTGWDNMFEGIARYFTLKSMDDKVVGSNKKINIVPGFETYLGNFRVI
KRMLSEMGVGYSLLSDPEEVLDTPADGQFRMYAGGTTQEEMKDAPNALNTVLLQPWHLEKTKKFVEGTWKHEVPKLNIPM
GLDWTDEFLMKVSEISGQPIPASLTKERGRLVDMMTDSHTWLHGKRFALWGDPDFVMGLVKFLLELGCEPVHILCHNGNK
RWKKAVDAILAASPYGKNATVYIGKDLWHLRSLVFTDKPDFMIGNSYGKFIQRDTLHKGKEFEVPLIRIGFPIFDRHHLH
RSTTLGYEGAMQILTTLVNSILERLDEETRGMQATDYNHDLVR
;
B,D
3 'polypeptide(L)'
;MAMRQCAIYGKGGIGKSTTTQNLVAALAEMGKKVMIVGCDPKADSTRLILHSKAQNTIMEMAAEAGTVEDLELEDVLKAG
YGGVKCVESGGPEPGVGCAGRGVITAINFLEEEGAYEDDLDFVFYDVGDVVCGGFAMPIRENKAQEIYIVCSGEMMAMYA
ANNISKGIVKYANSGSVRLGGLICNSRNTDREDELIIALANKLGTQMIHFVPRDNVVQRAEIRRMTVIEYDPKAKQADEY
RALARKVVDNKLLVIPNPITMDELEELLMEFGIMEVEDESIVGKTAEEV
;
E,F,G,H
#
loop_
_chem_comp.id
_chem_comp.type
_chem_comp.name
_chem_comp.formula
CA non-polymer 'CALCIUM ION' 'Ca 2'
CFM non-polymer 'FE-MO-S CLUSTER' 'Fe7 Mo S9'
CLF non-polymer 'FE(8)-S(7) CLUSTER' 'Fe8 S7'
HCA non-polymer '3-HYDROXY-3-CARBOXY-ADIPIC ACID' 'C7 H10 O7'
SF4 non-polymer 'IRON/SULFUR CLUSTER' 'Fe4 S4'
#
# COMPACT_ATOMS: atom_id res chain seq x y z
N SER A 5 9.12 -1.83 50.15
CA SER A 5 8.08 -0.98 49.49
C SER A 5 7.39 0.05 50.37
N ARG A 6 7.56 -0.03 51.69
CA ARG A 6 6.92 0.94 52.58
C ARG A 6 7.67 2.26 52.69
N GLU A 7 8.99 2.18 52.79
CA GLU A 7 9.85 3.36 52.90
C GLU A 7 10.68 3.45 51.63
N GLU A 8 10.57 2.43 50.78
CA GLU A 8 11.29 2.40 49.52
C GLU A 8 10.66 3.33 48.50
N VAL A 9 9.42 3.71 48.75
CA VAL A 9 8.71 4.63 47.85
C VAL A 9 8.92 6.08 48.30
N GLU A 10 9.31 6.27 49.56
CA GLU A 10 9.50 7.60 50.10
C GLU A 10 10.92 8.07 49.75
N SER A 11 11.86 7.13 49.79
CA SER A 11 13.25 7.41 49.44
C SER A 11 13.30 7.59 47.92
N LEU A 12 12.37 6.93 47.21
CA LEU A 12 12.27 7.00 45.75
C LEU A 12 11.83 8.43 45.40
N ILE A 13 10.77 8.87 46.07
CA ILE A 13 10.22 10.21 45.87
C ILE A 13 11.31 11.28 46.06
N GLN A 14 12.04 11.18 47.17
CA GLN A 14 13.10 12.13 47.48
C GLN A 14 14.25 12.13 46.46
N GLU A 15 14.57 10.94 45.95
CA GLU A 15 15.64 10.69 44.98
C GLU A 15 15.27 11.28 43.60
N VAL A 16 13.98 11.21 43.28
CA VAL A 16 13.44 11.71 42.02
C VAL A 16 13.46 13.23 42.04
N LEU A 17 12.96 13.80 43.14
CA LEU A 17 12.90 15.24 43.35
C LEU A 17 14.27 15.94 43.38
N GLU A 18 15.33 15.19 43.69
CA GLU A 18 16.69 15.75 43.76
C GLU A 18 17.14 16.50 42.50
N VAL A 19 16.53 16.18 41.35
CA VAL A 19 16.92 16.80 40.10
C VAL A 19 16.34 18.22 39.85
N TYR A 20 15.29 18.60 40.56
CA TYR A 20 14.67 19.94 40.38
C TYR A 20 15.37 21.09 41.12
N PRO A 21 15.18 22.33 40.66
CA PRO A 21 15.73 23.52 41.28
C PRO A 21 14.93 23.62 42.56
N GLU A 22 15.38 24.37 43.56
CA GLU A 22 14.68 24.45 44.85
C GLU A 22 13.17 24.80 44.90
N LYS A 23 12.74 25.79 44.13
CA LYS A 23 11.34 26.22 44.11
C LYS A 23 10.42 25.08 43.62
N ALA A 24 10.83 24.42 42.54
CA ALA A 24 10.06 23.32 41.97
C ALA A 24 10.12 22.09 42.88
N ARG A 25 11.25 21.94 43.57
CA ARG A 25 11.51 20.83 44.50
C ARG A 25 10.49 20.82 45.65
N LYS A 26 10.30 21.98 46.28
CA LYS A 26 9.36 22.09 47.39
C LYS A 26 7.88 21.99 46.99
N ASP A 27 7.57 22.38 45.75
CA ASP A 27 6.19 22.30 45.29
C ASP A 27 5.82 20.87 44.89
N ARG A 28 6.70 20.19 44.16
CA ARG A 28 6.41 18.81 43.72
C ARG A 28 6.37 17.79 44.86
N ASN A 29 7.10 18.10 45.93
CA ASN A 29 7.20 17.26 47.11
C ASN A 29 5.81 17.03 47.71
N LYS A 30 5.02 18.10 47.80
CA LYS A 30 3.68 18.00 48.38
C LYS A 30 2.63 17.47 47.40
N HIS A 31 3.05 17.19 46.17
CA HIS A 31 2.15 16.67 45.16
C HIS A 31 2.33 15.17 44.96
N LEU A 32 3.26 14.59 45.72
CA LEU A 32 3.54 13.17 45.63
C LEU A 32 3.41 12.55 47.03
N ALA A 33 2.95 11.31 47.09
CA ALA A 33 2.77 10.66 48.39
C ALA A 33 2.67 9.13 48.35
N VAL A 34 2.57 8.52 49.52
CA VAL A 34 2.39 7.08 49.62
C VAL A 34 1.05 6.94 50.33
N ASN A 35 0.23 6.01 49.86
CA ASN A 35 -1.12 5.82 50.41
C ASN A 35 -1.19 5.12 51.78
N ASP A 36 -2.23 5.48 52.54
CA ASP A 36 -2.54 4.96 53.87
C ASP A 36 -4.07 4.99 53.75
N PRO A 37 -4.70 3.82 53.53
CA PRO A 37 -6.16 3.74 53.38
C PRO A 37 -7.01 4.16 54.57
N ALA A 38 -6.34 4.56 55.66
CA ALA A 38 -7.05 5.03 56.84
C ALA A 38 -7.14 6.55 56.80
N VAL A 39 -6.71 7.20 55.70
CA VAL A 39 -6.74 8.67 55.63
C VAL A 39 -7.91 9.41 54.96
N THR A 40 -9.10 9.25 55.52
CA THR A 40 -10.27 9.92 54.96
C THR A 40 -10.04 11.33 54.39
N GLN A 41 -9.06 12.07 54.92
CA GLN A 41 -8.76 13.41 54.41
C GLN A 41 -7.42 13.40 53.68
N SER A 42 -7.43 13.59 52.38
CA SER A 42 -6.18 13.56 51.63
C SER A 42 -5.29 14.81 51.73
N LYS A 43 -5.77 15.90 52.33
CA LYS A 43 -4.90 17.06 52.37
C LYS A 43 -3.66 17.03 53.28
N LYS A 44 -3.41 15.94 53.97
CA LYS A 44 -2.22 15.92 54.84
C LYS A 44 -1.29 14.88 54.22
N CYS A 45 -1.72 14.47 53.05
CA CYS A 45 -1.00 13.50 52.28
C CYS A 45 -0.69 14.03 50.87
N ILE A 46 -1.69 14.59 50.25
CA ILE A 46 -1.32 15.12 48.96
C ILE A 46 -2.12 16.34 48.62
N ILE A 47 -1.51 17.33 47.96
CA ILE A 47 -2.34 18.48 47.61
C ILE A 47 -2.56 18.38 46.12
N SER A 48 -3.61 19.03 45.66
CA SER A 48 -3.90 18.96 44.24
C SER A 48 -4.60 20.21 43.75
N ASN A 49 -4.73 20.26 42.44
CA ASN A 49 -5.37 21.33 41.69
C ASN A 49 -4.73 22.69 41.91
N LYS A 50 -3.39 22.66 41.88
CA LYS A 50 -2.56 23.84 42.01
C LYS A 50 -1.91 23.94 40.65
N LYS A 51 -1.34 25.09 40.35
CA LYS A 51 -0.71 25.25 39.05
C LYS A 51 0.52 24.41 38.86
N SER A 52 0.76 24.13 37.58
CA SER A 52 1.88 23.35 37.11
C SER A 52 3.12 24.22 37.16
N GLN A 53 4.23 23.59 37.52
CA GLN A 53 5.49 24.28 37.59
C GLN A 53 5.96 24.41 36.14
N PRO A 54 6.42 25.61 35.76
CA PRO A 54 6.89 25.86 34.39
C PRO A 54 8.09 25.05 33.90
N GLY A 55 8.00 24.61 32.65
CA GLY A 55 9.05 23.84 32.00
C GLY A 55 9.31 22.40 32.39
N LEU A 56 8.40 21.80 33.16
CA LEU A 56 8.57 20.42 33.63
C LEU A 56 7.77 19.32 32.90
N MET A 57 7.33 19.62 31.68
CA MET A 57 6.58 18.68 30.85
C MET A 57 5.38 18.00 31.49
N THR A 58 4.43 18.85 31.89
CA THR A 58 3.20 18.38 32.48
C THR A 58 2.39 17.71 31.39
N ILE A 59 1.42 16.91 31.81
CA ILE A 59 0.59 16.15 30.90
C ILE A 59 -0.77 16.84 30.70
N ARG A 60 -1.06 17.81 31.58
CA ARG A 60 -2.29 18.60 31.58
C ARG A 60 -2.72 19.34 30.30
N GLY A 61 -4.02 19.54 30.19
CA GLY A 61 -4.61 20.27 29.08
C GLY A 61 -5.04 21.63 29.60
N CYS A 62 -5.99 22.28 28.94
CA CYS A 62 -6.45 23.60 29.39
C CYS A 62 -7.95 23.66 29.63
N ALA A 63 -8.45 24.86 29.94
CA ALA A 63 -9.88 25.03 30.20
C ALA A 63 -10.72 24.78 28.94
N TYR A 64 -10.17 25.11 27.78
CA TYR A 64 -10.89 24.89 26.53
C TYR A 64 -11.05 23.39 26.31
N ALA A 65 -9.98 22.63 26.57
CA ALA A 65 -10.03 21.19 26.40
C ALA A 65 -11.11 20.64 27.32
N GLY A 66 -11.22 21.22 28.51
CA GLY A 66 -12.23 20.78 29.46
C GLY A 66 -13.63 21.17 29.00
N SER A 67 -13.80 22.40 28.52
CA SER A 67 -15.12 22.81 28.06
C SER A 67 -15.52 22.20 26.72
N LYS A 68 -14.87 22.62 25.64
CA LYS A 68 -15.18 22.14 24.29
C LYS A 68 -14.86 20.65 24.09
N GLY A 69 -13.64 20.28 24.44
CA GLY A 69 -13.18 18.92 24.28
C GLY A 69 -13.98 17.86 24.99
N VAL A 70 -14.29 18.06 26.28
CA VAL A 70 -15.02 17.04 27.00
C VAL A 70 -16.51 17.24 27.36
N VAL A 71 -16.91 18.43 27.78
CA VAL A 71 -18.33 18.65 28.15
C VAL A 71 -19.29 19.03 27.01
N TRP A 72 -19.02 20.13 26.31
CA TRP A 72 -19.91 20.54 25.23
C TRP A 72 -19.76 19.79 23.91
N GLY A 73 -18.52 19.52 23.54
CA GLY A 73 -18.24 18.83 22.29
C GLY A 73 -19.07 17.59 21.95
N PRO A 74 -19.28 16.67 22.90
CA PRO A 74 -20.06 15.46 22.64
C PRO A 74 -21.52 15.65 22.25
N ILE A 75 -22.12 16.76 22.69
CA ILE A 75 -23.53 17.04 22.38
C ILE A 75 -23.72 17.15 20.88
N LYS A 76 -24.22 16.04 20.35
CA LYS A 76 -24.41 15.84 18.93
C LYS A 76 -25.19 16.78 18.05
N ASP A 77 -26.34 17.28 18.52
CA ASP A 77 -27.11 18.15 17.66
C ASP A 77 -26.86 19.65 17.75
N MET A 78 -25.80 20.05 18.44
CA MET A 78 -25.47 21.45 18.53
C MET A 78 -24.21 21.66 17.70
N ILE A 79 -23.95 22.91 17.34
CA ILE A 79 -22.78 23.26 16.58
C ILE A 79 -21.90 24.00 17.59
N HIS A 80 -20.73 23.45 17.87
CA HIS A 80 -19.84 24.07 18.85
C HIS A 80 -18.73 24.77 18.09
N ILE A 81 -18.60 26.04 18.38
CA ILE A 81 -17.64 26.89 17.70
C ILE A 81 -16.38 27.20 18.49
N SER A 82 -15.24 26.76 17.96
CA SER A 82 -13.97 27.03 18.60
C SER A 82 -13.66 28.45 18.15
N HIS A 83 -13.89 29.39 19.06
CA HIS A 83 -13.73 30.82 18.81
C HIS A 83 -12.32 31.31 19.16
N GLY A 84 -11.56 31.68 18.11
CA GLY A 84 -10.20 32.14 18.22
C GLY A 84 -9.43 31.64 17.01
N PRO A 85 -8.08 31.50 17.07
CA PRO A 85 -7.27 31.01 15.94
C PRO A 85 -7.49 29.53 15.65
N VAL A 86 -7.09 29.08 14.46
CA VAL A 86 -7.29 27.70 13.99
C VAL A 86 -6.77 26.49 14.80
N GLY A 87 -5.76 26.70 15.64
CA GLY A 87 -5.18 25.60 16.42
C GLY A 87 -6.04 24.67 17.28
N CYS A 88 -6.48 25.16 18.45
CA CYS A 88 -7.29 24.38 19.38
C CYS A 88 -8.29 23.50 18.67
N GLY A 89 -9.09 24.11 17.81
CA GLY A 89 -10.11 23.40 17.08
C GLY A 89 -9.61 22.22 16.28
N GLN A 90 -8.49 22.39 15.57
CA GLN A 90 -7.93 21.31 14.76
C GLN A 90 -7.40 20.14 15.60
N TYR A 91 -6.60 20.44 16.62
CA TYR A 91 -6.03 19.39 17.46
C TYR A 91 -7.08 18.60 18.24
N SER A 92 -8.17 19.27 18.63
CA SER A 92 -9.21 18.58 19.38
C SER A 92 -10.31 18.01 18.47
N ARG A 93 -10.15 18.16 17.15
CA ARG A 93 -11.14 17.66 16.21
C ARG A 93 -11.10 16.12 16.14
N ALA A 94 -12.15 15.49 16.67
CA ALA A 94 -12.31 14.03 16.72
C ALA A 94 -11.18 13.25 17.39
N GLY A 95 -10.52 13.87 18.38
CA GLY A 95 -9.44 13.22 19.10
C GLY A 95 -10.00 12.38 20.23
N ARG A 96 -11.13 12.82 20.76
CA ARG A 96 -11.78 12.08 21.84
C ARG A 96 -12.91 11.25 21.22
N ARG A 97 -13.00 9.97 21.58
CA ARG A 97 -14.02 9.08 21.01
C ARG A 97 -15.39 9.10 21.68
N ASN A 98 -15.98 10.28 21.75
CA ASN A 98 -17.30 10.45 22.34
C ASN A 98 -18.34 10.11 21.28
N TYR A 99 -18.69 8.82 21.24
CA TYR A 99 -19.63 8.25 20.28
C TYR A 99 -21.06 8.75 20.24
N TYR A 100 -21.62 8.72 19.03
CA TYR A 100 -22.98 9.17 18.80
C TYR A 100 -23.60 8.54 17.57
N ILE A 101 -24.93 8.58 17.52
CA ILE A 101 -25.68 8.10 16.37
C ILE A 101 -26.24 9.39 15.79
N GLY A 102 -26.09 9.57 14.48
CA GLY A 102 -26.57 10.77 13.81
C GLY A 102 -25.99 10.88 12.40
N THR A 103 -26.56 11.75 11.56
CA THR A 103 -26.07 11.95 10.19
C THR A 103 -25.25 13.24 10.26
N THR A 104 -23.93 13.08 10.30
CA THR A 104 -23.00 14.19 10.43
C THR A 104 -23.00 15.21 9.30
N GLY A 105 -23.06 16.49 9.70
CA GLY A 105 -23.09 17.58 8.74
C GLY A 105 -24.52 17.96 8.43
N VAL A 106 -25.45 17.11 8.83
CA VAL A 106 -26.86 17.37 8.57
C VAL A 106 -27.55 17.65 9.89
N ASN A 107 -27.62 16.65 10.76
CA ASN A 107 -28.26 16.84 12.06
C ASN A 107 -27.33 16.59 13.27
N ALA A 108 -26.15 16.02 13.04
CA ALA A 108 -25.16 15.77 14.09
C ALA A 108 -23.88 16.49 13.64
N PHE A 109 -23.06 16.97 14.57
CA PHE A 109 -21.86 17.70 14.17
C PHE A 109 -20.61 17.47 15.03
N VAL A 110 -20.63 16.37 15.78
CA VAL A 110 -19.53 16.04 16.68
C VAL A 110 -18.13 15.95 16.09
N THR A 111 -17.96 15.20 15.01
CA THR A 111 -16.60 15.06 14.45
C THR A 111 -16.08 16.24 13.62
N MET A 112 -16.92 17.25 13.43
CA MET A 112 -16.55 18.41 12.62
C MET A 112 -15.86 19.54 13.40
N ASN A 113 -15.18 20.44 12.68
CA ASN A 113 -14.50 21.57 13.33
C ASN A 113 -14.92 22.91 12.77
N PHE A 114 -15.75 23.61 13.55
CA PHE A 114 -16.22 24.93 13.18
C PHE A 114 -15.33 25.92 13.95
N THR A 115 -14.69 26.84 13.24
CA THR A 115 -13.84 27.84 13.89
C THR A 115 -14.06 29.22 13.29
N SER A 116 -13.62 30.25 14.02
CA SER A 116 -13.70 31.61 13.55
C SER A 116 -12.33 31.96 12.96
N ASP A 117 -11.39 31.01 13.06
CA ASP A 117 -10.00 31.10 12.57
C ASP A 117 -9.53 32.55 12.55
N PHE A 118 -9.25 33.06 13.75
CA PHE A 118 -8.81 34.43 13.93
C PHE A 118 -7.50 34.73 13.23
N GLN A 119 -7.48 35.90 12.61
CA GLN A 119 -6.34 36.43 11.90
C GLN A 119 -5.93 37.65 12.73
N GLU A 120 -4.87 38.35 12.35
CA GLU A 120 -4.42 39.50 13.13
C GLU A 120 -5.43 40.61 13.32
N LYS A 121 -6.21 40.87 12.28
CA LYS A 121 -7.20 41.93 12.32
C LYS A 121 -8.39 41.65 13.21
N ASP A 122 -8.60 40.38 13.54
CA ASP A 122 -9.70 40.03 14.44
C ASP A 122 -9.21 40.23 15.86
N ILE A 123 -7.89 40.14 16.05
CA ILE A 123 -7.28 40.33 17.37
C ILE A 123 -7.28 41.84 17.65
N VAL A 124 -6.82 42.62 16.66
CA VAL A 124 -6.73 44.07 16.76
C VAL A 124 -8.05 44.85 16.71
N PHE A 125 -8.96 44.47 15.81
CA PHE A 125 -10.23 45.18 15.75
C PHE A 125 -11.31 44.57 16.60
N GLY A 126 -11.13 43.29 16.95
CA GLY A 126 -12.12 42.59 17.76
C GLY A 126 -12.87 41.68 16.83
N GLY A 127 -13.47 40.61 17.36
CA GLY A 127 -14.20 39.69 16.50
C GLY A 127 -15.68 39.46 16.73
N ASP A 128 -16.36 40.37 17.42
CA ASP A 128 -17.78 40.23 17.70
C ASP A 128 -18.65 40.35 16.46
N LYS A 129 -18.20 41.14 15.50
CA LYS A 129 -18.94 41.33 14.27
C LYS A 129 -18.74 40.11 13.38
N LYS A 130 -17.57 39.52 13.51
CA LYS A 130 -17.23 38.33 12.75
C LYS A 130 -18.06 37.17 13.31
N LEU A 131 -18.20 37.13 14.64
CA LEU A 131 -18.95 36.08 15.31
C LEU A 131 -20.41 36.12 14.89
N ALA A 132 -20.97 37.31 14.89
CA ALA A 132 -22.36 37.50 14.52
C ALA A 132 -22.56 36.98 13.09
N LYS A 133 -21.62 37.30 12.20
CA LYS A 133 -21.72 36.86 10.80
C LYS A 133 -21.61 35.35 10.66
N LEU A 134 -20.71 34.77 11.45
CA LEU A 134 -20.49 33.34 11.47
C LEU A 134 -21.77 32.60 11.86
N ILE A 135 -22.44 33.11 12.90
CA ILE A 135 -23.68 32.50 13.38
C ILE A 135 -24.77 32.48 12.26
N ASP A 136 -24.79 33.52 11.42
CA ASP A 136 -25.75 33.59 10.31
C ASP A 136 -25.38 32.56 9.23
N GLU A 137 -24.08 32.27 9.14
CA GLU A 137 -23.57 31.31 8.18
C GLU A 137 -23.81 29.86 8.61
N VAL A 138 -23.76 29.56 9.91
CA VAL A 138 -24.02 28.19 10.33
C VAL A 138 -25.52 27.94 10.24
N GLU A 139 -26.29 29.01 10.18
CA GLU A 139 -27.74 28.89 10.07
C GLU A 139 -28.21 28.56 8.67
N THR A 140 -27.59 29.15 7.67
CA THR A 140 -28.03 28.86 6.32
C THR A 140 -27.41 27.55 5.82
N LEU A 141 -26.20 27.25 6.31
CA LEU A 141 -25.45 26.05 5.92
C LEU A 141 -25.69 24.77 6.72
N PHE A 142 -26.24 24.91 7.93
CA PHE A 142 -26.52 23.78 8.78
C PHE A 142 -27.86 24.09 9.45
N PRO A 143 -28.95 24.18 8.64
CA PRO A 143 -30.29 24.50 9.13
C PRO A 143 -30.89 23.58 10.18
N LEU A 144 -30.42 22.34 10.23
CA LEU A 144 -30.98 21.38 11.18
C LEU A 144 -30.30 21.34 12.56
N ASN A 145 -29.42 22.32 12.84
CA ASN A 145 -28.76 22.33 14.16
C ASN A 145 -29.79 22.76 15.21
N LYS A 146 -29.66 22.22 16.41
CA LYS A 146 -30.59 22.53 17.51
C LYS A 146 -29.99 23.44 18.57
N GLY A 147 -29.00 24.23 18.18
CA GLY A 147 -28.37 25.12 19.13
C GLY A 147 -26.93 25.34 18.74
N ILE A 148 -26.32 26.35 19.35
CA ILE A 148 -24.94 26.72 19.04
C ILE A 148 -24.20 27.04 20.35
N SER A 149 -22.93 26.66 20.44
CA SER A 149 -22.15 27.00 21.63
C SER A 149 -20.95 27.77 21.11
N VAL A 150 -20.45 28.71 21.91
CA VAL A 150 -19.31 29.52 21.52
C VAL A 150 -18.22 29.28 22.53
N GLN A 151 -17.24 28.50 22.11
CA GLN A 151 -16.14 28.11 22.96
C GLN A 151 -14.90 28.98 22.82
N SER A 152 -14.68 29.80 23.84
CA SER A 152 -13.56 30.73 23.87
C SER A 152 -12.18 30.11 23.95
N GLU A 153 -11.28 30.62 23.12
CA GLU A 153 -9.88 30.20 23.11
C GLU A 153 -9.18 31.40 23.77
N CYS A 154 -7.93 31.25 24.18
CA CYS A 154 -7.21 32.34 24.87
C CYS A 154 -7.43 33.79 24.43
N PRO A 155 -7.22 34.09 23.14
CA PRO A 155 -7.40 35.48 22.68
C PRO A 155 -8.74 36.17 22.99
N ILE A 156 -9.83 35.41 22.96
CA ILE A 156 -11.14 35.99 23.22
C ILE A 156 -11.21 36.55 24.63
N GLY A 157 -10.53 35.89 25.55
CA GLY A 157 -10.54 36.33 26.94
C GLY A 157 -9.70 37.54 27.31
N LEU A 158 -8.68 37.83 26.50
CA LEU A 158 -7.79 38.96 26.75
C LEU A 158 -8.40 40.23 26.17
N ILE A 159 -8.74 40.10 24.90
CA ILE A 159 -9.32 41.13 24.04
C ILE A 159 -10.68 41.69 24.51
N GLY A 160 -11.31 40.99 25.45
CA GLY A 160 -12.59 41.45 25.98
C GLY A 160 -13.75 41.40 25.01
N ASP A 161 -13.73 40.43 24.11
CA ASP A 161 -14.82 40.27 23.14
C ASP A 161 -16.08 39.93 23.92
N ASP A 162 -17.08 40.79 23.82
CA ASP A 162 -18.36 40.63 24.52
C ASP A 162 -19.21 39.58 23.77
N ILE A 163 -18.87 38.31 23.99
CA ILE A 163 -19.58 37.22 23.33
C ILE A 163 -20.96 36.90 23.89
N GLU A 164 -21.24 37.29 25.15
CA GLU A 164 -22.59 37.01 25.68
C GLU A 164 -23.62 37.94 25.09
N SER A 165 -23.18 39.13 24.69
CA SER A 165 -24.09 40.08 24.08
C SER A 165 -24.41 39.52 22.68
N VAL A 166 -23.39 39.06 21.97
CA VAL A 166 -23.59 38.50 20.64
C VAL A 166 -24.54 37.32 20.71
N SER A 167 -24.33 36.47 21.71
CA SER A 167 -25.16 35.29 21.92
C SER A 167 -26.61 35.67 22.23
N LYS A 168 -26.77 36.72 23.02
CA LYS A 168 -28.09 37.21 23.40
C LYS A 168 -28.87 37.77 22.22
N VAL A 169 -28.22 38.64 21.45
CA VAL A 169 -28.89 39.26 20.32
C VAL A 169 -29.15 38.30 19.15
N LYS A 170 -28.18 37.45 18.84
CA LYS A 170 -28.35 36.49 17.75
C LYS A 170 -29.34 35.38 18.14
N GLY A 171 -29.31 34.97 19.41
CA GLY A 171 -30.21 33.95 19.88
C GLY A 171 -31.68 34.36 19.86
N ALA A 172 -31.95 35.57 20.32
CA ALA A 172 -33.32 36.10 20.35
C ALA A 172 -33.87 36.28 18.94
N GLU A 173 -32.99 36.78 18.06
CA GLU A 173 -33.30 37.04 16.65
C GLU A 173 -33.60 35.78 15.84
N LEU A 174 -32.67 34.82 15.88
CA LEU A 174 -32.81 33.57 15.14
C LEU A 174 -33.71 32.53 15.82
N SER A 175 -34.10 32.81 17.06
CA SER A 175 -34.95 31.93 17.88
C SER A 175 -34.18 30.64 18.14
N LYS A 176 -32.89 30.84 18.44
CA LYS A 176 -31.93 29.78 18.70
C LYS A 176 -31.27 29.92 20.07
N THR A 177 -30.91 28.79 20.67
CA THR A 177 -30.22 28.82 21.94
C THR A 177 -28.74 28.88 21.60
N ILE A 178 -28.11 30.00 21.94
CA ILE A 178 -26.68 30.19 21.69
C ILE A 178 -26.05 30.40 23.05
N VAL A 179 -25.13 29.50 23.37
CA VAL A 179 -24.44 29.46 24.66
C VAL A 179 -23.00 30.00 24.59
N PRO A 180 -22.69 31.08 25.35
CA PRO A 180 -21.33 31.61 25.35
C PRO A 180 -20.56 31.05 26.52
N VAL A 181 -19.44 30.41 26.22
CA VAL A 181 -18.61 29.81 27.25
C VAL A 181 -17.27 30.52 27.32
N ARG A 182 -16.99 31.11 28.49
CA ARG A 182 -15.74 31.83 28.71
C ARG A 182 -14.67 30.83 29.16
N CYS A 183 -14.38 29.86 28.30
CA CYS A 183 -13.40 28.83 28.63
C CYS A 183 -12.00 29.00 28.06
N GLU A 184 -11.55 30.24 27.96
CA GLU A 184 -10.22 30.53 27.44
C GLU A 184 -9.14 29.75 28.22
N GLY A 185 -8.28 29.06 27.45
CA GLY A 185 -7.21 28.22 27.96
C GLY A 185 -6.29 28.60 29.12
N PHE A 186 -6.10 29.89 29.39
CA PHE A 186 -5.23 30.28 30.48
C PHE A 186 -5.93 30.34 31.83
N ARG A 187 -7.25 30.20 31.85
CA ARG A 187 -8.00 30.23 33.11
C ARG A 187 -7.81 28.95 33.89
N GLY A 188 -7.66 29.06 35.19
CA GLY A 188 -7.47 27.88 36.00
C GLY A 188 -6.06 27.34 35.88
N VAL A 189 -5.93 26.03 36.00
CA VAL A 189 -4.62 25.37 35.98
C VAL A 189 -4.62 24.10 35.12
N SER A 190 -5.79 23.73 34.60
CA SER A 190 -5.96 22.48 33.87
C SER A 190 -7.32 22.42 33.13
N GLN A 191 -7.76 21.21 32.78
CA GLN A 191 -9.04 20.95 32.10
C GLN A 191 -10.18 21.15 33.08
N SER A 192 -9.85 20.92 34.33
CA SER A 192 -10.80 21.00 35.44
C SER A 192 -11.66 22.27 35.55
N LEU A 193 -11.06 23.46 35.48
CA LEU A 193 -11.87 24.66 35.58
C LEU A 193 -12.77 24.75 34.34
N GLY A 194 -12.32 24.13 33.26
CA GLY A 194 -13.08 24.10 32.02
C GLY A 194 -14.38 23.33 32.21
N HIS A 195 -14.35 22.31 33.06
CA HIS A 195 -15.54 21.49 33.36
C HIS A 195 -16.56 22.38 34.05
N HIS A 196 -16.05 23.13 35.02
CA HIS A 196 -16.83 24.04 35.85
C HIS A 196 -17.52 25.16 35.07
N ILE A 197 -16.76 25.80 34.19
CA ILE A 197 -17.27 26.88 33.35
C ILE A 197 -18.39 26.32 32.45
N ALA A 198 -18.14 25.13 31.90
CA ALA A 198 -19.08 24.44 31.03
C ALA A 198 -20.40 24.08 31.74
N ASN A 199 -20.28 23.61 32.98
CA ASN A 199 -21.44 23.22 33.80
C ASN A 199 -22.30 24.47 34.07
N ASP A 200 -21.62 25.59 34.36
CA ASP A 200 -22.27 26.86 34.63
C ASP A 200 -22.96 27.37 33.37
N ALA A 201 -22.33 27.16 32.21
CA ALA A 201 -22.91 27.62 30.95
C ALA A 201 -24.14 26.80 30.61
N VAL A 202 -24.13 25.55 31.06
CA VAL A 202 -25.27 24.68 30.83
C VAL A 202 -26.44 25.20 31.67
N ARG A 203 -26.23 25.43 32.97
CA ARG A 203 -27.34 25.90 33.80
C ARG A 203 -27.85 27.31 33.45
N ASP A 204 -26.93 28.21 33.15
CA ASP A 204 -27.33 29.57 32.81
C ASP A 204 -28.01 29.74 31.45
N TRP A 205 -27.68 28.89 30.48
CA TRP A 205 -28.29 29.03 29.15
C TRP A 205 -29.13 27.91 28.57
N VAL A 206 -29.08 26.72 29.16
CA VAL A 206 -29.83 25.59 28.60
C VAL A 206 -30.76 24.81 29.54
N LEU A 207 -30.26 24.50 30.74
CA LEU A 207 -31.00 23.70 31.71
C LEU A 207 -32.39 24.13 32.11
N GLY A 208 -32.58 25.42 32.34
CA GLY A 208 -33.89 25.90 32.76
C GLY A 208 -34.81 26.29 31.62
N LYS A 209 -34.55 25.83 30.40
CA LYS A 209 -35.42 26.21 29.30
C LYS A 209 -36.83 25.64 29.40
N ARG A 210 -36.93 24.47 30.02
CA ARG A 210 -38.22 23.81 30.13
C ARG A 210 -38.77 23.84 31.56
N ASP A 211 -38.44 24.94 32.23
CA ASP A 211 -38.87 25.15 33.61
C ASP A 211 -40.36 25.31 33.81
N GLU A 212 -41.00 26.33 33.27
CA GLU A 212 -42.41 26.35 33.56
C GLU A 212 -43.22 25.24 32.78
N ASP A 213 -42.56 24.57 31.81
CA ASP A 213 -43.05 23.46 30.91
C ASP A 213 -43.52 22.10 31.59
N THR A 214 -44.79 21.71 31.46
CA THR A 214 -45.24 20.43 32.07
C THR A 214 -45.69 19.42 31.03
N THR A 215 -45.15 19.53 29.84
CA THR A 215 -45.57 18.65 28.78
C THR A 215 -45.02 17.24 28.86
N PHE A 216 -43.82 17.11 29.41
CA PHE A 216 -43.19 15.80 29.52
C PHE A 216 -43.91 14.89 30.49
N ALA A 217 -44.10 13.66 30.05
CA ALA A 217 -44.77 12.63 30.82
C ALA A 217 -43.76 11.93 31.70
N SER A 218 -43.83 12.22 33.00
CA SER A 218 -42.92 11.64 33.97
C SER A 218 -43.35 10.27 34.46
N THR A 219 -42.36 9.55 34.98
CA THR A 219 -42.48 8.19 35.48
C THR A 219 -41.62 8.18 36.75
N PRO A 220 -42.02 7.40 37.79
CA PRO A 220 -41.25 7.33 39.03
C PRO A 220 -39.87 6.70 38.89
N TYR A 221 -39.62 6.11 37.73
CA TYR A 221 -38.36 5.42 37.45
C TYR A 221 -37.43 6.20 36.49
N ASP A 222 -37.71 7.49 36.29
CA ASP A 222 -36.89 8.32 35.41
C ASP A 222 -35.52 8.66 36.00
N VAL A 223 -34.47 8.46 35.23
CA VAL A 223 -33.10 8.75 35.68
C VAL A 223 -32.30 9.43 34.58
N ALA A 224 -31.12 9.93 34.94
CA ALA A 224 -30.22 10.58 34.00
C ALA A 224 -28.79 10.11 34.26
N ILE A 225 -28.07 9.80 33.19
CA ILE A 225 -26.67 9.41 33.32
C ILE A 225 -25.99 10.75 33.20
N ILE A 226 -25.25 11.11 34.24
CA ILE A 226 -24.54 12.38 34.28
C ILE A 226 -23.05 12.06 34.36
N GLY A 227 -22.29 12.56 33.39
CA GLY A 227 -20.87 12.29 33.42
C GLY A 227 -20.41 10.99 32.81
N ASP A 228 -21.02 10.59 31.68
CA ASP A 228 -20.56 9.41 30.97
C ASP A 228 -20.49 9.94 29.57
N TYR A 229 -19.27 9.98 29.06
CA TYR A 229 -19.04 10.54 27.76
C TYR A 229 -19.07 9.62 26.57
N ASN A 230 -19.46 8.36 26.84
CA ASN A 230 -19.65 7.35 25.81
C ASN A 230 -18.38 7.05 24.99
N ILE A 231 -17.23 6.94 25.66
CA ILE A 231 -15.98 6.64 24.96
C ILE A 231 -16.05 5.17 24.48
N GLY A 232 -16.06 4.99 23.16
CA GLY A 232 -16.16 3.66 22.59
C GLY A 232 -17.53 3.05 22.79
N GLY A 233 -18.50 3.88 23.18
CA GLY A 233 -19.85 3.38 23.41
C GLY A 233 -20.10 3.01 24.86
N ASP A 234 -19.23 3.50 25.76
CA ASP A 234 -19.32 3.27 27.21
C ASP A 234 -20.70 3.52 27.84
N ALA A 235 -21.36 4.61 27.44
CA ALA A 235 -22.67 4.97 28.00
C ALA A 235 -23.79 4.04 27.53
N TRP A 236 -23.73 3.62 26.27
CA TRP A 236 -24.75 2.73 25.71
C TRP A 236 -24.67 1.36 26.36
N SER A 237 -23.45 1.00 26.72
CA SER A 237 -23.15 -0.28 27.34
C SER A 237 -23.50 -0.21 28.83
N SER A 238 -23.78 1.00 29.29
CA SER A 238 -24.16 1.22 30.70
C SER A 238 -25.68 1.33 30.80
N ARG A 239 -26.31 2.03 29.86
CA ARG A 239 -27.77 2.20 29.91
C ARG A 239 -28.59 0.98 29.50
N ILE A 240 -27.91 -0.02 28.94
CA ILE A 240 -28.60 -1.24 28.53
C ILE A 240 -28.98 -1.94 29.84
N LEU A 241 -28.08 -1.87 30.81
CA LEU A 241 -28.27 -2.50 32.13
C LEU A 241 -29.31 -1.76 32.95
N LEU A 242 -29.20 -0.44 32.96
CA LEU A 242 -30.11 0.43 33.68
C LEU A 242 -31.53 0.23 33.15
N GLU A 243 -31.68 0.22 31.82
CA GLU A 243 -33.02 0.04 31.25
C GLU A 243 -33.55 -1.40 31.38
N GLU A 244 -32.66 -2.39 31.46
CA GLU A 244 -33.10 -3.78 31.63
C GLU A 244 -33.51 -3.93 33.09
N MET A 245 -33.10 -2.96 33.91
CA MET A 245 -33.43 -3.01 35.33
C MET A 245 -34.80 -2.35 35.57
N GLY A 246 -35.42 -1.88 34.48
CA GLY A 246 -36.72 -1.25 34.60
C GLY A 246 -36.75 0.26 34.66
N LEU A 247 -35.56 0.86 34.65
CA LEU A 247 -35.46 2.31 34.71
C LEU A 247 -35.59 2.91 33.34
N ARG A 248 -35.98 4.18 33.33
CA ARG A 248 -36.09 4.91 32.08
C ARG A 248 -35.04 5.99 32.13
N CYS A 249 -34.10 5.88 31.19
CA CYS A 249 -32.99 6.80 31.11
C CYS A 249 -33.28 7.94 30.14
N VAL A 250 -33.82 8.99 30.73
CA VAL A 250 -34.23 10.20 30.03
C VAL A 250 -33.06 10.99 29.43
N ALA A 251 -31.89 10.96 30.09
CA ALA A 251 -30.74 11.73 29.60
C ALA A 251 -29.35 11.10 29.75
N GLN A 252 -28.46 11.46 28.82
CA GLN A 252 -27.07 11.01 28.85
C GLN A 252 -26.27 12.28 28.76
N TRP A 253 -25.52 12.58 29.81
CA TRP A 253 -24.79 13.80 29.74
C TRP A 253 -23.51 13.83 28.96
N SER A 254 -23.74 14.43 27.81
CA SER A 254 -22.84 14.68 26.71
C SER A 254 -22.58 13.49 25.81
N GLY A 255 -22.26 12.32 26.39
CA GLY A 255 -22.04 11.17 25.52
C GLY A 255 -23.32 10.84 24.75
N ASP A 256 -23.33 11.10 23.43
CA ASP A 256 -24.49 10.84 22.55
C ASP A 256 -25.68 11.67 23.06
N GLY A 257 -25.34 12.72 23.80
CA GLY A 257 -26.36 13.59 24.35
C GLY A 257 -26.89 14.57 23.33
N SER A 258 -28.14 14.96 23.53
CA SER A 258 -28.80 15.91 22.65
C SER A 258 -29.18 17.06 23.56
N ILE A 259 -29.55 18.20 22.97
CA ILE A 259 -29.88 19.37 23.76
C ILE A 259 -31.21 19.15 24.50
N SER A 260 -32.15 18.49 23.84
CA SER A 260 -33.47 18.20 24.42
C SER A 260 -33.34 17.30 25.67
N GLU A 261 -32.37 16.38 25.65
CA GLU A 261 -32.14 15.48 26.78
C GLU A 261 -31.73 16.33 27.98
N ILE A 262 -30.85 17.28 27.74
CA ILE A 262 -30.36 18.17 28.79
C ILE A 262 -31.51 18.99 29.37
N GLU A 263 -32.37 19.49 28.48
CA GLU A 263 -33.52 20.30 28.88
C GLU A 263 -34.54 19.48 29.67
N LEU A 264 -34.56 18.18 29.40
CA LEU A 264 -35.49 17.26 30.02
C LEU A 264 -34.99 16.64 31.33
N THR A 265 -33.71 16.90 31.63
CA THR A 265 -33.10 16.32 32.82
C THR A 265 -33.66 16.81 34.18
N PRO A 266 -34.16 18.06 34.27
CA PRO A 266 -34.73 18.49 35.54
C PRO A 266 -36.02 17.74 35.87
N LYS A 267 -36.55 17.03 34.87
CA LYS A 267 -37.79 16.27 35.01
C LYS A 267 -37.62 14.88 35.64
N VAL A 268 -36.38 14.45 35.82
CA VAL A 268 -36.14 13.12 36.37
C VAL A 268 -36.21 12.96 37.88
N LYS A 269 -36.09 11.71 38.33
CA LYS A 269 -36.16 11.38 39.75
C LYS A 269 -34.81 11.19 40.39
N LEU A 270 -33.81 10.93 39.57
CA LEU A 270 -32.48 10.67 40.10
C LEU A 270 -31.37 10.93 39.10
N ASN A 271 -30.29 11.55 39.58
CA ASN A 271 -29.14 11.82 38.73
C ASN A 271 -28.06 10.81 39.12
N LEU A 272 -27.73 9.93 38.18
CA LEU A 272 -26.72 8.90 38.40
C LEU A 272 -25.41 9.47 37.87
N VAL A 273 -24.52 9.84 38.78
CA VAL A 273 -23.25 10.45 38.40
C VAL A 273 -22.08 9.49 38.27
N HIS A 274 -21.57 9.32 37.04
CA HIS A 274 -20.43 8.46 36.86
C HIS A 274 -19.17 9.29 37.08
N CYS A 275 -18.92 10.27 36.22
CA CYS A 275 -17.75 11.14 36.37
C CYS A 275 -18.03 12.24 37.37
N TYR A 276 -17.61 12.01 38.60
CA TYR A 276 -17.78 12.95 39.68
C TYR A 276 -17.10 14.31 39.42
N ARG A 277 -15.86 14.26 38.96
CA ARG A 277 -15.09 15.48 38.70
C ARG A 277 -15.68 16.50 37.74
N SER A 278 -16.11 16.06 36.56
CA SER A 278 -16.62 17.01 35.58
C SER A 278 -18.07 17.46 35.71
N MET A 279 -18.90 16.66 36.38
CA MET A 279 -20.28 17.06 36.49
C MET A 279 -20.97 17.06 37.84
N ASN A 280 -20.19 17.10 38.92
CA ASN A 280 -20.79 17.13 40.25
C ASN A 280 -21.39 18.52 40.45
N TYR A 281 -20.85 19.50 39.73
CA TYR A 281 -21.32 20.89 39.82
C TYR A 281 -22.76 21.04 39.36
N ILE A 282 -23.07 20.52 38.17
CA ILE A 282 -24.43 20.62 37.67
C ILE A 282 -25.39 19.73 38.47
N SER A 283 -24.87 18.63 39.03
CA SER A 283 -25.71 17.72 39.82
C SER A 283 -26.12 18.37 41.13
N ARG A 284 -25.15 19.02 41.76
CA ARG A 284 -25.39 19.69 43.03
C ARG A 284 -26.41 20.79 42.79
N HIS A 285 -26.27 21.48 41.66
CA HIS A 285 -27.20 22.54 41.30
C HIS A 285 -28.61 21.99 41.10
N MET A 286 -28.71 20.81 40.49
CA MET A 286 -30.02 20.22 40.25
C MET A 286 -30.68 19.78 41.53
N GLU A 287 -29.88 19.60 42.57
CA GLU A 287 -30.45 19.19 43.84
C GLU A 287 -31.05 20.39 44.54
N GLU A 288 -30.34 21.52 44.57
CA GLU A 288 -30.88 22.70 45.24
C GLU A 288 -32.01 23.43 44.48
N LYS A 289 -32.03 23.36 43.15
CA LYS A 289 -33.09 24.02 42.38
C LYS A 289 -34.32 23.19 42.05
N TYR A 290 -34.09 21.94 41.65
CA TYR A 290 -35.19 21.05 41.27
C TYR A 290 -35.48 19.94 42.27
N GLY A 291 -34.64 19.84 43.29
CA GLY A 291 -34.82 18.83 44.31
C GLY A 291 -34.36 17.42 43.95
N ILE A 292 -33.78 17.25 42.77
CA ILE A 292 -33.32 15.93 42.31
C ILE A 292 -32.07 15.41 43.03
N PRO A 293 -32.17 14.28 43.75
CA PRO A 293 -31.01 13.71 44.44
C PRO A 293 -30.02 13.08 43.48
N TRP A 294 -28.75 12.98 43.88
CA TRP A 294 -27.76 12.35 43.01
C TRP A 294 -26.87 11.39 43.79
N MET A 295 -26.37 10.39 43.08
CA MET A 295 -25.50 9.39 43.69
C MET A 295 -24.46 8.92 42.69
N GLU A 296 -23.29 8.60 43.22
CA GLU A 296 -22.16 8.14 42.43
C GLU A 296 -22.18 6.66 42.20
N TYR A 297 -21.83 6.27 40.98
CA TYR A 297 -21.79 4.86 40.63
C TYR A 297 -20.54 4.53 39.80
N ASN A 298 -20.22 3.24 39.72
CA ASN A 298 -19.02 2.73 39.04
C ASN A 298 -19.42 1.51 38.23
N PHE A 299 -19.33 1.61 36.91
CA PHE A 299 -19.68 0.50 36.03
C PHE A 299 -18.44 -0.16 35.43
N PHE A 300 -17.30 -0.07 36.10
CA PHE A 300 -16.08 -0.71 35.59
C PHE A 300 -15.90 -2.07 36.26
N GLY A 301 -16.08 -3.15 35.49
CA GLY A 301 -15.91 -4.47 36.05
C GLY A 301 -17.12 -4.99 36.81
N PRO A 302 -17.26 -6.33 36.89
CA PRO A 302 -18.39 -6.96 37.58
C PRO A 302 -18.64 -6.61 39.06
N THR A 303 -17.60 -6.63 39.90
CA THR A 303 -17.83 -6.34 41.32
C THR A 303 -18.46 -4.96 41.51
N LYS A 304 -17.97 -3.99 40.75
CA LYS A 304 -18.50 -2.63 40.85
C LYS A 304 -19.86 -2.46 40.16
N THR A 305 -20.05 -3.09 39.02
CA THR A 305 -21.31 -2.97 38.30
C THR A 305 -22.45 -3.53 39.15
N ILE A 306 -22.20 -4.71 39.72
CA ILE A 306 -23.16 -5.39 40.57
C ILE A 306 -23.52 -4.52 41.80
N GLU A 307 -22.49 -3.97 42.44
CA GLU A 307 -22.63 -3.10 43.60
C GLU A 307 -23.47 -1.87 43.25
N SER A 308 -23.13 -1.26 42.11
CA SER A 308 -23.80 -0.08 41.60
C SER A 308 -25.27 -0.33 41.29
N LEU A 309 -25.52 -1.42 40.57
CA LEU A 309 -26.89 -1.76 40.21
C LEU A 309 -27.73 -1.88 41.48
N ARG A 310 -27.18 -2.58 42.48
CA ARG A 310 -27.88 -2.79 43.75
C ARG A 310 -28.18 -1.49 44.50
N ALA A 311 -27.22 -0.58 44.53
CA ALA A 311 -27.39 0.70 45.22
C ALA A 311 -28.42 1.57 44.49
N ILE A 312 -28.33 1.60 43.17
CA ILE A 312 -29.23 2.38 42.33
C ILE A 312 -30.67 1.86 42.43
N ALA A 313 -30.82 0.54 42.39
CA ALA A 313 -32.13 -0.09 42.48
C ALA A 313 -32.73 0.07 43.89
N ALA A 314 -31.89 0.21 44.91
CA ALA A 314 -32.36 0.38 46.29
C ALA A 314 -32.98 1.76 46.52
N LYS A 315 -32.87 2.65 45.55
CA LYS A 315 -33.43 3.99 45.68
C LYS A 315 -34.86 3.99 45.16
N PHE A 316 -35.24 2.89 44.52
CA PHE A 316 -36.57 2.73 43.95
C PHE A 316 -37.37 1.64 44.70
N ASP A 317 -38.39 1.08 44.05
CA ASP A 317 -39.23 0.05 44.68
C ASP A 317 -38.76 -1.40 44.57
N GLU A 318 -39.63 -2.33 45.01
CA GLU A 318 -39.33 -3.75 44.98
C GLU A 318 -39.33 -4.37 43.58
N SER A 319 -40.02 -3.74 42.63
CA SER A 319 -40.06 -4.30 41.28
C SER A 319 -38.76 -4.05 40.53
N ILE A 320 -38.13 -2.91 40.82
CA ILE A 320 -36.86 -2.54 40.19
C ILE A 320 -35.74 -3.36 40.83
N GLN A 321 -35.86 -3.60 42.14
CA GLN A 321 -34.87 -4.39 42.90
C GLN A 321 -34.89 -5.85 42.44
N LYS A 322 -36.08 -6.34 42.08
CA LYS A 322 -36.26 -7.70 41.62
C LYS A 322 -35.63 -7.84 40.23
N LYS A 323 -35.83 -6.82 39.39
CA LYS A 323 -35.28 -6.81 38.03
C LYS A 323 -33.75 -6.63 38.10
N CYS A 324 -33.29 -6.05 39.20
CA CYS A 324 -31.87 -5.84 39.41
C CYS A 324 -31.20 -7.20 39.61
N GLU A 325 -31.86 -8.06 40.38
CA GLU A 325 -31.35 -9.40 40.63
C GLU A 325 -31.46 -10.25 39.37
N GLU A 326 -32.42 -9.91 38.52
CA GLU A 326 -32.63 -10.63 37.27
C GLU A 326 -31.45 -10.37 36.33
N VAL A 327 -31.04 -9.11 36.27
CA VAL A 327 -29.95 -8.67 35.42
C VAL A 327 -28.58 -9.20 35.90
N ILE A 328 -28.37 -9.19 37.21
CA ILE A 328 -27.14 -9.68 37.81
C ILE A 328 -26.99 -11.18 37.48
N ALA A 329 -28.09 -11.91 37.56
CA ALA A 329 -28.10 -13.33 37.26
C ALA A 329 -27.94 -13.60 35.76
N LYS A 330 -28.50 -12.73 34.94
CA LYS A 330 -28.43 -12.89 33.49
C LYS A 330 -26.99 -12.84 32.99
N TYR A 331 -26.24 -11.86 33.49
CA TYR A 331 -24.85 -11.64 33.09
C TYR A 331 -23.80 -12.39 33.90
N LYS A 332 -24.25 -13.07 34.96
CA LYS A 332 -23.33 -13.80 35.79
C LYS A 332 -22.55 -14.87 35.00
N PRO A 333 -23.23 -15.70 34.18
CA PRO A 333 -22.49 -16.71 33.42
C PRO A 333 -21.43 -16.08 32.51
N GLU A 334 -21.82 -14.98 31.86
CA GLU A 334 -20.92 -14.28 30.95
C GLU A 334 -19.66 -13.70 31.58
N TRP A 335 -19.78 -12.89 32.63
CA TRP A 335 -18.57 -12.34 33.22
C TRP A 335 -17.74 -13.37 33.98
N GLU A 336 -18.34 -14.49 34.33
CA GLU A 336 -17.55 -15.52 35.02
C GLU A 336 -16.70 -16.26 33.98
N ALA A 337 -17.18 -16.28 32.74
CA ALA A 337 -16.48 -16.92 31.63
C ALA A 337 -15.23 -16.13 31.30
N VAL A 338 -15.37 -14.80 31.33
CA VAL A 338 -14.29 -13.88 31.05
C VAL A 338 -13.21 -14.00 32.15
N VAL A 339 -13.66 -14.09 33.39
CA VAL A 339 -12.75 -14.22 34.52
C VAL A 339 -12.02 -15.57 34.43
N ALA A 340 -12.76 -16.62 34.10
CA ALA A 340 -12.18 -17.97 33.98
C ALA A 340 -11.13 -18.08 32.88
N LYS A 341 -11.31 -17.32 31.81
CA LYS A 341 -10.40 -17.36 30.68
C LYS A 341 -9.17 -16.45 30.81
N TYR A 342 -9.42 -15.20 31.16
CA TYR A 342 -8.34 -14.21 31.28
C TYR A 342 -7.66 -13.96 32.62
N ARG A 343 -8.36 -14.20 33.73
CA ARG A 343 -7.73 -13.96 35.01
C ARG A 343 -6.47 -14.83 35.24
N PRO A 344 -6.52 -16.13 34.89
CA PRO A 344 -5.31 -16.93 35.07
C PRO A 344 -4.15 -16.42 34.21
N ARG A 345 -4.50 -15.73 33.12
CA ARG A 345 -3.51 -15.17 32.19
C ARG A 345 -2.96 -13.84 32.72
N LEU A 346 -3.68 -13.26 33.67
CA LEU A 346 -3.32 -11.96 34.22
C LEU A 346 -2.97 -11.86 35.71
N GLU A 347 -3.27 -12.88 36.49
CA GLU A 347 -3.00 -12.81 37.94
C GLU A 347 -1.62 -12.39 38.44
N GLY A 348 -1.65 -11.59 39.49
CA GLY A 348 -0.45 -11.10 40.12
C GLY A 348 0.31 -10.02 39.38
N LYS A 349 -0.22 -9.58 38.23
CA LYS A 349 0.44 -8.55 37.44
C LYS A 349 0.18 -7.17 38.06
N ARG A 350 1.21 -6.33 38.01
CA ARG A 350 1.17 -4.99 38.58
C ARG A 350 0.96 -3.90 37.55
N VAL A 351 0.07 -2.96 37.90
CA VAL A 351 -0.29 -1.84 37.02
C VAL A 351 -0.09 -0.47 37.64
N MET A 352 0.46 0.45 36.87
CA MET A 352 0.59 1.82 37.32
C MET A 352 -0.32 2.57 36.38
N LEU A 353 -1.12 3.47 36.96
CA LEU A 353 -2.06 4.26 36.19
C LEU A 353 -1.81 5.74 36.39
N TYR A 354 -2.14 6.52 35.37
CA TYR A 354 -2.05 7.96 35.44
C TYR A 354 -3.00 8.46 34.38
N ILE A 355 -4.19 8.84 34.82
CA ILE A 355 -5.20 9.32 33.91
C ILE A 355 -5.74 10.70 34.35
N GLY A 356 -6.97 11.05 33.98
CA GLY A 356 -7.53 12.36 34.32
C GLY A 356 -8.05 12.76 35.68
N GLY A 357 -9.37 12.66 35.87
CA GLY A 357 -9.99 13.05 37.14
C GLY A 357 -10.97 12.03 37.68
N LEU A 358 -11.02 10.85 37.07
CA LEU A 358 -11.91 9.79 37.53
C LEU A 358 -11.37 8.38 37.32
N ARG A 359 -10.85 8.04 36.14
CA ARG A 359 -10.37 6.67 35.93
C ARG A 359 -9.28 6.12 36.85
N PRO A 360 -8.33 6.96 37.32
CA PRO A 360 -7.28 6.44 38.21
C PRO A 360 -7.77 5.70 39.47
N ARG A 361 -9.03 5.90 39.86
CA ARG A 361 -9.55 5.18 41.02
C ARG A 361 -10.69 4.31 40.53
N HIS A 362 -11.36 4.74 39.46
CA HIS A 362 -12.48 3.97 38.92
C HIS A 362 -12.18 2.64 38.23
N VAL A 363 -11.03 2.49 37.58
CA VAL A 363 -10.74 1.22 36.93
C VAL A 363 -10.05 0.18 37.83
N ILE A 364 -9.75 0.57 39.07
CA ILE A 364 -9.06 -0.32 40.01
C ILE A 364 -9.77 -1.66 40.29
N GLY A 365 -11.07 -1.57 40.58
CA GLY A 365 -11.85 -2.77 40.85
C GLY A 365 -11.88 -3.74 39.69
N ALA A 366 -11.97 -3.18 38.48
CA ALA A 366 -12.02 -3.99 37.26
C ALA A 366 -10.68 -4.71 37.06
N TYR A 367 -9.58 -4.05 37.42
CA TYR A 367 -8.27 -4.69 37.28
C TYR A 367 -8.16 -5.79 38.33
N GLU A 368 -8.72 -5.55 39.52
CA GLU A 368 -8.65 -6.54 40.59
C GLU A 368 -9.55 -7.76 40.39
N ASP A 369 -10.52 -7.66 39.49
CA ASP A 369 -11.42 -8.76 39.17
C ASP A 369 -10.65 -9.72 38.26
N LEU A 370 -9.53 -9.25 37.72
CA LEU A 370 -8.67 -10.07 36.86
C LEU A 370 -7.40 -10.47 37.63
N GLY A 371 -7.40 -10.18 38.94
CA GLY A 371 -6.28 -10.54 39.78
C GLY A 371 -5.05 -9.64 39.72
N MET A 372 -5.21 -8.47 39.13
CA MET A 372 -4.11 -7.52 38.97
C MET A 372 -4.16 -6.47 40.07
N GLU A 373 -2.99 -6.05 40.56
CA GLU A 373 -2.98 -5.00 41.60
C GLU A 373 -2.39 -3.70 41.07
N VAL A 374 -3.01 -2.59 41.45
CA VAL A 374 -2.54 -1.29 41.01
C VAL A 374 -1.55 -0.79 42.07
N VAL A 375 -0.28 -0.73 41.66
CA VAL A 375 0.84 -0.35 42.53
C VAL A 375 1.14 1.15 42.53
N GLY A 376 0.55 1.85 41.58
CA GLY A 376 0.72 3.28 41.50
C GLY A 376 -0.45 3.85 40.74
N THR A 377 -0.92 5.02 41.17
CA THR A 377 -2.01 5.67 40.48
C THR A 377 -1.92 7.16 40.68
N GLY A 378 -2.48 7.90 39.74
CA GLY A 378 -2.39 9.34 39.84
C GLY A 378 -3.28 10.05 38.85
N TYR A 379 -3.55 11.32 39.16
CA TYR A 379 -4.38 12.17 38.34
C TYR A 379 -3.68 13.41 37.83
N GLU A 380 -4.08 13.84 36.64
CA GLU A 380 -3.54 15.05 36.03
C GLU A 380 -4.12 16.28 36.74
N PHE A 381 -5.44 16.26 36.96
CA PHE A 381 -6.14 17.40 37.53
C PHE A 381 -7.18 17.27 38.65
N ALA A 382 -7.21 16.14 39.35
CA ALA A 382 -8.20 15.95 40.41
C ALA A 382 -8.04 16.88 41.61
N HIS A 383 -9.13 17.05 42.36
CA HIS A 383 -9.13 17.89 43.55
C HIS A 383 -8.97 16.90 44.71
N ASN A 384 -8.80 17.42 45.93
CA ASN A 384 -8.66 16.53 47.08
C ASN A 384 -9.84 15.60 47.33
N ASP A 385 -11.05 16.02 46.97
CA ASP A 385 -12.20 15.13 47.20
C ASP A 385 -12.12 13.87 46.34
N ASP A 386 -11.36 13.92 45.24
CA ASP A 386 -11.19 12.73 44.40
C ASP A 386 -10.14 11.86 45.08
N TYR A 387 -9.13 12.50 45.67
CA TYR A 387 -8.07 11.79 46.37
C TYR A 387 -8.59 11.16 47.65
N ASP A 388 -9.65 11.74 48.20
CA ASP A 388 -10.28 11.23 49.41
C ASP A 388 -10.87 9.87 49.06
N ARG A 389 -11.53 9.82 47.91
CA ARG A 389 -12.17 8.61 47.38
C ARG A 389 -11.14 7.58 46.89
N THR A 390 -9.93 8.05 46.63
CA THR A 390 -8.83 7.22 46.11
C THR A 390 -8.14 6.37 47.19
N MET A 391 -8.12 6.88 48.41
CA MET A 391 -7.48 6.15 49.50
C MET A 391 -8.11 4.78 49.79
N LYS A 392 -9.44 4.68 49.73
CA LYS A 392 -10.10 3.40 50.02
C LYS A 392 -9.87 2.37 48.92
N GLU A 393 -9.87 2.85 47.68
CA GLU A 393 -9.70 1.99 46.52
C GLU A 393 -8.28 1.54 46.23
N MET A 394 -7.26 2.13 46.83
CA MET A 394 -5.89 1.70 46.58
C MET A 394 -5.32 0.81 47.69
N GLY A 395 -4.20 0.13 47.39
CA GLY A 395 -3.55 -0.74 48.37
C GLY A 395 -2.76 0.11 49.36
N ASP A 396 -2.11 -0.51 50.36
CA ASP A 396 -1.40 0.32 51.34
C ASP A 396 -0.16 1.11 50.87
N SER A 397 1.02 0.50 50.86
CA SER A 397 2.21 1.25 50.46
C SER A 397 2.37 1.41 48.96
N THR A 398 1.45 2.17 48.37
CA THR A 398 1.44 2.43 46.94
C THR A 398 1.74 3.89 46.63
N LEU A 399 2.14 4.16 45.39
CA LEU A 399 2.50 5.51 44.99
C LEU A 399 1.31 6.30 44.45
N LEU A 400 1.23 7.56 44.90
CA LEU A 400 0.18 8.47 44.51
C LEU A 400 0.85 9.70 43.95
N TYR A 401 0.42 10.12 42.77
CA TYR A 401 1.01 11.29 42.13
C TYR A 401 0.05 12.22 41.41
N ASP A 402 0.06 13.47 41.84
CA ASP A 402 -0.78 14.49 41.23
C ASP A 402 0.05 15.37 40.29
N ASP A 403 -0.46 15.50 39.07
CA ASP A 403 0.14 16.31 38.01
C ASP A 403 1.60 15.94 37.83
N VAL A 404 1.80 14.65 37.58
CA VAL A 404 3.13 14.09 37.41
C VAL A 404 3.83 14.66 36.17
N THR A 405 5.11 14.95 36.33
CA THR A 405 5.94 15.50 35.27
C THR A 405 6.45 14.33 34.45
N GLY A 406 6.91 14.60 33.23
CA GLY A 406 7.41 13.52 32.38
C GLY A 406 8.57 12.79 33.04
N TYR A 407 9.40 13.56 33.75
CA TYR A 407 10.57 13.03 34.45
C TYR A 407 10.17 12.08 35.57
N GLU A 408 9.29 12.54 36.45
CA GLU A 408 8.86 11.74 37.58
C GLU A 408 8.26 10.41 37.18
N PHE A 409 7.34 10.45 36.22
CA PHE A 409 6.68 9.23 35.80
C PHE A 409 7.66 8.20 35.23
N GLU A 410 8.58 8.66 34.41
CA GLU A 410 9.57 7.77 33.79
C GLU A 410 10.42 7.08 34.85
N GLU A 411 10.93 7.86 35.80
CA GLU A 411 11.78 7.32 36.87
C GLU A 411 11.02 6.42 37.87
N PHE A 412 9.75 6.75 38.17
CA PHE A 412 8.95 5.94 39.10
C PHE A 412 8.74 4.56 38.48
N VAL A 413 8.53 4.56 37.16
CA VAL A 413 8.32 3.36 36.39
C VAL A 413 9.60 2.52 36.37
N LYS A 414 10.75 3.21 36.32
CA LYS A 414 12.06 2.55 36.32
C LYS A 414 12.35 1.84 37.65
N ARG A 415 11.83 2.38 38.75
CA ARG A 415 12.05 1.76 40.06
C ARG A 415 11.14 0.57 40.28
N ILE A 416 9.86 0.90 40.30
CA ILE A 416 8.71 0.02 40.51
C ILE A 416 8.60 -1.15 39.52
N LYS A 417 8.88 -0.86 38.25
CA LYS A 417 8.83 -1.85 37.19
C LYS A 417 7.51 -2.58 37.03
N PRO A 418 6.44 -1.84 36.69
CA PRO A 418 5.11 -2.44 36.51
C PRO A 418 5.03 -3.30 35.25
N ASP A 419 4.13 -4.27 35.27
CA ASP A 419 3.96 -5.17 34.13
C ASP A 419 3.11 -4.52 33.05
N LEU A 420 2.35 -3.51 33.45
CA LEU A 420 1.46 -2.81 32.53
C LEU A 420 1.27 -1.36 33.01
N ILE A 421 1.11 -0.45 32.06
CA ILE A 421 0.89 0.96 32.40
C ILE A 421 -0.38 1.39 31.66
N GLY A 422 -1.14 2.29 32.29
CA GLY A 422 -2.38 2.77 31.71
C GLY A 422 -2.41 4.28 31.84
N SER A 423 -2.22 4.97 30.71
CA SER A 423 -2.19 6.43 30.68
C SER A 423 -2.56 6.89 29.26
N GLY A 424 -2.16 8.10 28.87
CA GLY A 424 -2.53 8.59 27.54
C GLY A 424 -1.55 8.48 26.39
N ILE A 425 -1.91 9.08 25.26
CA ILE A 425 -1.11 9.07 24.05
C ILE A 425 0.28 9.72 24.22
N LYS A 426 0.40 10.74 25.07
CA LYS A 426 1.69 11.43 25.26
C LYS A 426 2.77 10.64 26.01
N GLU A 427 2.38 9.52 26.61
CA GLU A 427 3.34 8.70 27.33
C GLU A 427 3.38 7.26 26.79
N LYS A 428 2.46 6.93 25.87
CA LYS A 428 2.37 5.60 25.28
C LYS A 428 3.65 5.08 24.62
N PHE A 429 4.18 5.85 23.70
CA PHE A 429 5.38 5.44 23.00
C PHE A 429 6.68 5.56 23.82
N ILE A 430 6.61 6.17 25.00
CA ILE A 430 7.79 6.30 25.87
C ILE A 430 8.06 4.95 26.54
N PHE A 431 7.00 4.35 27.07
CA PHE A 431 7.12 3.08 27.78
C PHE A 431 7.16 1.83 26.91
N GLN A 432 6.64 1.90 25.69
CA GLN A 432 6.70 0.76 24.79
C GLN A 432 8.16 0.64 24.40
N LYS A 433 8.82 1.80 24.27
CA LYS A 433 10.24 1.87 23.92
C LYS A 433 11.02 1.16 25.03
N MET A 434 10.57 1.40 26.26
CA MET A 434 11.18 0.84 27.47
C MET A 434 10.83 -0.62 27.74
N GLY A 435 10.08 -1.23 26.82
CA GLY A 435 9.70 -2.62 26.98
C GLY A 435 8.53 -2.93 27.92
N ILE A 436 7.77 -1.91 28.30
CA ILE A 436 6.65 -2.11 29.22
C ILE A 436 5.30 -2.01 28.49
N PRO A 437 4.46 -3.06 28.59
CA PRO A 437 3.13 -3.09 27.96
C PRO A 437 2.30 -1.88 28.30
N PHE A 438 1.72 -1.27 27.28
CA PHE A 438 0.93 -0.07 27.49
C PHE A 438 -0.44 -0.10 26.87
N ARG A 439 -1.44 0.35 27.64
CA ARG A 439 -2.82 0.43 27.18
C ARG A 439 -3.25 1.88 27.38
N GLU A 440 -3.89 2.46 26.39
CA GLU A 440 -4.36 3.83 26.55
C GLU A 440 -5.63 3.75 27.36
N MET A 441 -5.64 4.43 28.51
CA MET A 441 -6.81 4.41 29.36
C MET A 441 -7.65 5.68 29.18
N HIS A 442 -7.39 6.43 28.12
CA HIS A 442 -8.21 7.59 27.82
C HIS A 442 -9.04 7.09 26.64
N SER A 443 -8.38 6.83 25.52
CA SER A 443 -9.04 6.36 24.30
C SER A 443 -9.30 4.85 24.19
N TRP A 444 -8.94 4.09 25.23
CA TRP A 444 -9.10 2.63 25.25
C TRP A 444 -8.31 1.98 24.09
N ASP A 445 -7.32 2.71 23.58
CA ASP A 445 -6.49 2.28 22.45
C ASP A 445 -7.34 1.81 21.28
N TYR A 446 -8.35 2.66 21.01
CA TYR A 446 -9.33 2.52 19.94
C TYR A 446 -10.18 1.25 19.99
N SER A 447 -10.35 0.73 21.21
CA SER A 447 -11.16 -0.47 21.46
C SER A 447 -12.49 -0.04 22.12
N GLY A 448 -12.72 -0.48 23.36
CA GLY A 448 -13.94 -0.16 24.11
C GLY A 448 -15.19 -0.87 23.62
N PRO A 449 -16.27 -0.89 24.40
CA PRO A 449 -16.41 -0.33 25.75
C PRO A 449 -15.65 -1.01 26.87
N TYR A 450 -15.60 -0.32 27.99
CA TYR A 450 -15.00 -0.89 29.16
C TYR A 450 -16.05 -0.80 30.26
N HIS A 451 -17.15 -0.08 30.03
CA HIS A 451 -18.22 0.02 31.03
C HIS A 451 -19.22 -1.12 30.96
N GLY A 452 -19.77 -1.49 32.11
CA GLY A 452 -20.75 -2.56 32.19
C GLY A 452 -20.17 -3.95 32.12
N PHE A 453 -21.04 -4.92 31.86
CA PHE A 453 -20.62 -6.31 31.75
C PHE A 453 -19.98 -6.60 30.37
N ASP A 454 -20.61 -6.17 29.29
CA ASP A 454 -20.06 -6.40 27.94
C ASP A 454 -18.74 -5.66 27.76
N GLY A 455 -18.59 -4.58 28.52
CA GLY A 455 -17.37 -3.78 28.43
C GLY A 455 -16.25 -4.48 29.16
N PHE A 456 -16.58 -5.20 30.23
CA PHE A 456 -15.57 -5.92 31.00
C PHE A 456 -14.90 -6.99 30.13
N ALA A 457 -15.67 -7.61 29.25
CA ALA A 457 -15.16 -8.65 28.36
C ALA A 457 -14.08 -8.09 27.45
N ILE A 458 -14.34 -6.89 26.95
CA ILE A 458 -13.42 -6.21 26.07
C ILE A 458 -12.17 -5.72 26.82
N PHE A 459 -12.36 -5.27 28.06
CA PHE A 459 -11.28 -4.79 28.94
C PHE A 459 -10.26 -5.90 29.20
N ALA A 460 -10.77 -7.06 29.61
CA ALA A 460 -9.94 -8.23 29.91
C ALA A 460 -9.18 -8.74 28.68
N ARG A 461 -9.90 -8.78 27.55
CA ARG A 461 -9.38 -9.21 26.26
C ARG A 461 -8.18 -8.32 25.93
N ASP A 462 -8.40 -7.01 26.07
CA ASP A 462 -7.38 -6.00 25.80
C ASP A 462 -6.14 -6.00 26.70
N MET A 463 -6.33 -6.18 28.01
CA MET A 463 -5.18 -6.20 28.93
C MET A 463 -4.34 -7.42 28.62
N ASP A 464 -5.02 -8.51 28.31
CA ASP A 464 -4.37 -9.77 27.98
C ASP A 464 -3.58 -9.69 26.66
N MET A 465 -4.20 -9.18 25.60
CA MET A 465 -3.52 -9.11 24.30
C MET A 465 -2.23 -8.28 24.33
N THR A 466 -2.23 -7.26 25.19
CA THR A 466 -1.09 -6.37 25.31
C THR A 466 -0.04 -6.88 26.29
N LEU A 467 -0.46 -7.28 27.49
CA LEU A 467 0.50 -7.77 28.46
C LEU A 467 1.24 -9.04 28.03
N ASN A 468 0.49 -10.05 27.58
CA ASN A 468 1.09 -11.32 27.15
C ASN A 468 1.35 -11.34 25.65
N ASN A 469 1.69 -10.18 25.07
CA ASN A 469 1.96 -10.14 23.63
C ASN A 469 3.37 -10.62 23.31
N PRO A 470 3.54 -11.33 22.19
CA PRO A 470 4.86 -11.83 21.81
C PRO A 470 5.95 -10.80 21.48
N CYS A 471 5.57 -9.54 21.24
CA CYS A 471 6.58 -8.55 20.90
C CYS A 471 7.49 -8.14 22.04
N TRP A 472 6.96 -8.18 23.26
CA TRP A 472 7.71 -7.80 24.45
C TRP A 472 8.89 -8.69 24.79
N LYS A 473 8.91 -9.88 24.21
CA LYS A 473 9.99 -10.82 24.46
C LYS A 473 11.14 -10.60 23.48
N LYS A 474 10.91 -9.73 22.49
CA LYS A 474 11.89 -9.44 21.46
C LYS A 474 12.56 -8.05 21.41
N LEU A 475 12.50 -7.30 22.51
CA LEU A 475 13.10 -5.96 22.54
C LEU A 475 14.63 -6.00 22.47
N GLN A 476 15.24 -7.03 23.05
CA GLN A 476 16.69 -7.11 23.02
C GLN A 476 17.23 -8.05 21.96
N ALA A 477 18.26 -7.54 21.27
CA ALA A 477 18.96 -8.22 20.21
C ALA A 477 19.71 -9.42 20.80
N PRO A 478 19.68 -10.58 20.13
CA PRO A 478 20.38 -11.76 20.61
C PRO A 478 21.91 -11.65 20.56
N TRP A 479 22.44 -10.63 19.88
CA TRP A 479 23.88 -10.42 19.81
C TRP A 479 24.27 -9.21 20.65
N GLU A 480 23.26 -8.64 21.32
CA GLU A 480 23.34 -7.45 22.20
C GLU A 480 23.50 -6.16 21.39
N SER B 2 -24.93 -8.66 25.28
CA SER B 2 -24.25 -9.95 25.62
C SER B 2 -22.93 -10.11 24.93
N GLN B 3 -22.09 -10.94 25.53
CA GLN B 3 -20.78 -11.20 25.00
C GLN B 3 -20.43 -12.67 25.15
N GLN B 4 -19.99 -13.29 24.05
CA GLN B 4 -19.56 -14.68 24.06
C GLN B 4 -18.04 -14.59 24.26
N VAL B 5 -17.55 -15.21 25.31
CA VAL B 5 -16.13 -15.15 25.66
C VAL B 5 -15.06 -15.50 24.60
N ASP B 6 -15.39 -16.33 23.62
CA ASP B 6 -14.39 -16.69 22.62
C ASP B 6 -14.51 -15.94 21.30
N LYS B 7 -15.49 -15.05 21.22
CA LYS B 7 -15.71 -14.25 20.04
C LYS B 7 -16.29 -12.94 20.58
N ILE B 8 -15.41 -12.23 21.28
CA ILE B 8 -15.72 -10.96 21.92
C ILE B 8 -15.78 -9.87 20.87
N LYS B 9 -16.81 -9.04 20.98
CA LYS B 9 -17.07 -7.94 20.05
C LYS B 9 -16.71 -6.59 20.68
N ALA B 10 -16.05 -5.72 19.92
CA ALA B 10 -15.75 -4.38 20.41
C ALA B 10 -16.92 -3.54 19.89
N SER B 11 -16.91 -2.22 20.10
CA SER B 11 -18.01 -1.34 19.68
C SER B 11 -18.67 -1.72 18.33
N TYR B 12 -17.86 -2.06 17.33
CA TYR B 12 -18.37 -2.54 16.04
C TYR B 12 -17.88 -3.98 16.20
N PRO B 13 -18.77 -4.97 16.06
CA PRO B 13 -20.22 -4.87 15.84
C PRO B 13 -21.17 -4.98 17.03
N LEU B 14 -20.67 -4.83 18.25
CA LEU B 14 -21.48 -4.92 19.46
C LEU B 14 -22.82 -4.18 19.42
N PHE B 15 -22.78 -2.89 19.06
CA PHE B 15 -23.99 -2.07 19.04
C PHE B 15 -24.96 -2.36 17.91
N LEU B 16 -24.56 -3.23 17.00
CA LEU B 16 -25.42 -3.62 15.90
C LEU B 16 -26.30 -4.80 16.35
N ASP B 17 -26.06 -5.33 17.56
CA ASP B 17 -26.88 -6.43 18.08
C ASP B 17 -28.28 -5.89 18.36
N GLN B 18 -29.30 -6.75 18.26
CA GLN B 18 -30.70 -6.34 18.45
C GLN B 18 -31.11 -5.59 19.72
N ASP B 19 -30.59 -6.00 20.87
CA ASP B 19 -30.97 -5.34 22.12
C ASP B 19 -30.45 -3.90 22.22
N TYR B 20 -29.27 -3.65 21.64
CA TYR B 20 -28.65 -2.32 21.62
C TYR B 20 -29.32 -1.45 20.58
N LYS B 21 -29.55 -2.02 19.41
CA LYS B 21 -30.18 -1.32 18.30
C LYS B 21 -31.58 -0.84 18.74
N ASP B 22 -32.28 -1.68 19.51
CA ASP B 22 -33.62 -1.37 20.03
C ASP B 22 -33.57 -0.27 21.10
N MET B 23 -32.55 -0.34 21.95
CA MET B 23 -32.37 0.61 23.05
C MET B 23 -32.06 2.00 22.48
N LEU B 24 -31.23 2.00 21.45
CA LEU B 24 -30.84 3.23 20.78
C LEU B 24 -32.07 3.86 20.13
N ALA B 25 -32.96 3.03 19.60
CA ALA B 25 -34.16 3.53 18.95
C ALA B 25 -35.12 4.16 19.98
N LYS B 26 -35.13 3.61 21.20
CA LYS B 26 -35.98 4.14 22.26
C LYS B 26 -35.46 5.45 22.81
N LYS B 27 -34.15 5.62 22.74
CA LYS B 27 -33.47 6.82 23.21
C LYS B 27 -33.82 7.97 22.26
N ARG B 28 -33.81 7.67 20.97
CA ARG B 28 -34.11 8.61 19.90
C ARG B 28 -35.57 9.07 19.88
N ASP B 29 -36.48 8.10 19.78
CA ASP B 29 -37.91 8.38 19.74
C ASP B 29 -38.37 8.99 21.05
N GLY B 30 -37.80 8.51 22.14
CA GLY B 30 -38.20 8.99 23.44
C GLY B 30 -37.63 10.28 23.97
N PHE B 31 -36.35 10.55 23.77
CA PHE B 31 -35.78 11.75 24.35
C PHE B 31 -34.94 12.73 23.51
N GLU B 32 -34.57 12.33 22.30
CA GLU B 32 -33.72 13.14 21.43
C GLU B 32 -34.38 14.20 20.56
N GLU B 33 -35.69 14.07 20.36
CA GLU B 33 -36.47 15.00 19.54
C GLU B 33 -35.78 15.23 18.22
N LYS B 34 -35.37 14.12 17.62
CA LYS B 34 -34.66 14.09 16.35
C LYS B 34 -35.57 14.44 15.17
N TYR B 35 -35.02 15.19 14.22
CA TYR B 35 -35.73 15.57 13.02
C TYR B 35 -36.06 14.28 12.27
N PRO B 36 -37.23 14.20 11.63
CA PRO B 36 -37.62 13.00 10.88
C PRO B 36 -36.58 12.63 9.83
N GLN B 37 -36.38 11.33 9.60
CA GLN B 37 -35.38 10.90 8.64
C GLN B 37 -35.58 11.50 7.26
N ASP B 38 -36.84 11.71 6.87
CA ASP B 38 -37.09 12.30 5.56
C ASP B 38 -36.52 13.73 5.50
N LYS B 39 -36.54 14.43 6.63
CA LYS B 39 -35.99 15.79 6.65
C LYS B 39 -34.46 15.70 6.65
N ILE B 40 -33.92 14.76 7.40
CA ILE B 40 -32.47 14.57 7.46
C ILE B 40 -31.99 14.22 6.04
N ASP B 41 -32.77 13.39 5.34
CA ASP B 41 -32.45 12.99 3.96
C ASP B 41 -32.55 14.13 2.95
N GLU B 42 -33.48 15.05 3.19
CA GLU B 42 -33.71 16.20 2.29
C GLU B 42 -32.58 17.22 2.40
N VAL B 43 -32.20 17.52 3.63
CA VAL B 43 -31.12 18.47 3.90
C VAL B 43 -29.79 17.93 3.36
N PHE B 44 -29.55 16.62 3.51
CA PHE B 44 -28.32 16.02 3.01
C PHE B 44 -28.21 16.20 1.50
N GLN B 45 -29.28 15.86 0.77
CA GLN B 45 -29.25 15.97 -0.68
C GLN B 45 -29.01 17.42 -1.11
N TRP B 46 -29.58 18.35 -0.38
CA TRP B 46 -29.38 19.74 -0.68
C TRP B 46 -27.92 20.14 -0.42
N THR B 47 -27.29 19.57 0.60
CA THR B 47 -25.87 19.93 0.88
C THR B 47 -24.94 19.37 -0.19
N THR B 48 -25.52 18.67 -1.14
CA THR B 48 -24.83 18.02 -2.25
C THR B 48 -24.90 18.84 -3.56
N THR B 49 -25.97 19.61 -3.69
CA THR B 49 -26.25 20.46 -4.86
C THR B 49 -25.30 21.63 -5.15
N LYS B 50 -25.45 22.24 -6.33
CA LYS B 50 -24.64 23.40 -6.75
C LYS B 50 -25.13 24.68 -6.07
N GLU B 51 -26.40 24.66 -5.68
CA GLU B 51 -27.06 25.78 -5.02
C GLU B 51 -26.40 25.94 -3.64
N TYR B 52 -26.25 24.84 -2.92
CA TYR B 52 -25.62 24.84 -1.59
C TYR B 52 -24.17 25.29 -1.71
N GLN B 53 -23.53 24.91 -2.82
CA GLN B 53 -22.13 25.24 -3.05
C GLN B 53 -21.88 26.76 -3.23
N GLU B 54 -22.82 27.48 -3.81
CA GLU B 54 -22.66 28.91 -4.01
C GLU B 54 -22.66 29.55 -2.61
N LEU B 55 -23.62 29.13 -1.80
CA LEU B 55 -23.81 29.58 -0.42
C LEU B 55 -22.55 29.33 0.42
N ASN B 56 -22.04 28.10 0.30
CA ASN B 56 -20.85 27.62 1.01
C ASN B 56 -19.66 28.53 0.69
N PHE B 57 -19.45 28.79 -0.59
CA PHE B 57 -18.34 29.61 -1.05
C PHE B 57 -18.48 31.10 -0.78
N GLN B 58 -19.68 31.51 -0.34
CA GLN B 58 -19.99 32.89 -0.02
C GLN B 58 -19.68 33.17 1.46
N ARG B 59 -19.17 32.16 2.18
CA ARG B 59 -18.82 32.33 3.59
C ARG B 59 -17.66 33.30 3.72
N GLU B 60 -17.68 34.12 4.76
CA GLU B 60 -16.59 35.07 4.99
C GLU B 60 -16.19 35.10 6.47
N ALA B 61 -16.96 34.44 7.32
CA ALA B 61 -16.65 34.42 8.75
C ALA B 61 -16.49 33.03 9.33
N LEU B 62 -17.18 32.06 8.75
CA LEU B 62 -17.12 30.69 9.22
C LEU B 62 -16.11 29.82 8.47
N THR B 63 -15.43 28.97 9.24
CA THR B 63 -14.45 28.04 8.71
C THR B 63 -14.89 26.69 9.23
N VAL B 64 -15.06 25.72 8.32
CA VAL B 64 -15.50 24.39 8.73
C VAL B 64 -14.51 23.37 8.19
N ASN B 65 -13.98 22.54 9.09
CA ASN B 65 -13.03 21.50 8.73
C ASN B 65 -11.80 22.07 8.01
N PRO B 66 -10.90 22.75 8.77
CA PRO B 66 -9.70 23.34 8.21
C PRO B 66 -8.64 22.35 7.74
N ALA B 67 -7.85 22.79 6.77
CA ALA B 67 -6.75 22.01 6.19
C ALA B 67 -5.44 22.72 6.55
N LYS B 68 -5.27 23.05 7.82
CA LYS B 68 -4.05 23.72 8.32
C LYS B 68 -4.06 23.76 9.85
N ALA B 69 -2.93 24.12 10.44
CA ALA B 69 -2.80 24.21 11.90
C ALA B 69 -2.09 25.52 12.25
N CYS B 70 -1.82 25.77 13.53
CA CYS B 70 -1.17 27.03 13.92
C CYS B 70 0.35 27.03 13.96
N GLN B 71 0.93 28.22 13.84
CA GLN B 71 2.38 28.42 13.83
C GLN B 71 3.26 27.62 14.79
N PRO B 72 2.98 27.68 16.10
CA PRO B 72 3.82 26.94 17.06
C PRO B 72 4.06 25.44 16.77
N LEU B 73 3.09 24.76 16.17
CA LEU B 73 3.23 23.35 15.83
C LEU B 73 4.42 23.15 14.88
N GLY B 74 4.52 24.01 13.86
CA GLY B 74 5.62 23.93 12.92
C GLY B 74 6.91 24.29 13.63
N ALA B 75 6.80 25.19 14.60
CA ALA B 75 7.94 25.64 15.37
C ALA B 75 8.52 24.47 16.17
N VAL B 76 7.64 23.69 16.81
CA VAL B 76 8.08 22.54 17.59
C VAL B 76 8.83 21.55 16.68
N LEU B 77 8.27 21.26 15.50
CA LEU B 77 8.90 20.33 14.56
C LEU B 77 10.27 20.82 14.09
N CYS B 78 10.38 22.12 13.84
CA CYS B 78 11.64 22.68 13.40
C CYS B 78 12.69 22.44 14.49
N ALA B 79 12.32 22.82 15.71
CA ALA B 79 13.22 22.69 16.86
C ALA B 79 13.63 21.25 17.16
N LEU B 80 12.78 20.28 16.84
CA LEU B 80 13.10 18.88 17.08
C LEU B 80 14.22 18.41 16.14
N GLY B 81 14.48 19.19 15.10
CA GLY B 81 15.53 18.83 14.16
C GLY B 81 16.92 19.22 14.57
N PHE B 82 17.06 19.73 15.79
CA PHE B 82 18.36 20.13 16.27
C PHE B 82 18.82 19.25 17.41
N GLU B 83 20.12 19.01 17.45
CA GLU B 83 20.75 18.14 18.44
C GLU B 83 20.51 18.49 19.90
N LYS B 84 19.88 17.54 20.60
CA LYS B 84 19.55 17.65 22.00
C LYS B 84 18.88 18.95 22.38
N THR B 85 17.86 19.31 21.62
CA THR B 85 17.14 20.54 21.94
C THR B 85 15.72 20.25 22.37
N MET B 86 15.28 21.05 23.32
CA MET B 86 13.95 20.93 23.85
C MET B 86 13.12 22.05 23.26
N PRO B 87 12.03 21.71 22.58
CA PRO B 87 11.20 22.76 22.01
C PRO B 87 10.49 23.32 23.24
N TYR B 88 10.46 24.64 23.38
CA TYR B 88 9.86 25.29 24.54
C TYR B 88 8.84 26.28 23.98
N VAL B 89 7.59 26.21 24.43
CA VAL B 89 6.61 27.16 23.92
C VAL B 89 6.17 28.05 25.06
N HIS B 90 6.45 29.33 24.88
CA HIS B 90 6.11 30.32 25.88
C HIS B 90 4.63 30.69 25.75
N GLY B 91 3.87 30.43 26.81
CA GLY B 91 2.45 30.72 26.80
C GLY B 91 1.70 29.67 27.60
N SER B 92 0.42 29.48 27.31
CA SER B 92 -0.37 28.50 28.05
C SER B 92 -0.11 27.04 27.62
N GLN B 93 -0.23 26.13 28.58
CA GLN B 93 0.03 24.71 28.38
C GLN B 93 -0.91 23.89 27.50
N GLY B 94 -2.17 24.29 27.38
CA GLY B 94 -3.09 23.54 26.54
C GLY B 94 -2.48 23.29 25.18
N CYS B 95 -1.88 24.33 24.61
CA CYS B 95 -1.23 24.26 23.30
C CYS B 95 -0.25 23.10 23.17
N VAL B 96 0.63 22.98 24.16
CA VAL B 96 1.65 21.94 24.18
C VAL B 96 1.08 20.52 24.27
N ALA B 97 0.08 20.32 25.12
CA ALA B 97 -0.52 18.99 25.25
C ALA B 97 -1.05 18.56 23.88
N TYR B 98 -1.67 19.52 23.19
CA TYR B 98 -2.24 19.29 21.87
C TYR B 98 -1.15 19.08 20.80
N PHE B 99 -0.07 19.86 20.83
CA PHE B 99 1.00 19.73 19.83
C PHE B 99 1.60 18.34 19.90
N ARG B 100 1.88 17.92 21.12
CA ARG B 100 2.46 16.63 21.38
C ARG B 100 1.52 15.52 20.93
N SER B 101 0.27 15.60 21.35
CA SER B 101 -0.71 14.60 20.97
C SER B 101 -0.82 14.48 19.46
N TYR B 102 -0.92 15.63 18.80
CA TYR B 102 -1.08 15.67 17.35
C TYR B 102 0.06 14.94 16.61
N PHE B 103 1.31 15.20 17.00
CA PHE B 103 2.49 14.58 16.39
C PHE B 103 2.67 13.12 16.83
N ASN B 104 2.20 12.78 18.03
CA ASN B 104 2.29 11.41 18.54
C ASN B 104 1.46 10.52 17.64
N ARG B 105 0.25 10.98 17.39
CA ARG B 105 -0.71 10.23 16.59
C ARG B 105 -0.31 10.02 15.13
N HIS B 106 0.47 10.96 14.59
CA HIS B 106 0.96 10.86 13.23
C HIS B 106 2.23 10.00 13.12
N PHE B 107 3.27 10.34 13.89
CA PHE B 107 4.55 9.62 13.87
C PHE B 107 4.63 8.32 14.68
N ARG B 108 3.67 8.11 15.58
CA ARG B 108 3.62 6.94 16.48
C ARG B 108 4.93 6.86 17.25
N GLU B 109 5.36 8.02 17.71
CA GLU B 109 6.59 8.17 18.45
C GLU B 109 6.43 9.18 19.57
N PRO B 110 7.38 9.21 20.51
CA PRO B 110 7.24 10.20 21.58
C PRO B 110 7.66 11.56 21.03
N VAL B 111 7.03 12.64 21.47
CA VAL B 111 7.43 13.97 21.01
C VAL B 111 7.60 14.81 22.27
N SER B 112 8.82 15.30 22.44
CA SER B 112 9.17 16.07 23.62
C SER B 112 9.06 17.57 23.40
N CYS B 113 8.34 18.23 24.30
CA CYS B 113 8.09 19.66 24.23
C CYS B 113 7.58 20.15 25.57
N VAL B 114 8.01 21.34 26.00
CA VAL B 114 7.54 21.88 27.27
C VAL B 114 6.88 23.23 27.04
N SER B 115 6.19 23.71 28.08
CA SER B 115 5.51 24.99 28.08
C SER B 115 5.94 25.65 29.36
N ASP B 116 5.65 26.92 29.59
CA ASP B 116 5.98 27.47 30.90
C ASP B 116 4.70 27.79 31.64
N SER B 117 3.67 27.06 31.24
CA SER B 117 2.35 27.10 31.85
C SER B 117 1.86 28.45 32.34
N MET B 118 1.59 29.34 31.40
CA MET B 118 1.10 30.66 31.74
C MET B 118 -0.40 30.62 32.02
N THR B 119 -0.71 31.06 33.22
CA THR B 119 -2.02 31.08 33.81
C THR B 119 -2.58 32.51 33.79
N GLU B 120 -3.83 32.66 34.21
CA GLU B 120 -4.55 33.92 34.21
C GLU B 120 -3.81 35.13 34.82
N ASP B 121 -3.00 34.90 35.86
CA ASP B 121 -2.27 36.01 36.47
C ASP B 121 -1.03 36.33 35.62
N ALA B 122 -0.49 35.34 34.90
CA ALA B 122 0.66 35.61 34.03
C ALA B 122 0.19 36.32 32.75
N ALA B 123 -1.11 36.20 32.46
CA ALA B 123 -1.70 36.86 31.28
C ALA B 123 -1.82 38.34 31.61
N VAL B 124 -2.10 38.62 32.88
CA VAL B 124 -2.26 39.99 33.38
C VAL B 124 -0.92 40.66 33.75
N PHE B 125 0.01 39.89 34.28
CA PHE B 125 1.32 40.44 34.67
C PHE B 125 2.45 40.28 33.66
N GLY B 126 2.27 39.39 32.69
CA GLY B 126 3.31 39.16 31.69
C GLY B 126 3.96 37.85 32.06
N GLY B 127 4.47 37.12 31.08
CA GLY B 127 5.10 35.85 31.39
C GLY B 127 6.59 35.85 31.72
N GLN B 128 7.11 36.94 32.28
CA GLN B 128 8.52 37.05 32.61
C GLN B 128 8.97 36.04 33.69
N GLN B 129 8.19 35.90 34.75
CA GLN B 129 8.56 34.98 35.82
C GLN B 129 8.49 33.53 35.32
N ASN B 130 7.47 33.24 34.53
CA ASN B 130 7.29 31.91 33.97
C ASN B 130 8.51 31.53 33.12
N MET B 131 9.04 32.51 32.38
CA MET B 131 10.19 32.30 31.51
C MET B 131 11.48 32.06 32.30
N LYS B 132 11.61 32.72 33.44
CA LYS B 132 12.78 32.58 34.28
C LYS B 132 12.83 31.18 34.87
N ASP B 133 11.79 30.82 35.61
CA ASP B 133 11.69 29.49 36.23
C ASP B 133 11.59 28.36 35.20
N GLY B 134 10.79 28.57 34.17
CA GLY B 134 10.62 27.56 33.13
C GLY B 134 11.91 27.14 32.44
N LEU B 135 12.75 28.10 32.09
CA LEU B 135 14.01 27.83 31.42
C LEU B 135 14.97 27.11 32.36
N GLN B 136 14.89 27.48 33.64
CA GLN B 136 15.74 26.89 34.66
C GLN B 136 15.33 25.43 34.90
N ASN B 137 14.03 25.21 35.07
CA ASN B 137 13.48 23.87 35.32
C ASN B 137 13.69 22.91 34.15
N CYS B 138 13.49 23.42 32.93
CA CYS B 138 13.63 22.60 31.75
C CYS B 138 15.08 22.16 31.56
N LYS B 139 16.01 23.09 31.77
CA LYS B 139 17.43 22.79 31.61
C LYS B 139 17.91 21.79 32.67
N ALA B 140 17.48 21.98 33.91
CA ALA B 140 17.87 21.13 35.02
C ALA B 140 17.27 19.73 35.00
N THR B 141 16.04 19.63 34.51
CA THR B 141 15.32 18.36 34.48
C THR B 141 15.54 17.51 33.25
N TYR B 142 15.39 18.12 32.09
CA TYR B 142 15.51 17.40 30.84
C TYR B 142 16.86 17.46 30.14
N LYS B 143 17.75 18.26 30.71
CA LYS B 143 19.12 18.44 30.23
C LYS B 143 19.40 18.56 28.74
N PRO B 144 18.82 19.57 28.07
CA PRO B 144 19.12 19.69 26.64
C PRO B 144 20.38 20.55 26.51
N ASP B 145 20.95 20.62 25.30
CA ASP B 145 22.12 21.45 25.04
C ASP B 145 21.58 22.79 24.54
N MET B 146 20.32 22.81 24.16
CA MET B 146 19.68 24.03 23.63
C MET B 146 18.17 24.05 23.85
N ILE B 147 17.62 25.23 24.11
CA ILE B 147 16.17 25.37 24.29
C ILE B 147 15.70 26.36 23.23
N ALA B 148 14.80 25.91 22.36
CA ALA B 148 14.26 26.73 21.28
C ALA B 148 12.85 27.23 21.63
N VAL B 149 12.77 28.53 21.91
CA VAL B 149 11.52 29.17 22.33
C VAL B 149 10.61 29.73 21.25
N SER B 150 9.35 29.27 21.26
CA SER B 150 8.31 29.74 20.34
C SER B 150 7.21 30.32 21.25
N THR B 151 6.08 30.73 20.68
CA THR B 151 4.98 31.31 21.49
C THR B 151 3.56 30.89 21.11
N THR B 152 2.65 30.99 22.07
CA THR B 152 1.23 30.71 21.81
C THR B 152 0.57 32.08 21.67
N CYS B 153 -0.64 32.14 21.10
CA CYS B 153 -1.32 33.43 20.88
C CYS B 153 -1.49 34.31 22.10
N MET B 154 -1.80 33.69 23.23
CA MET B 154 -1.98 34.46 24.44
C MET B 154 -0.76 35.31 24.77
N ALA B 155 0.42 34.77 24.57
CA ALA B 155 1.65 35.50 24.85
C ALA B 155 1.93 36.53 23.76
N GLU B 156 1.39 36.30 22.57
CA GLU B 156 1.58 37.20 21.44
C GLU B 156 0.67 38.41 21.54
N VAL B 157 -0.54 38.19 22.04
CA VAL B 157 -1.51 39.27 22.19
C VAL B 157 -0.93 40.31 23.16
N ILE B 158 -0.52 39.84 24.32
CA ILE B 158 0.01 40.71 25.35
C ILE B 158 1.44 41.23 25.14
N GLY B 159 2.02 40.90 24.00
CA GLY B 159 3.36 41.36 23.66
C GLY B 159 4.50 41.04 24.60
N ASP B 160 4.60 39.79 25.03
CA ASP B 160 5.70 39.37 25.89
C ASP B 160 6.94 39.41 25.02
N ASP B 161 7.89 40.25 25.40
CA ASP B 161 9.12 40.38 24.65
C ASP B 161 10.02 39.20 25.00
N LEU B 162 10.06 38.24 24.08
CA LEU B 162 10.85 37.05 24.24
C LEU B 162 12.32 37.40 24.43
N ASN B 163 12.83 38.29 23.57
CA ASN B 163 14.25 38.68 23.66
C ASN B 163 14.60 39.27 25.03
N ALA B 164 13.78 40.17 25.58
CA ALA B 164 14.09 40.75 26.88
C ALA B 164 13.96 39.74 28.01
N PHE B 165 12.93 38.91 27.93
CA PHE B 165 12.65 37.90 28.94
C PHE B 165 13.72 36.83 29.07
N ILE B 166 14.33 36.47 27.95
CA ILE B 166 15.38 35.45 27.92
C ILE B 166 16.70 36.09 28.39
N ASN B 167 16.92 37.35 28.03
CA ASN B 167 18.15 38.05 28.42
C ASN B 167 18.13 38.35 29.91
N ASN B 168 16.95 38.63 30.46
CA ASN B 168 16.85 38.90 31.88
C ASN B 168 17.00 37.56 32.62
N SER B 169 16.59 36.47 31.98
CA SER B 169 16.69 35.15 32.60
C SER B 169 18.17 34.79 32.77
N LYS B 170 18.94 35.12 31.75
CA LYS B 170 20.36 34.84 31.80
C LYS B 170 21.04 35.77 32.80
N LYS B 171 20.65 37.04 32.79
CA LYS B 171 21.21 38.05 33.68
C LYS B 171 20.99 37.77 35.17
N GLU B 172 19.82 37.22 35.51
CA GLU B 172 19.51 36.90 36.90
C GLU B 172 19.99 35.52 37.36
N GLY B 173 20.66 34.80 36.48
CA GLY B 173 21.19 33.49 36.84
C GLY B 173 20.27 32.29 36.82
N PHE B 174 19.29 32.28 35.94
CA PHE B 174 18.37 31.17 35.84
C PHE B 174 18.93 30.15 34.86
N ILE B 175 19.65 30.65 33.85
CA ILE B 175 20.33 29.80 32.88
C ILE B 175 21.64 30.51 32.53
N PRO B 176 22.68 29.75 32.16
CA PRO B 176 23.98 30.32 31.80
C PRO B 176 23.90 31.32 30.67
N ASP B 177 24.75 32.35 30.69
CA ASP B 177 24.76 33.37 29.66
C ASP B 177 25.07 32.79 28.29
N GLU B 178 25.88 31.73 28.27
CA GLU B 178 26.24 31.13 26.99
C GLU B 178 25.36 29.94 26.56
N PHE B 179 24.36 29.59 27.38
CA PHE B 179 23.46 28.49 27.02
C PHE B 179 22.58 28.97 25.87
N PRO B 180 22.61 28.25 24.73
CA PRO B 180 21.83 28.61 23.54
C PRO B 180 20.31 28.60 23.73
N VAL B 181 19.68 29.75 23.52
CA VAL B 181 18.25 29.87 23.64
C VAL B 181 17.71 30.73 22.50
N PRO B 182 17.66 30.17 21.27
CA PRO B 182 17.14 30.93 20.14
C PRO B 182 15.64 31.10 20.32
N PHE B 183 15.07 32.18 19.78
CA PHE B 183 13.63 32.37 19.94
C PHE B 183 13.01 32.89 18.66
N ALA B 184 11.68 32.76 18.59
CA ALA B 184 10.90 33.24 17.46
C ALA B 184 9.46 33.47 17.90
N HIS B 185 8.96 34.65 17.62
CA HIS B 185 7.59 34.99 17.94
C HIS B 185 6.77 34.24 16.90
N THR B 186 5.89 33.33 17.33
CA THR B 186 5.09 32.54 16.40
C THR B 186 3.58 32.69 16.68
N PRO B 187 2.98 33.81 16.24
CA PRO B 187 1.56 34.07 16.45
C PRO B 187 0.57 33.11 15.74
N SER B 188 -0.30 32.44 16.49
CA SER B 188 -1.31 31.53 15.94
C SER B 188 -2.17 32.16 14.89
N PHE B 189 -2.48 33.43 15.12
CA PHE B 189 -3.36 34.19 14.24
C PHE B 189 -2.72 34.74 12.96
N VAL B 190 -1.51 34.30 12.65
CA VAL B 190 -0.81 34.70 11.43
C VAL B 190 -0.37 33.42 10.73
N GLY B 191 -0.55 33.37 9.42
CA GLY B 191 -0.16 32.20 8.66
C GLY B 191 -0.69 30.87 9.18
N SER B 192 0.17 29.86 9.20
CA SER B 192 -0.19 28.52 9.65
C SER B 192 1.05 27.84 10.25
N HIS B 193 0.96 26.53 10.46
CA HIS B 193 2.07 25.77 11.05
C HIS B 193 3.39 25.89 10.28
N VAL B 194 3.29 26.04 8.96
CA VAL B 194 4.48 26.17 8.12
C VAL B 194 5.21 27.50 8.39
N THR B 195 4.44 28.56 8.64
CA THR B 195 5.00 29.87 8.93
C THR B 195 5.76 29.76 10.25
N GLY B 196 5.27 28.90 11.14
CA GLY B 196 5.91 28.70 12.42
C GLY B 196 7.30 28.07 12.26
N TRP B 197 7.42 27.18 11.28
CA TRP B 197 8.68 26.50 10.99
C TRP B 197 9.71 27.53 10.47
N ASP B 198 9.27 28.36 9.53
CA ASP B 198 10.09 29.40 8.90
C ASP B 198 10.62 30.41 9.95
N ASN B 199 9.74 30.83 10.85
CA ASN B 199 10.07 31.79 11.91
C ASN B 199 11.07 31.23 12.91
N MET B 200 10.88 29.96 13.24
CA MET B 200 11.74 29.26 14.19
C MET B 200 13.12 28.98 13.57
N PHE B 201 13.14 28.53 12.32
CA PHE B 201 14.42 28.23 11.65
C PHE B 201 15.25 29.48 11.51
N GLU B 202 14.59 30.55 11.08
CA GLU B 202 15.24 31.83 10.91
C GLU B 202 15.72 32.31 12.29
N GLY B 203 14.93 32.07 13.32
CA GLY B 203 15.31 32.49 14.66
C GLY B 203 16.56 31.81 15.19
N ILE B 204 16.74 30.55 14.78
CA ILE B 204 17.91 29.77 15.19
C ILE B 204 19.12 30.17 14.33
N ALA B 205 18.88 30.34 13.04
CA ALA B 205 19.92 30.75 12.10
C ALA B 205 20.51 32.07 12.60
N ARG B 206 19.62 33.00 12.93
CA ARG B 206 19.98 34.30 13.45
C ARG B 206 20.86 34.16 14.68
N TYR B 207 20.34 33.39 15.62
CA TYR B 207 21.03 33.17 16.88
C TYR B 207 22.48 32.71 16.73
N PHE B 208 22.70 31.77 15.83
CA PHE B 208 24.05 31.24 15.66
C PHE B 208 24.99 31.92 14.68
N THR B 209 24.46 32.81 13.84
CA THR B 209 25.29 33.46 12.83
C THR B 209 25.33 34.98 12.72
N LEU B 210 24.28 35.67 13.15
CA LEU B 210 24.20 37.13 13.05
C LEU B 210 25.40 37.94 13.55
N LYS B 211 25.88 37.60 14.74
CA LYS B 211 27.00 38.30 15.33
C LYS B 211 28.35 37.93 14.74
N SER B 212 28.46 36.66 14.36
CA SER B 212 29.69 36.08 13.82
C SER B 212 30.04 36.21 12.34
N MET B 213 29.29 37.01 11.59
CA MET B 213 29.54 37.13 10.17
C MET B 213 30.88 37.63 9.65
N ASP B 214 31.67 38.34 10.47
CA ASP B 214 32.94 38.89 10.00
C ASP B 214 34.04 37.93 9.53
N ASP B 215 34.11 36.72 10.10
CA ASP B 215 35.14 35.75 9.73
C ASP B 215 34.67 34.66 8.76
N LYS B 216 33.48 34.85 8.20
CA LYS B 216 32.90 33.91 7.27
C LYS B 216 33.23 34.17 5.81
N VAL B 217 33.60 33.10 5.09
CA VAL B 217 33.93 33.19 3.68
C VAL B 217 33.02 32.21 2.95
N VAL B 218 32.27 32.68 1.96
CA VAL B 218 31.36 31.81 1.23
C VAL B 218 32.05 30.76 0.36
N GLY B 219 31.68 29.50 0.60
CA GLY B 219 32.24 28.37 -0.14
C GLY B 219 33.50 27.78 0.46
N SER B 220 33.89 28.26 1.64
CA SER B 220 35.12 27.79 2.30
C SER B 220 35.08 26.41 2.96
N ASN B 221 33.87 25.93 3.32
CA ASN B 221 33.76 24.59 3.91
C ASN B 221 33.34 23.60 2.84
N LYS B 222 33.05 24.12 1.64
CA LYS B 222 32.66 23.37 0.46
C LYS B 222 31.45 22.44 0.56
N LYS B 223 30.45 22.91 1.29
CA LYS B 223 29.22 22.16 1.48
C LYS B 223 28.04 22.99 0.98
N ILE B 224 26.88 22.34 0.85
CA ILE B 224 25.67 23.04 0.44
C ILE B 224 24.75 22.85 1.63
N ASN B 225 24.13 23.92 2.10
CA ASN B 225 23.20 23.80 3.21
C ASN B 225 21.90 23.35 2.59
N ILE B 226 21.12 22.55 3.31
CA ILE B 226 19.81 22.13 2.82
C ILE B 226 18.83 22.42 3.94
N VAL B 227 17.84 23.26 3.65
CA VAL B 227 16.82 23.62 4.63
C VAL B 227 15.54 22.93 4.16
N PRO B 228 15.10 21.89 4.88
CA PRO B 228 13.90 21.12 4.53
C PRO B 228 12.48 21.69 4.68
N GLY B 229 12.24 22.51 5.71
CA GLY B 229 10.92 23.06 5.91
C GLY B 229 10.08 22.07 6.70
N PHE B 230 8.78 22.36 6.82
CA PHE B 230 7.84 21.51 7.57
C PHE B 230 7.71 20.16 6.85
N GLU B 231 8.41 19.14 7.34
CA GLU B 231 8.39 17.81 6.73
C GLU B 231 8.04 16.69 7.71
N THR B 232 6.99 15.94 7.39
CA THR B 232 6.51 14.86 8.25
C THR B 232 6.67 13.44 7.70
N TYR B 233 7.36 13.33 6.57
CA TYR B 233 7.64 12.04 5.96
C TYR B 233 9.12 11.79 6.22
N LEU B 234 9.41 10.77 7.01
CA LEU B 234 10.79 10.45 7.36
C LEU B 234 11.64 10.13 6.14
N GLY B 235 11.02 9.51 5.14
CA GLY B 235 11.73 9.14 3.92
C GLY B 235 12.26 10.29 3.09
N ASN B 236 11.73 11.49 3.34
CA ASN B 236 12.13 12.69 2.62
C ASN B 236 13.46 13.23 3.14
N PHE B 237 13.73 13.02 4.41
CA PHE B 237 14.99 13.46 4.99
C PHE B 237 16.00 12.47 4.43
N ARG B 238 15.63 11.20 4.52
CA ARG B 238 16.48 10.10 4.04
C ARG B 238 16.83 10.12 2.55
N VAL B 239 15.87 10.41 1.67
CA VAL B 239 16.20 10.39 0.24
C VAL B 239 17.12 11.51 -0.22
N ILE B 240 16.99 12.67 0.40
CA ILE B 240 17.82 13.82 0.07
C ILE B 240 19.25 13.55 0.57
N LYS B 241 19.38 13.02 1.78
CA LYS B 241 20.69 12.72 2.33
C LYS B 241 21.38 11.63 1.51
N ARG B 242 20.57 10.70 1.02
CA ARG B 242 21.05 9.58 0.22
C ARG B 242 21.54 10.09 -1.15
N MET B 243 20.70 10.84 -1.87
CA MET B 243 21.09 11.33 -3.18
C MET B 243 22.32 12.22 -3.20
N LEU B 244 22.49 13.03 -2.16
CA LEU B 244 23.65 13.89 -2.10
C LEU B 244 24.92 13.06 -1.81
N SER B 245 24.82 12.07 -0.91
CA SER B 245 25.98 11.23 -0.58
C SER B 245 26.40 10.37 -1.77
N GLU B 246 25.40 10.03 -2.57
CA GLU B 246 25.54 9.21 -3.76
C GLU B 246 26.35 10.00 -4.82
N MET B 247 26.20 11.33 -4.77
CA MET B 247 26.86 12.25 -5.69
C MET B 247 28.22 12.70 -5.17
N GLY B 248 28.48 12.45 -3.89
CA GLY B 248 29.75 12.85 -3.31
C GLY B 248 29.73 14.32 -2.93
N VAL B 249 28.50 14.84 -2.81
CA VAL B 249 28.24 16.24 -2.46
C VAL B 249 28.31 16.45 -0.95
N GLY B 250 29.17 17.36 -0.52
CA GLY B 250 29.28 17.65 0.88
C GLY B 250 28.08 18.53 1.16
N TYR B 251 27.33 18.19 2.20
CA TYR B 251 26.15 18.96 2.55
C TYR B 251 25.99 19.05 4.04
N SER B 252 25.06 19.88 4.47
CA SER B 252 24.75 20.04 5.87
C SER B 252 23.24 20.24 5.82
N LEU B 253 22.49 19.37 6.49
CA LEU B 253 21.04 19.47 6.51
C LEU B 253 20.67 20.20 7.80
N LEU B 254 20.09 21.37 7.63
CA LEU B 254 19.71 22.24 8.72
C LEU B 254 18.25 22.01 9.13
N SER B 255 18.14 21.33 10.28
CA SER B 255 16.93 20.87 10.97
C SER B 255 16.68 19.47 10.41
N ASP B 256 17.13 18.45 11.14
CA ASP B 256 17.02 17.03 10.74
C ASP B 256 16.47 16.20 11.92
N PRO B 257 15.13 16.02 11.98
CA PRO B 257 14.48 15.26 13.06
C PRO B 257 14.25 13.78 12.80
N GLU B 258 14.89 13.28 11.76
CA GLU B 258 14.78 11.90 11.31
C GLU B 258 15.12 10.84 12.37
N GLU B 259 16.08 11.13 13.24
CA GLU B 259 16.48 10.20 14.28
C GLU B 259 15.58 10.25 15.52
N VAL B 260 15.21 11.44 15.98
CA VAL B 260 14.35 11.55 17.18
C VAL B 260 12.98 11.00 16.92
N LEU B 261 12.52 11.21 15.70
CA LEU B 261 11.19 10.78 15.30
C LEU B 261 11.18 9.31 14.85
N ASP B 262 12.28 8.61 15.12
CA ASP B 262 12.39 7.20 14.73
C ASP B 262 13.43 6.41 15.55
N THR B 263 13.36 6.51 16.87
CA THR B 263 14.30 5.80 17.71
C THR B 263 13.89 4.33 17.81
N PRO B 264 14.85 3.44 18.14
CA PRO B 264 14.54 2.01 18.27
C PRO B 264 13.91 1.58 19.60
N ALA B 265 13.03 0.58 19.54
CA ALA B 265 12.39 0.03 20.74
C ALA B 265 13.31 -1.12 21.06
N ASP B 266 14.30 -0.78 21.85
CA ASP B 266 15.35 -1.70 22.24
C ASP B 266 15.44 -1.85 23.74
N GLY B 267 14.53 -1.22 24.48
CA GLY B 267 14.58 -1.34 25.93
C GLY B 267 14.79 -0.02 26.61
N GLN B 268 15.21 0.98 25.84
CA GLN B 268 15.40 2.29 26.43
C GLN B 268 14.77 3.40 25.62
N PHE B 269 14.34 4.41 26.35
CA PHE B 269 13.71 5.60 25.79
C PHE B 269 14.80 6.64 25.64
N ARG B 270 14.89 7.21 24.44
CA ARG B 270 15.84 8.26 24.14
C ARG B 270 15.02 9.48 23.80
N MET B 271 15.12 10.50 24.64
CA MET B 271 14.37 11.74 24.46
C MET B 271 14.93 12.51 23.26
N TYR B 272 16.25 12.45 23.11
CA TYR B 272 16.95 13.12 22.02
C TYR B 272 17.72 12.09 21.19
N ALA B 273 17.80 12.29 19.89
CA ALA B 273 18.56 11.42 18.99
C ALA B 273 18.91 12.22 17.75
N GLY B 274 20.18 12.14 17.36
CA GLY B 274 20.67 12.84 16.18
C GLY B 274 20.43 14.33 16.10
N GLY B 275 20.19 14.82 14.88
CA GLY B 275 19.93 16.24 14.69
C GLY B 275 21.10 17.09 14.22
N THR B 276 20.77 18.28 13.72
CA THR B 276 21.74 19.23 13.22
C THR B 276 22.45 19.77 14.44
N THR B 277 23.77 19.65 14.43
CA THR B 277 24.58 20.11 15.56
C THR B 277 24.64 21.64 15.61
N GLN B 278 25.08 22.15 16.74
CA GLN B 278 25.18 23.60 16.92
C GLN B 278 26.28 24.13 16.01
N GLU B 279 27.33 23.35 15.87
CA GLU B 279 28.46 23.73 15.04
C GLU B 279 28.07 23.74 13.56
N GLU B 280 27.16 22.87 13.15
CA GLU B 280 26.73 22.85 11.75
C GLU B 280 25.94 24.12 11.42
N MET B 281 25.31 24.70 12.43
CA MET B 281 24.53 25.92 12.23
C MET B 281 25.46 27.12 12.27
N LYS B 282 26.46 27.08 13.15
CA LYS B 282 27.45 28.16 13.30
C LYS B 282 28.33 28.29 12.05
N ASP B 283 28.68 27.14 11.47
CA ASP B 283 29.52 27.04 10.27
C ASP B 283 28.71 27.19 8.98
N ALA B 284 27.40 27.31 9.10
CA ALA B 284 26.52 27.42 7.92
C ALA B 284 26.77 28.54 6.89
N PRO B 285 27.21 29.74 7.33
CA PRO B 285 27.44 30.81 6.35
C PRO B 285 28.66 30.57 5.43
N ASN B 286 29.48 29.59 5.80
CA ASN B 286 30.71 29.23 5.05
C ASN B 286 30.42 28.30 3.87
N ALA B 287 29.18 27.87 3.76
CA ALA B 287 28.77 26.97 2.68
C ALA B 287 28.82 27.64 1.31
N LEU B 288 28.87 26.82 0.26
CA LEU B 288 28.91 27.33 -1.10
C LEU B 288 27.61 28.08 -1.38
N ASN B 289 26.50 27.52 -0.94
CA ASN B 289 25.16 28.09 -1.18
C ASN B 289 24.14 27.40 -0.24
N THR B 290 22.86 27.73 -0.37
CA THR B 290 21.84 27.14 0.49
C THR B 290 20.58 26.85 -0.34
N VAL B 291 20.16 25.58 -0.30
CA VAL B 291 18.99 25.14 -1.04
C VAL B 291 17.82 24.96 -0.09
N LEU B 292 16.72 25.64 -0.39
CA LEU B 292 15.52 25.55 0.42
C LEU B 292 14.64 24.58 -0.34
N LEU B 293 14.29 23.46 0.28
CA LEU B 293 13.45 22.44 -0.34
C LEU B 293 11.99 22.82 -0.46
N GLN B 294 11.52 23.67 0.43
CA GLN B 294 10.11 24.10 0.41
C GLN B 294 10.10 25.60 0.46
N PRO B 295 10.53 26.25 -0.64
CA PRO B 295 10.61 27.70 -0.79
C PRO B 295 9.38 28.57 -0.49
N TRP B 296 8.18 28.07 -0.74
CA TRP B 296 6.95 28.83 -0.51
C TRP B 296 6.59 29.04 0.94
N HIS B 297 7.34 28.44 1.85
CA HIS B 297 7.07 28.67 3.26
C HIS B 297 8.39 28.86 4.00
N LEU B 298 9.43 29.17 3.22
CA LEU B 298 10.76 29.43 3.77
C LEU B 298 11.22 30.81 3.29
N GLU B 299 10.28 31.74 3.23
CA GLU B 299 10.54 33.10 2.76
C GLU B 299 11.34 34.01 3.68
N LYS B 300 11.11 33.90 4.99
CA LYS B 300 11.81 34.70 5.98
C LYS B 300 13.22 34.16 6.12
N THR B 301 13.35 32.84 5.97
CA THR B 301 14.63 32.16 6.06
C THR B 301 15.47 32.59 4.84
N LYS B 302 14.84 32.58 3.65
CA LYS B 302 15.53 32.98 2.43
C LYS B 302 16.08 34.39 2.56
N LYS B 303 15.28 35.29 3.11
CA LYS B 303 15.71 36.66 3.27
C LYS B 303 16.89 36.80 4.23
N PHE B 304 16.98 35.94 5.24
CA PHE B 304 18.09 36.00 6.18
C PHE B 304 19.34 35.35 5.56
N VAL B 305 19.12 34.32 4.77
CA VAL B 305 20.23 33.62 4.11
C VAL B 305 20.84 34.50 3.02
N GLU B 306 19.99 35.15 2.21
CA GLU B 306 20.48 36.04 1.16
C GLU B 306 21.01 37.33 1.77
N GLY B 307 20.25 37.87 2.71
CA GLY B 307 20.62 39.11 3.36
C GLY B 307 21.87 39.08 4.21
N THR B 308 21.92 38.14 5.15
CA THR B 308 23.04 38.02 6.07
C THR B 308 24.14 37.05 5.61
N TRP B 309 23.79 35.81 5.28
CA TRP B 309 24.82 34.86 4.83
C TRP B 309 25.41 35.18 3.47
N LYS B 310 24.72 36.03 2.71
CA LYS B 310 25.16 36.43 1.38
C LYS B 310 25.20 35.28 0.36
N HIS B 311 24.39 34.24 0.57
CA HIS B 311 24.29 33.11 -0.35
C HIS B 311 23.29 33.41 -1.45
N GLU B 312 23.57 32.96 -2.67
CA GLU B 312 22.66 33.16 -3.80
C GLU B 312 21.75 31.94 -3.89
N VAL B 313 20.73 31.90 -3.05
CA VAL B 313 19.78 30.78 -3.04
C VAL B 313 19.17 30.59 -4.43
N PRO B 314 19.26 29.37 -4.98
CA PRO B 314 18.73 29.02 -6.30
C PRO B 314 17.22 28.99 -6.43
N LYS B 315 16.67 29.47 -7.55
CA LYS B 315 15.23 29.40 -7.70
C LYS B 315 14.97 28.01 -8.19
N LEU B 316 14.57 27.25 -7.20
CA LEU B 316 14.31 25.84 -7.33
C LEU B 316 12.99 25.57 -6.63
N ASN B 317 12.23 24.66 -7.23
CA ASN B 317 10.96 24.25 -6.69
C ASN B 317 11.27 23.04 -5.84
N ILE B 318 10.23 22.52 -5.21
CA ILE B 318 10.37 21.34 -4.38
C ILE B 318 10.77 20.19 -5.32
N PRO B 319 11.70 19.30 -4.90
CA PRO B 319 12.09 18.19 -5.77
C PRO B 319 11.11 17.02 -5.70
N MET B 320 9.97 17.20 -6.34
CA MET B 320 8.90 16.20 -6.41
C MET B 320 8.63 16.00 -7.89
N GLY B 321 8.49 14.75 -8.30
CA GLY B 321 8.22 14.49 -9.70
C GLY B 321 9.52 14.43 -10.46
N LEU B 322 9.39 14.11 -11.74
CA LEU B 322 10.55 13.97 -12.62
C LEU B 322 11.34 15.25 -12.94
N ASP B 323 10.69 16.27 -13.50
CA ASP B 323 11.38 17.53 -13.84
C ASP B 323 12.05 18.24 -12.67
N TRP B 324 11.31 18.46 -11.60
CA TRP B 324 11.87 19.14 -10.45
C TRP B 324 12.94 18.34 -9.72
N THR B 325 12.96 17.02 -9.88
CA THR B 325 14.03 16.27 -9.24
C THR B 325 15.27 16.42 -10.13
N ASP B 326 15.06 16.42 -11.46
CA ASP B 326 16.17 16.61 -12.42
C ASP B 326 16.82 17.98 -12.17
N GLU B 327 15.98 19.02 -12.04
CA GLU B 327 16.42 20.40 -11.81
C GLU B 327 17.21 20.51 -10.51
N PHE B 328 16.75 19.81 -9.48
CA PHE B 328 17.39 19.84 -8.17
C PHE B 328 18.78 19.20 -8.28
N LEU B 329 18.86 18.03 -8.87
CA LEU B 329 20.14 17.33 -9.00
C LEU B 329 21.15 18.10 -9.85
N MET B 330 20.70 18.72 -10.94
CA MET B 330 21.61 19.46 -11.80
C MET B 330 22.07 20.77 -11.17
N LYS B 331 21.26 21.33 -10.28
CA LYS B 331 21.63 22.57 -9.61
C LYS B 331 22.65 22.22 -8.54
N VAL B 332 22.41 21.10 -7.88
CA VAL B 332 23.29 20.62 -6.83
C VAL B 332 24.62 20.24 -7.49
N SER B 333 24.55 19.72 -8.71
CA SER B 333 25.73 19.32 -9.48
C SER B 333 26.57 20.56 -9.84
N GLU B 334 25.87 21.58 -10.28
CA GLU B 334 26.43 22.87 -10.71
C GLU B 334 27.17 23.53 -9.55
N ILE B 335 26.48 23.69 -8.44
CA ILE B 335 27.02 24.31 -7.23
C ILE B 335 28.20 23.58 -6.58
N SER B 336 28.11 22.26 -6.46
CA SER B 336 29.18 21.48 -5.83
C SER B 336 30.33 21.08 -6.76
N GLY B 337 30.05 20.99 -8.05
CA GLY B 337 31.07 20.61 -9.00
C GLY B 337 31.10 19.10 -9.16
N GLN B 338 30.15 18.41 -8.52
CA GLN B 338 30.06 16.97 -8.60
C GLN B 338 29.07 16.60 -9.70
N PRO B 339 29.44 15.66 -10.59
CA PRO B 339 28.55 15.25 -11.68
C PRO B 339 27.49 14.27 -11.17
N ILE B 340 26.34 14.22 -11.85
CA ILE B 340 25.26 13.30 -11.48
C ILE B 340 25.68 11.90 -11.90
N PRO B 341 25.91 11.03 -10.90
CA PRO B 341 26.34 9.65 -11.10
C PRO B 341 25.40 8.66 -11.80
N ALA B 342 26.03 7.60 -12.31
CA ALA B 342 25.38 6.52 -13.03
C ALA B 342 24.19 5.93 -12.27
N SER B 343 24.31 5.89 -10.94
CA SER B 343 23.27 5.33 -10.08
C SER B 343 21.97 6.15 -10.13
N LEU B 344 22.11 7.47 -10.09
CA LEU B 344 20.96 8.35 -10.14
C LEU B 344 20.38 8.40 -11.55
N THR B 345 21.26 8.31 -12.54
CA THR B 345 20.84 8.35 -13.93
C THR B 345 19.95 7.13 -14.19
N LYS B 346 20.38 5.98 -13.69
CA LYS B 346 19.63 4.74 -13.85
C LYS B 346 18.29 4.77 -13.09
N GLU B 347 18.32 5.39 -11.91
CA GLU B 347 17.13 5.51 -11.07
C GLU B 347 16.09 6.34 -11.79
N ARG B 348 16.55 7.38 -12.48
CA ARG B 348 15.65 8.25 -13.22
C ARG B 348 14.95 7.47 -14.34
N GLY B 349 15.71 6.64 -15.05
CA GLY B 349 15.14 5.85 -16.13
C GLY B 349 14.18 4.79 -15.67
N ARG B 350 14.32 4.39 -14.42
CA ARG B 350 13.46 3.37 -13.84
C ARG B 350 12.12 3.95 -13.46
N LEU B 351 12.10 5.25 -13.16
CA LEU B 351 10.87 5.94 -12.82
C LEU B 351 10.16 6.18 -14.17
N VAL B 352 10.92 6.53 -15.20
CA VAL B 352 10.34 6.76 -16.52
C VAL B 352 9.78 5.43 -17.03
N ASP B 353 10.47 4.34 -16.71
CA ASP B 353 10.05 2.99 -17.10
C ASP B 353 8.68 2.73 -16.45
N MET B 354 8.60 2.96 -15.15
CA MET B 354 7.37 2.76 -14.41
C MET B 354 6.22 3.58 -15.00
N MET B 355 6.55 4.78 -15.46
CA MET B 355 5.57 5.69 -16.06
C MET B 355 5.04 5.15 -17.38
N THR B 356 5.93 4.56 -18.17
CA THR B 356 5.52 4.00 -19.46
C THR B 356 4.71 2.71 -19.27
N ASP B 357 4.96 1.98 -18.18
CA ASP B 357 4.23 0.73 -17.89
C ASP B 357 2.80 1.03 -17.41
N SER B 358 2.68 2.06 -16.60
CA SER B 358 1.39 2.40 -15.98
C SER B 358 0.52 3.52 -16.53
N HIS B 359 1.01 4.22 -17.54
CA HIS B 359 0.31 5.35 -18.11
C HIS B 359 -1.14 5.12 -18.58
N THR B 360 -1.42 3.89 -19.01
CA THR B 360 -2.71 3.47 -19.48
C THR B 360 -3.80 3.67 -18.43
N TRP B 361 -3.50 3.31 -17.20
CA TRP B 361 -4.47 3.47 -16.12
C TRP B 361 -4.50 4.85 -15.51
N LEU B 362 -3.41 5.58 -15.64
CA LEU B 362 -3.30 6.92 -15.06
C LEU B 362 -3.86 8.04 -15.92
N HIS B 363 -3.92 7.80 -17.22
CA HIS B 363 -4.40 8.80 -18.18
C HIS B 363 -5.80 9.32 -17.99
N GLY B 364 -5.90 10.66 -17.89
CA GLY B 364 -7.18 11.31 -17.74
C GLY B 364 -7.88 11.10 -16.41
N LYS B 365 -7.16 10.54 -15.44
CA LYS B 365 -7.73 10.32 -14.13
C LYS B 365 -7.82 11.66 -13.42
N ARG B 366 -8.99 11.93 -12.89
CA ARG B 366 -9.27 13.19 -12.22
C ARG B 366 -9.11 13.14 -10.70
N PHE B 367 -8.39 14.13 -10.18
CA PHE B 367 -8.10 14.22 -8.75
C PHE B 367 -8.42 15.54 -8.03
N ALA B 368 -8.88 15.38 -6.78
CA ALA B 368 -9.14 16.51 -5.91
C ALA B 368 -7.94 16.31 -4.98
N LEU B 369 -7.30 17.39 -4.57
CA LEU B 369 -6.15 17.27 -3.68
C LEU B 369 -5.97 18.50 -2.81
N TRP B 370 -5.26 18.34 -1.70
CA TRP B 370 -4.99 19.45 -0.79
C TRP B 370 -3.74 19.15 0.03
N GLY B 371 -3.29 20.15 0.81
CA GLY B 371 -2.09 20.04 1.62
C GLY B 371 -1.40 21.39 1.82
N ASP B 372 -0.10 21.39 2.12
CA ASP B 372 0.64 22.65 2.28
C ASP B 372 1.05 23.07 0.87
N PRO B 373 1.24 24.37 0.62
CA PRO B 373 1.62 24.88 -0.71
C PRO B 373 2.72 24.19 -1.56
N ASP B 374 3.84 23.80 -0.96
CA ASP B 374 4.91 23.18 -1.72
C ASP B 374 4.56 21.75 -2.15
N PHE B 375 4.06 20.99 -1.18
CA PHE B 375 3.68 19.60 -1.37
C PHE B 375 2.61 19.47 -2.47
N VAL B 376 1.58 20.29 -2.34
CA VAL B 376 0.44 20.29 -3.25
C VAL B 376 0.80 20.79 -4.67
N MET B 377 1.85 21.58 -4.75
CA MET B 377 2.35 22.16 -6.00
C MET B 377 3.23 21.12 -6.74
N GLY B 378 4.01 20.39 -5.96
CA GLY B 378 4.86 19.37 -6.55
C GLY B 378 3.99 18.20 -6.99
N LEU B 379 2.92 17.96 -6.23
CA LEU B 379 1.98 16.88 -6.52
C LEU B 379 1.22 17.17 -7.83
N VAL B 380 0.84 18.42 -8.02
CA VAL B 380 0.12 18.87 -9.21
C VAL B 380 1.03 18.62 -10.39
N LYS B 381 2.26 19.09 -10.25
CA LYS B 381 3.21 18.93 -11.33
C LYS B 381 3.42 17.46 -11.72
N PHE B 382 3.55 16.59 -10.72
CA PHE B 382 3.78 15.18 -11.01
C PHE B 382 2.59 14.55 -11.72
N LEU B 383 1.42 14.79 -11.15
CA LEU B 383 0.15 14.29 -11.68
C LEU B 383 0.07 14.65 -13.15
N LEU B 384 0.49 15.87 -13.43
CA LEU B 384 0.49 16.43 -14.78
C LEU B 384 1.48 15.70 -15.71
N GLU B 385 2.59 15.21 -15.15
CA GLU B 385 3.62 14.48 -15.92
C GLU B 385 3.15 13.07 -16.22
N LEU B 386 2.19 12.63 -15.43
CA LEU B 386 1.60 11.29 -15.54
C LEU B 386 0.40 11.26 -16.48
N GLY B 387 -0.07 12.42 -16.92
CA GLY B 387 -1.23 12.45 -17.80
C GLY B 387 -2.53 12.52 -17.02
N CYS B 388 -2.45 12.88 -15.74
CA CYS B 388 -3.62 12.98 -14.90
C CYS B 388 -4.15 14.42 -14.82
N GLU B 389 -5.42 14.60 -14.46
CA GLU B 389 -6.04 15.93 -14.34
C GLU B 389 -6.30 16.32 -12.88
N PRO B 390 -5.52 17.26 -12.32
CA PRO B 390 -5.73 17.69 -10.94
C PRO B 390 -6.82 18.76 -10.84
N VAL B 391 -8.05 18.31 -11.12
CA VAL B 391 -9.26 19.13 -11.14
C VAL B 391 -9.46 20.13 -9.99
N HIS B 392 -9.41 19.67 -8.74
CA HIS B 392 -9.56 20.58 -7.60
C HIS B 392 -8.29 20.65 -6.78
N ILE B 393 -7.68 21.83 -6.74
CA ILE B 393 -6.44 22.02 -6.00
C ILE B 393 -6.71 23.00 -4.86
N LEU B 394 -6.62 22.49 -3.63
CA LEU B 394 -6.90 23.30 -2.45
C LEU B 394 -5.74 23.44 -1.49
N CYS B 395 -5.45 24.68 -1.14
CA CYS B 395 -4.36 24.99 -0.23
C CYS B 395 -4.90 26.09 0.66
N HIS B 396 -5.48 25.69 1.78
CA HIS B 396 -6.07 26.57 2.76
C HIS B 396 -5.12 27.68 3.18
N ASN B 397 -3.87 27.30 3.38
CA ASN B 397 -2.84 28.24 3.82
C ASN B 397 -2.00 28.85 2.70
N GLY B 398 -2.48 28.71 1.47
CA GLY B 398 -1.74 29.27 0.34
C GLY B 398 -2.02 30.76 0.17
N ASN B 399 -1.15 31.49 -0.53
CA ASN B 399 -1.37 32.91 -0.75
C ASN B 399 -1.59 33.17 -2.24
N LYS B 400 -1.81 34.44 -2.60
CA LYS B 400 -2.06 34.83 -3.99
C LYS B 400 -0.92 34.58 -4.97
N ARG B 401 0.32 34.78 -4.55
CA ARG B 401 1.43 34.56 -5.47
C ARG B 401 1.58 33.08 -5.76
N TRP B 402 1.29 32.26 -4.76
CA TRP B 402 1.37 30.82 -4.90
C TRP B 402 0.35 30.36 -5.94
N LYS B 403 -0.89 30.85 -5.81
CA LYS B 403 -1.96 30.49 -6.75
C LYS B 403 -1.58 30.84 -8.22
N LYS B 404 -0.84 31.94 -8.38
CA LYS B 404 -0.38 32.41 -9.69
C LYS B 404 0.63 31.42 -10.26
N ALA B 405 1.57 31.04 -9.41
CA ALA B 405 2.61 30.09 -9.78
C ALA B 405 2.04 28.75 -10.22
N VAL B 406 1.08 28.23 -9.45
CA VAL B 406 0.45 26.95 -9.77
C VAL B 406 -0.49 27.08 -10.97
N ASP B 407 -1.04 28.27 -11.21
CA ASP B 407 -1.89 28.44 -12.39
C ASP B 407 -0.99 28.45 -13.62
N ALA B 408 0.23 28.96 -13.44
CA ALA B 408 1.20 29.03 -14.53
C ALA B 408 1.62 27.62 -14.93
N ILE B 409 1.78 26.76 -13.93
CA ILE B 409 2.16 25.36 -14.15
C ILE B 409 1.02 24.65 -14.87
N LEU B 410 -0.21 24.91 -14.44
CA LEU B 410 -1.38 24.30 -15.06
C LEU B 410 -1.55 24.76 -16.50
N ALA B 411 -1.16 26.01 -16.78
CA ALA B 411 -1.27 26.60 -18.10
C ALA B 411 -0.31 25.95 -19.09
N ALA B 412 0.83 25.49 -18.57
CA ALA B 412 1.87 24.86 -19.38
C ALA B 412 1.54 23.45 -19.87
N SER B 413 0.43 22.88 -19.43
CA SER B 413 0.07 21.52 -19.85
C SER B 413 -1.42 21.36 -20.13
N PRO B 414 -1.77 20.52 -21.11
CA PRO B 414 -3.15 20.24 -21.49
C PRO B 414 -3.94 19.51 -20.40
N TYR B 415 -3.23 18.97 -19.43
CA TYR B 415 -3.86 18.22 -18.34
C TYR B 415 -4.32 19.08 -17.17
N GLY B 416 -3.95 20.36 -17.22
CA GLY B 416 -4.35 21.28 -16.17
C GLY B 416 -5.38 22.27 -16.67
N LYS B 417 -6.18 21.86 -17.65
CA LYS B 417 -7.17 22.76 -18.20
C LYS B 417 -8.58 22.68 -17.60
N ASN B 418 -8.83 21.64 -16.82
CA ASN B 418 -10.11 21.50 -16.15
C ASN B 418 -9.85 21.75 -14.67
N ALA B 419 -8.66 22.31 -14.39
CA ALA B 419 -8.19 22.59 -13.04
C ALA B 419 -8.36 24.01 -12.51
N THR B 420 -8.72 24.11 -11.23
CA THR B 420 -8.89 25.39 -10.54
C THR B 420 -8.21 25.29 -9.19
N VAL B 421 -7.56 26.37 -8.81
CA VAL B 421 -6.84 26.45 -7.54
C VAL B 421 -7.65 27.27 -6.56
N TYR B 422 -7.76 26.77 -5.33
CA TYR B 422 -8.51 27.45 -4.28
C TYR B 422 -7.62 27.68 -3.06
N ILE B 423 -7.43 28.93 -2.68
CA ILE B 423 -6.64 29.27 -1.51
C ILE B 423 -7.62 29.79 -0.48
N GLY B 424 -7.33 29.60 0.81
CA GLY B 424 -8.24 30.08 1.84
C GLY B 424 -9.55 29.32 1.97
N LYS B 425 -9.68 28.23 1.22
CA LYS B 425 -10.88 27.41 1.26
C LYS B 425 -10.58 26.18 2.10
N ASP B 426 -11.61 25.64 2.73
CA ASP B 426 -11.43 24.48 3.60
C ASP B 426 -12.05 23.19 3.05
N LEU B 427 -12.00 22.10 3.82
CA LEU B 427 -12.52 20.81 3.40
C LEU B 427 -14.04 20.70 3.30
N TRP B 428 -14.74 21.70 3.80
CA TRP B 428 -16.17 21.70 3.70
C TRP B 428 -16.47 22.33 2.33
N HIS B 429 -15.56 23.21 1.88
CA HIS B 429 -15.69 23.83 0.56
C HIS B 429 -15.40 22.73 -0.46
N LEU B 430 -14.37 21.94 -0.19
CA LEU B 430 -13.98 20.85 -1.07
C LEU B 430 -15.01 19.72 -1.06
N ARG B 431 -15.72 19.57 0.05
CA ARG B 431 -16.72 18.53 0.14
C ARG B 431 -17.74 18.76 -0.98
N SER B 432 -18.09 20.03 -1.18
CA SER B 432 -19.03 20.47 -2.21
C SER B 432 -18.49 20.20 -3.62
N LEU B 433 -17.22 20.56 -3.82
CA LEU B 433 -16.54 20.41 -5.10
C LEU B 433 -16.51 18.99 -5.63
N VAL B 434 -16.38 18.01 -4.74
CA VAL B 434 -16.33 16.63 -5.18
C VAL B 434 -17.75 16.09 -5.31
N PHE B 435 -18.73 16.91 -4.97
CA PHE B 435 -20.13 16.52 -5.10
C PHE B 435 -20.68 17.06 -6.41
N THR B 436 -20.33 18.29 -6.70
CA THR B 436 -20.81 18.95 -7.92
C THR B 436 -19.99 18.68 -9.17
N ASP B 437 -18.71 18.42 -8.99
CA ASP B 437 -17.79 18.17 -10.09
C ASP B 437 -16.91 16.99 -9.63
N LYS B 438 -17.55 15.83 -9.54
CA LYS B 438 -16.95 14.60 -9.07
C LYS B 438 -15.68 14.11 -9.79
N PRO B 439 -14.59 13.93 -9.03
CA PRO B 439 -13.34 13.45 -9.58
C PRO B 439 -13.30 11.97 -9.29
N ASP B 440 -12.25 11.28 -9.74
CA ASP B 440 -12.14 9.86 -9.47
C ASP B 440 -11.61 9.57 -8.05
N PHE B 441 -10.59 10.30 -7.61
CA PHE B 441 -10.07 10.12 -6.24
C PHE B 441 -9.67 11.46 -5.63
N MET B 442 -9.41 11.43 -4.32
CA MET B 442 -8.95 12.59 -3.56
C MET B 442 -7.59 12.17 -3.06
N ILE B 443 -6.65 13.09 -3.04
CA ILE B 443 -5.33 12.79 -2.49
C ILE B 443 -5.16 13.80 -1.37
N GLY B 444 -5.28 13.33 -0.14
CA GLY B 444 -5.14 14.23 0.98
C GLY B 444 -4.87 13.48 2.25
N ASN B 445 -5.07 14.15 3.38
CA ASN B 445 -4.82 13.54 4.67
C ASN B 445 -6.04 12.81 5.24
N SER B 446 -5.94 12.43 6.51
CA SER B 446 -7.01 11.69 7.18
C SER B 446 -8.37 12.33 7.32
N TYR B 447 -8.43 13.66 7.27
CA TYR B 447 -9.69 14.37 7.39
C TYR B 447 -10.60 14.13 6.19
N GLY B 448 -10.01 13.71 5.07
CA GLY B 448 -10.79 13.44 3.88
C GLY B 448 -11.54 12.12 3.92
N LYS B 449 -11.41 11.39 5.02
CA LYS B 449 -12.11 10.10 5.12
C LYS B 449 -13.59 10.39 5.37
N PHE B 450 -13.84 11.58 5.90
CA PHE B 450 -15.19 12.03 6.20
C PHE B 450 -15.87 12.52 4.93
N ILE B 451 -15.09 13.06 4.02
CA ILE B 451 -15.66 13.51 2.76
C ILE B 451 -16.04 12.24 2.01
N GLN B 452 -15.19 11.21 2.05
CA GLN B 452 -15.50 9.94 1.36
C GLN B 452 -16.79 9.30 1.90
N ARG B 453 -16.99 9.41 3.21
CA ARG B 453 -18.16 8.88 3.90
C ARG B 453 -19.43 9.58 3.41
N ASP B 454 -19.34 10.91 3.26
CA ASP B 454 -20.46 11.73 2.77
C ASP B 454 -20.82 11.41 1.31
N THR B 455 -19.81 11.25 0.45
CA THR B 455 -20.03 10.94 -0.96
C THR B 455 -20.64 9.55 -1.16
N LEU B 456 -20.30 8.64 -0.25
CA LEU B 456 -20.80 7.26 -0.31
C LEU B 456 -22.25 7.22 0.18
N HIS B 457 -22.61 8.15 1.07
CA HIS B 457 -23.98 8.18 1.57
C HIS B 457 -24.90 8.60 0.43
N LYS B 458 -24.38 9.37 -0.52
CA LYS B 458 -25.22 9.77 -1.63
C LYS B 458 -25.42 8.58 -2.56
N GLY B 459 -24.44 7.68 -2.58
CA GLY B 459 -24.52 6.49 -3.42
C GLY B 459 -23.15 5.92 -3.79
N LYS B 460 -23.08 4.63 -4.14
CA LYS B 460 -21.81 3.99 -4.49
C LYS B 460 -21.11 4.64 -5.69
N GLU B 461 -21.92 5.07 -6.67
CA GLU B 461 -21.42 5.69 -7.90
C GLU B 461 -20.80 7.06 -7.64
N PHE B 462 -21.30 7.72 -6.62
CA PHE B 462 -20.86 9.07 -6.26
C PHE B 462 -19.70 9.07 -5.27
N GLU B 463 -19.34 7.89 -4.78
CA GLU B 463 -18.26 7.75 -3.82
C GLU B 463 -16.91 8.09 -4.44
N VAL B 464 -16.18 8.94 -3.74
CA VAL B 464 -14.86 9.41 -4.14
C VAL B 464 -13.87 8.92 -3.06
N PRO B 465 -13.03 7.92 -3.40
CA PRO B 465 -12.04 7.34 -2.48
C PRO B 465 -10.82 8.20 -2.11
N LEU B 466 -10.39 8.10 -0.85
CA LEU B 466 -9.25 8.84 -0.34
C LEU B 466 -7.95 8.07 -0.48
N ILE B 467 -6.94 8.73 -1.03
CA ILE B 467 -5.60 8.17 -1.18
C ILE B 467 -4.86 9.02 -0.17
N ARG B 468 -4.46 8.38 0.91
CA ARG B 468 -3.79 9.06 2.02
C ARG B 468 -2.35 9.52 1.78
N ILE B 469 -2.18 10.76 1.32
CA ILE B 469 -0.83 11.33 1.13
C ILE B 469 -0.86 12.75 1.70
N GLY B 470 -0.01 13.01 2.67
CA GLY B 470 0.04 14.32 3.32
C GLY B 470 0.19 14.24 4.84
N PHE B 471 -0.28 15.26 5.56
CA PHE B 471 -0.20 15.31 7.01
C PHE B 471 -1.48 15.98 7.51
N PRO B 472 -2.14 15.40 8.52
CA PRO B 472 -1.75 14.19 9.24
C PRO B 472 -2.46 12.89 8.81
N ILE B 473 -1.75 11.77 8.95
CA ILE B 473 -2.33 10.45 8.68
C ILE B 473 -2.40 9.81 10.05
N PHE B 474 -3.62 9.71 10.58
CA PHE B 474 -3.86 9.15 11.90
C PHE B 474 -4.53 7.78 11.87
N ASP B 475 -5.21 7.48 10.76
CA ASP B 475 -5.95 6.24 10.66
C ASP B 475 -5.33 5.05 9.93
N ARG B 476 -4.04 5.18 9.60
CA ARG B 476 -3.28 4.11 8.98
C ARG B 476 -1.99 4.12 9.76
N HIS B 477 -1.27 3.00 9.73
CA HIS B 477 0.00 2.89 10.43
C HIS B 477 1.21 2.90 9.52
N HIS B 478 2.26 3.55 10.03
CA HIS B 478 3.58 3.67 9.41
C HIS B 478 3.75 4.28 8.04
N LEU B 479 2.80 5.12 7.67
CA LEU B 479 2.84 5.80 6.39
C LEU B 479 3.82 6.97 6.50
N HIS B 480 4.11 7.39 7.72
CA HIS B 480 5.03 8.51 7.95
C HIS B 480 6.47 8.11 7.54
N ARG B 481 6.65 6.85 7.18
CA ARG B 481 7.95 6.32 6.76
C ARG B 481 8.15 6.38 5.26
N SER B 482 7.15 6.87 4.56
CA SER B 482 7.21 6.95 3.11
C SER B 482 8.03 8.12 2.58
N THR B 483 8.23 8.11 1.27
CA THR B 483 8.98 9.14 0.59
C THR B 483 8.10 9.76 -0.47
N THR B 484 8.16 11.08 -0.53
CA THR B 484 7.36 11.91 -1.39
C THR B 484 8.31 12.68 -2.34
N LEU B 485 9.53 12.88 -1.86
CA LEU B 485 10.59 13.58 -2.58
C LEU B 485 11.46 12.69 -3.48
N GLY B 486 12.07 13.29 -4.50
CA GLY B 486 12.95 12.56 -5.41
C GLY B 486 12.29 11.57 -6.36
N TYR B 487 13.07 10.75 -7.05
CA TYR B 487 12.52 9.75 -7.98
C TYR B 487 11.92 8.65 -7.11
N GLU B 488 12.61 8.37 -6.00
CA GLU B 488 12.19 7.35 -5.02
C GLU B 488 10.78 7.68 -4.53
N GLY B 489 10.57 8.94 -4.18
CA GLY B 489 9.28 9.38 -3.72
C GLY B 489 8.27 9.34 -4.85
N ALA B 490 8.72 9.66 -6.07
CA ALA B 490 7.85 9.67 -7.25
C ALA B 490 7.40 8.27 -7.64
N MET B 491 8.25 7.29 -7.38
CA MET B 491 7.92 5.90 -7.68
C MET B 491 6.88 5.39 -6.68
N GLN B 492 7.02 5.81 -5.42
CA GLN B 492 6.10 5.42 -4.36
C GLN B 492 4.72 5.99 -4.62
N ILE B 493 4.71 7.26 -4.99
CA ILE B 493 3.48 8.00 -5.27
C ILE B 493 2.78 7.37 -6.47
N LEU B 494 3.54 7.08 -7.52
CA LEU B 494 3.00 6.47 -8.74
C LEU B 494 2.36 5.09 -8.50
N THR B 495 3.02 4.25 -7.69
CA THR B 495 2.50 2.92 -7.41
C THR B 495 1.17 3.01 -6.64
N THR B 496 1.14 3.89 -5.65
CA THR B 496 -0.04 4.11 -4.84
C THR B 496 -1.21 4.58 -5.68
N LEU B 497 -0.94 5.43 -6.66
CA LEU B 497 -2.01 5.91 -7.51
C LEU B 497 -2.53 4.84 -8.48
N VAL B 498 -1.66 4.07 -9.16
CA VAL B 498 -2.22 3.06 -10.07
C VAL B 498 -2.92 1.95 -9.34
N ASN B 499 -2.35 1.58 -8.20
CA ASN B 499 -2.92 0.50 -7.42
C ASN B 499 -4.21 0.91 -6.70
N SER B 500 -4.40 2.21 -6.48
CA SER B 500 -5.63 2.67 -5.85
C SER B 500 -6.70 2.58 -6.94
N ILE B 501 -6.29 2.87 -8.17
CA ILE B 501 -7.14 2.84 -9.36
C ILE B 501 -7.58 1.40 -9.64
N LEU B 502 -6.62 0.50 -9.54
CA LEU B 502 -6.87 -0.92 -9.80
C LEU B 502 -7.67 -1.61 -8.69
N GLU B 503 -7.46 -1.14 -7.47
CA GLU B 503 -8.11 -1.65 -6.28
C GLU B 503 -9.60 -1.31 -6.46
N ARG B 504 -9.85 -0.06 -6.80
CA ARG B 504 -11.19 0.47 -7.03
C ARG B 504 -11.88 -0.24 -8.20
N LEU B 505 -11.13 -0.52 -9.25
CA LEU B 505 -11.69 -1.20 -10.42
C LEU B 505 -12.11 -2.62 -10.03
N ASP B 506 -11.23 -3.33 -9.31
CA ASP B 506 -11.50 -4.69 -8.84
C ASP B 506 -12.74 -4.73 -7.95
N GLU B 507 -12.96 -3.64 -7.22
CA GLU B 507 -14.10 -3.52 -6.32
C GLU B 507 -15.39 -3.38 -7.14
N GLU B 508 -15.34 -2.50 -8.13
CA GLU B 508 -16.49 -2.22 -9.01
C GLU B 508 -16.75 -3.36 -10.00
N THR B 509 -15.81 -4.30 -10.08
CA THR B 509 -15.95 -5.44 -11.00
C THR B 509 -16.05 -6.77 -10.27
N ARG B 510 -16.19 -6.74 -8.94
CA ARG B 510 -16.27 -7.97 -8.17
C ARG B 510 -17.65 -8.65 -8.12
N GLY B 511 -18.65 -8.02 -8.75
CA GLY B 511 -19.99 -8.58 -8.75
C GLY B 511 -20.17 -9.81 -9.63
N MET B 512 -20.55 -10.92 -9.00
CA MET B 512 -20.74 -12.19 -9.67
C MET B 512 -21.90 -12.15 -10.69
N GLN B 513 -21.55 -12.42 -11.94
CA GLN B 513 -22.43 -12.44 -13.11
C GLN B 513 -22.98 -11.06 -13.44
N ALA B 514 -22.63 -10.07 -12.63
CA ALA B 514 -23.08 -8.69 -12.82
C ALA B 514 -22.07 -7.79 -13.51
N THR B 515 -20.92 -7.62 -12.88
CA THR B 515 -19.84 -6.78 -13.39
C THR B 515 -18.55 -7.56 -13.52
N ASP B 516 -18.53 -8.81 -13.07
CA ASP B 516 -17.26 -9.54 -13.10
C ASP B 516 -16.73 -10.05 -14.44
N TYR B 517 -17.34 -9.62 -15.53
CA TYR B 517 -16.85 -10.02 -16.85
C TYR B 517 -15.53 -9.27 -17.06
N ASN B 518 -15.37 -8.14 -16.35
CA ASN B 518 -14.15 -7.28 -16.41
C ASN B 518 -13.29 -7.48 -15.15
N HIS B 519 -13.42 -8.61 -14.48
CA HIS B 519 -12.62 -8.87 -13.28
C HIS B 519 -11.42 -9.68 -13.73
N ASP B 520 -10.56 -9.01 -14.50
CA ASP B 520 -9.37 -9.62 -15.09
C ASP B 520 -8.25 -10.03 -14.18
N LEU B 521 -7.63 -11.15 -14.51
CA LEU B 521 -6.49 -11.62 -13.75
C LEU B 521 -5.36 -10.62 -14.01
N VAL B 522 -5.02 -10.39 -15.28
CA VAL B 522 -3.93 -9.45 -15.57
C VAL B 522 -4.40 -8.01 -15.88
N ARG B 523 -3.76 -7.02 -15.25
CA ARG B 523 -4.13 -5.61 -15.48
C ARG B 523 -2.90 -4.75 -15.76
N SER C 5 12.73 4.25 -49.65
CA SER C 5 11.80 3.26 -49.02
C SER C 5 11.42 2.04 -49.89
N ARG C 6 11.67 2.10 -51.19
CA ARG C 6 11.33 0.99 -52.09
C ARG C 6 12.43 -0.05 -52.20
N GLU C 7 13.67 0.41 -52.18
CA GLU C 7 14.84 -0.47 -52.25
C GLU C 7 15.52 -0.43 -50.88
N GLU C 8 15.16 0.58 -50.08
CA GLU C 8 15.69 0.78 -48.72
C GLU C 8 15.32 -0.42 -47.85
N VAL C 9 14.09 -0.89 -48.01
CA VAL C 9 13.57 -2.02 -47.24
C VAL C 9 14.15 -3.38 -47.65
N GLU C 10 14.61 -3.51 -48.88
CA GLU C 10 15.19 -4.78 -49.32
C GLU C 10 16.64 -4.89 -48.89
N SER C 11 17.32 -3.75 -48.87
CA SER C 11 18.71 -3.71 -48.45
C SER C 11 18.69 -3.81 -46.91
N LEU C 12 17.56 -3.44 -46.31
CA LEU C 12 17.38 -3.51 -44.85
C LEU C 12 17.27 -4.99 -44.54
N ILE C 13 16.39 -5.67 -45.27
CA ILE C 13 16.17 -7.10 -45.09
C ILE C 13 17.48 -7.88 -45.18
N GLN C 14 18.24 -7.60 -46.23
CA GLN C 14 19.51 -8.29 -46.43
C GLN C 14 20.56 -8.02 -45.35
N GLU C 15 20.50 -6.82 -44.78
CA GLU C 15 21.45 -6.42 -43.74
C GLU C 15 21.13 -7.03 -42.37
N VAL C 16 19.85 -7.36 -42.16
CA VAL C 16 19.41 -7.97 -40.92
C VAL C 16 19.78 -9.46 -41.00
N LEU C 17 19.48 -10.06 -42.15
CA LEU C 17 19.76 -11.47 -42.42
C LEU C 17 21.23 -11.86 -42.27
N GLU C 18 22.10 -10.87 -42.41
CA GLU C 18 23.54 -11.11 -42.35
C GLU C 18 24.08 -11.71 -41.06
N VAL C 19 23.37 -11.50 -39.97
CA VAL C 19 23.82 -11.99 -38.67
C VAL C 19 23.71 -13.52 -38.58
N TYR C 20 22.74 -14.05 -39.31
CA TYR C 20 22.46 -15.47 -39.32
C TYR C 20 23.40 -16.51 -39.93
N PRO C 21 23.32 -17.74 -39.44
CA PRO C 21 24.11 -18.83 -39.92
C PRO C 21 23.46 -19.09 -41.28
N GLU C 22 24.25 -19.59 -42.23
CA GLU C 22 23.77 -19.85 -43.61
C GLU C 22 22.44 -20.62 -43.82
N LYS C 23 22.19 -21.65 -43.01
CA LYS C 23 20.95 -22.45 -43.10
C LYS C 23 19.77 -21.56 -42.71
N ALA C 24 19.87 -20.92 -41.55
CA ALA C 24 18.84 -20.04 -41.02
C ALA C 24 18.61 -18.84 -41.94
N ARG C 25 19.70 -18.36 -42.51
CA ARG C 25 19.70 -17.21 -43.41
C ARG C 25 18.87 -17.46 -44.66
N LYS C 26 19.03 -18.62 -45.30
CA LYS C 26 18.27 -18.93 -46.50
C LYS C 26 16.78 -19.07 -46.21
N ASP C 27 16.43 -19.62 -45.05
CA ASP C 27 15.02 -19.80 -44.72
C ASP C 27 14.35 -18.50 -44.29
N ARG C 28 15.05 -17.66 -43.53
CA ARG C 28 14.44 -16.41 -43.09
C ARG C 28 14.31 -15.40 -44.23
N ASN C 29 15.07 -15.61 -45.30
CA ASN C 29 15.08 -14.75 -46.48
C ASN C 29 13.73 -14.88 -47.21
N LYS C 30 13.20 -16.10 -47.25
CA LYS C 30 11.92 -16.32 -47.95
C LYS C 30 10.69 -16.05 -47.10
N HIS C 31 10.92 -15.66 -45.85
CA HIS C 31 9.81 -15.36 -44.95
C HIS C 31 9.61 -13.86 -44.75
N LEU C 32 10.50 -13.08 -45.36
CA LEU C 32 10.48 -11.61 -45.29
C LEU C 32 10.32 -11.02 -46.70
N ALA C 33 9.41 -10.05 -46.86
CA ALA C 33 9.17 -9.43 -48.16
C ALA C 33 8.76 -7.96 -48.11
N VAL C 34 8.63 -7.34 -49.28
CA VAL C 34 8.17 -5.95 -49.38
C VAL C 34 6.87 -6.09 -50.19
N ASN C 35 5.85 -5.36 -49.80
CA ASN C 35 4.54 -5.46 -50.46
C ASN C 35 4.43 -4.79 -51.83
N ASP C 36 3.53 -5.32 -52.65
CA ASP C 36 3.22 -4.86 -54.00
C ASP C 36 1.76 -5.30 -54.09
N PRO C 37 0.80 -4.37 -53.86
CA PRO C 37 -0.64 -4.67 -53.90
C PRO C 37 -1.30 -5.27 -55.15
N ALA C 38 -0.59 -5.32 -56.27
CA ALA C 38 -1.17 -5.94 -57.47
C ALA C 38 -0.65 -7.39 -57.44
N VAL C 39 -0.89 -8.13 -56.35
CA VAL C 39 -0.35 -9.49 -56.21
C VAL C 39 -1.16 -10.65 -55.62
N THR C 40 -2.47 -10.77 -55.81
CA THR C 40 -3.11 -11.90 -55.12
C THR C 40 -2.59 -13.31 -55.33
N GLN C 41 -1.31 -13.50 -55.04
CA GLN C 41 -0.64 -14.79 -55.13
C GLN C 41 0.62 -14.54 -54.29
N SER C 42 0.43 -14.49 -52.97
CA SER C 42 1.51 -14.21 -52.04
C SER C 42 2.70 -15.17 -52.05
N LYS C 43 2.51 -16.34 -52.67
CA LYS C 43 3.56 -17.36 -52.74
C LYS C 43 4.82 -16.93 -53.48
N LYS C 44 4.69 -15.92 -54.35
CA LYS C 44 5.85 -15.43 -55.10
C LYS C 44 6.73 -14.52 -54.29
N CYS C 45 6.16 -13.91 -53.26
CA CYS C 45 6.94 -12.99 -52.43
C CYS C 45 7.32 -13.57 -51.09
N ILE C 46 6.33 -14.09 -50.40
CA ILE C 46 6.53 -14.60 -49.05
C ILE C 46 5.97 -16.01 -48.86
N ILE C 47 6.63 -16.83 -48.05
CA ILE C 47 6.11 -18.16 -47.76
C ILE C 47 5.76 -18.17 -46.28
N SER C 48 4.88 -19.07 -45.86
CA SER C 48 4.47 -19.06 -44.46
C SER C 48 4.13 -20.44 -43.90
N ASN C 49 3.79 -20.46 -42.61
CA ASN C 49 3.38 -21.67 -41.90
C ASN C 49 4.40 -22.81 -41.97
N LYS C 50 5.67 -22.45 -42.07
CA LYS C 50 6.75 -23.41 -42.09
C LYS C 50 7.28 -23.37 -40.67
N LYS C 51 8.05 -24.38 -40.29
CA LYS C 51 8.57 -24.44 -38.95
C LYS C 51 9.60 -23.36 -38.66
N SER C 52 9.63 -22.98 -37.38
CA SER C 52 10.52 -21.95 -36.88
C SER C 52 11.96 -22.47 -36.80
N GLN C 53 12.91 -21.64 -37.19
CA GLN C 53 14.29 -22.04 -37.10
C GLN C 53 14.63 -22.06 -35.61
N PRO C 54 15.26 -23.13 -35.13
CA PRO C 54 15.64 -23.27 -33.73
C PRO C 54 16.58 -22.20 -33.21
N GLY C 55 16.37 -21.82 -31.94
CA GLY C 55 17.21 -20.82 -31.29
C GLY C 55 17.09 -19.35 -31.70
N LEU C 56 16.08 -19.03 -32.50
CA LEU C 56 15.89 -17.65 -32.99
C LEU C 56 14.87 -16.73 -32.31
N MET C 57 14.36 -17.15 -31.16
CA MET C 57 13.38 -16.39 -30.37
C MET C 57 12.11 -16.00 -31.11
N THR C 58 11.39 -17.03 -31.52
CA THR C 58 10.12 -16.85 -32.20
C THR C 58 9.10 -16.39 -31.18
N ILE C 59 8.02 -15.81 -31.68
CA ILE C 59 6.95 -15.25 -30.89
C ILE C 59 5.77 -16.25 -30.83
N ARG C 60 5.88 -17.29 -31.66
CA ARG C 60 4.90 -18.36 -31.79
C ARG C 60 4.59 -19.23 -30.57
N GLY C 61 3.40 -19.81 -30.59
CA GLY C 61 2.98 -20.70 -29.52
C GLY C 61 2.92 -22.12 -30.04
N CYS C 62 2.11 -22.95 -29.40
CA CYS C 62 1.96 -24.34 -29.81
C CYS C 62 0.50 -24.65 -30.14
N ALA C 63 0.22 -25.91 -30.43
CA ALA C 63 -1.12 -26.37 -30.79
C ALA C 63 -2.07 -26.33 -29.60
N TYR C 64 -1.52 -26.47 -28.39
CA TYR C 64 -2.31 -26.44 -27.16
C TYR C 64 -2.88 -25.04 -27.03
N ALA C 65 -2.03 -24.04 -27.25
CA ALA C 65 -2.46 -22.66 -27.17
C ALA C 65 -3.58 -22.41 -28.20
N GLY C 66 -3.43 -22.98 -29.39
CA GLY C 66 -4.44 -22.81 -30.42
C GLY C 66 -5.77 -23.50 -30.13
N SER C 67 -5.71 -24.61 -29.40
CA SER C 67 -6.91 -25.36 -29.07
C SER C 67 -7.53 -24.97 -27.71
N LYS C 68 -6.77 -25.11 -26.62
CA LYS C 68 -7.30 -24.77 -25.29
C LYS C 68 -7.38 -23.26 -25.19
N GLY C 69 -6.23 -22.62 -25.40
CA GLY C 69 -6.16 -21.19 -25.33
C GLY C 69 -7.22 -20.43 -26.10
N VAL C 70 -7.31 -20.68 -27.41
CA VAL C 70 -8.26 -19.92 -28.21
C VAL C 70 -9.59 -20.53 -28.67
N VAL C 71 -9.64 -21.79 -29.08
CA VAL C 71 -10.92 -22.32 -29.54
C VAL C 71 -11.86 -22.85 -28.46
N TRP C 72 -11.41 -23.84 -27.71
CA TRP C 72 -12.22 -24.45 -26.67
C TRP C 72 -12.34 -23.69 -25.35
N GLY C 73 -11.24 -23.11 -24.92
CA GLY C 73 -11.21 -22.37 -23.67
C GLY C 73 -12.33 -21.38 -23.43
N PRO C 74 -12.64 -20.51 -24.40
CA PRO C 74 -13.70 -19.50 -24.29
C PRO C 74 -15.12 -20.01 -24.00
N ILE C 75 -15.39 -21.25 -24.37
CA ILE C 75 -16.69 -21.89 -24.18
C ILE C 75 -16.98 -22.06 -22.70
N LYS C 76 -17.77 -21.13 -22.18
CA LYS C 76 -18.08 -21.04 -20.76
C LYS C 76 -18.76 -22.15 -19.96
N ASP C 77 -19.79 -22.80 -20.51
CA ASP C 77 -20.46 -23.84 -19.74
C ASP C 77 -19.86 -25.25 -19.76
N MET C 78 -18.70 -25.41 -20.38
CA MET C 78 -18.00 -26.70 -20.43
C MET C 78 -16.76 -26.60 -19.56
N ILE C 79 -16.31 -27.74 -19.04
CA ILE C 79 -15.11 -27.77 -18.24
C ILE C 79 -13.99 -28.26 -19.17
N HIS C 80 -12.99 -27.42 -19.38
CA HIS C 80 -11.89 -27.81 -20.26
C HIS C 80 -10.71 -28.20 -19.40
N ILE C 81 -10.27 -29.42 -19.61
CA ILE C 81 -9.19 -30.00 -18.84
C ILE C 81 -7.85 -30.09 -19.54
N SER C 82 -6.87 -29.38 -18.98
CA SER C 82 -5.54 -29.40 -19.52
C SER C 82 -4.95 -30.69 -18.97
N HIS C 83 -4.87 -31.65 -19.87
CA HIS C 83 -4.42 -32.99 -19.59
C HIS C 83 -2.90 -33.11 -19.82
N GLY C 84 -2.19 -33.27 -18.71
CA GLY C 84 -0.73 -33.37 -18.73
C GLY C 84 -0.19 -32.67 -17.49
N PRO C 85 1.11 -32.32 -17.44
CA PRO C 85 1.70 -31.65 -16.28
C PRO C 85 1.11 -30.25 -15.96
N VAL C 86 1.42 -29.72 -14.79
CA VAL C 86 0.91 -28.42 -14.33
C VAL C 86 1.15 -27.17 -15.20
N GLY C 87 2.28 -27.13 -15.91
CA GLY C 87 2.61 -25.98 -16.73
C GLY C 87 1.57 -25.32 -17.63
N CYS C 88 1.33 -25.90 -18.81
CA CYS C 88 0.37 -25.35 -19.78
C CYS C 88 -0.82 -24.66 -19.16
N GLY C 89 -1.56 -25.40 -18.35
CA GLY C 89 -2.74 -24.86 -17.70
C GLY C 89 -2.52 -23.57 -16.95
N GLN C 90 -1.52 -23.54 -16.07
CA GLN C 90 -1.23 -22.34 -15.29
C GLN C 90 -0.95 -21.10 -16.14
N TYR C 91 0.00 -21.22 -17.07
CA TYR C 91 0.38 -20.09 -17.91
C TYR C 91 -0.75 -19.54 -18.77
N SER C 92 -1.64 -20.43 -19.21
CA SER C 92 -2.77 -20.01 -20.03
C SER C 92 -3.98 -19.63 -19.18
N ARG C 93 -3.93 -19.83 -17.87
CA ARG C 93 -5.10 -19.47 -17.04
C ARG C 93 -5.40 -17.98 -17.01
N ALA C 94 -6.57 -17.64 -17.55
CA ALA C 94 -7.09 -16.27 -17.64
C ALA C 94 -6.17 -15.27 -18.32
N GLY C 95 -5.26 -15.76 -19.15
CA GLY C 95 -4.33 -14.88 -19.84
C GLY C 95 -4.98 -14.19 -21.02
N ARG C 96 -5.92 -14.88 -21.67
CA ARG C 96 -6.60 -14.28 -22.78
C ARG C 96 -7.91 -13.71 -22.27
N ARG C 97 -8.23 -12.51 -22.73
CA ARG C 97 -9.43 -11.80 -22.28
C ARG C 97 -10.74 -12.14 -22.98
N ASN C 98 -11.03 -13.43 -23.13
CA ASN C 98 -12.27 -13.87 -23.77
C ASN C 98 -13.43 -13.80 -22.79
N TYR C 99 -14.10 -12.65 -22.81
CA TYR C 99 -15.22 -12.33 -21.93
C TYR C 99 -16.50 -13.14 -21.99
N TYR C 100 -17.10 -13.30 -20.82
CA TYR C 100 -18.34 -14.06 -20.67
C TYR C 100 -19.19 -13.62 -19.50
N ILE C 101 -20.45 -14.04 -19.55
CA ILE C 101 -21.41 -13.77 -18.51
C ILE C 101 -21.65 -15.14 -17.90
N GLY C 102 -21.61 -15.21 -16.57
CA GLY C 102 -21.83 -16.47 -15.88
C GLY C 102 -21.41 -16.45 -14.42
N THR C 103 -21.88 -17.45 -13.67
CA THR C 103 -21.56 -17.58 -12.26
C THR C 103 -20.44 -18.63 -12.27
N THR C 104 -19.22 -18.14 -12.16
CA THR C 104 -18.02 -18.95 -12.21
C THR C 104 -17.84 -19.94 -11.07
N GLY C 105 -17.55 -21.18 -11.47
CA GLY C 105 -17.36 -22.27 -10.53
C GLY C 105 -18.65 -23.04 -10.34
N VAL C 106 -19.76 -22.43 -10.76
CA VAL C 106 -21.06 -23.06 -10.63
C VAL C 106 -21.60 -23.45 -12.00
N ASN C 107 -21.86 -22.48 -12.89
CA ASN C 107 -22.30 -22.85 -14.24
C ASN C 107 -21.28 -22.44 -15.32
N ALA C 108 -20.37 -21.53 -14.98
CA ALA C 108 -19.34 -21.08 -15.91
C ALA C 108 -17.96 -21.51 -15.36
N PHE C 109 -16.97 -21.72 -16.22
CA PHE C 109 -15.65 -22.18 -15.78
C PHE C 109 -14.42 -21.67 -16.54
N VAL C 110 -14.58 -20.61 -17.33
CA VAL C 110 -13.50 -20.07 -18.15
C VAL C 110 -12.20 -19.66 -17.45
N THR C 111 -12.30 -18.83 -16.43
CA THR C 111 -11.09 -18.37 -15.73
C THR C 111 -10.41 -19.40 -14.83
N MET C 112 -11.05 -20.56 -14.67
CA MET C 112 -10.54 -21.66 -13.83
C MET C 112 -9.60 -22.61 -14.60
N ASN C 113 -8.68 -23.26 -13.89
CA ASN C 113 -7.73 -24.21 -14.50
C ASN C 113 -7.93 -25.62 -13.95
N PHE C 114 -8.44 -26.49 -14.80
CA PHE C 114 -8.63 -27.88 -14.43
C PHE C 114 -7.46 -28.59 -15.08
N THR C 115 -6.74 -29.40 -14.32
CA THR C 115 -5.60 -30.14 -14.86
C THR C 115 -5.57 -31.52 -14.28
N SER C 116 -4.85 -32.42 -14.97
CA SER C 116 -4.68 -33.78 -14.48
C SER C 116 -3.33 -33.81 -13.77
N ASP C 117 -2.59 -32.70 -13.87
CA ASP C 117 -1.29 -32.52 -13.22
C ASP C 117 -0.43 -33.77 -13.12
N PHE C 118 0.10 -34.16 -14.27
CA PHE C 118 0.93 -35.33 -14.38
C PHE C 118 2.16 -35.29 -13.52
N GLN C 119 2.46 -36.47 -12.99
CA GLN C 119 3.63 -36.70 -12.17
C GLN C 119 4.34 -37.81 -12.95
N GLU C 120 5.50 -38.22 -12.47
CA GLU C 120 6.31 -39.26 -13.14
C GLU C 120 5.57 -40.55 -13.39
N LYS C 121 4.85 -41.01 -12.38
CA LYS C 121 4.12 -42.26 -12.47
C LYS C 121 2.98 -42.25 -13.48
N ASP C 122 2.46 -41.07 -13.81
CA ASP C 122 1.38 -41.00 -14.77
C ASP C 122 1.98 -41.05 -16.17
N ILE C 123 3.26 -40.75 -16.26
CA ILE C 123 3.96 -40.78 -17.54
C ILE C 123 4.35 -42.23 -17.83
N VAL C 124 4.93 -42.87 -16.81
CA VAL C 124 5.38 -44.27 -16.89
C VAL C 124 4.27 -45.31 -16.94
N PHE C 125 3.24 -45.12 -16.13
CA PHE C 125 2.13 -46.07 -16.11
C PHE C 125 0.97 -45.69 -17.01
N GLY C 126 0.95 -44.45 -17.51
CA GLY C 126 -0.13 -44.01 -18.36
C GLY C 126 -1.20 -43.32 -17.53
N GLY C 127 -1.98 -42.44 -18.12
CA GLY C 127 -2.99 -41.76 -17.32
C GLY C 127 -4.46 -41.90 -17.71
N ASP C 128 -4.82 -42.96 -18.43
CA ASP C 128 -6.22 -43.20 -18.84
C ASP C 128 -7.13 -43.49 -17.65
N LYS C 129 -6.57 -44.14 -16.64
CA LYS C 129 -7.32 -44.49 -15.44
C LYS C 129 -7.45 -43.25 -14.57
N LYS C 130 -6.43 -42.40 -14.62
CA LYS C 130 -6.45 -41.16 -13.85
C LYS C 130 -7.47 -40.21 -14.48
N LEU C 131 -7.53 -40.17 -15.81
CA LEU C 131 -8.46 -39.31 -16.54
C LEU C 131 -9.91 -39.68 -16.25
N ALA C 132 -10.18 -40.97 -16.23
CA ALA C 132 -11.52 -41.48 -15.97
C ALA C 132 -11.94 -41.12 -14.56
N LYS C 133 -11.00 -41.21 -13.62
CA LYS C 133 -11.29 -40.90 -12.24
C LYS C 133 -11.58 -39.41 -12.11
N LEU C 134 -10.77 -38.63 -12.82
CA LEU C 134 -10.89 -37.18 -12.83
C LEU C 134 -12.27 -36.76 -13.35
N ILE C 135 -12.70 -37.39 -14.43
CA ILE C 135 -14.00 -37.09 -15.02
C ILE C 135 -15.16 -37.32 -14.02
N ASP C 136 -15.04 -38.31 -13.14
CA ASP C 136 -16.08 -38.56 -12.14
C ASP C 136 -16.03 -37.53 -11.03
N GLU C 137 -14.86 -36.94 -10.85
CA GLU C 137 -14.65 -35.92 -9.84
C GLU C 137 -15.19 -34.56 -10.30
N VAL C 138 -15.08 -34.25 -11.60
CA VAL C 138 -15.62 -32.95 -12.05
C VAL C 138 -17.14 -32.97 -12.13
N GLU C 139 -17.73 -34.16 -12.16
CA GLU C 139 -19.19 -34.25 -12.21
C GLU C 139 -19.84 -34.15 -10.82
N THR C 140 -19.18 -34.65 -9.78
CA THR C 140 -19.74 -34.54 -8.43
C THR C 140 -19.49 -33.17 -7.84
N LEU C 141 -18.35 -32.59 -8.20
CA LEU C 141 -18.00 -31.26 -7.68
C LEU C 141 -18.51 -30.09 -8.51
N PHE C 142 -18.72 -30.31 -9.80
CA PHE C 142 -19.21 -29.26 -10.68
C PHE C 142 -20.37 -29.84 -11.47
N PRO C 143 -21.47 -30.23 -10.77
CA PRO C 143 -22.68 -30.84 -11.34
C PRO C 143 -23.40 -30.13 -12.47
N LEU C 144 -23.24 -28.81 -12.52
CA LEU C 144 -23.92 -28.01 -13.54
C LEU C 144 -23.18 -27.81 -14.85
N ASN C 145 -22.04 -28.48 -15.03
CA ASN C 145 -21.29 -28.35 -16.29
C ASN C 145 -22.14 -28.97 -17.40
N LYS C 146 -21.97 -28.50 -18.64
CA LYS C 146 -22.75 -29.02 -19.76
C LYS C 146 -21.89 -29.72 -20.81
N GLY C 147 -20.72 -30.15 -20.36
CA GLY C 147 -19.78 -30.85 -21.23
C GLY C 147 -18.36 -30.74 -20.70
N ILE C 148 -17.49 -31.58 -21.25
CA ILE C 148 -16.08 -31.58 -20.84
C ILE C 148 -15.23 -31.78 -22.08
N SER C 149 -14.12 -31.06 -22.16
CA SER C 149 -13.21 -31.27 -23.29
C SER C 149 -11.92 -31.71 -22.62
N VAL C 150 -11.11 -32.47 -23.35
CA VAL C 150 -9.86 -32.97 -22.81
C VAL C 150 -8.75 -32.48 -23.73
N GLN C 151 -8.04 -31.48 -23.24
CA GLN C 151 -6.98 -30.85 -23.99
C GLN C 151 -5.61 -31.45 -23.76
N SER C 152 -5.15 -32.20 -24.76
CA SER C 152 -3.86 -32.87 -24.70
C SER C 152 -2.66 -31.94 -24.70
N GLU C 153 -1.70 -32.26 -23.83
CA GLU C 153 -0.45 -31.52 -23.72
C GLU C 153 0.58 -32.50 -24.30
N CYS C 154 1.82 -32.07 -24.51
CA CYS C 154 2.84 -32.94 -25.12
C CYS C 154 2.92 -34.41 -24.71
N PRO C 155 3.19 -34.69 -23.42
CA PRO C 155 3.29 -36.08 -22.96
C PRO C 155 2.22 -37.04 -23.46
N ILE C 156 0.96 -36.64 -23.35
CA ILE C 156 -0.16 -37.47 -23.77
C ILE C 156 -0.01 -37.97 -25.21
N GLY C 157 0.59 -37.16 -26.07
CA GLY C 157 0.75 -37.55 -27.45
C GLY C 157 1.87 -38.55 -27.72
N LEU C 158 2.85 -38.61 -26.82
CA LEU C 158 3.99 -39.51 -26.98
C LEU C 158 3.75 -40.89 -26.38
N ILE C 159 3.14 -40.84 -25.20
CA ILE C 159 2.81 -41.99 -24.37
C ILE C 159 1.66 -42.85 -24.92
N GLY C 160 0.96 -42.32 -25.93
CA GLY C 160 -0.13 -43.05 -26.55
C GLY C 160 -1.33 -43.34 -25.66
N ASP C 161 -1.73 -42.37 -24.84
CA ASP C 161 -2.90 -42.49 -23.97
C ASP C 161 -4.15 -42.42 -24.87
N ASP C 162 -4.97 -43.48 -24.84
CA ASP C 162 -6.19 -43.54 -25.65
C ASP C 162 -7.28 -42.72 -24.98
N ILE C 163 -7.21 -41.41 -25.15
CA ILE C 163 -8.16 -40.48 -24.54
C ILE C 163 -9.53 -40.51 -25.21
N GLU C 164 -9.61 -40.96 -26.47
CA GLU C 164 -10.90 -41.02 -27.12
C GLU C 164 -11.72 -42.22 -26.60
N SER C 165 -11.04 -43.23 -26.07
CA SER C 165 -11.75 -44.39 -25.52
C SER C 165 -12.36 -43.98 -24.18
N VAL C 166 -11.57 -43.26 -23.38
CA VAL C 166 -12.03 -42.80 -22.07
C VAL C 166 -13.19 -41.81 -22.27
N SER C 167 -13.07 -40.97 -23.28
CA SER C 167 -14.12 -39.98 -23.57
C SER C 167 -15.40 -40.67 -24.03
N LYS C 168 -15.28 -41.75 -24.78
CA LYS C 168 -16.44 -42.48 -25.27
C LYS C 168 -17.17 -43.22 -24.15
N VAL C 169 -16.44 -44.01 -23.37
CA VAL C 169 -17.09 -44.76 -22.30
C VAL C 169 -17.60 -43.89 -21.15
N LYS C 170 -16.84 -42.88 -20.76
CA LYS C 170 -17.29 -42.01 -19.69
C LYS C 170 -18.47 -41.13 -20.16
N GLY C 171 -18.41 -40.71 -21.42
CA GLY C 171 -19.48 -39.88 -21.95
C GLY C 171 -20.80 -40.64 -22.08
N ALA C 172 -20.71 -41.91 -22.46
CA ALA C 172 -21.88 -42.74 -22.63
C ALA C 172 -22.51 -43.04 -21.27
N GLU C 173 -21.63 -43.30 -20.31
CA GLU C 173 -21.98 -43.62 -18.93
C GLU C 173 -22.66 -42.46 -18.19
N LEU C 174 -22.01 -41.30 -18.20
CA LEU C 174 -22.53 -40.12 -17.51
C LEU C 174 -23.58 -39.30 -18.30
N SER C 175 -23.78 -39.66 -19.56
CA SER C 175 -24.69 -38.96 -20.47
C SER C 175 -24.21 -37.52 -20.56
N LYS C 176 -22.94 -37.43 -20.90
CA LYS C 176 -22.20 -36.19 -21.03
C LYS C 176 -21.44 -36.19 -22.34
N THR C 177 -21.27 -35.01 -22.92
CA THR C 177 -20.52 -34.92 -24.14
C THR C 177 -19.09 -34.64 -23.66
N ILE C 178 -18.20 -35.59 -23.93
CA ILE C 178 -16.81 -35.46 -23.56
C ILE C 178 -16.03 -35.54 -24.85
N VAL C 179 -15.29 -34.46 -25.11
CA VAL C 179 -14.52 -34.26 -26.32
C VAL C 179 -13.00 -34.43 -26.14
N PRO C 180 -12.40 -35.41 -26.84
CA PRO C 180 -10.97 -35.60 -26.74
C PRO C 180 -10.32 -34.80 -27.85
N VAL C 181 -9.37 -33.93 -27.48
CA VAL C 181 -8.69 -33.12 -28.48
C VAL C 181 -7.22 -33.52 -28.45
N ARG C 182 -6.70 -33.96 -29.59
CA ARG C 182 -5.32 -34.38 -29.71
C ARG C 182 -4.50 -33.16 -30.08
N CYS C 183 -4.50 -32.18 -29.20
CA CYS C 183 -3.80 -30.92 -29.44
C CYS C 183 -2.41 -30.78 -28.82
N GLU C 184 -1.68 -31.89 -28.71
CA GLU C 184 -0.35 -31.85 -28.11
C GLU C 184 0.55 -30.78 -28.77
N GLY C 185 1.19 -29.99 -27.92
CA GLY C 185 2.06 -28.90 -28.34
C GLY C 185 3.12 -29.08 -29.42
N PHE C 186 3.62 -30.31 -29.59
CA PHE C 186 4.65 -30.56 -30.59
C PHE C 186 4.12 -30.73 -32.02
N ARG C 187 2.81 -30.85 -32.16
CA ARG C 187 2.22 -31.00 -33.50
C ARG C 187 2.11 -29.68 -34.22
N GLY C 188 2.45 -29.68 -35.51
CA GLY C 188 2.38 -28.47 -36.31
C GLY C 188 3.66 -27.65 -36.20
N VAL C 189 3.53 -26.35 -36.42
CA VAL C 189 4.67 -25.43 -36.33
C VAL C 189 4.25 -24.22 -35.51
N SER C 190 2.98 -24.17 -35.12
CA SER C 190 2.46 -23.04 -34.36
C SER C 190 1.14 -23.34 -33.64
N GLN C 191 0.38 -22.27 -33.40
CA GLN C 191 -0.93 -22.34 -32.73
C GLN C 191 -1.94 -22.72 -33.81
N SER C 192 -1.51 -22.53 -35.04
CA SER C 192 -2.36 -22.77 -36.20
C SER C 192 -2.96 -24.15 -36.40
N LEU C 193 -2.18 -25.20 -36.16
CA LEU C 193 -2.69 -26.54 -36.33
C LEU C 193 -3.63 -26.88 -35.18
N GLY C 194 -3.46 -26.19 -34.05
CA GLY C 194 -4.32 -26.39 -32.91
C GLY C 194 -5.74 -25.91 -33.22
N HIS C 195 -5.85 -24.89 -34.06
CA HIS C 195 -7.17 -24.38 -34.47
C HIS C 195 -7.83 -25.50 -35.25
N HIS C 196 -7.07 -26.01 -36.20
CA HIS C 196 -7.52 -27.09 -37.07
C HIS C 196 -8.07 -28.30 -36.33
N ILE C 197 -7.26 -28.81 -35.42
CA ILE C 197 -7.60 -29.95 -34.59
C ILE C 197 -8.84 -29.66 -33.73
N ALA C 198 -8.93 -28.43 -33.22
CA ALA C 198 -10.06 -28.02 -32.39
C ALA C 198 -11.37 -27.91 -33.17
N ASN C 199 -11.26 -27.45 -34.41
CA ASN C 199 -12.41 -27.31 -35.30
C ASN C 199 -12.89 -28.73 -35.64
N ASP C 200 -11.93 -29.61 -35.92
CA ASP C 200 -12.25 -31.00 -36.24
C ASP C 200 -12.86 -31.68 -35.01
N ALA C 201 -12.43 -31.27 -33.81
CA ALA C 201 -12.96 -31.84 -32.58
C ALA C 201 -14.41 -31.41 -32.35
N VAL C 202 -14.74 -30.21 -32.82
CA VAL C 202 -16.10 -29.68 -32.69
C VAL C 202 -17.05 -30.43 -33.64
N ARG C 203 -16.68 -30.61 -34.90
CA ARG C 203 -17.59 -31.30 -35.83
C ARG C 203 -17.77 -32.78 -35.46
N ASP C 204 -16.67 -33.46 -35.11
CA ASP C 204 -16.69 -34.87 -34.73
C ASP C 204 -17.42 -35.18 -33.42
N TRP C 205 -17.32 -34.31 -32.42
CA TRP C 205 -17.95 -34.60 -31.13
C TRP C 205 -19.12 -33.76 -30.64
N VAL C 206 -19.30 -32.57 -31.21
CA VAL C 206 -20.34 -31.65 -30.76
C VAL C 206 -21.36 -31.13 -31.79
N LEU C 207 -20.85 -30.58 -32.88
CA LEU C 207 -21.68 -29.98 -33.94
C LEU C 207 -22.81 -30.82 -34.54
N GLY C 208 -22.65 -32.15 -34.54
CA GLY C 208 -23.68 -32.99 -35.11
C GLY C 208 -24.70 -33.54 -34.12
N LYS C 209 -24.63 -33.11 -32.88
CA LYS C 209 -25.54 -33.60 -31.84
C LYS C 209 -27.03 -33.37 -32.10
N ARG C 210 -27.37 -32.22 -32.69
CA ARG C 210 -28.78 -31.95 -32.96
C ARG C 210 -29.17 -32.16 -34.43
N ASP C 211 -28.57 -33.17 -35.07
CA ASP C 211 -28.93 -33.53 -36.44
C ASP C 211 -30.25 -34.26 -36.14
N GLU C 212 -31.22 -34.15 -37.04
CA GLU C 212 -32.57 -34.75 -36.91
C GLU C 212 -33.32 -34.27 -35.67
N ASP C 213 -32.93 -33.11 -35.16
CA ASP C 213 -33.63 -32.52 -34.03
C ASP C 213 -33.93 -31.09 -34.47
N THR C 214 -35.12 -31.01 -35.05
CA THR C 214 -35.70 -29.84 -35.66
C THR C 214 -36.79 -29.19 -34.80
N THR C 215 -36.52 -29.17 -33.50
CA THR C 215 -37.37 -28.61 -32.46
C THR C 215 -37.14 -27.09 -32.37
N PHE C 216 -36.00 -26.64 -32.86
CA PHE C 216 -35.65 -25.22 -32.84
C PHE C 216 -36.43 -24.44 -33.90
N ALA C 217 -37.09 -23.38 -33.45
CA ALA C 217 -37.90 -22.51 -34.29
C ALA C 217 -37.02 -21.61 -35.18
N SER C 218 -36.92 -21.94 -36.46
CA SER C 218 -36.10 -21.17 -37.41
C SER C 218 -36.72 -19.88 -37.97
N THR C 219 -35.85 -18.92 -38.22
CA THR C 219 -36.18 -17.59 -38.72
C THR C 219 -35.25 -17.33 -39.92
N PRO C 220 -35.74 -16.66 -40.97
CA PRO C 220 -34.91 -16.38 -42.15
C PRO C 220 -33.73 -15.46 -41.92
N TYR C 221 -33.70 -14.85 -40.74
CA TYR C 221 -32.65 -13.91 -40.39
C TYR C 221 -31.61 -14.42 -39.38
N ASP C 222 -31.62 -15.74 -39.14
CA ASP C 222 -30.67 -16.35 -38.21
C ASP C 222 -29.25 -16.31 -38.71
N VAL C 223 -28.35 -15.88 -37.83
CA VAL C 223 -26.95 -15.80 -38.19
C VAL C 223 -26.10 -16.37 -37.06
N ALA C 224 -24.80 -16.45 -37.33
CA ALA C 224 -23.86 -16.97 -36.37
C ALA C 224 -22.51 -16.31 -36.55
N ILE C 225 -22.01 -15.73 -35.47
CA ILE C 225 -20.70 -15.09 -35.48
C ILE C 225 -19.75 -16.26 -35.28
N ILE C 226 -18.83 -16.40 -36.21
CA ILE C 226 -17.86 -17.47 -36.21
C ILE C 226 -16.46 -16.86 -36.19
N GLY C 227 -15.73 -17.07 -35.11
CA GLY C 227 -14.39 -16.52 -35.05
C GLY C 227 -14.23 -15.20 -34.32
N ASP C 228 -15.07 -14.94 -33.33
CA ASP C 228 -14.90 -13.73 -32.53
C ASP C 228 -14.87 -14.23 -31.13
N TYR C 229 -13.74 -13.99 -30.51
CA TYR C 229 -13.48 -14.47 -29.18
C TYR C 229 -13.85 -13.56 -28.00
N ASN C 230 -14.53 -12.45 -28.31
CA ASN C 230 -15.07 -11.50 -27.34
C ASN C 230 -14.01 -10.84 -26.45
N ILE C 231 -12.85 -10.51 -27.01
CA ILE C 231 -11.78 -9.89 -26.24
C ILE C 231 -12.24 -8.51 -25.78
N GLY C 232 -12.40 -8.38 -24.46
CA GLY C 232 -12.85 -7.14 -23.86
C GLY C 232 -14.28 -6.81 -24.22
N GLY C 233 -15.02 -7.81 -24.73
CA GLY C 233 -16.40 -7.59 -25.11
C GLY C 233 -16.59 -7.39 -26.61
N ASP C 234 -15.58 -7.73 -27.41
CA ASP C 234 -15.63 -7.58 -28.86
C ASP C 234 -16.88 -8.09 -29.60
N ALA C 235 -17.24 -9.34 -29.36
CA ALA C 235 -18.38 -9.96 -30.01
C ALA C 235 -19.72 -9.36 -29.56
N TRP C 236 -19.78 -8.87 -28.32
CA TRP C 236 -21.01 -8.27 -27.83
C TRP C 236 -21.22 -6.92 -28.48
N SER C 237 -20.10 -6.24 -28.68
CA SER C 237 -20.06 -4.91 -29.28
C SER C 237 -20.35 -5.03 -30.77
N SER C 238 -20.23 -6.26 -31.27
CA SER C 238 -20.46 -6.57 -32.68
C SER C 238 -21.85 -7.12 -32.95
N ARG C 239 -22.40 -7.88 -31.99
CA ARG C 239 -23.74 -8.44 -32.21
C ARG C 239 -24.85 -7.48 -31.83
N ILE C 240 -24.50 -6.36 -31.23
CA ILE C 240 -25.52 -5.37 -30.88
C ILE C 240 -25.92 -4.72 -32.21
N LEU C 241 -24.95 -4.57 -33.12
CA LEU C 241 -25.17 -3.98 -34.45
C LEU C 241 -26.00 -4.89 -35.36
N LEU C 242 -25.59 -6.16 -35.38
CA LEU C 242 -26.26 -7.17 -36.19
C LEU C 242 -27.71 -7.36 -35.74
N GLU C 243 -27.94 -7.37 -34.42
CA GLU C 243 -29.29 -7.54 -33.88
C GLU C 243 -30.14 -6.28 -34.05
N GLU C 244 -29.48 -5.11 -34.11
CA GLU C 244 -30.18 -3.85 -34.31
C GLU C 244 -30.56 -3.78 -35.78
N MET C 245 -29.88 -4.59 -36.59
CA MET C 245 -30.12 -4.63 -38.03
C MET C 245 -31.23 -5.63 -38.36
N GLY C 246 -31.88 -6.16 -37.33
CA GLY C 246 -32.96 -7.12 -37.54
C GLY C 246 -32.59 -8.59 -37.57
N LEU C 247 -31.29 -8.89 -37.55
CA LEU C 247 -30.83 -10.27 -37.57
C LEU C 247 -30.94 -10.89 -36.19
N ARG C 248 -30.96 -12.21 -36.12
CA ARG C 248 -31.01 -12.90 -34.83
C ARG C 248 -29.78 -13.78 -34.74
N CYS C 249 -28.83 -13.33 -33.94
CA CYS C 249 -27.60 -14.10 -33.79
C CYS C 249 -27.81 -15.21 -32.80
N VAL C 250 -27.92 -16.39 -33.36
CA VAL C 250 -28.15 -17.61 -32.62
C VAL C 250 -26.86 -18.12 -31.98
N ALA C 251 -25.71 -17.86 -32.61
CA ALA C 251 -24.43 -18.32 -32.06
C ALA C 251 -23.24 -17.35 -32.11
N GLN C 252 -22.39 -17.45 -31.09
CA GLN C 252 -21.15 -16.67 -31.01
C GLN C 252 -20.14 -17.78 -30.88
N TRP C 253 -19.18 -17.87 -31.80
CA TRP C 253 -18.23 -18.98 -31.67
C TRP C 253 -17.01 -18.76 -30.82
N SER C 254 -17.16 -19.41 -29.67
CA SER C 254 -16.23 -19.46 -28.54
C SER C 254 -16.51 -18.28 -27.61
N GLY C 255 -16.26 -17.07 -28.07
CA GLY C 255 -16.51 -15.88 -27.27
C GLY C 255 -17.88 -15.83 -26.63
N ASP C 256 -17.94 -15.98 -25.31
CA ASP C 256 -19.19 -16.01 -24.53
C ASP C 256 -20.08 -17.09 -25.11
N GLY C 257 -19.46 -18.02 -25.81
CA GLY C 257 -20.17 -19.11 -26.44
C GLY C 257 -20.50 -20.26 -25.51
N SER C 258 -21.69 -20.84 -25.70
CA SER C 258 -22.15 -21.96 -24.90
C SER C 258 -22.14 -23.20 -25.79
N ILE C 259 -22.36 -24.35 -25.19
CA ILE C 259 -22.34 -25.59 -25.96
C ILE C 259 -23.61 -25.70 -26.80
N SER C 260 -24.74 -25.25 -26.25
CA SER C 260 -26.02 -25.28 -26.96
C SER C 260 -26.04 -24.33 -28.18
N GLU C 261 -25.27 -23.24 -28.12
CA GLU C 261 -25.20 -22.31 -29.25
C GLU C 261 -24.50 -23.01 -30.40
N ILE C 262 -23.44 -23.74 -30.08
CA ILE C 262 -22.67 -24.48 -31.07
C ILE C 262 -23.56 -25.55 -31.70
N GLU C 263 -24.37 -26.20 -30.86
CA GLU C 263 -25.30 -27.24 -31.30
C GLU C 263 -26.40 -26.67 -32.18
N LEU C 264 -26.75 -25.41 -31.93
CA LEU C 264 -27.79 -24.73 -32.69
C LEU C 264 -27.29 -24.05 -33.96
N THR C 265 -25.97 -24.01 -34.15
CA THR C 265 -25.37 -23.35 -35.31
C THR C 265 -25.71 -23.96 -36.69
N PRO C 266 -25.86 -25.29 -36.80
CA PRO C 266 -26.21 -25.86 -38.11
C PRO C 266 -27.62 -25.44 -38.53
N LYS C 267 -28.36 -24.87 -37.59
CA LYS C 267 -29.73 -24.42 -37.86
C LYS C 267 -29.81 -22.99 -38.42
N VAL C 268 -28.67 -22.33 -38.57
CA VAL C 268 -28.67 -20.94 -39.08
C VAL C 268 -28.63 -20.80 -40.61
N LYS C 269 -28.88 -19.57 -41.08
CA LYS C 269 -28.90 -19.22 -42.50
C LYS C 269 -27.55 -18.75 -43.03
N LEU C 270 -26.75 -18.14 -42.16
CA LEU C 270 -25.44 -17.63 -42.56
C LEU C 270 -24.39 -17.65 -41.45
N ASN C 271 -23.17 -18.06 -41.79
CA ASN C 271 -22.07 -18.09 -40.83
C ASN C 271 -21.16 -16.91 -41.14
N LEU C 272 -21.26 -15.88 -40.30
CA LEU C 272 -20.43 -14.69 -40.44
C LEU C 272 -19.10 -15.04 -39.80
N VAL C 273 -18.03 -14.99 -40.59
CA VAL C 273 -16.71 -15.34 -40.11
C VAL C 273 -15.80 -14.14 -39.87
N HIS C 274 -15.60 -13.78 -38.61
CA HIS C 274 -14.74 -12.66 -38.30
C HIS C 274 -13.29 -13.14 -38.42
N CYS C 275 -12.90 -14.09 -37.59
CA CYS C 275 -11.55 -14.64 -37.68
C CYS C 275 -11.59 -15.76 -38.69
N TYR C 276 -10.92 -15.54 -39.82
CA TYR C 276 -10.86 -16.52 -40.89
C TYR C 276 -9.91 -17.66 -40.57
N ARG C 277 -8.70 -17.31 -40.18
CA ARG C 277 -7.65 -18.28 -39.87
C ARG C 277 -8.02 -19.39 -38.89
N SER C 278 -8.70 -19.05 -37.79
CA SER C 278 -9.05 -20.04 -36.78
C SER C 278 -10.29 -20.89 -37.04
N MET C 279 -11.29 -20.31 -37.69
CA MET C 279 -12.52 -21.05 -37.94
C MET C 279 -13.10 -21.14 -39.34
N ASN C 280 -12.23 -21.13 -40.35
CA ASN C 280 -12.68 -21.26 -41.74
C ASN C 280 -12.99 -22.73 -41.95
N TYR C 281 -12.24 -23.57 -41.24
CA TYR C 281 -12.38 -25.03 -41.33
C TYR C 281 -13.78 -25.53 -41.01
N ILE C 282 -14.30 -25.11 -39.85
CA ILE C 282 -15.62 -25.54 -39.43
C ILE C 282 -16.70 -24.86 -40.27
N SER C 283 -16.38 -23.72 -40.87
CA SER C 283 -17.35 -22.99 -41.69
C SER C 283 -17.46 -23.64 -43.07
N ARG C 284 -16.34 -24.13 -43.57
CA ARG C 284 -16.31 -24.79 -44.86
C ARG C 284 -17.10 -26.07 -44.69
N HIS C 285 -16.83 -26.77 -43.61
CA HIS C 285 -17.52 -28.00 -43.29
C HIS C 285 -19.04 -27.83 -43.19
N MET C 286 -19.47 -26.73 -42.58
CA MET C 286 -20.90 -26.47 -42.41
C MET C 286 -21.58 -26.17 -43.74
N GLU C 287 -20.78 -25.77 -44.73
CA GLU C 287 -21.32 -25.49 -46.05
C GLU C 287 -21.57 -26.84 -46.73
N GLU C 288 -20.56 -27.72 -46.77
CA GLU C 288 -20.76 -29.02 -47.42
C GLU C 288 -21.77 -29.97 -46.75
N LYS C 289 -21.93 -29.89 -45.43
CA LYS C 289 -22.88 -30.78 -44.78
C LYS C 289 -24.30 -30.26 -44.59
N TYR C 290 -24.41 -29.05 -44.06
CA TYR C 290 -25.70 -28.42 -43.81
C TYR C 290 -26.15 -27.44 -44.88
N GLY C 291 -25.20 -27.06 -45.74
CA GLY C 291 -25.49 -26.14 -46.82
C GLY C 291 -25.35 -24.66 -46.47
N ILE C 292 -25.01 -24.37 -45.21
CA ILE C 292 -24.86 -22.99 -44.73
C ILE C 292 -23.73 -22.19 -45.38
N PRO C 293 -24.07 -21.10 -46.11
CA PRO C 293 -23.08 -20.26 -46.76
C PRO C 293 -22.34 -19.41 -45.72
N TRP C 294 -21.10 -19.03 -45.99
CA TRP C 294 -20.36 -18.20 -45.03
C TRP C 294 -19.65 -17.04 -45.71
N MET C 295 -19.54 -15.91 -45.00
CA MET C 295 -18.88 -14.72 -45.55
C MET C 295 -17.98 -14.01 -44.52
N GLU C 296 -16.87 -13.48 -45.02
CA GLU C 296 -15.90 -12.78 -44.18
C GLU C 296 -16.27 -11.32 -43.93
N TYR C 297 -16.20 -10.91 -42.67
CA TYR C 297 -16.51 -9.53 -42.32
C TYR C 297 -15.48 -8.90 -41.37
N ASN C 298 -15.45 -7.57 -41.36
CA ASN C 298 -14.50 -6.77 -40.58
C ASN C 298 -15.24 -5.69 -39.81
N PHE C 299 -15.14 -5.72 -38.48
CA PHE C 299 -15.79 -4.69 -37.67
C PHE C 299 -14.73 -3.85 -36.96
N PHE C 300 -13.63 -3.56 -37.65
CA PHE C 300 -12.59 -2.72 -37.05
C PHE C 300 -12.65 -1.36 -37.67
N GLY C 301 -13.58 -0.53 -37.25
CA GLY C 301 -13.57 0.78 -37.84
C GLY C 301 -14.84 1.13 -38.56
N PRO C 302 -15.03 2.42 -38.72
CA PRO C 302 -16.17 3.02 -39.40
C PRO C 302 -16.28 2.49 -40.81
N THR C 303 -15.24 2.76 -41.57
CA THR C 303 -15.23 2.37 -42.96
C THR C 303 -15.47 0.91 -43.14
N LYS C 304 -14.87 0.09 -42.28
CA LYS C 304 -15.05 -1.35 -42.39
C LYS C 304 -16.37 -1.84 -41.80
N THR C 305 -16.78 -1.25 -40.68
CA THR C 305 -18.00 -1.67 -40.02
C THR C 305 -19.25 -1.40 -40.88
N ILE C 306 -19.22 -0.28 -41.61
CA ILE C 306 -20.30 0.10 -42.49
C ILE C 306 -20.26 -0.76 -43.76
N GLU C 307 -19.06 -0.99 -44.26
CA GLU C 307 -18.82 -1.80 -45.46
C GLU C 307 -19.42 -3.19 -45.18
N SER C 308 -19.08 -3.73 -44.01
CA SER C 308 -19.53 -5.06 -43.59
C SER C 308 -21.02 -5.22 -43.33
N LEU C 309 -21.65 -4.25 -42.66
CA LEU C 309 -23.07 -4.37 -42.40
C LEU C 309 -23.86 -4.29 -43.69
N ARG C 310 -23.32 -3.60 -44.68
CA ARG C 310 -23.99 -3.50 -45.96
C ARG C 310 -23.89 -4.80 -46.73
N ALA C 311 -22.73 -5.45 -46.66
CA ALA C 311 -22.56 -6.72 -47.35
C ALA C 311 -23.41 -7.83 -46.71
N ILE C 312 -23.45 -7.85 -45.38
CA ILE C 312 -24.22 -8.83 -44.62
C ILE C 312 -25.72 -8.62 -44.85
N ALA C 313 -26.15 -7.36 -44.87
CA ALA C 313 -27.55 -7.03 -45.09
C ALA C 313 -27.92 -7.36 -46.54
N ALA C 314 -26.94 -7.27 -47.44
CA ALA C 314 -27.16 -7.56 -48.85
C ALA C 314 -27.45 -9.05 -49.10
N LYS C 315 -27.25 -9.89 -48.10
CA LYS C 315 -27.51 -11.33 -48.22
C LYS C 315 -28.95 -11.64 -47.85
N PHE C 316 -29.62 -10.67 -47.24
CA PHE C 316 -31.01 -10.83 -46.81
C PHE C 316 -32.00 -10.00 -47.62
N ASP C 317 -33.22 -9.82 -47.11
CA ASP C 317 -34.25 -9.05 -47.83
C ASP C 317 -34.14 -7.53 -47.62
N GLU C 318 -35.09 -6.79 -48.20
CA GLU C 318 -35.06 -5.33 -48.13
C GLU C 318 -35.38 -4.67 -46.78
N SER C 319 -36.07 -5.37 -45.88
CA SER C 319 -36.38 -4.77 -44.57
C SER C 319 -35.13 -4.76 -43.68
N ILE C 320 -34.23 -5.70 -43.93
CA ILE C 320 -32.98 -5.81 -43.17
C ILE C 320 -32.00 -4.78 -43.74
N GLN C 321 -32.06 -4.54 -45.05
CA GLN C 321 -31.19 -3.56 -45.68
C GLN C 321 -31.59 -2.15 -45.26
N LYS C 322 -32.89 -1.96 -45.01
CA LYS C 322 -33.39 -0.67 -44.59
C LYS C 322 -32.85 -0.42 -43.17
N LYS C 323 -32.92 -1.46 -42.34
CA LYS C 323 -32.44 -1.39 -40.96
C LYS C 323 -30.92 -1.21 -40.91
N CYS C 324 -30.26 -1.63 -41.98
CA CYS C 324 -28.81 -1.50 -42.10
C CYS C 324 -28.47 -0.02 -42.22
N GLU C 325 -29.23 0.69 -43.05
CA GLU C 325 -28.99 2.12 -43.26
C GLU C 325 -29.45 2.96 -42.06
N GLU C 326 -30.37 2.41 -41.27
CA GLU C 326 -30.86 3.09 -40.09
C GLU C 326 -29.77 3.05 -39.01
N VAL C 327 -29.06 1.92 -38.93
CA VAL C 327 -27.99 1.75 -37.94
C VAL C 327 -26.73 2.53 -38.37
N ILE C 328 -26.47 2.58 -39.67
CA ILE C 328 -25.32 3.33 -40.18
C ILE C 328 -25.55 4.82 -39.92
N ALA C 329 -26.80 5.25 -40.00
CA ALA C 329 -27.17 6.64 -39.78
C ALA C 329 -27.22 6.98 -38.29
N LYS C 330 -27.60 6.00 -37.47
CA LYS C 330 -27.70 6.21 -36.02
C LYS C 330 -26.31 6.43 -35.41
N TYR C 331 -25.36 5.64 -35.88
CA TYR C 331 -24.00 5.73 -35.37
C TYR C 331 -23.10 6.70 -36.10
N LYS C 332 -23.63 7.35 -37.15
CA LYS C 332 -22.80 8.28 -37.91
C LYS C 332 -22.32 9.48 -37.06
N PRO C 333 -23.21 10.13 -36.28
CA PRO C 333 -22.78 11.26 -35.45
C PRO C 333 -21.68 10.89 -34.45
N GLU C 334 -21.81 9.69 -33.90
CA GLU C 334 -20.87 9.17 -32.91
C GLU C 334 -19.44 8.90 -33.41
N TRP C 335 -19.28 8.14 -34.50
CA TRP C 335 -17.92 7.88 -34.99
C TRP C 335 -17.34 9.11 -35.64
N GLU C 336 -18.19 10.06 -35.98
CA GLU C 336 -17.68 11.28 -36.59
C GLU C 336 -17.14 12.23 -35.53
N ALA C 337 -17.66 12.11 -34.31
CA ALA C 337 -17.22 12.94 -33.21
C ALA C 337 -15.87 12.39 -32.72
N VAL C 338 -15.69 11.09 -32.86
CA VAL C 338 -14.46 10.41 -32.46
C VAL C 338 -13.32 10.76 -33.42
N VAL C 339 -13.63 10.76 -34.71
CA VAL C 339 -12.65 11.11 -35.74
C VAL C 339 -12.29 12.60 -35.61
N ALA C 340 -13.29 13.42 -35.35
CA ALA C 340 -13.09 14.86 -35.20
C ALA C 340 -12.16 15.18 -34.04
N LYS C 341 -12.30 14.38 -32.98
CA LYS C 341 -11.50 14.58 -31.78
C LYS C 341 -10.09 13.99 -31.85
N TYR C 342 -10.01 12.73 -32.25
CA TYR C 342 -8.74 12.03 -32.27
C TYR C 342 -7.90 11.99 -33.54
N ARG C 343 -8.54 12.12 -34.70
CA ARG C 343 -7.80 12.08 -35.95
C ARG C 343 -6.74 13.19 -36.05
N PRO C 344 -7.07 14.45 -35.69
CA PRO C 344 -6.04 15.48 -35.78
C PRO C 344 -4.86 15.24 -34.81
N ARG C 345 -5.12 14.49 -33.75
CA ARG C 345 -4.08 14.16 -32.75
C ARG C 345 -3.14 13.08 -33.31
N LEU C 346 -3.70 12.26 -34.20
CA LEU C 346 -2.98 11.12 -34.76
C LEU C 346 -2.50 11.16 -36.23
N GLU C 347 -2.95 12.14 -37.00
CA GLU C 347 -2.56 12.19 -38.40
C GLU C 347 -1.11 12.05 -38.82
N GLY C 348 -0.92 11.25 -39.86
CA GLY C 348 0.40 11.01 -40.41
C GLY C 348 1.32 10.16 -39.55
N LYS C 349 0.80 9.59 -38.48
CA LYS C 349 1.65 8.77 -37.63
C LYS C 349 1.74 7.35 -38.20
N ARG C 350 2.95 6.81 -38.13
CA ARG C 350 3.26 5.49 -38.67
C ARG C 350 3.26 4.36 -37.66
N VAL C 351 2.68 3.24 -38.08
CA VAL C 351 2.53 2.05 -37.25
C VAL C 351 3.13 0.77 -37.81
N MET C 352 3.83 0.01 -36.97
CA MET C 352 4.32 -1.28 -37.39
C MET C 352 3.49 -2.23 -36.57
N LEU C 353 3.04 -3.31 -37.20
CA LEU C 353 2.23 -4.29 -36.49
C LEU C 353 2.86 -5.65 -36.61
N TYR C 354 2.50 -6.52 -35.67
CA TYR C 354 2.95 -7.89 -35.65
C TYR C 354 2.06 -8.63 -34.68
N ILE C 355 1.03 -9.26 -35.22
CA ILE C 355 0.08 -9.98 -34.38
C ILE C 355 -0.05 -11.45 -34.82
N GLY C 356 -1.21 -12.08 -34.60
CA GLY C 356 -1.35 -13.49 -34.93
C GLY C 356 -1.74 -14.04 -36.30
N GLY C 357 -3.04 -14.15 -36.55
CA GLY C 357 -3.48 -14.66 -37.83
C GLY C 357 -4.69 -13.96 -38.45
N LEU C 358 -4.97 -12.74 -38.03
CA LEU C 358 -6.12 -12.04 -38.57
C LEU C 358 -5.92 -10.54 -38.48
N ARG C 359 -5.61 -10.08 -37.27
CA ARG C 359 -5.44 -8.67 -37.01
C ARG C 359 -4.37 -7.87 -37.76
N PRO C 360 -3.28 -8.50 -38.23
CA PRO C 360 -2.28 -7.72 -38.96
C PRO C 360 -2.83 -7.08 -40.24
N ARG C 361 -3.94 -7.60 -40.76
CA ARG C 361 -4.54 -7.02 -41.96
C ARG C 361 -5.85 -6.35 -41.56
N HIS C 362 -6.51 -6.92 -40.56
CA HIS C 362 -7.79 -6.40 -40.09
C HIS C 362 -7.91 -5.06 -39.41
N VAL C 363 -6.88 -4.66 -38.66
CA VAL C 363 -6.94 -3.40 -37.95
C VAL C 363 -6.44 -2.22 -38.78
N ILE C 364 -5.96 -2.50 -39.98
CA ILE C 364 -5.44 -1.46 -40.88
C ILE C 364 -6.46 -0.36 -41.19
N GLY C 365 -7.68 -0.75 -41.57
CA GLY C 365 -8.72 0.22 -41.87
C GLY C 365 -9.04 1.16 -40.72
N ALA C 366 -9.09 0.60 -39.52
CA ALA C 366 -9.38 1.37 -38.31
C ALA C 366 -8.30 2.42 -38.08
N TYR C 367 -7.05 2.05 -38.33
CA TYR C 367 -5.92 2.97 -38.17
C TYR C 367 -5.97 4.11 -39.18
N GLU C 368 -6.39 3.77 -40.40
CA GLU C 368 -6.47 4.74 -41.47
C GLU C 368 -7.63 5.72 -41.30
N ASP C 369 -8.59 5.35 -40.45
CA ASP C 369 -9.72 6.23 -40.17
C ASP C 369 -9.25 7.28 -39.17
N LEU C 370 -8.05 7.11 -38.63
CA LEU C 370 -7.45 8.07 -37.71
C LEU C 370 -6.26 8.73 -38.42
N GLY C 371 -6.14 8.51 -39.72
CA GLY C 371 -5.06 9.10 -40.48
C GLY C 371 -3.67 8.52 -40.24
N MET C 372 -3.63 7.28 -39.75
CA MET C 372 -2.37 6.63 -39.49
C MET C 372 -2.09 5.62 -40.58
N GLU C 373 -0.82 5.47 -40.94
CA GLU C 373 -0.46 4.50 -41.98
C GLU C 373 0.40 3.38 -41.42
N VAL C 374 0.00 2.15 -41.74
CA VAL C 374 0.73 0.98 -41.29
C VAL C 374 1.89 0.77 -42.26
N VAL C 375 3.10 1.04 -41.79
CA VAL C 375 4.31 0.93 -42.62
C VAL C 375 4.95 -0.45 -42.58
N GLY C 376 4.36 -1.34 -41.81
CA GLY C 376 4.87 -2.69 -41.71
C GLY C 376 3.91 -3.51 -40.91
N THR C 377 3.70 -4.74 -41.36
CA THR C 377 2.82 -5.64 -40.63
C THR C 377 3.31 -7.06 -40.84
N GLY C 378 2.90 -7.92 -39.93
CA GLY C 378 3.35 -9.29 -40.00
C GLY C 378 2.56 -10.18 -39.09
N TYR C 379 2.58 -11.47 -39.42
CA TYR C 379 1.87 -12.49 -38.68
C TYR C 379 2.85 -13.47 -38.06
N GLU C 380 2.40 -14.12 -37.00
CA GLU C 380 3.19 -15.13 -36.30
C GLU C 380 3.00 -16.45 -37.04
N PHE C 381 1.74 -16.78 -37.28
CA PHE C 381 1.36 -18.07 -37.85
C PHE C 381 0.41 -18.19 -39.04
N ALA C 382 0.14 -17.12 -39.75
CA ALA C 382 -0.80 -17.20 -40.88
C ALA C 382 -0.28 -17.98 -42.07
N HIS C 383 -1.21 -18.40 -42.92
CA HIS C 383 -0.84 -19.13 -44.12
C HIS C 383 -0.90 -18.14 -45.26
N ASN C 384 -0.57 -18.60 -46.45
CA ASN C 384 -0.56 -17.71 -47.60
C ASN C 384 -1.91 -17.13 -48.03
N ASP C 385 -3.00 -17.80 -47.69
CA ASP C 385 -4.31 -17.28 -48.06
C ASP C 385 -4.58 -16.01 -47.23
N ASP C 386 -3.98 -15.91 -46.05
CA ASP C 386 -4.16 -14.70 -45.21
C ASP C 386 -3.32 -13.59 -45.83
N TYR C 387 -2.16 -13.98 -46.36
CA TYR C 387 -1.25 -13.02 -46.98
C TYR C 387 -1.78 -12.53 -48.32
N ASP C 388 -2.65 -13.33 -48.95
CA ASP C 388 -3.26 -12.96 -50.22
C ASP C 388 -4.18 -11.77 -49.93
N ARG C 389 -4.89 -11.88 -48.82
CA ARG C 389 -5.83 -10.85 -48.38
C ARG C 389 -5.10 -9.62 -47.85
N THR C 390 -3.86 -9.82 -47.41
CA THR C 390 -3.01 -8.80 -46.84
C THR C 390 -2.44 -7.77 -47.84
N MET C 391 -2.13 -8.25 -49.06
CA MET C 391 -1.56 -7.41 -50.11
C MET C 391 -2.40 -6.15 -50.40
N LYS C 392 -3.69 -6.36 -50.64
CA LYS C 392 -4.64 -5.29 -50.94
C LYS C 392 -4.70 -4.25 -49.83
N GLU C 393 -4.76 -4.76 -48.60
CA GLU C 393 -4.86 -3.95 -47.38
C GLU C 393 -3.73 -2.97 -47.08
N MET C 394 -2.49 -3.42 -47.23
CA MET C 394 -1.33 -2.57 -46.96
C MET C 394 -0.99 -1.62 -48.10
N GLY C 395 -0.05 -0.72 -47.82
CA GLY C 395 0.41 0.23 -48.81
C GLY C 395 1.43 -0.44 -49.69
N ASP C 396 2.01 0.28 -50.64
CA ASP C 396 2.96 -0.33 -51.55
C ASP C 396 4.27 -0.81 -50.92
N SER C 397 5.33 0.01 -50.91
CA SER C 397 6.60 -0.45 -50.34
C SER C 397 6.67 -0.47 -48.81
N THR C 398 5.93 -1.42 -48.24
CA THR C 398 5.84 -1.64 -46.79
C THR C 398 6.44 -2.99 -46.44
N LEU C 399 6.87 -3.13 -45.20
CA LEU C 399 7.49 -4.38 -44.79
C LEU C 399 6.52 -5.45 -44.35
N LEU C 400 6.79 -6.65 -44.84
CA LEU C 400 6.02 -7.82 -44.55
C LEU C 400 6.96 -8.81 -43.88
N TYR C 401 6.52 -9.39 -42.76
CA TYR C 401 7.33 -10.37 -42.03
C TYR C 401 6.53 -11.50 -41.36
N ASP C 402 6.82 -12.74 -41.78
CA ASP C 402 6.17 -13.93 -41.21
C ASP C 402 7.10 -14.61 -40.20
N ASP C 403 6.54 -14.95 -39.04
CA ASP C 403 7.28 -15.60 -37.97
C ASP C 403 8.54 -14.82 -37.71
N VAL C 404 8.38 -13.54 -37.42
CA VAL C 404 9.55 -12.70 -37.20
C VAL C 404 10.27 -13.09 -35.91
N THR C 405 11.59 -13.05 -35.96
CA THR C 405 12.41 -13.39 -34.81
C THR C 405 12.57 -12.12 -34.00
N GLY C 406 13.04 -12.25 -32.77
CA GLY C 406 13.24 -11.08 -31.92
C GLY C 406 14.26 -10.12 -32.48
N TYR C 407 15.33 -10.65 -33.08
CA TYR C 407 16.39 -9.84 -33.66
C TYR C 407 15.85 -9.00 -34.82
N GLU C 408 15.19 -9.68 -35.75
CA GLU C 408 14.61 -9.04 -36.92
C GLU C 408 13.68 -7.86 -36.58
N PHE C 409 12.70 -8.11 -35.73
CA PHE C 409 11.73 -7.07 -35.36
C PHE C 409 12.44 -5.87 -34.72
N GLU C 410 13.38 -6.14 -33.83
CA GLU C 410 14.10 -5.05 -33.17
C GLU C 410 14.84 -4.18 -34.19
N GLU C 411 15.60 -4.81 -35.09
CA GLU C 411 16.37 -4.09 -36.11
C GLU C 411 15.52 -3.44 -37.22
N PHE C 412 14.34 -3.99 -37.50
CA PHE C 412 13.47 -3.39 -38.52
C PHE C 412 12.95 -2.09 -37.93
N VAL C 413 12.56 -2.20 -36.67
CA VAL C 413 12.01 -1.10 -35.90
C VAL C 413 13.04 0.03 -35.74
N LYS C 414 14.30 -0.32 -35.52
CA LYS C 414 15.38 0.66 -35.40
C LYS C 414 15.57 1.47 -36.69
N ARG C 415 15.24 0.87 -37.82
CA ARG C 415 15.42 1.55 -39.11
C ARG C 415 14.21 2.39 -39.51
N ILE C 416 13.05 1.74 -39.50
CA ILE C 416 11.78 2.35 -39.87
C ILE C 416 11.38 3.50 -38.93
N LYS C 417 11.60 3.29 -37.63
CA LYS C 417 11.29 4.26 -36.57
C LYS C 417 9.82 4.65 -36.53
N PRO C 418 8.94 3.64 -36.34
CA PRO C 418 7.51 3.89 -36.28
C PRO C 418 7.13 4.75 -35.08
N ASP C 419 6.00 5.43 -35.17
CA ASP C 419 5.56 6.31 -34.10
C ASP C 419 4.74 5.53 -33.09
N LEU C 420 4.31 4.33 -33.50
CA LEU C 420 3.48 3.42 -32.69
C LEU C 420 3.79 1.98 -33.14
N ILE C 421 3.74 1.02 -32.23
CA ILE C 421 3.96 -0.39 -32.56
C ILE C 421 2.80 -1.15 -31.96
N GLY C 422 2.36 -2.19 -32.64
CA GLY C 422 1.23 -2.98 -32.17
C GLY C 422 1.57 -4.46 -32.20
N SER C 423 1.81 -5.03 -31.02
CA SER C 423 2.18 -6.44 -30.93
C SER C 423 1.78 -7.02 -29.56
N GLY C 424 2.42 -8.10 -29.14
CA GLY C 424 2.10 -8.72 -27.86
C GLY C 424 2.90 -8.30 -26.65
N ILE C 425 2.67 -9.00 -25.54
CA ILE C 425 3.33 -8.72 -24.25
C ILE C 425 4.82 -9.10 -24.24
N LYS C 426 5.20 -10.04 -25.09
CA LYS C 426 6.59 -10.49 -25.17
C LYS C 426 7.49 -9.49 -25.88
N GLU C 427 6.88 -8.46 -26.48
CA GLU C 427 7.64 -7.43 -27.17
C GLU C 427 7.35 -6.03 -26.60
N LYS C 428 6.24 -5.90 -25.88
CA LYS C 428 5.82 -4.62 -25.28
C LYS C 428 6.92 -3.84 -24.57
N PHE C 429 7.52 -4.45 -23.56
CA PHE C 429 8.54 -3.75 -22.78
C PHE C 429 9.89 -3.52 -23.45
N ILE C 430 10.13 -4.19 -24.58
CA ILE C 430 11.37 -4.02 -25.32
C ILE C 430 11.37 -2.66 -26.00
N PHE C 431 10.26 -2.39 -26.68
CA PHE C 431 10.06 -1.16 -27.43
C PHE C 431 9.72 0.08 -26.62
N GLN C 432 9.20 -0.11 -25.40
CA GLN C 432 8.89 1.02 -24.54
C GLN C 432 10.24 1.53 -24.02
N LYS C 433 11.17 0.60 -23.79
CA LYS C 433 12.50 0.95 -23.30
C LYS C 433 13.18 1.77 -24.38
N MET C 434 12.83 1.46 -25.62
CA MET C 434 13.39 2.10 -26.82
C MET C 434 12.76 3.44 -27.16
N GLY C 435 11.83 3.88 -26.31
CA GLY C 435 11.17 5.16 -26.52
C GLY C 435 10.00 5.15 -27.50
N ILE C 436 9.60 3.96 -27.95
CA ILE C 436 8.50 3.86 -28.90
C ILE C 436 7.17 3.44 -28.27
N PRO C 437 6.14 4.27 -28.39
CA PRO C 437 4.81 4.02 -27.86
C PRO C 437 4.37 2.63 -28.26
N PHE C 438 3.84 1.89 -27.29
CA PHE C 438 3.42 0.52 -27.57
C PHE C 438 2.00 0.26 -27.08
N ARG C 439 1.22 -0.42 -27.92
CA ARG C 439 -0.14 -0.80 -27.60
C ARG C 439 -0.27 -2.30 -27.80
N GLU C 440 -0.88 -2.97 -26.84
CA GLU C 440 -1.06 -4.41 -26.98
C GLU C 440 -2.23 -4.65 -27.91
N MET C 441 -1.92 -5.27 -29.04
CA MET C 441 -2.93 -5.55 -30.02
C MET C 441 -3.55 -6.92 -29.84
N HIS C 442 -3.14 -7.65 -28.79
CA HIS C 442 -3.73 -8.95 -28.47
C HIS C 442 -4.73 -8.70 -27.32
N SER C 443 -4.23 -8.30 -26.16
CA SER C 443 -5.12 -8.06 -24.99
C SER C 443 -5.76 -6.67 -24.93
N TRP C 444 -5.50 -5.85 -25.95
CA TRP C 444 -6.01 -4.49 -26.05
C TRP C 444 -5.49 -3.63 -24.90
N ASP C 445 -4.38 -4.08 -24.32
CA ASP C 445 -3.77 -3.44 -23.15
C ASP C 445 -4.79 -3.26 -22.06
N TYR C 446 -5.53 -4.35 -21.89
CA TYR C 446 -6.58 -4.50 -20.90
C TYR C 446 -7.73 -3.50 -21.04
N SER C 447 -7.90 -2.98 -22.26
CA SER C 447 -8.96 -2.03 -22.60
C SER C 447 -10.16 -2.71 -23.30
N GLY C 448 -10.42 -2.31 -24.55
CA GLY C 448 -11.50 -2.87 -25.35
C GLY C 448 -12.90 -2.47 -24.90
N PRO C 449 -13.93 -2.71 -25.74
CA PRO C 449 -13.84 -3.32 -27.08
C PRO C 449 -13.14 -2.49 -28.16
N TYR C 450 -12.73 -3.13 -29.24
CA TYR C 450 -12.15 -2.38 -30.36
C TYR C 450 -13.04 -2.66 -31.57
N HIS C 451 -13.94 -3.62 -31.43
CA HIS C 451 -14.89 -3.96 -32.51
C HIS C 451 -16.12 -3.13 -32.50
N GLY C 452 -16.61 -2.85 -33.71
CA GLY C 452 -17.81 -2.06 -33.87
C GLY C 452 -17.53 -0.57 -33.79
N PHE C 453 -18.61 0.20 -33.72
CA PHE C 453 -18.58 1.66 -33.62
C PHE C 453 -18.14 2.07 -32.21
N ASP C 454 -18.81 1.52 -31.20
CA ASP C 454 -18.48 1.81 -29.80
C ASP C 454 -17.05 1.40 -29.51
N GLY C 455 -16.64 0.31 -30.16
CA GLY C 455 -15.28 -0.18 -29.96
C GLY C 455 -14.28 0.77 -30.58
N PHE C 456 -14.68 1.44 -31.66
CA PHE C 456 -13.83 2.38 -32.37
C PHE C 456 -13.50 3.61 -31.54
N ALA C 457 -14.42 3.99 -30.67
CA ALA C 457 -14.23 5.14 -29.82
C ALA C 457 -13.11 4.84 -28.82
N ILE C 458 -13.11 3.62 -28.28
CA ILE C 458 -12.10 3.20 -27.32
C ILE C 458 -10.73 3.04 -28.00
N PHE C 459 -10.75 2.45 -29.19
CA PHE C 459 -9.55 2.23 -30.00
C PHE C 459 -8.83 3.58 -30.23
N ALA C 460 -9.59 4.60 -30.60
CA ALA C 460 -9.04 5.94 -30.86
C ALA C 460 -8.54 6.62 -29.59
N ARG C 461 -9.30 6.44 -28.52
CA ARG C 461 -9.00 7.00 -27.21
C ARG C 461 -7.64 6.49 -26.75
N ASP C 462 -7.46 5.18 -26.89
CA ASP C 462 -6.23 4.50 -26.48
C ASP C 462 -5.00 4.71 -27.37
N MET C 463 -5.19 4.85 -28.68
CA MET C 463 -4.04 5.05 -29.56
C MET C 463 -3.48 6.44 -29.31
N ASP C 464 -4.39 7.35 -28.95
CA ASP C 464 -4.04 8.74 -28.66
C ASP C 464 -3.35 8.87 -27.29
N MET C 465 -3.90 8.23 -26.27
CA MET C 465 -3.30 8.33 -24.92
C MET C 465 -1.87 7.80 -24.87
N THR C 466 -1.57 6.81 -25.70
CA THR C 466 -0.27 6.18 -25.73
C THR C 466 0.75 6.88 -26.63
N LEU C 467 0.32 7.27 -27.82
CA LEU C 467 1.21 7.95 -28.75
C LEU C 467 1.54 9.34 -28.22
N ASN C 468 0.51 10.07 -27.83
CA ASN C 468 0.70 11.44 -27.34
C ASN C 468 0.94 11.54 -25.85
N ASN C 469 1.39 10.45 -25.25
CA ASN C 469 1.66 10.49 -23.84
C ASN C 469 2.88 11.34 -23.52
N PRO C 470 2.81 12.07 -22.41
CA PRO C 470 3.90 12.91 -21.97
C PRO C 470 5.17 12.16 -21.58
N CYS C 471 5.04 10.86 -21.32
CA CYS C 471 6.21 10.06 -20.90
C CYS C 471 7.31 9.85 -21.93
N TRP C 472 6.92 9.84 -23.21
CA TRP C 472 7.88 9.60 -24.29
C TRP C 472 8.88 10.72 -24.57
N LYS C 473 8.63 11.90 -24.03
CA LYS C 473 9.52 13.06 -24.21
C LYS C 473 10.52 13.08 -23.06
N LYS C 474 10.38 12.16 -22.11
CA LYS C 474 11.25 12.17 -20.94
C LYS C 474 12.21 11.01 -20.72
N LEU C 475 12.47 10.24 -21.77
CA LEU C 475 13.36 9.09 -21.70
C LEU C 475 14.82 9.50 -21.61
N GLN C 476 15.13 10.72 -22.05
CA GLN C 476 16.52 11.17 -21.99
C GLN C 476 16.79 12.13 -20.86
N ALA C 477 17.90 11.89 -20.16
CA ALA C 477 18.30 12.72 -19.04
C ALA C 477 18.83 14.06 -19.55
N PRO C 478 18.38 15.16 -18.94
CA PRO C 478 18.81 16.50 -19.33
C PRO C 478 20.32 16.77 -19.18
N TRP C 479 21.02 15.89 -18.46
CA TRP C 479 22.48 16.03 -18.28
C TRP C 479 23.19 14.94 -19.09
N GLU C 480 22.37 14.16 -19.80
CA GLU C 480 22.71 13.02 -20.66
C GLU C 480 23.00 11.76 -19.85
N SER D 2 -24.18 2.76 -27.39
CA SER D 2 -23.75 4.14 -27.77
C SER D 2 -22.57 4.66 -26.99
N GLN D 3 -21.87 5.62 -27.58
CA GLN D 3 -20.69 6.21 -26.96
C GLN D 3 -20.73 7.74 -27.10
N GLN D 4 -20.42 8.45 -26.01
CA GLN D 4 -20.36 9.91 -26.00
C GLN D 4 -18.87 10.19 -26.10
N VAL D 5 -18.47 10.95 -27.11
CA VAL D 5 -17.06 11.23 -27.35
C VAL D 5 -16.17 11.78 -26.21
N ASP D 6 -16.73 12.52 -25.27
CA ASP D 6 -15.92 13.06 -24.18
C ASP D 6 -16.06 12.28 -22.87
N LYS D 7 -16.78 11.16 -22.93
CA LYS D 7 -16.99 10.27 -21.79
C LYS D 7 -17.19 8.85 -22.33
N ILE D 8 -16.12 8.38 -22.98
CA ILE D 8 -16.03 7.07 -23.60
C ILE D 8 -15.88 6.01 -22.51
N LYS D 9 -16.71 4.96 -22.61
CA LYS D 9 -16.70 3.87 -21.63
C LYS D 9 -16.05 2.62 -22.18
N ALA D 10 -15.22 1.99 -21.36
CA ALA D 10 -14.56 0.75 -21.74
C ALA D 10 -15.56 -0.38 -21.43
N SER D 11 -15.11 -1.63 -21.56
CA SER D 11 -15.95 -2.81 -21.30
C SER D 11 -16.85 -2.55 -20.08
N TYR D 12 -16.24 -2.07 -18.99
CA TYR D 12 -16.95 -1.67 -17.78
C TYR D 12 -16.75 -0.16 -17.93
N PRO D 13 -17.83 0.62 -17.88
CA PRO D 13 -19.22 0.15 -17.74
C PRO D 13 -20.13 0.07 -18.98
N LEU D 14 -19.55 0.00 -20.18
CA LEU D 14 -20.35 -0.05 -21.42
C LEU D 14 -21.49 -1.06 -21.43
N PHE D 15 -21.16 -2.29 -21.05
CA PHE D 15 -22.11 -3.39 -21.08
C PHE D 15 -23.22 -3.37 -20.02
N LEU D 16 -23.17 -2.35 -19.15
CA LEU D 16 -24.19 -2.17 -18.13
C LEU D 16 -25.31 -1.27 -18.68
N ASP D 17 -25.12 -0.72 -19.89
CA ASP D 17 -26.14 0.12 -20.55
C ASP D 17 -27.31 -0.81 -20.88
N GLN D 18 -28.53 -0.26 -20.87
CA GLN D 18 -29.74 -1.02 -21.13
C GLN D 18 -29.81 -1.75 -22.49
N ASP D 19 -29.25 -1.16 -23.55
CA ASP D 19 -29.31 -1.84 -24.85
C ASP D 19 -28.44 -3.11 -24.90
N TYR D 20 -27.35 -3.14 -24.14
CA TYR D 20 -26.49 -4.32 -24.11
C TYR D 20 -27.00 -5.34 -23.10
N LYS D 21 -27.59 -4.83 -22.01
CA LYS D 21 -28.13 -5.68 -20.95
C LYS D 21 -29.37 -6.44 -21.41
N ASP D 22 -30.13 -5.85 -22.34
CA ASP D 22 -31.32 -6.55 -22.85
C ASP D 22 -30.91 -7.48 -24.00
N MET D 23 -29.81 -7.13 -24.67
CA MET D 23 -29.28 -7.91 -25.80
C MET D 23 -28.69 -9.23 -25.29
N LEU D 24 -28.02 -9.11 -24.13
CA LEU D 24 -27.37 -10.20 -23.44
C LEU D 24 -28.42 -11.16 -22.87
N ALA D 25 -29.55 -10.61 -22.45
CA ALA D 25 -30.64 -11.40 -21.88
C ALA D 25 -31.31 -12.22 -22.99
N LYS D 26 -31.34 -11.65 -24.20
CA LYS D 26 -31.93 -12.34 -25.34
C LYS D 26 -31.03 -13.46 -25.84
N LYS D 27 -29.73 -13.33 -25.56
CA LYS D 27 -28.75 -14.33 -25.96
C LYS D 27 -28.83 -15.53 -25.01
N ARG D 28 -29.12 -15.24 -23.76
CA ARG D 28 -29.23 -16.24 -22.69
C ARG D 28 -30.55 -17.00 -22.74
N ASP D 29 -31.66 -16.25 -22.67
CA ASP D 29 -33.00 -16.84 -22.71
C ASP D 29 -33.23 -17.53 -24.05
N GLY D 30 -32.68 -16.92 -25.10
CA GLY D 30 -32.85 -17.47 -26.44
C GLY D 30 -32.03 -18.67 -26.85
N PHE D 31 -30.70 -18.58 -26.76
CA PHE D 31 -29.85 -19.69 -27.21
C PHE D 31 -28.86 -20.37 -26.26
N GLU D 32 -28.78 -19.91 -25.01
CA GLU D 32 -27.83 -20.49 -24.06
C GLU D 32 -28.31 -21.70 -23.24
N GLU D 33 -29.63 -21.84 -23.11
CA GLU D 33 -30.23 -22.95 -22.35
C GLU D 33 -29.62 -23.04 -20.97
N LYS D 34 -29.41 -21.87 -20.40
CA LYS D 34 -28.82 -21.69 -19.09
C LYS D 34 -29.74 -22.27 -18.00
N TYR D 35 -29.14 -22.87 -16.97
CA TYR D 35 -29.89 -23.42 -15.85
C TYR D 35 -30.62 -22.25 -15.19
N PRO D 36 -31.80 -22.50 -14.59
CA PRO D 36 -32.54 -21.42 -13.92
C PRO D 36 -31.69 -20.82 -12.81
N GLN D 37 -31.82 -19.51 -12.59
CA GLN D 37 -31.02 -18.83 -11.56
C GLN D 37 -31.13 -19.50 -10.19
N ASP D 38 -32.32 -19.98 -9.84
CA ASP D 38 -32.52 -20.62 -8.55
C ASP D 38 -31.69 -21.91 -8.40
N LYS D 39 -31.32 -22.54 -9.53
CA LYS D 39 -30.52 -23.77 -9.46
C LYS D 39 -29.05 -23.39 -9.41
N ILE D 40 -28.73 -22.25 -10.03
CA ILE D 40 -27.37 -21.75 -10.06
C ILE D 40 -27.03 -21.25 -8.65
N ASP D 41 -28.00 -20.66 -7.97
CA ASP D 41 -27.79 -20.17 -6.60
C ASP D 41 -27.78 -21.31 -5.57
N GLU D 42 -28.50 -22.39 -5.89
CA GLU D 42 -28.59 -23.54 -5.00
C GLU D 42 -27.29 -24.32 -4.97
N VAL D 43 -26.69 -24.48 -6.14
CA VAL D 43 -25.43 -25.20 -6.24
C VAL D 43 -24.31 -24.32 -5.67
N PHE D 44 -24.40 -23.00 -5.85
CA PHE D 44 -23.37 -22.11 -5.29
C PHE D 44 -23.33 -22.29 -3.78
N GLN D 45 -24.52 -22.25 -3.18
CA GLN D 45 -24.71 -22.39 -1.75
C GLN D 45 -24.10 -23.69 -1.24
N TRP D 46 -24.26 -24.71 -2.05
CA TRP D 46 -23.78 -26.03 -1.76
C TRP D 46 -22.24 -26.07 -1.80
N THR D 47 -21.64 -25.42 -2.79
CA THR D 47 -20.18 -25.40 -2.91
C THR D 47 -19.53 -24.65 -1.76
N THR D 48 -20.39 -24.09 -0.92
CA THR D 48 -20.00 -23.29 0.22
C THR D 48 -19.95 -24.11 1.52
N THR D 49 -20.79 -25.14 1.59
CA THR D 49 -20.89 -26.03 2.75
C THR D 49 -19.74 -26.96 3.12
N LYS D 50 -19.82 -27.57 4.30
CA LYS D 50 -18.82 -28.49 4.82
C LYS D 50 -18.93 -29.85 4.18
N GLU D 51 -20.11 -30.10 3.62
CA GLU D 51 -20.48 -31.33 2.96
C GLU D 51 -19.73 -31.37 1.61
N TYR D 52 -19.70 -30.24 0.91
CA TYR D 52 -19.01 -30.13 -0.38
C TYR D 52 -17.51 -30.22 -0.14
N GLN D 53 -17.07 -29.67 1.00
CA GLN D 53 -15.66 -29.68 1.37
C GLN D 53 -15.09 -31.09 1.45
N GLU D 54 -15.88 -32.01 2.00
CA GLU D 54 -15.47 -33.41 2.15
C GLU D 54 -15.24 -34.06 0.79
N LEU D 55 -16.17 -33.82 -0.13
CA LEU D 55 -16.07 -34.36 -1.48
C LEU D 55 -14.85 -33.80 -2.18
N ASN D 56 -14.70 -32.48 -2.07
CA ASN D 56 -13.61 -31.69 -2.64
C ASN D 56 -12.25 -32.27 -2.23
N PHE D 57 -12.08 -32.48 -0.93
CA PHE D 57 -10.82 -33.00 -0.40
C PHE D 57 -10.61 -34.51 -0.62
N GLN D 58 -11.63 -35.18 -1.16
CA GLN D 58 -11.56 -36.61 -1.45
C GLN D 58 -11.04 -36.84 -2.86
N ARG D 59 -10.76 -35.74 -3.56
CA ARG D 59 -10.23 -35.82 -4.91
C ARG D 59 -8.88 -36.49 -4.90
N GLU D 60 -8.59 -37.24 -5.95
CA GLU D 60 -7.31 -37.92 -6.05
C GLU D 60 -6.77 -37.78 -7.47
N ALA D 61 -7.63 -37.37 -8.41
CA ALA D 61 -7.20 -37.25 -9.80
C ALA D 61 -7.32 -35.87 -10.45
N LEU D 62 -8.25 -35.07 -9.96
CA LEU D 62 -8.46 -33.75 -10.50
C LEU D 62 -7.78 -32.67 -9.65
N THR D 63 -7.21 -31.68 -10.34
CA THR D 63 -6.53 -30.56 -9.71
C THR D 63 -7.21 -29.33 -10.32
N VAL D 64 -7.79 -28.49 -9.45
CA VAL D 64 -8.50 -27.29 -9.90
C VAL D 64 -7.83 -26.05 -9.32
N ASN D 65 -7.41 -25.15 -10.20
CA ASN D 65 -6.72 -23.89 -9.83
C ASN D 65 -5.47 -24.17 -8.98
N PRO D 66 -4.35 -24.55 -9.63
CA PRO D 66 -3.09 -24.84 -8.94
C PRO D 66 -2.40 -23.61 -8.37
N ALA D 67 -1.47 -23.85 -7.46
CA ALA D 67 -0.71 -22.79 -6.83
C ALA D 67 0.77 -23.11 -7.03
N LYS D 68 1.12 -23.46 -8.27
CA LYS D 68 2.49 -23.82 -8.67
C LYS D 68 2.60 -23.88 -10.20
N ALA D 69 3.82 -23.80 -10.73
CA ALA D 69 4.06 -23.89 -12.17
C ALA D 69 5.08 -25.01 -12.40
N CYS D 70 5.48 -25.25 -13.64
CA CYS D 70 6.42 -26.34 -13.93
C CYS D 70 7.91 -25.97 -13.85
N GLN D 71 8.75 -27.01 -13.75
CA GLN D 71 10.21 -26.84 -13.61
C GLN D 71 10.96 -25.84 -14.50
N PRO D 72 10.82 -25.95 -15.83
CA PRO D 72 11.55 -25.00 -16.68
C PRO D 72 11.41 -23.49 -16.35
N LEU D 73 10.25 -23.07 -15.85
CA LEU D 73 10.06 -21.67 -15.50
C LEU D 73 11.15 -21.25 -14.52
N GLY D 74 11.39 -22.08 -13.51
CA GLY D 74 12.40 -21.77 -12.52
C GLY D 74 13.80 -21.80 -13.10
N ALA D 75 13.98 -22.68 -14.08
CA ALA D 75 15.25 -22.85 -14.78
C ALA D 75 15.55 -21.61 -15.61
N VAL D 76 14.50 -21.04 -16.22
CA VAL D 76 14.65 -19.83 -17.03
C VAL D 76 15.04 -18.66 -16.11
N LEU D 77 14.36 -18.54 -14.98
CA LEU D 77 14.69 -17.45 -14.06
C LEU D 77 16.11 -17.59 -13.53
N CYS D 78 16.48 -18.81 -13.17
CA CYS D 78 17.83 -19.07 -12.66
C CYS D 78 18.89 -18.61 -13.64
N ALA D 79 18.76 -19.05 -14.89
CA ALA D 79 19.70 -18.72 -15.94
C ALA D 79 19.80 -17.21 -16.20
N LEU D 80 18.68 -16.50 -16.09
CA LEU D 80 18.67 -15.06 -16.31
C LEU D 80 19.50 -14.34 -15.27
N GLY D 81 19.86 -15.04 -14.20
CA GLY D 81 20.64 -14.43 -13.14
C GLY D 81 22.14 -14.40 -13.37
N PHE D 82 22.56 -14.90 -14.52
CA PHE D 82 23.99 -14.92 -14.85
C PHE D 82 24.34 -13.97 -15.99
N GLU D 83 25.54 -13.37 -15.92
CA GLU D 83 25.98 -12.40 -16.94
C GLU D 83 25.94 -12.84 -18.38
N LYS D 84 25.17 -12.09 -19.15
CA LYS D 84 24.98 -12.31 -20.57
C LYS D 84 24.70 -13.74 -20.94
N THR D 85 23.69 -14.32 -20.29
CA THR D 85 23.34 -15.68 -20.64
C THR D 85 21.94 -15.75 -21.15
N MET D 86 21.80 -16.59 -22.14
CA MET D 86 20.56 -16.81 -22.82
C MET D 86 19.94 -18.09 -22.30
N PRO D 87 18.74 -18.01 -21.68
CA PRO D 87 18.10 -19.22 -21.22
C PRO D 87 17.67 -19.90 -22.49
N TYR D 88 17.90 -21.19 -22.58
CA TYR D 88 17.60 -21.98 -23.77
C TYR D 88 16.79 -23.16 -23.25
N VAL D 89 15.59 -23.38 -23.80
CA VAL D 89 14.77 -24.51 -23.34
C VAL D 89 14.64 -25.51 -24.48
N HIS D 90 15.29 -26.65 -24.32
CA HIS D 90 15.28 -27.71 -25.31
C HIS D 90 13.93 -28.43 -25.30
N GLY D 91 13.18 -28.26 -26.40
CA GLY D 91 11.88 -28.89 -26.50
C GLY D 91 10.93 -28.02 -27.29
N SER D 92 9.65 -28.20 -27.04
CA SER D 92 8.62 -27.44 -27.75
C SER D 92 8.64 -25.94 -27.40
N GLN D 93 8.43 -25.11 -28.43
CA GLN D 93 8.44 -23.66 -28.28
C GLN D 93 7.28 -23.06 -27.50
N GLY D 94 6.13 -23.74 -27.48
CA GLY D 94 4.99 -23.22 -26.75
C GLY D 94 5.38 -22.87 -25.32
N CYS D 95 6.15 -23.75 -24.71
CA CYS D 95 6.63 -23.56 -23.33
C CYS D 95 7.26 -22.19 -23.13
N VAL D 96 8.26 -21.89 -23.95
CA VAL D 96 8.98 -20.63 -23.85
C VAL D 96 8.04 -19.43 -23.96
N ALA D 97 7.18 -19.41 -24.98
CA ALA D 97 6.25 -18.30 -25.16
C ALA D 97 5.48 -18.07 -23.86
N TYR D 98 5.03 -19.17 -23.26
CA TYR D 98 4.29 -19.10 -22.01
C TYR D 98 5.19 -18.63 -20.84
N PHE D 99 6.43 -19.11 -20.79
CA PHE D 99 7.36 -18.72 -19.71
C PHE D 99 7.60 -17.23 -19.75
N ARG D 100 7.83 -16.76 -20.97
CA ARG D 100 8.10 -15.35 -21.18
C ARG D 100 6.90 -14.48 -20.81
N SER D 101 5.73 -14.85 -21.30
CA SER D 101 4.49 -14.10 -21.03
C SER D 101 4.13 -14.03 -19.55
N TYR D 102 4.42 -15.10 -18.84
CA TYR D 102 4.12 -15.22 -17.42
C TYR D 102 5.02 -14.24 -16.65
N PHE D 103 6.31 -14.25 -16.99
CA PHE D 103 7.28 -13.38 -16.36
C PHE D 103 7.17 -11.92 -16.81
N ASN D 104 6.73 -11.69 -18.05
CA ASN D 104 6.56 -10.30 -18.55
C ASN D 104 5.47 -9.66 -17.70
N ARG D 105 4.38 -10.41 -17.50
CA ARG D 105 3.23 -9.90 -16.77
C ARG D 105 3.44 -9.65 -15.29
N HIS D 106 4.43 -10.32 -14.70
CA HIS D 106 4.75 -10.14 -13.30
C HIS D 106 5.76 -9.01 -13.09
N PHE D 107 6.90 -9.08 -13.76
CA PHE D 107 7.95 -8.06 -13.63
C PHE D 107 7.78 -6.80 -14.51
N ARG D 108 6.84 -6.84 -15.47
CA ARG D 108 6.59 -5.75 -16.43
C ARG D 108 7.89 -5.30 -17.09
N GLU D 109 8.63 -6.29 -17.60
CA GLU D 109 9.92 -6.14 -18.26
C GLU D 109 10.07 -7.19 -19.37
N PRO D 110 11.10 -7.05 -20.21
CA PRO D 110 11.31 -8.04 -21.27
C PRO D 110 12.05 -9.20 -20.68
N VAL D 111 11.66 -10.43 -21.03
CA VAL D 111 12.38 -11.58 -20.54
C VAL D 111 12.83 -12.31 -21.79
N SER D 112 14.14 -12.54 -21.84
CA SER D 112 14.77 -13.17 -22.98
C SER D 112 15.02 -14.65 -22.78
N CYS D 113 14.52 -15.43 -23.74
CA CYS D 113 14.63 -16.88 -23.67
C CYS D 113 14.33 -17.47 -25.04
N VAL D 114 15.04 -18.54 -25.41
CA VAL D 114 14.82 -19.18 -26.71
C VAL D 114 14.48 -20.66 -26.55
N SER D 115 13.93 -21.24 -27.61
CA SER D 115 13.57 -22.65 -27.65
C SER D 115 14.26 -23.18 -28.91
N ASP D 116 14.34 -24.49 -29.07
CA ASP D 116 14.92 -24.99 -30.32
C ASP D 116 13.80 -25.64 -31.12
N SER D 117 12.60 -25.16 -30.82
CA SER D 117 11.33 -25.52 -31.45
C SER D 117 11.24 -26.91 -32.06
N MET D 118 11.05 -27.89 -31.19
CA MET D 118 10.93 -29.29 -31.58
C MET D 118 9.52 -29.66 -32.01
N THR D 119 9.44 -30.05 -33.26
CA THR D 119 8.24 -30.41 -33.97
C THR D 119 7.96 -31.93 -33.85
N GLU D 120 6.89 -32.38 -34.50
CA GLU D 120 6.46 -33.77 -34.48
C GLU D 120 7.56 -34.74 -34.91
N ASP D 121 8.27 -34.40 -35.99
CA ASP D 121 9.33 -35.28 -36.48
C ASP D 121 10.51 -35.36 -35.50
N ALA D 122 10.79 -34.25 -34.81
CA ALA D 122 11.87 -34.25 -33.82
C ALA D 122 11.44 -35.03 -32.58
N ALA D 123 10.13 -35.18 -32.40
CA ALA D 123 9.61 -35.92 -31.25
C ALA D 123 9.90 -37.38 -31.54
N VAL D 124 9.84 -37.72 -32.83
CA VAL D 124 10.09 -39.10 -33.24
C VAL D 124 11.57 -39.44 -33.48
N PHE D 125 12.38 -38.46 -33.90
CA PHE D 125 13.81 -38.74 -34.15
C PHE D 125 14.79 -38.27 -33.07
N GLY D 126 14.29 -37.51 -32.10
CA GLY D 126 15.15 -36.99 -31.05
C GLY D 126 15.48 -35.56 -31.43
N GLY D 127 15.87 -34.75 -30.44
CA GLY D 127 16.18 -33.35 -30.72
C GLY D 127 17.64 -33.02 -30.97
N GLN D 128 18.39 -34.00 -31.47
CA GLN D 128 19.81 -33.79 -31.75
C GLN D 128 20.11 -32.75 -32.85
N GLN D 129 19.27 -32.68 -33.89
CA GLN D 129 19.53 -31.71 -34.95
C GLN D 129 19.13 -30.32 -34.46
N ASN D 130 18.03 -30.27 -33.69
CA ASN D 130 17.52 -29.05 -33.13
C ASN D 130 18.53 -28.43 -32.17
N MET D 131 19.25 -29.29 -31.44
CA MET D 131 20.26 -28.84 -30.50
C MET D 131 21.44 -28.23 -31.26
N LYS D 132 21.82 -28.86 -32.36
CA LYS D 132 22.92 -28.39 -33.19
C LYS D 132 22.63 -27.04 -33.85
N ASP D 133 21.49 -26.94 -34.53
CA ASP D 133 21.10 -25.70 -35.19
C ASP D 133 20.86 -24.58 -34.17
N GLY D 134 19.98 -24.87 -33.22
CA GLY D 134 19.61 -23.92 -32.18
C GLY D 134 20.71 -23.27 -31.36
N LEU D 135 21.74 -24.04 -31.01
CA LEU D 135 22.84 -23.48 -30.24
C LEU D 135 23.64 -22.53 -31.12
N GLN D 136 23.73 -22.90 -32.40
CA GLN D 136 24.47 -22.13 -33.40
C GLN D 136 23.73 -20.83 -33.74
N ASN D 137 22.42 -20.96 -33.96
CA ASN D 137 21.54 -19.83 -34.30
C ASN D 137 21.43 -18.81 -33.15
N CYS D 138 21.31 -19.32 -31.93
CA CYS D 138 21.19 -18.46 -30.76
C CYS D 138 22.50 -17.69 -30.50
N LYS D 139 23.62 -18.41 -30.49
CA LYS D 139 24.92 -17.77 -30.23
C LYS D 139 25.28 -16.69 -31.25
N ALA D 140 25.00 -16.95 -32.52
CA ALA D 140 25.31 -16.01 -33.59
C ALA D 140 24.37 -14.81 -33.69
N THR D 141 23.09 -15.02 -33.40
CA THR D 141 22.08 -13.97 -33.50
C THR D 141 22.01 -13.07 -32.27
N TYR D 142 21.86 -13.70 -31.10
CA TYR D 142 21.73 -13.00 -29.83
C TYR D 142 23.00 -12.74 -29.03
N LYS D 143 24.08 -13.37 -29.46
CA LYS D 143 25.41 -13.19 -28.87
C LYS D 143 25.60 -13.23 -27.35
N PRO D 144 25.21 -14.34 -26.70
CA PRO D 144 25.39 -14.43 -25.26
C PRO D 144 26.80 -14.94 -25.00
N ASP D 145 27.28 -14.85 -23.76
CA ASP D 145 28.61 -15.35 -23.43
C ASP D 145 28.41 -16.78 -22.91
N MET D 146 27.15 -17.15 -22.69
CA MET D 146 26.80 -18.48 -22.18
C MET D 146 25.34 -18.82 -22.50
N ILE D 147 25.08 -20.09 -22.78
CA ILE D 147 23.74 -20.57 -23.11
C ILE D 147 23.43 -21.64 -22.07
N ALA D 148 22.39 -21.42 -21.27
CA ALA D 148 22.02 -22.37 -20.22
C ALA D 148 20.78 -23.16 -20.63
N VAL D 149 20.99 -24.44 -20.88
CA VAL D 149 19.96 -25.37 -21.36
C VAL D 149 19.09 -26.15 -20.36
N SER D 150 17.78 -25.99 -20.49
CA SER D 150 16.82 -26.70 -19.65
C SER D 150 15.97 -27.52 -20.62
N THR D 151 14.91 -28.18 -20.14
CA THR D 151 14.11 -29.00 -21.04
C THR D 151 12.62 -28.97 -20.77
N THR D 152 11.84 -29.26 -21.81
CA THR D 152 10.38 -29.30 -21.69
C THR D 152 10.06 -30.79 -21.52
N CYS D 153 8.84 -31.14 -21.08
CA CYS D 153 8.50 -32.55 -20.88
C CYS D 153 8.58 -33.40 -22.13
N MET D 154 8.27 -32.81 -23.27
CA MET D 154 8.33 -33.57 -24.50
C MET D 154 9.71 -34.20 -24.68
N ALA D 155 10.75 -33.40 -24.43
CA ALA D 155 12.13 -33.86 -24.56
C ALA D 155 12.58 -34.79 -23.43
N GLU D 156 11.87 -34.75 -22.31
CA GLU D 156 12.20 -35.58 -21.15
C GLU D 156 11.64 -36.98 -21.28
N VAL D 157 10.42 -37.06 -21.80
CA VAL D 157 9.74 -38.33 -22.01
C VAL D 157 10.56 -39.21 -22.96
N ILE D 158 11.07 -38.62 -24.04
CA ILE D 158 11.84 -39.36 -25.04
C ILE D 158 13.32 -39.51 -24.72
N GLY D 159 13.67 -39.04 -23.53
CA GLY D 159 15.02 -39.13 -23.04
C GLY D 159 16.15 -38.56 -23.87
N ASP D 160 15.99 -37.31 -24.30
CA ASP D 160 17.03 -36.67 -25.07
C ASP D 160 18.18 -36.42 -24.10
N ASP D 161 19.33 -37.03 -24.38
CA ASP D 161 20.51 -36.85 -23.51
C ASP D 161 21.12 -35.50 -23.81
N LEU D 162 20.83 -34.54 -22.95
CA LEU D 162 21.33 -33.18 -23.12
C LEU D 162 22.84 -33.13 -23.17
N ASN D 163 23.49 -33.92 -22.32
CA ASN D 163 24.95 -33.91 -22.29
C ASN D 163 25.55 -34.37 -23.62
N ALA D 164 25.03 -35.46 -24.16
CA ALA D 164 25.51 -36.01 -25.43
C ALA D 164 25.29 -35.04 -26.58
N PHE D 165 24.07 -34.52 -26.66
CA PHE D 165 23.66 -33.60 -27.70
C PHE D 165 24.45 -32.31 -27.78
N ILE D 166 24.85 -31.79 -26.62
CA ILE D 166 25.63 -30.57 -26.56
C ILE D 166 27.09 -30.92 -26.91
N ASN D 167 27.55 -32.09 -26.47
CA ASN D 167 28.92 -32.52 -26.77
C ASN D 167 29.11 -32.78 -28.26
N ASN D 168 28.06 -33.31 -28.89
CA ASN D 168 28.11 -33.60 -30.32
C ASN D 168 27.97 -32.28 -31.08
N SER D 169 27.28 -31.31 -30.48
CA SER D 169 27.10 -30.01 -31.11
C SER D 169 28.46 -29.31 -31.17
N LYS D 170 29.23 -29.45 -30.10
CA LYS D 170 30.55 -28.83 -30.02
C LYS D 170 31.56 -29.51 -30.92
N LYS D 171 31.41 -30.82 -31.10
CA LYS D 171 32.33 -31.58 -31.91
C LYS D 171 32.18 -31.35 -33.41
N GLU D 172 30.95 -31.06 -33.84
CA GLU D 172 30.65 -30.82 -35.25
C GLU D 172 30.85 -29.35 -35.66
N GLY D 173 31.40 -28.54 -34.75
CA GLY D 173 31.64 -27.14 -35.04
C GLY D 173 30.44 -26.20 -35.10
N PHE D 174 29.38 -26.52 -34.35
CA PHE D 174 28.21 -25.67 -34.35
C PHE D 174 28.44 -24.50 -33.40
N ILE D 175 29.12 -24.80 -32.29
CA ILE D 175 29.50 -23.79 -31.30
C ILE D 175 30.89 -24.21 -30.87
N PRO D 176 31.74 -23.26 -30.47
CA PRO D 176 33.10 -23.54 -30.01
C PRO D 176 33.12 -24.48 -28.82
N ASP D 177 34.22 -25.22 -28.65
CA ASP D 177 34.34 -26.19 -27.57
C ASP D 177 34.39 -25.55 -26.19
N GLU D 178 34.98 -24.36 -26.15
CA GLU D 178 35.15 -23.61 -24.91
C GLU D 178 33.94 -22.73 -24.52
N PHE D 179 32.96 -22.61 -25.42
CA PHE D 179 31.75 -21.81 -25.15
C PHE D 179 30.91 -22.47 -24.06
N PRO D 180 30.66 -21.76 -22.94
CA PRO D 180 29.88 -22.28 -21.83
C PRO D 180 28.43 -22.65 -22.14
N VAL D 181 28.11 -23.93 -22.00
CA VAL D 181 26.76 -24.40 -22.25
C VAL D 181 26.33 -25.37 -21.15
N PRO D 182 26.03 -24.84 -19.94
CA PRO D 182 25.60 -25.71 -18.85
C PRO D 182 24.20 -26.22 -19.13
N PHE D 183 23.85 -27.36 -18.55
CA PHE D 183 22.54 -27.94 -18.79
C PHE D 183 21.91 -28.50 -17.53
N ALA D 184 20.63 -28.85 -17.66
CA ALA D 184 19.86 -29.42 -16.58
C ALA D 184 18.59 -30.04 -17.15
N HIS D 185 18.36 -31.28 -16.78
CA HIS D 185 17.16 -31.98 -17.20
C HIS D 185 16.10 -31.46 -16.22
N THR D 186 15.06 -30.81 -16.75
CA THR D 186 14.00 -30.22 -15.92
C THR D 186 12.59 -30.72 -16.26
N PRO D 187 12.28 -31.99 -15.95
CA PRO D 187 10.96 -32.59 -16.21
C PRO D 187 9.79 -31.86 -15.54
N SER D 188 8.79 -31.46 -16.34
CA SER D 188 7.58 -30.73 -15.88
C SER D 188 6.71 -31.55 -14.97
N PHE D 189 6.85 -32.87 -15.08
CA PHE D 189 6.04 -33.80 -14.30
C PHE D 189 6.72 -34.22 -12.99
N VAL D 190 7.74 -33.46 -12.60
CA VAL D 190 8.46 -33.70 -11.35
C VAL D 190 8.46 -32.34 -10.64
N GLY D 191 8.08 -32.35 -9.37
CA GLY D 191 8.04 -31.14 -8.56
C GLY D 191 7.33 -29.94 -9.13
N SER D 192 8.07 -28.85 -9.28
CA SER D 192 7.53 -27.60 -9.78
C SER D 192 8.64 -26.66 -10.23
N HIS D 193 8.25 -25.42 -10.51
CA HIS D 193 9.16 -24.38 -10.95
C HIS D 193 10.37 -24.19 -10.03
N VAL D 194 10.17 -24.38 -8.71
CA VAL D 194 11.25 -24.23 -7.76
C VAL D 194 12.28 -25.36 -7.93
N THR D 195 11.82 -26.57 -8.25
CA THR D 195 12.71 -27.70 -8.46
C THR D 195 13.56 -27.42 -9.71
N GLY D 196 12.95 -26.73 -10.67
CA GLY D 196 13.64 -26.41 -11.90
C GLY D 196 14.78 -25.42 -11.70
N TRP D 197 14.63 -24.56 -10.69
CA TRP D 197 15.65 -23.56 -10.35
C TRP D 197 16.82 -24.25 -9.67
N ASP D 198 16.48 -25.19 -8.78
CA ASP D 198 17.45 -25.97 -8.01
C ASP D 198 18.29 -26.78 -9.01
N ASN D 199 17.60 -27.42 -9.96
CA ASN D 199 18.26 -28.23 -10.97
C ASN D 199 19.15 -27.43 -11.90
N MET D 200 18.62 -26.29 -12.35
CA MET D 200 19.38 -25.44 -13.25
C MET D 200 20.58 -24.84 -12.54
N PHE D 201 20.45 -24.52 -11.26
CA PHE D 201 21.57 -23.92 -10.53
C PHE D 201 22.70 -24.91 -10.33
N GLU D 202 22.35 -26.14 -9.95
CA GLU D 202 23.31 -27.20 -9.71
C GLU D 202 24.04 -27.52 -11.01
N GLY D 203 23.32 -27.43 -12.13
CA GLY D 203 23.92 -27.71 -13.43
C GLY D 203 25.00 -26.70 -13.79
N ILE D 204 24.79 -25.44 -13.43
CA ILE D 204 25.74 -24.37 -13.69
C ILE D 204 26.92 -24.44 -12.73
N ALA D 205 26.62 -24.79 -11.48
CA ALA D 205 27.66 -24.93 -10.48
C ALA D 205 28.60 -26.06 -10.94
N ARG D 206 28.01 -27.19 -11.34
CA ARG D 206 28.75 -28.36 -11.82
C ARG D 206 29.64 -28.04 -13.03
N TYR D 207 29.06 -27.34 -14.00
CA TYR D 207 29.75 -27.00 -15.23
C TYR D 207 31.05 -26.24 -14.98
N PHE D 208 30.99 -25.30 -14.04
CA PHE D 208 32.14 -24.47 -13.73
C PHE D 208 33.07 -24.94 -12.63
N THR D 209 32.63 -25.88 -11.81
CA THR D 209 33.49 -26.31 -10.70
C THR D 209 33.92 -27.78 -10.59
N LEU D 210 33.08 -28.68 -11.08
CA LEU D 210 33.32 -30.13 -11.00
C LEU D 210 34.70 -30.66 -11.44
N LYS D 211 35.19 -30.15 -12.57
CA LYS D 211 36.48 -30.54 -13.10
C LYS D 211 37.65 -29.83 -12.41
N SER D 212 37.38 -28.60 -11.96
CA SER D 212 38.39 -27.72 -11.33
C SER D 212 38.73 -27.82 -9.85
N MET D 213 38.13 -28.76 -9.13
CA MET D 213 38.31 -28.88 -7.69
C MET D 213 39.68 -29.02 -7.00
N ASP D 214 40.69 -29.53 -7.69
CA ASP D 214 42.01 -29.75 -7.09
C ASP D 214 42.85 -28.57 -6.64
N ASP D 215 42.67 -27.41 -7.28
CA ASP D 215 43.45 -26.23 -6.93
C ASP D 215 42.68 -25.30 -5.99
N LYS D 216 41.48 -25.73 -5.62
CA LYS D 216 40.61 -24.96 -4.75
C LYS D 216 40.82 -25.15 -3.24
N VAL D 217 40.82 -24.03 -2.52
CA VAL D 217 41.01 -24.01 -1.07
C VAL D 217 39.84 -23.25 -0.44
N VAL D 218 39.16 -23.89 0.53
CA VAL D 218 38.02 -23.30 1.20
C VAL D 218 38.36 -22.09 2.07
N GLY D 219 37.71 -20.97 1.78
CA GLY D 219 37.91 -19.73 2.52
C GLY D 219 39.04 -18.87 2.03
N SER D 220 39.71 -19.29 0.94
CA SER D 220 40.83 -18.54 0.42
C SER D 220 40.51 -17.21 -0.28
N ASN D 221 39.26 -17.04 -0.76
CA ASN D 221 38.89 -15.77 -1.39
C ASN D 221 38.16 -14.88 -0.36
N LYS D 222 37.96 -15.47 0.81
CA LYS D 222 37.34 -14.82 1.97
C LYS D 222 35.94 -14.23 1.79
N LYS D 223 35.11 -14.96 1.05
CA LYS D 223 33.74 -14.54 0.76
C LYS D 223 32.73 -15.59 1.17
N ILE D 224 31.47 -15.18 1.15
CA ILE D 224 30.40 -16.13 1.44
C ILE D 224 29.53 -16.12 0.19
N ASN D 225 29.30 -17.29 -0.41
CA ASN D 225 28.46 -17.34 -1.60
C ASN D 225 27.05 -17.29 -1.06
N ILE D 226 26.15 -16.71 -1.83
CA ILE D 226 24.77 -16.61 -1.42
C ILE D 226 23.95 -17.14 -2.58
N VAL D 227 23.13 -18.16 -2.33
CA VAL D 227 22.29 -18.71 -3.38
C VAL D 227 20.87 -18.34 -3.01
N PRO D 228 20.28 -17.43 -3.80
CA PRO D 228 18.93 -16.94 -3.57
C PRO D 228 17.70 -17.86 -3.75
N GLY D 229 17.71 -18.68 -4.79
CA GLY D 229 16.58 -19.54 -5.05
C GLY D 229 15.62 -18.78 -5.96
N PHE D 230 14.49 -19.40 -6.27
CA PHE D 230 13.46 -18.79 -7.12
C PHE D 230 12.95 -17.56 -6.35
N GLU D 231 13.35 -16.36 -6.79
CA GLU D 231 12.96 -15.11 -6.15
C GLU D 231 12.41 -14.11 -7.16
N THR D 232 11.18 -13.65 -6.92
CA THR D 232 10.51 -12.73 -7.82
C THR D 232 10.21 -11.33 -7.30
N TYR D 233 10.83 -10.98 -6.17
CA TYR D 233 10.69 -9.65 -5.59
C TYR D 233 12.09 -9.07 -5.67
N LEU D 234 12.24 -8.01 -6.46
CA LEU D 234 13.52 -7.34 -6.67
C LEU D 234 14.15 -6.80 -5.39
N GLY D 235 13.31 -6.44 -4.42
CA GLY D 235 13.81 -5.91 -3.17
C GLY D 235 14.55 -6.92 -2.33
N ASN D 236 14.38 -8.19 -2.68
CA ASN D 236 15.03 -9.27 -1.94
C ASN D 236 16.50 -9.46 -2.32
N PHE D 237 16.81 -9.31 -3.60
CA PHE D 237 18.20 -9.42 -4.02
C PHE D 237 18.87 -8.20 -3.42
N ARG D 238 18.17 -7.07 -3.51
CA ARG D 238 18.68 -5.80 -3.00
C ARG D 238 18.88 -5.70 -1.49
N VAL D 239 18.00 -6.30 -0.70
CA VAL D 239 18.17 -6.20 0.74
C VAL D 239 19.30 -7.05 1.28
N ILE D 240 19.51 -8.21 0.65
CA ILE D 240 20.56 -9.12 1.06
C ILE D 240 21.94 -8.52 0.72
N LYS D 241 22.06 -7.93 -0.48
CA LYS D 241 23.30 -7.31 -0.90
C LYS D 241 23.60 -6.09 -0.04
N ARG D 242 22.54 -5.40 0.37
CA ARG D 242 22.63 -4.20 1.20
C ARG D 242 23.11 -4.53 2.63
N MET D 243 22.54 -5.57 3.23
CA MET D 243 22.90 -5.97 4.60
C MET D 243 24.28 -6.57 4.75
N LEU D 244 24.78 -7.19 3.69
CA LEU D 244 26.09 -7.80 3.75
C LEU D 244 27.14 -6.70 3.58
N SER D 245 26.90 -5.79 2.64
CA SER D 245 27.82 -4.68 2.38
C SER D 245 27.90 -3.78 3.60
N GLU D 246 26.79 -3.69 4.31
CA GLU D 246 26.65 -2.86 5.50
C GLU D 246 27.47 -3.43 6.66
N MET D 247 27.60 -4.76 6.67
CA MET D 247 28.36 -5.48 7.69
C MET D 247 29.82 -5.58 7.27
N GLY D 248 30.10 -5.26 6.01
CA GLY D 248 31.47 -5.34 5.52
C GLY D 248 31.88 -6.75 5.13
N VAL D 249 30.86 -7.56 4.86
CA VAL D 249 31.03 -8.97 4.50
C VAL D 249 31.33 -9.11 3.00
N GLY D 250 32.35 -9.89 2.69
CA GLY D 250 32.70 -10.13 1.30
C GLY D 250 31.79 -11.27 0.92
N TYR D 251 31.11 -11.13 -0.22
CA TYR D 251 30.17 -12.14 -0.68
C TYR D 251 30.10 -12.20 -2.18
N SER D 252 29.40 -13.22 -2.68
CA SER D 252 29.16 -13.40 -4.10
C SER D 252 27.77 -13.99 -4.19
N LEU D 253 26.91 -13.34 -4.96
CA LEU D 253 25.56 -13.81 -5.14
C LEU D 253 25.52 -14.62 -6.41
N LEU D 254 25.24 -15.91 -6.24
CA LEU D 254 25.17 -16.85 -7.34
C LEU D 254 23.73 -16.91 -7.85
N SER D 255 23.55 -16.31 -9.03
CA SER D 255 22.29 -16.12 -9.78
C SER D 255 21.69 -14.85 -9.21
N ASP D 256 21.89 -13.76 -9.96
CA ASP D 256 21.52 -12.40 -9.59
C ASP D 256 20.83 -11.72 -10.82
N PRO D 257 19.48 -11.84 -10.95
CA PRO D 257 18.76 -11.21 -12.09
C PRO D 257 18.17 -9.81 -11.86
N GLU D 258 18.64 -9.15 -10.82
CA GLU D 258 18.19 -7.82 -10.42
C GLU D 258 18.24 -6.75 -11.53
N GLU D 259 19.38 -6.69 -12.23
CA GLU D 259 19.59 -5.74 -13.32
C GLU D 259 18.83 -6.03 -14.61
N VAL D 260 18.75 -7.30 -15.04
CA VAL D 260 18.03 -7.61 -16.27
C VAL D 260 16.55 -7.41 -16.11
N LEU D 261 16.06 -7.66 -14.90
CA LEU D 261 14.63 -7.50 -14.63
C LEU D 261 14.27 -6.09 -14.18
N ASP D 262 15.21 -5.15 -14.26
CA ASP D 262 14.90 -3.78 -13.88
C ASP D 262 15.82 -2.80 -14.58
N THR D 263 15.76 -2.83 -15.90
CA THR D 263 16.55 -1.95 -16.74
C THR D 263 15.82 -0.61 -16.85
N PRO D 264 16.56 0.48 -17.11
CA PRO D 264 15.95 1.80 -17.25
C PRO D 264 15.40 2.05 -18.65
N ALA D 265 14.29 2.79 -18.74
CA ALA D 265 13.72 3.13 -20.03
C ALA D 265 14.39 4.45 -20.32
N ASP D 266 15.57 4.35 -20.91
CA ASP D 266 16.41 5.51 -21.22
C ASP D 266 16.57 5.79 -22.71
N GLY D 267 16.10 4.89 -23.55
CA GLY D 267 16.21 5.11 -24.99
C GLY D 267 16.64 3.85 -25.70
N GLN D 268 17.24 2.93 -24.96
CA GLN D 268 17.69 1.68 -25.58
C GLN D 268 17.26 0.43 -24.82
N PHE D 269 17.17 -0.67 -25.57
CA PHE D 269 16.79 -1.97 -25.02
C PHE D 269 18.05 -2.76 -24.76
N ARG D 270 18.19 -3.19 -23.50
CA ARG D 270 19.31 -3.99 -23.05
C ARG D 270 18.75 -5.38 -22.82
N MET D 271 19.25 -6.33 -23.59
CA MET D 271 18.80 -7.72 -23.49
C MET D 271 19.44 -8.35 -22.27
N TYR D 272 20.68 -7.94 -22.00
CA TYR D 272 21.43 -8.45 -20.87
C TYR D 272 21.93 -7.28 -20.03
N ALA D 273 22.03 -7.48 -18.73
CA ALA D 273 22.51 -6.46 -17.80
C ALA D 273 22.86 -7.12 -16.47
N GLY D 274 24.05 -6.82 -15.95
CA GLY D 274 24.48 -7.37 -14.68
C GLY D 274 24.63 -8.87 -14.68
N GLY D 275 24.31 -9.49 -13.54
CA GLY D 275 24.40 -10.93 -13.40
C GLY D 275 25.66 -11.44 -12.72
N THR D 276 25.64 -12.72 -12.36
CA THR D 276 26.77 -13.37 -11.72
C THR D 276 27.73 -13.78 -12.82
N THR D 277 28.98 -13.33 -12.70
CA THR D 277 30.01 -13.64 -13.69
C THR D 277 30.46 -15.10 -13.70
N GLN D 278 31.01 -15.53 -14.83
CA GLN D 278 31.49 -16.88 -14.99
C GLN D 278 32.60 -17.12 -13.99
N GLU D 279 33.39 -16.08 -13.75
CA GLU D 279 34.51 -16.18 -12.83
C GLU D 279 34.05 -16.28 -11.37
N GLU D 280 32.90 -15.70 -11.04
CA GLU D 280 32.38 -15.78 -9.68
C GLU D 280 31.94 -17.22 -9.46
N MET D 281 31.49 -17.85 -10.54
CA MET D 281 31.04 -19.24 -10.47
C MET D 281 32.22 -20.17 -10.34
N LYS D 282 33.28 -19.88 -11.11
CA LYS D 282 34.50 -20.68 -11.12
C LYS D 282 35.29 -20.55 -9.83
N ASP D 283 35.24 -19.36 -9.25
CA ASP D 283 35.97 -19.09 -8.02
C ASP D 283 35.15 -19.50 -6.78
N ALA D 284 33.86 -19.80 -6.99
CA ALA D 284 32.97 -20.14 -5.88
C ALA D 284 33.37 -21.20 -4.81
N PRO D 285 34.14 -22.25 -5.18
CA PRO D 285 34.53 -23.21 -4.15
C PRO D 285 35.54 -22.66 -3.16
N ASN D 286 36.12 -21.51 -3.51
CA ASN D 286 37.13 -20.87 -2.68
C ASN D 286 36.53 -20.04 -1.54
N ALA D 287 35.20 -19.95 -1.50
CA ALA D 287 34.48 -19.21 -0.48
C ALA D 287 34.57 -19.88 0.90
N LEU D 288 34.41 -19.09 1.96
CA LEU D 288 34.46 -19.58 3.34
C LEU D 288 33.39 -20.64 3.53
N ASN D 289 32.23 -20.38 2.93
CA ASN D 289 31.06 -21.23 3.06
C ASN D 289 30.03 -20.78 2.01
N THR D 290 28.84 -21.37 2.04
CA THR D 290 27.78 -21.03 1.10
C THR D 290 26.45 -21.01 1.87
N VAL D 291 25.70 -19.93 1.69
CA VAL D 291 24.43 -19.75 2.37
C VAL D 291 23.26 -19.81 1.40
N LEU D 292 22.39 -20.80 1.59
CA LEU D 292 21.22 -20.95 0.74
C LEU D 292 20.07 -20.26 1.45
N LEU D 293 19.51 -19.27 0.77
CA LEU D 293 18.40 -18.50 1.32
C LEU D 293 17.06 -19.22 1.31
N GLN D 294 16.87 -20.13 0.34
CA GLN D 294 15.62 -20.87 0.24
C GLN D 294 15.97 -22.35 0.22
N PRO D 295 16.40 -22.89 1.38
CA PRO D 295 16.79 -24.28 1.51
C PRO D 295 15.81 -25.40 1.11
N TRP D 296 14.52 -25.20 1.30
CA TRP D 296 13.58 -26.26 0.94
C TRP D 296 13.42 -26.54 -0.53
N HIS D 297 13.97 -25.67 -1.38
CA HIS D 297 13.91 -25.98 -2.80
C HIS D 297 15.32 -25.89 -3.39
N LEU D 298 16.32 -25.96 -2.51
CA LEU D 298 17.73 -25.91 -2.90
C LEU D 298 18.49 -27.12 -2.33
N GLU D 299 17.82 -28.27 -2.35
CA GLU D 299 18.36 -29.52 -1.82
C GLU D 299 19.45 -30.18 -2.64
N LYS D 300 19.28 -30.17 -3.96
CA LYS D 300 20.23 -30.78 -4.88
C LYS D 300 21.47 -29.92 -4.97
N THR D 301 21.27 -28.62 -4.82
CA THR D 301 22.34 -27.66 -4.87
C THR D 301 23.18 -27.89 -3.61
N LYS D 302 22.50 -28.03 -2.47
CA LYS D 302 23.16 -28.28 -1.20
C LYS D 302 23.98 -29.57 -1.24
N LYS D 303 23.45 -30.59 -1.92
CA LYS D 303 24.15 -31.86 -2.02
C LYS D 303 25.43 -31.72 -2.83
N PHE D 304 25.39 -30.87 -3.85
CA PHE D 304 26.56 -30.63 -4.70
C PHE D 304 27.58 -29.74 -4.01
N VAL D 305 27.09 -28.72 -3.32
CA VAL D 305 27.96 -27.79 -2.62
C VAL D 305 28.67 -28.46 -1.43
N GLU D 306 27.95 -29.29 -0.68
CA GLU D 306 28.53 -29.99 0.46
C GLU D 306 29.40 -31.13 0.00
N GLY D 307 28.89 -31.89 -0.96
CA GLY D 307 29.63 -33.03 -1.46
C GLY D 307 30.76 -32.60 -2.36
N THR D 308 30.46 -31.73 -3.31
CA THR D 308 31.48 -31.29 -4.24
C THR D 308 32.45 -30.19 -3.72
N TRP D 309 31.94 -29.03 -3.32
CA TRP D 309 32.78 -27.91 -2.81
C TRP D 309 33.34 -28.06 -1.39
N LYS D 310 32.83 -29.03 -0.66
CA LYS D 310 33.24 -29.29 0.72
C LYS D 310 32.91 -28.16 1.69
N HIS D 311 31.83 -27.42 1.37
CA HIS D 311 31.35 -26.32 2.19
C HIS D 311 30.39 -26.87 3.23
N GLU D 312 30.42 -26.28 4.42
CA GLU D 312 29.55 -26.69 5.52
C GLU D 312 28.31 -25.79 5.57
N VAL D 313 27.42 -25.94 4.60
CA VAL D 313 26.20 -25.13 4.52
C VAL D 313 25.44 -25.05 5.85
N PRO D 314 25.28 -23.82 6.38
CA PRO D 314 24.58 -23.57 7.65
C PRO D 314 23.12 -24.03 7.60
N LYS D 315 22.60 -24.49 8.73
CA LYS D 315 21.21 -24.92 8.79
C LYS D 315 20.49 -23.65 9.15
N LEU D 316 20.07 -22.97 8.10
CA LEU D 316 19.42 -21.68 8.18
C LEU D 316 18.10 -21.63 7.40
N ASN D 317 17.05 -21.11 8.05
CA ASN D 317 15.75 -20.95 7.42
C ASN D 317 15.85 -19.66 6.62
N ILE D 318 14.83 -19.42 5.78
CA ILE D 318 14.76 -18.20 4.98
C ILE D 318 14.77 -17.00 5.95
N PRO D 319 15.54 -15.94 5.62
CA PRO D 319 15.58 -14.79 6.53
C PRO D 319 14.40 -13.81 6.37
N MET D 320 13.24 -14.27 6.85
CA MET D 320 11.98 -13.53 6.84
C MET D 320 11.54 -13.50 8.29
N GLY D 321 11.05 -12.35 8.73
CA GLY D 321 10.61 -12.25 10.10
C GLY D 321 11.77 -11.79 10.96
N LEU D 322 11.47 -11.57 12.22
CA LEU D 322 12.42 -11.09 13.20
C LEU D 322 13.53 -12.08 13.61
N ASP D 323 13.12 -13.27 14.06
CA ASP D 323 14.07 -14.30 14.50
C ASP D 323 14.99 -14.87 13.44
N TRP D 324 14.43 -15.15 12.27
CA TRP D 324 15.23 -15.73 11.20
C TRP D 324 16.14 -14.74 10.50
N THR D 325 15.90 -13.45 10.70
CA THR D 325 16.78 -12.44 10.12
C THR D 325 17.94 -12.34 11.12
N ASP D 326 17.61 -12.34 12.42
CA ASP D 326 18.63 -12.29 13.46
C ASP D 326 19.59 -13.46 13.26
N GLU D 327 19.03 -14.65 13.08
CA GLU D 327 19.82 -15.86 12.88
C GLU D 327 20.72 -15.78 11.67
N PHE D 328 20.17 -15.30 10.56
CA PHE D 328 20.91 -15.17 9.32
C PHE D 328 22.09 -14.21 9.54
N LEU D 329 21.82 -13.07 10.16
CA LEU D 329 22.85 -12.08 10.41
C LEU D 329 23.94 -12.57 11.37
N MET D 330 23.55 -13.30 12.42
CA MET D 330 24.54 -13.80 13.37
C MET D 330 25.38 -14.91 12.72
N LYS D 331 24.78 -15.63 11.76
CA LYS D 331 25.49 -16.71 11.07
C LYS D 331 26.46 -16.16 10.07
N VAL D 332 26.06 -15.08 9.42
CA VAL D 332 26.92 -14.48 8.44
C VAL D 332 28.04 -13.78 9.22
N SER D 333 27.72 -13.34 10.42
CA SER D 333 28.70 -12.69 11.30
C SER D 333 29.75 -13.73 11.73
N GLU D 334 29.27 -14.91 12.09
CA GLU D 334 30.13 -16.01 12.54
C GLU D 334 31.15 -16.43 11.50
N ILE D 335 30.65 -16.71 10.31
CA ILE D 335 31.43 -17.16 9.17
C ILE D 335 32.44 -16.14 8.63
N SER D 336 32.01 -14.90 8.51
CA SER D 336 32.81 -13.81 7.99
C SER D 336 33.77 -13.19 8.99
N GLY D 337 33.37 -13.18 10.25
CA GLY D 337 34.18 -12.59 11.29
C GLY D 337 33.77 -11.13 11.46
N GLN D 338 32.81 -10.68 10.65
CA GLN D 338 32.34 -9.29 10.72
C GLN D 338 31.25 -9.14 11.79
N PRO D 339 31.38 -8.16 12.69
CA PRO D 339 30.37 -7.94 13.73
C PRO D 339 29.09 -7.37 13.12
N ILE D 340 27.95 -7.51 13.80
CA ILE D 340 26.74 -6.92 13.24
C ILE D 340 26.77 -5.46 13.65
N PRO D 341 26.87 -4.55 12.66
CA PRO D 341 26.94 -3.11 12.90
C PRO D 341 25.70 -2.44 13.47
N ALA D 342 25.95 -1.27 14.06
CA ALA D 342 24.95 -0.44 14.70
C ALA D 342 23.77 -0.05 13.81
N SER D 343 23.99 0.03 12.50
CA SER D 343 22.91 0.40 11.59
C SER D 343 21.87 -0.71 11.55
N LEU D 344 22.35 -1.95 11.53
CA LEU D 344 21.46 -3.11 11.49
C LEU D 344 20.81 -3.33 12.85
N THR D 345 21.55 -3.01 13.92
CA THR D 345 21.03 -3.17 15.27
C THR D 345 19.87 -2.19 15.43
N LYS D 346 20.05 -0.96 14.96
CA LYS D 346 19.00 0.05 15.04
C LYS D 346 17.82 -0.32 14.12
N GLU D 347 18.11 -0.90 12.96
CA GLU D 347 17.05 -1.29 12.03
C GLU D 347 16.16 -2.38 12.65
N ARG D 348 16.76 -3.27 13.44
CA ARG D 348 16.01 -4.34 14.11
C ARG D 348 15.09 -3.74 15.16
N GLY D 349 15.60 -2.75 15.88
CA GLY D 349 14.82 -2.09 16.92
C GLY D 349 13.65 -1.30 16.37
N ARG D 350 13.81 -0.83 15.13
CA ARG D 350 12.75 -0.07 14.47
C ARG D 350 11.64 -1.02 13.98
N LEU D 351 11.99 -2.25 13.65
CA LEU D 351 10.98 -3.23 13.23
C LEU D 351 10.22 -3.61 14.51
N VAL D 352 10.95 -3.84 15.60
CA VAL D 352 10.30 -4.20 16.87
C VAL D 352 9.40 -3.04 17.32
N ASP D 353 9.82 -1.80 17.08
CA ASP D 353 9.04 -0.62 17.45
C ASP D 353 7.69 -0.63 16.72
N MET D 354 7.75 -0.92 15.42
CA MET D 354 6.56 -0.98 14.57
C MET D 354 5.61 -2.05 15.06
N MET D 355 6.19 -3.14 15.56
CA MET D 355 5.43 -4.26 16.08
C MET D 355 4.70 -3.86 17.36
N THR D 356 5.36 -3.11 18.24
CA THR D 356 4.70 -2.69 19.48
C THR D 356 3.65 -1.63 19.18
N ASP D 357 3.88 -0.84 18.14
CA ASP D 357 2.94 0.21 17.76
C ASP D 357 1.64 -0.41 17.21
N SER D 358 1.82 -1.49 16.47
CA SER D 358 0.70 -2.16 15.77
C SER D 358 0.08 -3.45 16.28
N HIS D 359 0.60 -3.98 17.38
CA HIS D 359 0.13 -5.25 17.94
C HIS D 359 -1.37 -5.36 18.27
N THR D 360 -1.97 -4.24 18.62
CA THR D 360 -3.37 -4.16 19.00
C THR D 360 -4.32 -4.54 17.85
N TRP D 361 -3.95 -4.15 16.64
CA TRP D 361 -4.78 -4.47 15.50
C TRP D 361 -4.45 -5.81 14.86
N LEU D 362 -3.22 -6.27 15.05
CA LEU D 362 -2.76 -7.54 14.48
C LEU D 362 -3.15 -8.78 15.27
N HIS D 363 -3.27 -8.61 16.58
CA HIS D 363 -3.59 -9.71 17.47
C HIS D 363 -4.85 -10.51 17.21
N GLY D 364 -4.67 -11.83 17.14
CA GLY D 364 -5.78 -12.73 16.91
C GLY D 364 -6.35 -12.72 15.51
N LYS D 365 -5.76 -11.95 14.60
CA LYS D 365 -6.24 -11.89 13.23
C LYS D 365 -5.87 -13.19 12.51
N ARG D 366 -6.88 -13.81 11.92
CA ARG D 366 -6.73 -15.09 11.24
C ARG D 366 -6.45 -14.99 9.74
N PHE D 367 -5.49 -15.78 9.26
CA PHE D 367 -5.12 -15.76 7.85
C PHE D 367 -5.04 -17.12 7.13
N ALA D 368 -5.42 -17.11 5.86
CA ALA D 368 -5.33 -18.28 4.98
C ALA D 368 -4.19 -17.80 4.10
N LEU D 369 -3.20 -18.63 3.84
CA LEU D 369 -2.09 -18.22 2.99
C LEU D 369 -1.55 -19.34 2.15
N TRP D 370 -0.83 -18.98 1.09
CA TRP D 370 -0.25 -19.98 0.21
C TRP D 370 1.01 -19.42 -0.47
N GLY D 371 1.69 -20.27 -1.24
CA GLY D 371 2.92 -19.86 -1.89
C GLY D 371 3.95 -20.99 -1.96
N ASP D 372 5.21 -20.64 -2.23
CA ASP D 372 6.30 -21.62 -2.30
C ASP D 372 6.67 -22.00 -0.86
N PRO D 373 7.17 -23.23 -0.65
CA PRO D 373 7.54 -23.70 0.70
C PRO D 373 8.35 -22.80 1.67
N ASP D 374 9.42 -22.15 1.19
CA ASP D 374 10.22 -21.30 2.07
C ASP D 374 9.48 -20.02 2.40
N PHE D 375 8.91 -19.43 1.36
CA PHE D 375 8.16 -18.21 1.48
C PHE D 375 7.03 -18.35 2.49
N VAL D 376 6.17 -19.34 2.26
CA VAL D 376 5.01 -19.56 3.16
C VAL D 376 5.41 -19.99 4.58
N MET D 377 6.61 -20.55 4.72
CA MET D 377 7.16 -21.00 5.99
C MET D 377 7.56 -19.77 6.83
N GLY D 378 8.24 -18.84 6.17
CA GLY D 378 8.68 -17.62 6.83
C GLY D 378 7.56 -16.65 7.06
N LEU D 379 6.51 -16.75 6.24
CA LEU D 379 5.35 -15.90 6.37
C LEU D 379 4.65 -16.33 7.66
N VAL D 380 4.55 -17.64 7.83
CA VAL D 380 3.94 -18.26 9.01
C VAL D 380 4.69 -17.87 10.28
N LYS D 381 6.02 -17.86 10.23
CA LYS D 381 6.75 -17.48 11.43
C LYS D 381 6.58 -16.02 11.83
N PHE D 382 6.58 -15.14 10.82
CA PHE D 382 6.42 -13.72 11.09
C PHE D 382 5.01 -13.43 11.64
N LEU D 383 4.00 -14.05 11.05
CA LEU D 383 2.60 -13.89 11.46
C LEU D 383 2.46 -14.31 12.93
N LEU D 384 3.24 -15.31 13.31
CA LEU D 384 3.24 -15.84 14.67
C LEU D 384 3.91 -14.85 15.63
N GLU D 385 4.96 -14.19 15.16
CA GLU D 385 5.71 -13.21 15.96
C GLU D 385 4.90 -11.95 16.19
N LEU D 386 3.92 -11.76 15.31
CA LEU D 386 3.02 -10.62 15.28
C LEU D 386 1.74 -10.83 16.09
N GLY D 387 1.56 -12.05 16.61
CA GLY D 387 0.35 -12.33 17.36
C GLY D 387 -0.85 -12.76 16.52
N CYS D 388 -0.61 -13.12 15.25
CA CYS D 388 -1.68 -13.53 14.35
C CYS D 388 -1.82 -15.05 14.27
N GLU D 389 -2.98 -15.51 13.80
CA GLU D 389 -3.23 -16.95 13.66
C GLU D 389 -3.25 -17.39 12.20
N PRO D 390 -2.22 -18.15 11.74
CA PRO D 390 -2.20 -18.62 10.36
C PRO D 390 -2.98 -19.92 10.28
N VAL D 391 -4.29 -19.77 10.31
CA VAL D 391 -5.25 -20.86 10.31
C VAL D 391 -5.18 -21.86 9.13
N HIS D 392 -5.08 -21.39 7.89
CA HIS D 392 -4.96 -22.30 6.76
C HIS D 392 -3.68 -22.03 6.00
N ILE D 393 -2.76 -22.96 6.08
CA ILE D 393 -1.48 -22.83 5.42
C ILE D 393 -1.44 -23.85 4.29
N LEU D 394 -1.41 -23.36 3.06
CA LEU D 394 -1.44 -24.21 1.88
C LEU D 394 -0.21 -24.10 1.00
N CYS D 395 0.41 -25.24 0.70
CA CYS D 395 1.59 -25.27 -0.14
C CYS D 395 1.49 -26.47 -1.07
N HIS D 396 0.89 -26.24 -2.23
CA HIS D 396 0.67 -27.24 -3.26
C HIS D 396 1.95 -28.03 -3.55
N ASN D 397 3.04 -27.30 -3.72
CA ASN D 397 4.33 -27.90 -4.05
C ASN D 397 5.24 -28.22 -2.85
N GLY D 398 4.62 -28.42 -1.69
CA GLY D 398 5.35 -28.75 -0.49
C GLY D 398 5.36 -30.26 -0.29
N ASN D 399 6.34 -30.77 0.44
CA ASN D 399 6.47 -32.19 0.70
C ASN D 399 6.23 -32.53 2.17
N LYS D 400 6.26 -33.82 2.49
CA LYS D 400 6.02 -34.25 3.87
C LYS D 400 6.98 -33.73 4.93
N ARG D 401 8.27 -33.67 4.62
CA ARG D 401 9.26 -33.20 5.58
C ARG D 401 9.09 -31.72 5.91
N TRP D 402 8.60 -30.96 4.92
CA TRP D 402 8.35 -29.54 5.08
C TRP D 402 7.15 -29.36 6.01
N LYS D 403 6.10 -30.13 5.78
CA LYS D 403 4.88 -30.04 6.63
C LYS D 403 5.26 -30.34 8.08
N LYS D 404 6.21 -31.27 8.26
CA LYS D 404 6.71 -31.64 9.58
C LYS D 404 7.33 -30.42 10.26
N ALA D 405 8.26 -29.79 9.54
CA ALA D 405 8.99 -28.60 10.02
C ALA D 405 8.09 -27.43 10.39
N VAL D 406 7.07 -27.22 9.55
CA VAL D 406 6.13 -26.13 9.76
C VAL D 406 5.21 -26.48 10.94
N ASP D 407 4.90 -27.76 11.12
CA ASP D 407 4.06 -28.17 12.24
C ASP D 407 4.85 -27.91 13.55
N ALA D 408 6.17 -28.02 13.46
CA ALA D 408 7.07 -27.82 14.62
C ALA D 408 7.09 -26.35 15.02
N ILE D 409 6.99 -25.50 14.01
CA ILE D 409 6.98 -24.04 14.15
C ILE D 409 5.69 -23.62 14.85
N LEU D 410 4.57 -24.19 14.38
CA LEU D 410 3.25 -23.91 14.92
C LEU D 410 3.00 -24.47 16.31
N ALA D 411 3.67 -25.57 16.65
CA ALA D 411 3.52 -26.21 17.95
C ALA D 411 4.30 -25.49 19.05
N ALA D 412 5.20 -24.60 18.64
CA ALA D 412 6.03 -23.84 19.57
C ALA D 412 5.37 -22.52 19.99
N SER D 413 4.22 -22.22 19.38
CA SER D 413 3.49 -20.97 19.64
C SER D 413 1.99 -21.17 19.85
N PRO D 414 1.38 -20.44 20.80
CA PRO D 414 -0.06 -20.51 21.05
C PRO D 414 -0.93 -20.04 19.89
N TYR D 415 -0.35 -19.19 19.03
CA TYR D 415 -1.06 -18.65 17.87
C TYR D 415 -1.25 -19.64 16.73
N GLY D 416 -0.52 -20.74 16.84
CA GLY D 416 -0.63 -21.78 15.83
C GLY D 416 -1.49 -22.93 16.31
N LYS D 417 -2.27 -22.74 17.37
CA LYS D 417 -3.12 -23.80 17.90
C LYS D 417 -4.44 -24.07 17.15
N ASN D 418 -4.70 -23.31 16.10
CA ASN D 418 -5.90 -23.46 15.26
C ASN D 418 -5.49 -23.53 13.80
N ALA D 419 -4.22 -23.84 13.60
CA ALA D 419 -3.63 -23.93 12.29
C ALA D 419 -3.42 -25.35 11.80
N THR D 420 -3.58 -25.51 10.49
CA THR D 420 -3.38 -26.77 9.80
C THR D 420 -2.64 -26.45 8.51
N VAL D 421 -1.74 -27.36 8.14
CA VAL D 421 -0.91 -27.25 6.95
C VAL D 421 -1.39 -28.27 5.92
N TYR D 422 -1.58 -27.80 4.68
CA TYR D 422 -2.04 -28.66 3.59
C TYR D 422 -1.06 -28.68 2.43
N ILE D 423 -0.46 -29.83 2.16
CA ILE D 423 0.46 -29.94 1.04
C ILE D 423 -0.25 -30.71 -0.07
N GLY D 424 0.11 -30.46 -1.33
CA GLY D 424 -0.53 -31.16 -2.43
C GLY D 424 -1.97 -30.71 -2.71
N LYS D 425 -2.43 -29.70 -1.98
CA LYS D 425 -3.77 -29.16 -2.14
C LYS D 425 -3.73 -27.86 -2.92
N ASP D 426 -4.83 -27.55 -3.61
CA ASP D 426 -4.91 -26.35 -4.43
C ASP D 426 -5.86 -25.27 -3.94
N LEU D 427 -6.03 -24.24 -4.78
CA LEU D 427 -6.87 -23.11 -4.46
C LEU D 427 -8.37 -23.40 -4.48
N TRP D 428 -8.77 -24.54 -5.05
CA TRP D 428 -10.19 -24.87 -5.04
C TRP D 428 -10.44 -25.51 -3.67
N HIS D 429 -9.39 -26.12 -3.12
CA HIS D 429 -9.44 -26.74 -1.81
C HIS D 429 -9.49 -25.61 -0.79
N LEU D 430 -8.64 -24.61 -1.00
CA LEU D 430 -8.56 -23.46 -0.12
C LEU D 430 -9.82 -22.61 -0.17
N ARG D 431 -10.48 -22.62 -1.32
CA ARG D 431 -11.71 -21.85 -1.48
C ARG D 431 -12.71 -22.34 -0.45
N SER D 432 -12.74 -23.66 -0.28
CA SER D 432 -13.65 -24.29 0.67
C SER D 432 -13.30 -23.95 2.12
N LEU D 433 -12.01 -23.98 2.45
CA LEU D 433 -11.54 -23.70 3.80
C LEU D 433 -11.87 -22.30 4.30
N VAL D 434 -11.87 -21.32 3.41
CA VAL D 434 -12.19 -19.97 3.85
C VAL D 434 -13.71 -19.80 3.94
N PHE D 435 -14.47 -20.71 3.32
CA PHE D 435 -15.94 -20.64 3.40
C PHE D 435 -16.40 -21.31 4.71
N THR D 436 -15.90 -22.51 4.96
CA THR D 436 -16.26 -23.30 6.14
C THR D 436 -15.61 -22.89 7.47
N ASP D 437 -14.42 -22.30 7.38
CA ASP D 437 -13.68 -21.86 8.56
C ASP D 437 -13.08 -20.53 8.12
N LYS D 438 -13.97 -19.57 7.99
CA LYS D 438 -13.67 -18.21 7.55
C LYS D 438 -12.59 -17.46 8.35
N PRO D 439 -11.52 -17.01 7.68
CA PRO D 439 -10.44 -16.24 8.30
C PRO D 439 -10.70 -14.80 7.93
N ASP D 440 -9.93 -13.87 8.50
CA ASP D 440 -10.14 -12.45 8.21
C ASP D 440 -9.58 -12.05 6.84
N PHE D 441 -8.41 -12.57 6.49
CA PHE D 441 -7.80 -12.25 5.20
C PHE D 441 -7.08 -13.44 4.59
N MET D 442 -6.71 -13.27 3.33
CA MET D 442 -5.95 -14.27 2.61
C MET D 442 -4.69 -13.53 2.21
N ILE D 443 -3.56 -14.22 2.25
CA ILE D 443 -2.31 -13.64 1.82
C ILE D 443 -1.90 -14.56 0.70
N GLY D 444 -1.97 -14.07 -0.53
CA GLY D 444 -1.61 -14.94 -1.63
C GLY D 444 -1.39 -14.14 -2.87
N ASN D 445 -1.30 -14.84 -3.99
CA ASN D 445 -1.07 -14.18 -5.26
C ASN D 445 -2.37 -13.75 -5.92
N SER D 446 -2.26 -13.31 -7.17
CA SER D 446 -3.42 -12.84 -7.90
C SER D 446 -4.53 -13.86 -8.14
N TYR D 447 -4.21 -15.14 -8.00
CA TYR D 447 -5.20 -16.18 -8.21
C TYR D 447 -6.25 -16.17 -7.09
N GLY D 448 -5.95 -15.53 -5.97
CA GLY D 448 -6.90 -15.47 -4.88
C GLY D 448 -7.98 -14.41 -5.07
N LYS D 449 -7.89 -13.62 -6.15
CA LYS D 449 -8.90 -12.58 -6.39
C LYS D 449 -10.24 -13.24 -6.70
N PHE D 450 -10.15 -14.45 -7.22
CA PHE D 450 -11.33 -15.22 -7.58
C PHE D 450 -11.96 -15.84 -6.33
N ILE D 451 -11.15 -16.18 -5.34
CA ILE D 451 -11.70 -16.72 -4.11
C ILE D 451 -12.46 -15.57 -3.42
N GLN D 452 -11.87 -14.37 -3.45
CA GLN D 452 -12.50 -13.19 -2.83
C GLN D 452 -13.88 -12.88 -3.43
N ARG D 453 -14.00 -13.02 -4.75
CA ARG D 453 -15.25 -12.77 -5.45
C ARG D 453 -16.32 -13.80 -5.08
N ASP D 454 -15.89 -15.02 -4.78
CA ASP D 454 -16.81 -16.09 -4.40
C ASP D 454 -17.36 -15.87 -3.01
N THR D 455 -16.47 -15.50 -2.09
CA THR D 455 -16.88 -15.25 -0.71
C THR D 455 -17.80 -14.04 -0.64
N LEU D 456 -17.54 -13.05 -1.49
CA LEU D 456 -18.34 -11.82 -1.53
C LEU D 456 -19.70 -12.13 -2.12
N HIS D 457 -19.74 -13.10 -3.03
CA HIS D 457 -21.02 -13.47 -3.63
C HIS D 457 -21.94 -14.09 -2.59
N LYS D 458 -21.35 -14.76 -1.61
CA LYS D 458 -22.12 -15.37 -0.56
C LYS D 458 -22.75 -14.28 0.29
N GLY D 459 -22.07 -13.12 0.33
CA GLY D 459 -22.53 -11.98 1.11
C GLY D 459 -21.36 -11.18 1.65
N LYS D 460 -21.57 -9.90 1.99
CA LYS D 460 -20.50 -9.04 2.50
C LYS D 460 -19.82 -9.52 3.80
N GLU D 461 -20.60 -10.10 4.72
CA GLU D 461 -20.03 -10.59 5.98
C GLU D 461 -19.20 -11.85 5.80
N PHE D 462 -19.19 -12.41 4.60
CA PHE D 462 -18.44 -13.63 4.35
C PHE D 462 -17.20 -13.36 3.50
N GLU D 463 -17.10 -12.13 3.00
CA GLU D 463 -15.97 -11.73 2.17
C GLU D 463 -14.62 -11.83 2.89
N VAL D 464 -13.66 -12.50 2.24
CA VAL D 464 -12.32 -12.63 2.78
C VAL D 464 -11.42 -11.92 1.78
N PRO D 465 -10.94 -10.71 2.12
CA PRO D 465 -10.08 -9.90 1.27
C PRO D 465 -8.67 -10.44 1.00
N LEU D 466 -8.22 -10.27 -0.24
CA LEU D 466 -6.88 -10.72 -0.63
C LEU D 466 -5.83 -9.64 -0.40
N ILE D 467 -4.74 -10.06 0.24
CA ILE D 467 -3.60 -9.20 0.49
C ILE D 467 -2.59 -9.84 -0.45
N ARG D 468 -2.19 -9.08 -1.47
CA ARG D 468 -1.28 -9.57 -2.48
C ARG D 468 0.21 -9.67 -2.16
N ILE D 469 0.63 -10.84 -1.70
CA ILE D 469 2.03 -11.09 -1.41
C ILE D 469 2.35 -12.47 -1.99
N GLY D 470 3.38 -12.53 -2.85
CA GLY D 470 3.77 -13.77 -3.50
C GLY D 470 4.03 -13.64 -5.00
N PHE D 471 3.88 -14.73 -5.76
CA PHE D 471 4.07 -14.75 -7.22
C PHE D 471 2.99 -15.70 -7.74
N PRO D 472 2.31 -15.31 -8.83
CA PRO D 472 2.50 -14.06 -9.57
C PRO D 472 1.53 -12.95 -9.14
N ILE D 473 1.94 -11.69 -9.29
CA ILE D 473 1.00 -10.60 -9.02
C ILE D 473 0.86 -9.94 -10.38
N PHE D 474 -0.28 -10.18 -11.03
CA PHE D 474 -0.57 -9.67 -12.36
C PHE D 474 -1.52 -8.48 -12.38
N ASP D 475 -2.38 -8.37 -11.36
CA ASP D 475 -3.37 -7.30 -11.33
C ASP D 475 -3.07 -5.99 -10.60
N ARG D 476 -1.83 -5.86 -10.14
CA ARG D 476 -1.38 -4.64 -9.47
C ARG D 476 -0.08 -4.31 -10.17
N HIS D 477 0.32 -3.04 -10.07
CA HIS D 477 1.56 -2.59 -10.69
C HIS D 477 2.73 -2.33 -9.75
N HIS D 478 3.89 -2.76 -10.21
CA HIS D 478 5.18 -2.60 -9.54
C HIS D 478 5.38 -3.17 -8.15
N LEU D 479 4.55 -4.15 -7.79
CA LEU D 479 4.68 -4.78 -6.50
C LEU D 479 5.90 -5.71 -6.51
N HIS D 480 6.41 -6.02 -7.70
CA HIS D 480 7.59 -6.88 -7.84
C HIS D 480 8.82 -6.15 -7.28
N ARG D 481 8.67 -4.86 -7.00
CA ARG D 481 9.76 -4.06 -6.47
C ARG D 481 9.89 -4.17 -4.94
N SER D 482 8.92 -4.84 -4.33
CA SER D 482 8.87 -5.02 -2.88
C SER D 482 9.97 -5.84 -2.26
N THR D 483 9.97 -5.86 -0.92
CA THR D 483 10.93 -6.64 -0.18
C THR D 483 10.13 -7.48 0.77
N THR D 484 10.60 -8.71 0.89
CA THR D 484 9.96 -9.72 1.69
C THR D 484 10.97 -10.24 2.71
N LEU D 485 12.26 -10.09 2.38
CA LEU D 485 13.35 -10.53 3.24
C LEU D 485 13.95 -9.45 4.16
N GLY D 486 14.60 -9.90 5.25
CA GLY D 486 15.22 -8.99 6.19
C GLY D 486 14.27 -8.20 7.07
N TYR D 487 14.79 -7.23 7.81
CA TYR D 487 13.91 -6.43 8.65
C TYR D 487 13.12 -5.51 7.73
N GLU D 488 13.74 -5.13 6.61
CA GLU D 488 13.12 -4.24 5.64
C GLU D 488 11.86 -4.88 5.05
N GLY D 489 11.99 -6.14 4.67
CA GLY D 489 10.87 -6.86 4.10
C GLY D 489 9.81 -7.08 5.17
N ALA D 490 10.25 -7.31 6.40
CA ALA D 490 9.35 -7.53 7.53
C ALA D 490 8.53 -6.27 7.81
N MET D 491 9.16 -5.11 7.64
CA MET D 491 8.48 -3.84 7.86
C MET D 491 7.41 -3.62 6.79
N GLN D 492 7.72 -3.99 5.55
CA GLN D 492 6.77 -3.82 4.45
C GLN D 492 5.56 -4.72 4.64
N ILE D 493 5.81 -5.97 5.01
CA ILE D 493 4.72 -6.93 5.22
C ILE D 493 3.82 -6.49 6.37
N LEU D 494 4.43 -6.06 7.48
CA LEU D 494 3.65 -5.61 8.64
C LEU D 494 2.73 -4.43 8.29
N THR D 495 3.28 -3.43 7.62
CA THR D 495 2.52 -2.24 7.23
C THR D 495 1.34 -2.63 6.36
N THR D 496 1.59 -3.53 5.42
CA THR D 496 0.58 -4.02 4.51
C THR D 496 -0.50 -4.79 5.27
N LEU D 497 -0.10 -5.50 6.33
CA LEU D 497 -1.09 -6.23 7.12
C LEU D 497 -2.00 -5.32 7.95
N VAL D 498 -1.43 -4.40 8.73
CA VAL D 498 -2.30 -3.53 9.53
C VAL D 498 -3.14 -2.61 8.68
N ASN D 499 -2.52 -2.05 7.65
CA ASN D 499 -3.25 -1.14 6.80
C ASN D 499 -4.36 -1.85 6.01
N SER D 500 -4.20 -3.15 5.79
CA SER D 500 -5.23 -3.91 5.10
C SER D 500 -6.40 -4.08 6.08
N ILE D 501 -6.03 -4.29 7.35
CA ILE D 501 -6.99 -4.45 8.45
C ILE D 501 -7.73 -3.13 8.67
N LEU D 502 -6.99 -2.03 8.59
CA LEU D 502 -7.60 -0.71 8.79
C LEU D 502 -8.42 -0.22 7.59
N GLU D 503 -8.02 -0.60 6.37
CA GLU D 503 -8.76 -0.21 5.17
C GLU D 503 -10.10 -0.91 5.23
N ARG D 504 -10.04 -2.19 5.58
CA ARG D 504 -11.22 -3.04 5.69
C ARG D 504 -12.13 -2.55 6.82
N LEU D 505 -11.55 -2.16 7.96
CA LEU D 505 -12.37 -1.66 9.07
C LEU D 505 -13.05 -0.35 8.67
N ASP D 506 -12.34 0.52 7.95
CA ASP D 506 -12.93 1.80 7.52
C ASP D 506 -14.13 1.58 6.59
N GLU D 507 -14.06 0.52 5.78
CA GLU D 507 -15.15 0.21 4.85
C GLU D 507 -16.38 -0.24 5.63
N GLU D 508 -16.15 -1.14 6.58
CA GLU D 508 -17.20 -1.70 7.42
C GLU D 508 -17.88 -0.68 8.32
N THR D 509 -17.20 0.43 8.59
CA THR D 509 -17.75 1.47 9.45
C THR D 509 -18.01 2.79 8.72
N ARG D 510 -18.01 2.74 7.39
CA ARG D 510 -18.22 3.96 6.62
C ARG D 510 -19.72 4.28 6.45
N GLY D 511 -20.58 3.33 6.83
CA GLY D 511 -22.03 3.53 6.72
C GLY D 511 -22.60 4.67 7.55
N MET D 512 -23.08 5.70 6.87
CA MET D 512 -23.65 6.88 7.50
C MET D 512 -24.86 6.58 8.38
N GLN D 513 -24.71 6.95 9.64
CA GLN D 513 -25.70 6.77 10.70
C GLN D 513 -25.91 5.31 11.06
N ALA D 514 -25.30 4.41 10.30
CA ALA D 514 -25.43 2.98 10.55
C ALA D 514 -24.29 2.36 11.36
N THR D 515 -23.09 2.40 10.79
CA THR D 515 -21.93 1.83 11.46
C THR D 515 -20.84 2.88 11.65
N ASP D 516 -21.09 4.11 11.20
CA ASP D 516 -20.03 5.11 11.29
C ASP D 516 -19.70 5.72 12.66
N TYR D 517 -20.32 5.18 13.72
CA TYR D 517 -20.03 5.64 15.08
C TYR D 517 -18.59 5.23 15.40
N ASN D 518 -18.11 4.18 14.72
CA ASN D 518 -16.76 3.65 14.92
C ASN D 518 -15.86 4.02 13.73
N HIS D 519 -16.21 5.09 13.01
CA HIS D 519 -15.38 5.51 11.88
C HIS D 519 -14.43 6.58 12.38
N ASP D 520 -13.55 6.18 13.31
CA ASP D 520 -12.61 7.10 13.93
C ASP D 520 -11.50 7.73 13.10
N LEU D 521 -11.17 8.97 13.43
CA LEU D 521 -10.10 9.69 12.75
C LEU D 521 -8.77 9.04 13.13
N VAL D 522 -8.58 8.76 14.42
CA VAL D 522 -7.32 8.18 14.88
C VAL D 522 -7.41 6.67 15.16
N ARG D 523 -6.53 5.87 14.55
CA ARG D 523 -6.51 4.41 14.77
C ARG D 523 -5.09 3.93 15.07
N MET E 3 -30.12 50.21 43.93
CA MET E 3 -28.66 50.44 43.78
C MET E 3 -28.34 50.94 42.38
N ARG E 4 -27.41 51.89 42.31
CA ARG E 4 -27.01 52.45 41.03
C ARG E 4 -25.52 52.25 40.78
N GLN E 5 -25.21 51.61 39.66
CA GLN E 5 -23.84 51.37 39.28
C GLN E 5 -23.46 52.45 38.28
N CYS E 6 -22.36 53.14 38.54
CA CYS E 6 -21.91 54.21 37.66
C CYS E 6 -20.44 54.03 37.28
N ALA E 7 -20.10 54.42 36.06
CA ALA E 7 -18.73 54.33 35.59
C ALA E 7 -18.22 55.73 35.26
N ILE E 8 -17.00 56.03 35.67
CA ILE E 8 -16.40 57.33 35.41
C ILE E 8 -15.23 57.17 34.45
N TYR E 9 -15.29 57.85 33.31
CA TYR E 9 -14.20 57.82 32.33
C TYR E 9 -13.75 59.25 32.10
N GLY E 10 -12.70 59.43 31.32
CA GLY E 10 -12.20 60.76 31.04
C GLY E 10 -10.69 60.81 31.14
N LYS E 11 -10.07 61.76 30.45
CA LYS E 11 -8.62 61.87 30.48
C LYS E 11 -8.15 61.93 31.93
N GLY E 12 -7.06 61.22 32.21
CA GLY E 12 -6.52 61.17 33.56
C GLY E 12 -5.68 62.35 34.02
N GLY E 13 -4.91 62.93 33.11
CA GLY E 13 -4.06 64.05 33.46
C GLY E 13 -4.78 65.28 33.97
N ILE E 14 -6.08 65.15 34.25
CA ILE E 14 -6.88 66.27 34.74
C ILE E 14 -7.00 66.21 36.26
N GLY E 15 -7.35 65.03 36.75
CA GLY E 15 -7.55 64.80 38.17
C GLY E 15 -8.85 64.04 38.23
N LYS E 16 -9.03 63.14 37.28
CA LYS E 16 -10.23 62.34 37.15
C LYS E 16 -10.47 61.45 38.37
N SER E 17 -9.43 60.78 38.84
CA SER E 17 -9.58 59.90 40.00
C SER E 17 -9.81 60.70 41.27
N THR E 18 -9.23 61.90 41.34
CA THR E 18 -9.38 62.76 42.49
C THR E 18 -10.83 63.26 42.60
N THR E 19 -11.43 63.64 41.49
CA THR E 19 -12.81 64.10 41.55
C THR E 19 -13.77 62.93 41.75
N THR E 20 -13.36 61.74 41.36
CA THR E 20 -14.21 60.56 41.56
C THR E 20 -14.31 60.28 43.05
N GLN E 21 -13.16 60.35 43.72
CA GLN E 21 -13.11 60.09 45.16
C GLN E 21 -13.74 61.20 45.99
N ASN E 22 -13.65 62.43 45.50
CA ASN E 22 -14.24 63.56 46.21
C ASN E 22 -15.76 63.48 46.06
N LEU E 23 -16.20 63.10 44.86
CA LEU E 23 -17.63 62.95 44.57
C LEU E 23 -18.24 61.88 45.50
N VAL E 24 -17.53 60.77 45.68
CA VAL E 24 -18.03 59.71 46.54
C VAL E 24 -18.00 60.14 48.00
N ALA E 25 -16.93 60.82 48.40
CA ALA E 25 -16.78 61.31 49.77
C ALA E 25 -18.05 62.05 50.17
N ALA E 26 -18.43 63.04 49.37
CA ALA E 26 -19.63 63.83 49.63
C ALA E 26 -20.86 62.94 49.62
N LEU E 27 -20.82 61.89 48.80
CA LEU E 27 -21.93 60.96 48.72
C LEU E 27 -22.07 60.28 50.07
N ALA E 28 -20.94 59.82 50.60
CA ALA E 28 -20.94 59.16 51.90
C ALA E 28 -21.46 60.13 52.95
N GLU E 29 -20.99 61.38 52.89
CA GLU E 29 -21.41 62.39 53.86
C GLU E 29 -22.92 62.59 53.87
N MET E 30 -23.58 62.30 52.74
CA MET E 30 -25.03 62.45 52.63
C MET E 30 -25.74 61.25 53.24
N GLY E 31 -24.98 60.23 53.60
CA GLY E 31 -25.58 59.04 54.19
C GLY E 31 -25.77 57.92 53.19
N LYS E 32 -25.06 58.01 52.07
CA LYS E 32 -25.15 57.00 51.02
C LYS E 32 -24.04 55.96 51.15
N LYS E 33 -24.40 54.70 50.99
CA LYS E 33 -23.44 53.61 51.07
C LYS E 33 -22.85 53.43 49.67
N VAL E 34 -21.55 53.65 49.53
CA VAL E 34 -20.91 53.52 48.22
C VAL E 34 -19.66 52.65 48.20
N MET E 35 -19.37 52.11 47.02
CA MET E 35 -18.20 51.27 46.81
C MET E 35 -17.46 51.78 45.58
N ILE E 36 -16.14 51.79 45.65
CA ILE E 36 -15.34 52.22 44.52
C ILE E 36 -14.55 51.04 44.01
N VAL E 37 -14.66 50.79 42.71
CA VAL E 37 -13.94 49.70 42.07
C VAL E 37 -12.91 50.37 41.16
N GLY E 38 -11.64 50.24 41.49
CA GLY E 38 -10.60 50.85 40.69
C GLY E 38 -10.25 49.99 39.48
N CYS E 39 -10.39 50.56 38.29
CA CYS E 39 -10.10 49.86 37.04
C CYS E 39 -9.26 50.76 36.15
N ASP E 40 -8.35 51.51 36.75
CA ASP E 40 -7.49 52.43 36.00
C ASP E 40 -6.03 52.17 36.35
N PRO E 41 -5.24 51.68 35.37
CA PRO E 41 -3.82 51.38 35.54
C PRO E 41 -2.90 52.59 35.67
N LYS E 42 -3.37 53.75 35.25
CA LYS E 42 -2.57 54.96 35.31
C LYS E 42 -2.74 55.77 36.60
N ALA E 43 -3.69 55.38 37.43
CA ALA E 43 -3.92 56.09 38.69
C ALA E 43 -4.33 55.17 39.84
N ASP E 44 -4.46 55.75 41.03
CA ASP E 44 -4.87 55.01 42.22
C ASP E 44 -6.23 55.58 42.59
N SER E 45 -7.28 54.78 42.33
CA SER E 45 -8.65 55.20 42.58
C SER E 45 -9.16 55.12 44.01
N THR E 46 -8.31 54.73 44.96
CA THR E 46 -8.77 54.61 46.33
C THR E 46 -7.88 55.22 47.41
N ARG E 47 -6.70 55.67 47.02
CA ARG E 47 -5.73 56.26 47.95
C ARG E 47 -6.25 57.42 48.80
N LEU E 48 -7.24 58.14 48.29
CA LEU E 48 -7.81 59.27 49.02
C LEU E 48 -8.91 58.87 49.99
N ILE E 49 -9.59 57.76 49.71
CA ILE E 49 -10.67 57.29 50.57
C ILE E 49 -10.11 56.45 51.71
N LEU E 50 -9.04 55.71 51.44
CA LEU E 50 -8.43 54.84 52.43
C LEU E 50 -7.37 55.54 53.28
N ASN E 56 -3.79 46.23 48.27
CA ASN E 56 -4.52 44.93 48.27
C ASN E 56 -5.38 44.79 47.03
N THR E 57 -4.75 44.71 45.85
CA THR E 57 -5.49 44.58 44.60
C THR E 57 -5.93 43.14 44.36
N ILE E 58 -6.97 42.97 43.56
CA ILE E 58 -7.50 41.65 43.25
C ILE E 58 -6.44 40.74 42.61
N MET E 59 -5.71 41.28 41.63
CA MET E 59 -4.69 40.48 40.96
C MET E 59 -3.56 40.02 41.86
N GLU E 60 -2.97 40.94 42.63
CA GLU E 60 -1.86 40.58 43.52
C GLU E 60 -2.28 39.60 44.61
N MET E 61 -3.50 39.77 45.13
CA MET E 61 -3.99 38.88 46.18
C MET E 61 -4.41 37.54 45.59
N ALA E 62 -4.78 37.54 44.32
CA ALA E 62 -5.19 36.31 43.65
C ALA E 62 -3.95 35.44 43.46
N ALA E 63 -2.83 36.10 43.19
CA ALA E 63 -1.56 35.42 42.99
C ALA E 63 -1.03 34.82 44.28
N GLU E 64 -1.26 35.50 45.39
CA GLU E 64 -0.80 35.02 46.69
C GLU E 64 -1.61 33.83 47.19
N ALA E 65 -2.84 33.69 46.68
CA ALA E 65 -3.71 32.59 47.09
C ALA E 65 -3.61 31.42 46.13
N GLY E 66 -2.88 31.61 45.03
CA GLY E 66 -2.74 30.55 44.05
C GLY E 66 -3.39 31.02 42.76
N THR E 67 -4.72 31.09 42.77
CA THR E 67 -5.47 31.56 41.61
C THR E 67 -6.63 32.41 42.11
N VAL E 68 -7.39 32.98 41.17
CA VAL E 68 -8.52 33.83 41.53
C VAL E 68 -9.61 33.03 42.23
N GLU E 69 -9.67 31.73 41.97
CA GLU E 69 -10.68 30.88 42.58
C GLU E 69 -10.47 30.70 44.08
N ASP E 70 -9.25 30.96 44.54
CA ASP E 70 -8.93 30.83 45.96
C ASP E 70 -9.07 32.18 46.67
N LEU E 71 -9.35 33.22 45.89
CA LEU E 71 -9.49 34.56 46.41
C LEU E 71 -10.71 34.76 47.31
N GLU E 72 -10.50 35.48 48.41
CA GLU E 72 -11.57 35.77 49.36
C GLU E 72 -11.88 37.26 49.28
N LEU E 73 -13.14 37.58 48.99
CA LEU E 73 -13.58 38.96 48.87
C LEU E 73 -13.12 39.81 50.05
N GLU E 74 -12.86 39.16 51.17
CA GLU E 74 -12.42 39.85 52.39
C GLU E 74 -10.97 40.31 52.35
N ASP E 75 -10.15 39.67 51.52
CA ASP E 75 -8.74 40.02 51.40
C ASP E 75 -8.56 41.16 50.41
N VAL E 76 -9.64 41.50 49.71
CA VAL E 76 -9.57 42.54 48.70
C VAL E 76 -10.43 43.77 49.03
N LEU E 77 -11.41 43.61 49.91
CA LEU E 77 -12.26 44.73 50.30
C LEU E 77 -11.65 45.49 51.47
N LYS E 78 -12.09 46.73 51.65
CA LYS E 78 -11.62 47.57 52.74
C LYS E 78 -12.37 48.89 52.72
N ALA E 79 -12.82 49.33 53.88
CA ALA E 79 -13.56 50.56 54.01
C ALA E 79 -12.68 51.74 54.41
N GLY E 80 -13.13 52.93 54.06
CA GLY E 80 -12.38 54.14 54.38
C GLY E 80 -13.34 55.23 54.83
N TYR E 81 -13.07 56.46 54.44
CA TYR E 81 -13.93 57.58 54.83
C TYR E 81 -15.42 57.25 54.66
N GLY E 82 -16.22 57.70 55.60
CA GLY E 82 -17.66 57.47 55.54
C GLY E 82 -18.11 56.05 55.28
N GLY E 83 -17.20 55.09 55.48
CA GLY E 83 -17.56 53.69 55.26
C GLY E 83 -17.53 53.22 53.83
N VAL E 84 -17.04 54.06 52.92
CA VAL E 84 -16.97 53.70 51.51
C VAL E 84 -16.10 52.47 51.27
N LYS E 85 -16.68 51.44 50.66
CA LYS E 85 -15.96 50.20 50.36
C LYS E 85 -15.02 50.41 49.17
N CYS E 86 -13.81 49.85 49.26
CA CYS E 86 -12.84 50.02 48.19
C CYS E 86 -12.08 48.78 47.74
N VAL E 87 -12.09 48.54 46.44
CA VAL E 87 -11.36 47.42 45.85
C VAL E 87 -10.62 47.94 44.63
N GLU E 88 -9.43 47.42 44.41
CA GLU E 88 -8.62 47.83 43.27
C GLU E 88 -8.45 46.55 42.45
N SER E 89 -8.63 46.65 41.14
CA SER E 89 -8.52 45.48 40.29
C SER E 89 -7.11 44.92 40.20
N GLY E 90 -6.13 45.81 40.15
CA GLY E 90 -4.75 45.38 40.03
C GLY E 90 -4.39 45.39 38.55
N GLY E 91 -3.15 45.07 38.25
CA GLY E 91 -2.70 45.07 36.86
C GLY E 91 -1.20 44.89 36.83
N PRO E 92 -0.58 44.81 35.65
CA PRO E 92 0.87 44.63 35.55
C PRO E 92 1.70 45.87 35.87
N GLU E 93 3.01 45.66 35.90
CA GLU E 93 3.95 46.73 36.12
C GLU E 93 4.06 47.29 34.69
N PRO E 94 4.35 48.59 34.54
CA PRO E 94 4.46 49.19 33.22
C PRO E 94 5.28 48.46 32.14
N GLY E 95 4.77 48.49 30.91
CA GLY E 95 5.44 47.88 29.78
C GLY E 95 5.33 46.38 29.57
N VAL E 96 4.47 45.72 30.34
CA VAL E 96 4.34 44.27 30.21
C VAL E 96 2.94 43.83 30.61
N GLY E 97 2.59 42.60 30.27
CA GLY E 97 1.29 42.08 30.64
C GLY E 97 0.09 42.62 29.88
N CYS E 98 -1.08 42.55 30.51
CA CYS E 98 -2.31 42.99 29.89
C CYS E 98 -3.25 43.55 30.97
N ALA E 99 -3.29 44.88 31.09
CA ALA E 99 -4.12 45.53 32.10
C ALA E 99 -5.61 45.31 31.83
N GLY E 100 -5.96 45.10 30.56
CA GLY E 100 -7.35 44.89 30.21
C GLY E 100 -7.88 43.63 30.87
N ARG E 101 -7.14 42.54 30.73
CA ARG E 101 -7.54 41.27 31.31
C ARG E 101 -7.62 41.39 32.83
N GLY E 102 -6.79 42.25 33.40
CA GLY E 102 -6.80 42.45 34.84
C GLY E 102 -8.11 43.06 35.29
N VAL E 103 -8.68 43.93 34.46
CA VAL E 103 -9.96 44.54 34.80
C VAL E 103 -11.02 43.46 34.62
N ILE E 104 -10.96 42.76 33.49
CA ILE E 104 -11.92 41.69 33.20
C ILE E 104 -11.96 40.67 34.33
N THR E 105 -10.80 40.22 34.79
CA THR E 105 -10.73 39.26 35.87
C THR E 105 -11.31 39.87 37.14
N ALA E 106 -10.87 41.09 37.47
CA ALA E 106 -11.35 41.78 38.66
C ALA E 106 -12.88 41.82 38.70
N ILE E 107 -13.49 42.36 37.66
CA ILE E 107 -14.94 42.47 37.58
C ILE E 107 -15.68 41.13 37.69
N ASN E 108 -15.15 40.09 37.06
CA ASN E 108 -15.81 38.78 37.14
C ASN E 108 -15.81 38.30 38.58
N PHE E 109 -14.65 38.38 39.23
CA PHE E 109 -14.53 37.96 40.62
C PHE E 109 -15.61 38.64 41.46
N LEU E 110 -15.75 39.95 41.28
CA LEU E 110 -16.74 40.72 42.03
C LEU E 110 -18.17 40.28 41.76
N GLU E 111 -18.46 39.92 40.51
CA GLU E 111 -19.81 39.48 40.15
C GLU E 111 -20.10 38.16 40.87
N GLU E 112 -19.24 37.17 40.61
CA GLU E 112 -19.39 35.84 41.19
C GLU E 112 -19.29 35.76 42.71
N GLU E 113 -18.53 36.66 43.31
CA GLU E 113 -18.35 36.66 44.77
C GLU E 113 -19.40 37.59 45.37
N GLY E 114 -20.35 37.99 44.53
CA GLY E 114 -21.41 38.89 44.91
C GLY E 114 -20.90 40.00 45.80
N ALA E 115 -20.09 40.89 45.26
CA ALA E 115 -19.54 41.96 46.10
C ALA E 115 -20.51 43.11 46.32
N TYR E 116 -21.63 43.06 45.59
CA TYR E 116 -22.66 44.11 45.62
C TYR E 116 -23.96 43.74 46.34
N LEU E 120 -26.27 48.83 49.67
CA LEU E 120 -25.30 49.61 48.86
C LEU E 120 -26.09 50.46 47.87
N ASP E 121 -25.92 51.78 47.96
CA ASP E 121 -26.61 52.73 47.11
C ASP E 121 -25.97 52.94 45.74
N PHE E 122 -24.66 53.13 45.73
CA PHE E 122 -23.94 53.35 44.48
C PHE E 122 -22.66 52.54 44.39
N VAL E 123 -22.32 52.13 43.16
CA VAL E 123 -21.08 51.42 42.91
C VAL E 123 -20.44 52.33 41.88
N PHE E 124 -19.20 52.73 42.13
CA PHE E 124 -18.49 53.61 41.21
C PHE E 124 -17.21 53.00 40.67
N TYR E 125 -17.18 52.85 39.35
CA TYR E 125 -16.03 52.29 38.65
C TYR E 125 -15.17 53.45 38.14
N ASP E 126 -13.93 53.55 38.61
CA ASP E 126 -13.03 54.59 38.11
C ASP E 126 -12.24 53.86 37.03
N VAL E 127 -12.68 54.01 35.78
CA VAL E 127 -12.06 53.32 34.66
C VAL E 127 -10.99 54.06 33.87
N GLY E 128 -10.07 53.28 33.30
CA GLY E 128 -9.00 53.83 32.48
C GLY E 128 -9.43 53.97 31.04
N ASP E 129 -8.55 54.51 30.21
CA ASP E 129 -8.82 54.72 28.78
C ASP E 129 -9.33 53.46 28.06
N VAL E 130 -10.37 53.62 27.27
CA VAL E 130 -10.96 52.50 26.53
C VAL E 130 -10.14 52.09 25.30
N VAL E 131 -8.90 51.69 25.54
CA VAL E 131 -7.99 51.27 24.46
C VAL E 131 -8.30 49.85 24.04
N CYS E 132 -9.22 49.21 24.74
CA CYS E 132 -9.59 47.85 24.39
C CYS E 132 -10.84 47.33 25.06
N GLY E 133 -11.14 46.07 24.77
CA GLY E 133 -12.32 45.43 25.31
C GLY E 133 -12.45 45.37 26.83
N GLY E 134 -11.35 45.06 27.51
CA GLY E 134 -11.36 44.97 28.95
C GLY E 134 -11.74 46.23 29.70
N PHE E 135 -11.43 47.39 29.14
CA PHE E 135 -11.76 48.64 29.79
C PHE E 135 -13.19 49.09 29.52
N ALA E 136 -13.95 48.25 28.84
CA ALA E 136 -15.35 48.55 28.55
C ALA E 136 -16.21 47.56 29.34
N MET E 137 -15.57 46.61 30.00
CA MET E 137 -16.28 45.63 30.80
C MET E 137 -17.22 46.33 31.79
N PRO E 138 -16.76 47.44 32.41
CA PRO E 138 -17.63 48.12 33.36
C PRO E 138 -18.96 48.60 32.76
N ILE E 139 -19.04 48.71 31.44
CA ILE E 139 -20.27 49.18 30.83
C ILE E 139 -21.03 48.18 29.97
N ARG E 140 -20.84 46.89 30.25
CA ARG E 140 -21.55 45.85 29.52
C ARG E 140 -22.91 45.65 30.19
N GLU E 141 -23.71 44.77 29.61
CA GLU E 141 -25.03 44.45 30.12
C GLU E 141 -25.01 44.18 31.62
N ASN E 142 -25.96 44.75 32.35
CA ASN E 142 -26.07 44.55 33.79
C ASN E 142 -24.92 45.06 34.65
N LYS E 143 -24.17 46.02 34.13
CA LYS E 143 -23.07 46.61 34.88
C LYS E 143 -23.45 48.05 35.14
N ALA E 144 -22.56 48.98 34.87
CA ALA E 144 -22.85 50.39 35.09
C ALA E 144 -23.96 50.84 34.15
N GLN E 145 -24.89 51.63 34.67
CA GLN E 145 -26.00 52.12 33.87
C GLN E 145 -25.78 53.58 33.49
N GLU E 146 -25.10 54.31 34.39
CA GLU E 146 -24.81 55.72 34.17
C GLU E 146 -23.32 55.94 34.01
N ILE E 147 -22.95 56.68 32.98
CA ILE E 147 -21.54 56.99 32.75
C ILE E 147 -21.33 58.49 32.85
N TYR E 148 -20.28 58.87 33.57
CA TYR E 148 -19.95 60.27 33.71
C TYR E 148 -18.55 60.43 33.16
N ILE E 149 -18.36 61.46 32.36
CA ILE E 149 -17.07 61.72 31.75
C ILE E 149 -16.51 63.02 32.29
N VAL E 150 -15.36 62.96 32.93
CA VAL E 150 -14.80 64.20 33.43
C VAL E 150 -13.79 64.68 32.39
N CYS E 151 -13.85 65.97 32.09
CA CYS E 151 -13.01 66.58 31.08
C CYS E 151 -12.58 67.98 31.47
N SER E 152 -12.37 68.81 30.46
CA SER E 152 -11.99 70.21 30.64
C SER E 152 -11.94 70.84 29.26
N GLY E 153 -11.59 72.12 29.21
CA GLY E 153 -11.54 72.81 27.93
C GLY E 153 -10.23 72.64 27.19
N GLU E 154 -9.58 71.51 27.41
CA GLU E 154 -8.30 71.22 26.75
C GLU E 154 -8.58 70.40 25.49
N MET E 155 -7.97 70.80 24.39
CA MET E 155 -8.13 70.11 23.11
C MET E 155 -8.27 68.60 23.27
N MET E 156 -7.20 67.94 23.69
CA MET E 156 -7.21 66.49 23.83
C MET E 156 -8.07 65.93 24.96
N ALA E 157 -8.42 66.75 25.94
CA ALA E 157 -9.26 66.29 27.03
C ALA E 157 -10.67 66.12 26.46
N MET E 158 -11.03 67.05 25.59
CA MET E 158 -12.33 67.03 24.93
C MET E 158 -12.34 65.91 23.89
N TYR E 159 -11.22 65.73 23.22
CA TYR E 159 -11.07 64.69 22.21
C TYR E 159 -11.27 63.33 22.88
N ALA E 160 -10.81 63.23 24.12
CA ALA E 160 -10.94 62.00 24.89
C ALA E 160 -12.40 61.69 25.21
N ALA E 161 -13.14 62.71 25.65
CA ALA E 161 -14.54 62.56 25.99
C ALA E 161 -15.36 62.14 24.77
N ASN E 162 -15.06 62.76 23.63
CA ASN E 162 -15.76 62.45 22.39
C ASN E 162 -15.48 61.01 21.99
N ASN E 163 -14.23 60.57 22.18
CA ASN E 163 -13.85 59.20 21.84
C ASN E 163 -14.55 58.21 22.77
N ILE E 164 -14.54 58.53 24.06
CA ILE E 164 -15.22 57.68 25.03
C ILE E 164 -16.67 57.55 24.58
N SER E 165 -17.25 58.68 24.19
CA SER E 165 -18.64 58.70 23.74
C SER E 165 -18.89 57.71 22.62
N LYS E 166 -17.90 57.52 21.75
CA LYS E 166 -18.02 56.57 20.65
C LYS E 166 -18.13 55.17 21.22
N GLY E 167 -17.41 54.92 22.32
CA GLY E 167 -17.47 53.62 22.95
C GLY E 167 -18.83 53.43 23.61
N ILE E 168 -19.31 54.47 24.29
CA ILE E 168 -20.61 54.39 24.94
C ILE E 168 -21.69 54.02 23.93
N VAL E 169 -21.57 54.58 22.73
CA VAL E 169 -22.53 54.30 21.66
C VAL E 169 -22.58 52.83 21.29
N LYS E 170 -21.41 52.20 21.15
CA LYS E 170 -21.38 50.79 20.80
C LYS E 170 -22.10 49.93 21.83
N TYR E 171 -21.80 50.15 23.10
CA TYR E 171 -22.41 49.39 24.19
C TYR E 171 -23.83 49.80 24.53
N ALA E 172 -24.22 51.02 24.17
CA ALA E 172 -25.57 51.50 24.44
C ALA E 172 -26.55 50.93 23.44
N ASN E 173 -26.09 50.81 22.20
CA ASN E 173 -26.92 50.26 21.13
C ASN E 173 -27.11 48.77 21.41
N SER E 174 -26.05 48.14 21.91
CA SER E 174 -26.09 46.73 22.24
C SER E 174 -27.00 46.49 23.44
N GLY E 175 -26.70 47.16 24.55
CA GLY E 175 -27.49 46.98 25.76
C GLY E 175 -28.09 48.20 26.43
N SER E 176 -28.00 48.22 27.76
CA SER E 176 -28.57 49.31 28.54
C SER E 176 -27.56 50.03 29.41
N VAL E 177 -27.02 51.12 28.89
CA VAL E 177 -26.06 51.95 29.60
C VAL E 177 -26.14 53.28 28.88
N ARG E 178 -26.04 54.38 29.63
CA ARG E 178 -26.14 55.69 29.02
C ARG E 178 -25.16 56.71 29.56
N LEU E 179 -25.07 57.85 28.88
CA LEU E 179 -24.18 58.92 29.28
C LEU E 179 -25.00 59.83 30.20
N GLY E 180 -24.51 60.04 31.41
CA GLY E 180 -25.21 60.88 32.37
C GLY E 180 -24.81 62.33 32.27
N GLY E 181 -23.65 62.59 31.69
CA GLY E 181 -23.19 63.95 31.55
C GLY E 181 -21.69 64.16 31.65
N LEU E 182 -21.27 65.39 31.38
CA LEU E 182 -19.88 65.80 31.44
C LEU E 182 -19.56 66.49 32.76
N ILE E 183 -18.39 66.20 33.30
CA ILE E 183 -17.95 66.83 34.54
C ILE E 183 -16.70 67.61 34.15
N CYS E 184 -16.75 68.92 34.32
CA CYS E 184 -15.64 69.76 33.95
C CYS E 184 -14.68 70.06 35.09
N ASN E 185 -13.46 69.57 34.96
CA ASN E 185 -12.41 69.81 35.95
C ASN E 185 -11.72 71.07 35.43
N SER E 186 -12.03 72.20 36.05
CA SER E 186 -11.49 73.49 35.64
C SER E 186 -9.97 73.64 35.65
N ARG E 187 -9.47 74.31 34.61
CA ARG E 187 -8.06 74.60 34.46
C ARG E 187 -7.91 76.11 34.64
N ASN E 188 -9.06 76.79 34.72
CA ASN E 188 -9.09 78.24 34.87
C ASN E 188 -8.56 78.87 33.59
N THR E 189 -9.27 78.63 32.48
CA THR E 189 -8.87 79.18 31.18
C THR E 189 -10.00 79.98 30.54
N GLU E 192 -13.71 78.60 29.26
CA GLU E 192 -13.69 77.12 29.45
C GLU E 192 -15.09 76.65 29.80
N ASP E 193 -15.59 77.15 30.93
CA ASP E 193 -16.92 76.84 31.44
C ASP E 193 -17.95 76.65 30.32
N GLU E 194 -18.05 77.66 29.46
CA GLU E 194 -19.00 77.66 28.34
C GLU E 194 -18.68 76.59 27.30
N LEU E 195 -17.39 76.41 27.03
CA LEU E 195 -16.92 75.45 26.05
C LEU E 195 -17.48 74.04 26.29
N ILE E 196 -17.36 73.56 27.53
CA ILE E 196 -17.85 72.23 27.85
C ILE E 196 -19.36 72.11 27.75
N ILE E 197 -20.08 73.20 28.05
CA ILE E 197 -21.54 73.15 27.93
C ILE E 197 -21.84 72.96 26.45
N ALA E 198 -21.07 73.63 25.60
CA ALA E 198 -21.26 73.55 24.15
C ALA E 198 -21.00 72.14 23.64
N LEU E 199 -19.96 71.49 24.16
CA LEU E 199 -19.60 70.13 23.75
C LEU E 199 -20.76 69.20 24.12
N ALA E 200 -21.18 69.27 25.38
CA ALA E 200 -22.27 68.44 25.87
C ALA E 200 -23.50 68.56 24.99
N ASN E 201 -23.84 69.80 24.61
CA ASN E 201 -25.00 70.03 23.75
C ASN E 201 -24.78 69.34 22.41
N LYS E 202 -23.55 69.40 21.91
CA LYS E 202 -23.22 68.76 20.64
C LYS E 202 -23.41 67.25 20.82
N LEU E 203 -23.00 66.75 21.98
CA LEU E 203 -23.10 65.34 22.32
C LEU E 203 -24.53 64.94 22.62
N GLY E 204 -25.34 65.93 23.00
CA GLY E 204 -26.72 65.65 23.33
C GLY E 204 -26.86 65.31 24.80
N THR E 205 -25.91 65.74 25.60
CA THR E 205 -25.95 65.47 27.03
C THR E 205 -25.89 66.77 27.83
N GLN E 206 -25.34 66.72 29.03
CA GLN E 206 -25.26 67.90 29.87
C GLN E 206 -23.95 67.99 30.63
N MET E 207 -23.58 69.20 31.04
CA MET E 207 -22.38 69.37 31.84
C MET E 207 -22.95 69.31 33.25
N ILE E 208 -22.99 68.10 33.80
CA ILE E 208 -23.53 67.89 35.13
C ILE E 208 -23.02 68.88 36.18
N HIS E 209 -21.76 69.28 36.07
CA HIS E 209 -21.20 70.22 37.04
C HIS E 209 -19.83 70.75 36.68
N PHE E 210 -19.59 72.00 37.02
CA PHE E 210 -18.32 72.65 36.76
C PHE E 210 -17.55 72.66 38.08
N VAL E 211 -16.45 71.94 38.12
CA VAL E 211 -15.62 71.86 39.32
C VAL E 211 -14.49 72.88 39.23
N PRO E 212 -14.60 73.96 40.03
CA PRO E 212 -13.59 75.02 40.06
C PRO E 212 -12.24 74.51 40.54
N ARG E 213 -11.17 75.20 40.16
CA ARG E 213 -9.83 74.78 40.57
C ARG E 213 -9.41 75.48 41.86
N ASP E 214 -9.70 74.84 42.98
CA ASP E 214 -9.33 75.39 44.28
C ASP E 214 -8.08 74.61 44.70
N ASN E 215 -7.10 75.29 45.27
CA ASN E 215 -5.86 74.64 45.67
C ASN E 215 -6.02 73.68 46.84
N VAL E 216 -7.13 73.77 47.56
CA VAL E 216 -7.37 72.88 48.69
C VAL E 216 -7.33 71.43 48.22
N VAL E 217 -7.90 71.19 47.04
CA VAL E 217 -7.91 69.85 46.47
C VAL E 217 -6.51 69.27 46.52
N GLN E 218 -5.55 70.03 46.01
CA GLN E 218 -4.16 69.60 46.00
C GLN E 218 -3.61 69.48 47.42
N ARG E 219 -4.04 70.33 48.33
CA ARG E 219 -3.53 70.23 49.68
C ARG E 219 -3.99 68.88 50.24
N ALA E 220 -5.29 68.61 50.06
CA ALA E 220 -5.84 67.33 50.48
C ALA E 220 -5.13 66.16 49.78
N GLU E 221 -4.95 66.26 48.47
CA GLU E 221 -4.29 65.19 47.72
C GLU E 221 -2.97 64.75 48.35
N ILE E 222 -2.12 65.71 48.67
CA ILE E 222 -0.83 65.40 49.26
C ILE E 222 -0.97 64.75 50.63
N ARG E 223 -2.04 65.09 51.34
CA ARG E 223 -2.30 64.51 52.66
C ARG E 223 -3.05 63.18 52.54
N ARG E 224 -3.32 62.77 51.31
CA ARG E 224 -4.04 61.52 51.03
C ARG E 224 -5.51 61.58 51.45
N MET E 225 -6.13 62.73 51.29
CA MET E 225 -7.54 62.88 51.66
C MET E 225 -8.33 63.64 50.61
N THR E 226 -9.65 63.44 50.61
CA THR E 226 -10.51 64.17 49.69
C THR E 226 -10.68 65.52 50.38
N VAL E 227 -11.42 66.42 49.76
CA VAL E 227 -11.64 67.74 50.36
C VAL E 227 -12.62 67.62 51.51
N ILE E 228 -13.67 66.83 51.30
CA ILE E 228 -14.71 66.63 52.30
C ILE E 228 -14.17 66.06 53.62
N GLU E 229 -13.02 65.39 53.55
CA GLU E 229 -12.42 64.83 54.76
C GLU E 229 -11.43 65.82 55.36
N TYR E 230 -10.53 66.31 54.51
CA TYR E 230 -9.51 67.28 54.92
C TYR E 230 -10.10 68.51 55.60
N ASP E 231 -10.97 69.22 54.88
CA ASP E 231 -11.61 70.42 55.44
C ASP E 231 -13.02 70.58 54.89
N PRO E 232 -14.02 70.04 55.63
CA PRO E 232 -15.44 70.09 55.27
C PRO E 232 -15.96 71.52 55.06
N LYS E 233 -15.73 72.36 56.07
CA LYS E 233 -16.17 73.75 56.04
C LYS E 233 -15.50 74.59 54.95
N ALA E 234 -14.72 73.94 54.09
CA ALA E 234 -14.05 74.65 53.01
C ALA E 234 -15.03 74.93 51.87
N LYS E 235 -14.69 75.91 51.03
CA LYS E 235 -15.53 76.29 49.90
C LYS E 235 -15.62 75.22 48.83
N GLN E 236 -14.49 74.63 48.48
CA GLN E 236 -14.45 73.59 47.46
C GLN E 236 -15.29 72.39 47.86
N ALA E 237 -15.35 72.13 49.16
CA ALA E 237 -16.12 71.00 49.68
C ALA E 237 -17.59 71.05 49.29
N ASP E 238 -18.15 72.26 49.22
CA ASP E 238 -19.54 72.38 48.86
C ASP E 238 -19.75 72.07 47.38
N GLU E 239 -18.75 72.37 46.57
CA GLU E 239 -18.82 72.11 45.13
C GLU E 239 -19.03 70.61 44.89
N TYR E 240 -18.28 69.80 45.63
CA TYR E 240 -18.39 68.36 45.51
C TYR E 240 -19.73 67.88 46.03
N ARG E 241 -20.31 68.63 46.97
CA ARG E 241 -21.61 68.27 47.52
C ARG E 241 -22.68 68.57 46.50
N ALA E 242 -22.50 69.64 45.73
CA ALA E 242 -23.46 70.02 44.70
C ALA E 242 -23.34 69.08 43.51
N LEU E 243 -22.15 68.53 43.31
CA LEU E 243 -21.90 67.60 42.22
C LEU E 243 -22.64 66.31 42.59
N ALA E 244 -22.47 65.93 43.85
CA ALA E 244 -23.08 64.72 44.41
C ALA E 244 -24.61 64.77 44.30
N ARG E 245 -25.18 65.88 44.75
CA ARG E 245 -26.63 66.03 44.70
C ARG E 245 -27.17 65.99 43.29
N LYS E 246 -26.43 66.57 42.36
CA LYS E 246 -26.86 66.58 40.96
C LYS E 246 -26.82 65.18 40.36
N VAL E 247 -25.81 64.39 40.74
CA VAL E 247 -25.69 63.03 40.24
C VAL E 247 -26.74 62.15 40.91
N VAL E 248 -27.01 62.43 42.18
CA VAL E 248 -28.01 61.66 42.90
C VAL E 248 -29.36 61.85 42.22
N ASP E 249 -29.67 63.10 41.90
CA ASP E 249 -30.95 63.41 41.26
C ASP E 249 -30.97 63.42 39.74
N ASN E 250 -29.85 63.16 39.09
CA ASN E 250 -29.84 63.18 37.63
C ASN E 250 -30.79 62.18 37.01
N LYS E 251 -31.50 62.61 35.97
CA LYS E 251 -32.45 61.77 35.27
C LYS E 251 -32.11 61.74 33.78
N LEU E 252 -31.19 62.62 33.39
CA LEU E 252 -30.78 62.70 31.99
C LEU E 252 -29.73 61.65 31.65
N LEU E 253 -30.19 60.60 30.98
CA LEU E 253 -29.34 59.50 30.55
C LEU E 253 -29.63 59.35 29.06
N VAL E 254 -28.61 59.53 28.23
CA VAL E 254 -28.80 59.43 26.79
C VAL E 254 -27.68 58.68 26.08
N ILE E 255 -27.90 58.43 24.79
CA ILE E 255 -26.91 57.78 23.94
C ILE E 255 -26.25 58.96 23.24
N PRO E 256 -24.97 59.23 23.53
CA PRO E 256 -24.30 60.36 22.88
C PRO E 256 -24.25 60.30 21.36
N ASN E 257 -23.87 61.43 20.76
CA ASN E 257 -23.71 61.56 19.32
C ASN E 257 -22.33 62.22 19.15
N PRO E 258 -21.26 61.41 19.14
CA PRO E 258 -19.91 61.97 18.99
C PRO E 258 -19.75 62.82 17.74
N ILE E 259 -18.87 63.82 17.85
CA ILE E 259 -18.62 64.73 16.74
C ILE E 259 -17.35 64.35 16.01
N THR E 260 -17.12 65.01 14.89
CA THR E 260 -15.96 64.81 14.04
C THR E 260 -14.82 65.67 14.56
N MET E 261 -13.59 65.40 14.12
CA MET E 261 -12.46 66.21 14.57
C MET E 261 -12.67 67.64 14.10
N ASP E 262 -13.25 67.77 12.91
CA ASP E 262 -13.53 69.07 12.33
C ASP E 262 -14.46 69.88 13.23
N GLU E 263 -15.46 69.22 13.78
CA GLU E 263 -16.42 69.88 14.66
C GLU E 263 -15.79 70.32 15.99
N LEU E 264 -14.84 69.54 16.50
CA LEU E 264 -14.19 69.90 17.76
C LEU E 264 -13.28 71.11 17.52
N GLU E 265 -12.49 71.05 16.46
CA GLU E 265 -11.60 72.14 16.12
C GLU E 265 -12.42 73.40 15.91
N GLU E 266 -13.52 73.26 15.20
CA GLU E 266 -14.31 74.43 14.95
C GLU E 266 -14.87 75.06 16.22
N LEU E 267 -15.22 74.23 17.19
CA LEU E 267 -15.74 74.70 18.45
C LEU E 267 -14.71 75.50 19.26
N LEU E 268 -13.48 74.99 19.27
CA LEU E 268 -12.35 75.60 19.98
C LEU E 268 -11.98 76.93 19.34
N MET E 269 -12.23 77.06 18.04
CA MET E 269 -11.93 78.28 17.31
C MET E 269 -12.84 79.41 17.71
N GLU E 270 -13.95 79.10 18.36
CA GLU E 270 -14.88 80.12 18.79
C GLU E 270 -14.56 80.67 20.17
N PHE E 271 -13.52 80.15 20.80
CA PHE E 271 -13.12 80.60 22.12
C PHE E 271 -11.63 80.92 22.20
N MET F 3 21.59 57.67 12.68
CA MET F 3 20.15 57.28 12.61
C MET F 3 19.66 57.02 14.02
N ARG F 4 19.10 58.05 14.65
CA ARG F 4 18.60 57.95 16.02
C ARG F 4 17.11 57.70 16.13
N GLN F 5 16.75 56.63 16.83
CA GLN F 5 15.34 56.31 17.04
C GLN F 5 15.00 56.76 18.44
N CYS F 6 13.94 57.54 18.55
CA CYS F 6 13.51 58.06 19.83
C CYS F 6 12.04 57.74 20.07
N ALA F 7 11.69 57.56 21.34
CA ALA F 7 10.33 57.27 21.73
C ALA F 7 9.88 58.41 22.65
N ILE F 8 8.64 58.83 22.49
CA ILE F 8 8.09 59.90 23.31
C ILE F 8 6.91 59.38 24.11
N TYR F 9 7.06 59.36 25.43
CA TYR F 9 6.00 58.92 26.33
C TYR F 9 5.65 60.10 27.23
N GLY F 10 4.53 60.01 27.92
CA GLY F 10 4.10 61.07 28.81
C GLY F 10 2.59 61.06 28.96
N LYS F 11 2.07 61.92 29.84
CA LYS F 11 0.63 61.99 30.06
C LYS F 11 -0.01 62.79 28.91
N GLY F 12 -1.01 62.19 28.27
CA GLY F 12 -1.67 62.83 27.15
C GLY F 12 -2.45 64.11 27.40
N GLY F 13 -3.11 64.21 28.55
CA GLY F 13 -3.88 65.41 28.85
C GLY F 13 -3.05 66.68 28.86
N ILE F 14 -1.75 66.53 28.66
CA ILE F 14 -0.81 67.65 28.65
C ILE F 14 -0.76 68.32 27.28
N GLY F 15 -0.04 67.66 26.37
CA GLY F 15 0.14 68.14 25.01
C GLY F 15 1.28 67.31 24.44
N LYS F 16 1.23 66.02 24.73
CA LYS F 16 2.25 65.07 24.30
C LYS F 16 2.40 65.01 22.79
N SER F 17 1.30 64.76 22.09
CA SER F 17 1.32 64.68 20.63
C SER F 17 1.68 66.00 19.98
N THR F 18 1.14 67.10 20.51
CA THR F 18 1.43 68.40 19.94
C THR F 18 2.89 68.77 20.04
N THR F 19 3.52 68.53 21.20
CA THR F 19 4.93 68.86 21.35
C THR F 19 5.80 67.97 20.46
N THR F 20 5.49 66.69 20.39
CA THR F 20 6.25 65.76 19.55
C THR F 20 6.27 66.29 18.12
N GLN F 21 5.12 66.71 17.63
CA GLN F 21 5.03 67.22 16.27
C GLN F 21 5.71 68.57 16.08
N ASN F 22 5.63 69.45 17.08
CA ASN F 22 6.29 70.75 16.95
C ASN F 22 7.80 70.56 16.95
N LEU F 23 8.25 69.57 17.71
CA LEU F 23 9.66 69.24 17.83
C LEU F 23 10.15 68.69 16.50
N VAL F 24 9.45 67.69 15.98
CA VAL F 24 9.84 67.10 14.71
C VAL F 24 9.83 68.13 13.58
N ALA F 25 8.93 69.12 13.68
CA ALA F 25 8.85 70.18 12.67
C ALA F 25 10.09 71.06 12.74
N ALA F 26 10.51 71.39 13.96
CA ALA F 26 11.70 72.21 14.16
C ALA F 26 12.89 71.42 13.62
N LEU F 27 12.90 70.12 13.93
CA LEU F 27 13.96 69.23 13.49
C LEU F 27 14.06 69.19 11.97
N ALA F 28 12.91 69.03 11.30
CA ALA F 28 12.89 68.98 9.84
C ALA F 28 13.32 70.34 9.29
N GLU F 29 13.00 71.39 10.04
CA GLU F 29 13.34 72.74 9.63
C GLU F 29 14.86 72.94 9.62
N MET F 30 15.57 72.22 10.50
CA MET F 30 17.03 72.30 10.56
C MET F 30 17.63 71.47 9.44
N GLY F 31 16.77 70.81 8.68
CA GLY F 31 17.25 69.98 7.57
C GLY F 31 17.42 68.51 7.93
N LYS F 32 16.88 68.10 9.08
CA LYS F 32 16.97 66.71 9.52
C LYS F 32 15.85 65.87 8.89
N LYS F 33 16.19 64.66 8.44
CA LYS F 33 15.21 63.77 7.85
C LYS F 33 14.55 63.00 8.99
N VAL F 34 13.25 63.21 9.18
CA VAL F 34 12.53 62.57 10.27
C VAL F 34 11.36 61.70 9.85
N MET F 35 11.07 60.71 10.68
CA MET F 35 9.94 59.82 10.47
C MET F 35 9.20 59.72 11.80
N ILE F 36 7.89 59.96 11.75
CA ILE F 36 7.04 59.89 12.93
C ILE F 36 6.17 58.65 12.84
N VAL F 37 6.19 57.86 13.91
CA VAL F 37 5.41 56.64 13.97
C VAL F 37 4.38 56.77 15.08
N GLY F 38 3.10 56.88 14.70
CA GLY F 38 2.05 57.02 15.69
C GLY F 38 1.68 55.70 16.33
N CYS F 39 1.83 55.63 17.65
CA CYS F 39 1.51 54.42 18.39
C CYS F 39 0.71 54.80 19.63
N ASP F 40 -0.23 55.73 19.48
CA ASP F 40 -1.03 56.18 20.60
C ASP F 40 -2.52 56.21 20.26
N PRO F 41 -3.27 55.20 20.72
CA PRO F 41 -4.71 55.13 20.45
C PRO F 41 -5.53 56.29 21.03
N LYS F 42 -5.02 56.92 22.10
CA LYS F 42 -5.74 58.04 22.72
C LYS F 42 -5.42 59.40 22.10
N ALA F 43 -4.85 59.41 20.90
CA ALA F 43 -4.53 60.67 20.24
C ALA F 43 -4.20 60.54 18.76
N ASP F 44 -4.10 61.70 18.10
CA ASP F 44 -3.78 61.77 16.69
C ASP F 44 -2.34 62.30 16.63
N SER F 45 -1.41 61.43 16.25
CA SER F 45 0.00 61.79 16.23
C SER F 45 0.57 62.47 14.99
N THR F 46 -0.17 62.53 13.89
CA THR F 46 0.38 63.15 12.70
C THR F 46 -0.47 64.25 12.06
N ARG F 47 -1.64 64.50 12.63
CA ARG F 47 -2.57 65.50 12.11
C ARG F 47 -1.96 66.89 11.90
N LEU F 48 -0.95 67.22 12.69
CA LEU F 48 -0.29 68.52 12.57
C LEU F 48 0.75 68.56 11.46
N ILE F 49 1.36 67.42 11.17
CA ILE F 49 2.37 67.34 10.14
C ILE F 49 1.78 67.11 8.75
N LEU F 50 0.62 66.45 8.69
CA LEU F 50 -0.02 66.17 7.41
C LEU F 50 -1.02 67.24 6.99
N ASN F 56 -5.02 56.97 6.50
CA ASN F 56 -4.79 55.54 6.15
C ASN F 56 -3.72 54.90 7.03
N THR F 57 -4.16 54.25 8.11
CA THR F 57 -3.25 53.60 9.05
C THR F 57 -2.78 52.24 8.55
N ILE F 58 -1.74 51.71 9.20
CA ILE F 58 -1.20 50.42 8.81
C ILE F 58 -2.23 49.32 9.02
N MET F 59 -2.92 49.37 10.16
CA MET F 59 -3.91 48.36 10.45
C MET F 59 -5.11 48.42 9.50
N GLU F 60 -5.64 49.61 9.23
CA GLU F 60 -6.78 49.71 8.32
C GLU F 60 -6.38 49.32 6.91
N MET F 61 -5.21 49.79 6.46
CA MET F 61 -4.73 49.45 5.12
C MET F 61 -4.50 47.96 4.99
N ALA F 62 -4.02 47.33 6.06
CA ALA F 62 -3.77 45.89 6.05
C ALA F 62 -5.07 45.12 5.86
N ALA F 63 -6.04 45.39 6.73
CA ALA F 63 -7.34 44.72 6.65
C ALA F 63 -7.89 44.81 5.24
N GLU F 64 -7.86 46.02 4.68
CA GLU F 64 -8.36 46.27 3.33
C GLU F 64 -7.67 45.40 2.29
N ALA F 65 -6.37 45.24 2.41
CA ALA F 65 -5.60 44.45 1.45
C ALA F 65 -5.58 42.95 1.77
N GLY F 66 -6.10 42.58 2.94
CA GLY F 66 -6.10 41.19 3.34
C GLY F 66 -5.24 41.03 4.58
N THR F 67 -3.93 41.21 4.43
CA THR F 67 -3.00 41.11 5.55
C THR F 67 -1.80 42.04 5.37
N VAL F 68 -1.02 42.15 6.44
CA VAL F 68 0.17 42.99 6.47
C VAL F 68 1.13 42.59 5.35
N GLU F 69 1.22 41.29 5.09
CA GLU F 69 2.11 40.79 4.05
C GLU F 69 1.74 41.34 2.67
N ASP F 70 0.50 41.76 2.51
CA ASP F 70 0.03 42.29 1.23
C ASP F 70 0.24 43.80 1.15
N LEU F 71 0.76 44.38 2.23
CA LEU F 71 0.98 45.82 2.31
C LEU F 71 2.28 46.37 1.74
N GLU F 72 2.15 47.47 1.00
CA GLU F 72 3.28 48.15 0.40
C GLU F 72 3.60 49.32 1.32
N LEU F 73 4.88 49.64 1.46
CA LEU F 73 5.28 50.74 2.33
C LEU F 73 4.75 52.09 1.84
N GLU F 74 4.67 52.27 0.53
CA GLU F 74 4.17 53.52 -0.05
C GLU F 74 2.71 53.80 0.26
N ASP F 75 1.95 52.76 0.58
CA ASP F 75 0.53 52.91 0.90
C ASP F 75 0.36 53.48 2.30
N VAL F 76 1.34 53.21 3.15
CA VAL F 76 1.31 53.65 4.54
C VAL F 76 2.10 54.91 4.88
N LEU F 77 3.26 55.07 4.26
CA LEU F 77 4.10 56.23 4.49
C LEU F 77 3.65 57.41 3.64
N LYS F 78 3.49 58.57 4.26
CA LYS F 78 3.09 59.77 3.54
C LYS F 78 3.92 60.94 4.04
N ALA F 79 4.47 61.70 3.10
CA ALA F 79 5.30 62.85 3.42
C ALA F 79 4.46 64.08 3.73
N GLY F 80 4.86 64.84 4.74
CA GLY F 80 4.13 66.04 5.11
C GLY F 80 5.04 67.25 5.22
N TYR F 81 4.75 68.12 6.17
CA TYR F 81 5.55 69.32 6.37
C TYR F 81 7.04 69.04 6.56
N GLY F 82 7.86 69.83 5.85
CA GLY F 82 9.29 69.67 5.94
C GLY F 82 9.77 68.35 5.38
N GLY F 83 8.86 67.60 4.78
CA GLY F 83 9.24 66.32 4.21
C GLY F 83 9.23 65.24 5.27
N VAL F 84 8.66 65.54 6.42
CA VAL F 84 8.57 64.58 7.51
C VAL F 84 7.76 63.41 6.99
N LYS F 85 8.23 62.18 7.21
CA LYS F 85 7.49 61.02 6.75
C LYS F 85 6.60 60.55 7.89
N CYS F 86 5.33 60.32 7.60
CA CYS F 86 4.39 59.92 8.64
C CYS F 86 3.73 58.56 8.44
N VAL F 87 3.65 57.80 9.53
CA VAL F 87 3.03 56.48 9.57
C VAL F 87 2.23 56.36 10.85
N GLU F 88 1.01 55.86 10.73
CA GLU F 88 0.14 55.68 11.88
C GLU F 88 -0.10 54.19 12.00
N SER F 89 0.04 53.65 13.21
CA SER F 89 -0.16 52.21 13.41
C SER F 89 -1.60 51.80 13.15
N GLY F 90 -2.52 52.59 13.67
CA GLY F 90 -3.93 52.28 13.51
C GLY F 90 -4.33 51.44 14.71
N GLY F 91 -5.61 51.09 14.79
CA GLY F 91 -6.07 50.30 15.91
C GLY F 91 -7.58 50.21 15.90
N PRO F 92 -8.17 49.47 16.85
CA PRO F 92 -9.63 49.34 16.89
C PRO F 92 -10.33 50.65 17.21
N GLU F 93 -11.66 50.61 17.23
CA GLU F 93 -12.46 51.76 17.59
C GLU F 93 -12.51 51.68 19.12
N PRO F 94 -12.99 52.74 19.79
CA PRO F 94 -13.05 52.72 21.25
C PRO F 94 -13.85 51.61 21.95
N GLY F 95 -13.28 51.08 23.03
CA GLY F 95 -13.93 50.05 23.82
C GLY F 95 -13.91 48.62 23.32
N VAL F 96 -13.19 48.36 22.24
CA VAL F 96 -13.12 47.01 21.68
C VAL F 96 -11.74 46.73 21.11
N GLY F 97 -11.53 45.50 20.62
CA GLY F 97 -10.25 45.16 20.04
C GLY F 97 -9.08 45.19 21.00
N CYS F 98 -7.89 45.31 20.43
CA CYS F 98 -6.63 45.30 21.19
C CYS F 98 -5.62 46.19 20.49
N ALA F 99 -5.55 47.46 20.90
CA ALA F 99 -4.64 48.41 20.29
C ALA F 99 -3.18 48.03 20.51
N GLY F 100 -2.90 47.38 21.64
CA GLY F 100 -1.54 46.96 21.91
C GLY F 100 -0.97 46.12 20.79
N ARG F 101 -1.69 45.09 20.38
CA ARG F 101 -1.22 44.22 19.30
C ARG F 101 -1.11 45.00 18.00
N GLY F 102 -1.99 45.98 17.80
CA GLY F 102 -1.92 46.78 16.59
C GLY F 102 -0.55 47.45 16.48
N VAL F 103 0.00 47.88 17.60
CA VAL F 103 1.31 48.54 17.62
C VAL F 103 2.41 47.53 17.27
N ILE F 104 2.36 46.36 17.89
CA ILE F 104 3.32 45.30 17.62
C ILE F 104 3.36 45.02 16.12
N THR F 105 2.18 44.79 15.54
CA THR F 105 2.06 44.48 14.12
C THR F 105 2.65 45.57 13.22
N ALA F 106 2.31 46.82 13.51
CA ALA F 106 2.78 47.94 12.71
C ALA F 106 4.31 48.06 12.72
N ILE F 107 4.90 48.02 13.91
CA ILE F 107 6.35 48.14 14.04
C ILE F 107 7.02 47.00 13.31
N ASN F 108 6.47 45.81 13.46
CA ASN F 108 7.02 44.64 12.81
C ASN F 108 7.01 44.84 11.31
N PHE F 109 5.89 45.33 10.79
CA PHE F 109 5.74 45.59 9.37
C PHE F 109 6.80 46.59 8.90
N LEU F 110 6.99 47.65 9.68
CA LEU F 110 7.98 48.68 9.33
C LEU F 110 9.38 48.08 9.31
N GLU F 111 9.67 47.19 10.27
CA GLU F 111 10.96 46.53 10.33
C GLU F 111 11.12 45.72 9.04
N GLU F 112 10.23 44.75 8.87
CA GLU F 112 10.25 43.86 7.72
C GLU F 112 10.17 44.54 6.35
N GLU F 113 9.52 45.70 6.26
CA GLU F 113 9.42 46.36 4.97
C GLU F 113 10.54 47.37 4.70
N GLY F 114 11.60 47.29 5.50
CA GLY F 114 12.74 48.16 5.33
C GLY F 114 12.50 49.66 5.34
N ALA F 115 11.68 50.13 6.27
CA ALA F 115 11.37 51.54 6.38
C ALA F 115 12.47 52.30 7.12
N TYR F 116 13.08 51.62 8.09
CA TYR F 116 14.14 52.22 8.91
C TYR F 116 15.49 52.30 8.20
N GLU F 117 15.62 51.58 7.09
CA GLU F 117 16.88 51.59 6.35
C GLU F 117 16.77 52.40 5.05
N ASP F 118 16.42 53.68 5.19
CA ASP F 118 16.30 54.56 4.04
C ASP F 118 17.26 55.75 4.15
N ASP F 119 17.87 55.90 5.33
CA ASP F 119 18.80 56.99 5.53
C ASP F 119 18.21 58.17 6.26
N LEU F 120 17.56 57.89 7.39
CA LEU F 120 16.93 58.92 8.19
C LEU F 120 17.88 59.39 9.28
N ASP F 121 17.55 60.54 9.89
CA ASP F 121 18.36 61.08 10.97
C ASP F 121 17.65 60.76 12.28
N PHE F 122 16.33 60.73 12.22
CA PHE F 122 15.52 60.44 13.40
C PHE F 122 14.23 59.71 13.09
N VAL F 123 13.80 58.93 14.07
CA VAL F 123 12.55 58.21 14.00
C VAL F 123 11.92 58.56 15.34
N PHE F 124 10.67 59.00 15.31
CA PHE F 124 9.98 59.35 16.54
C PHE F 124 8.70 58.55 16.71
N TYR F 125 8.66 57.80 17.81
CA TYR F 125 7.49 57.01 18.13
C TYR F 125 6.67 57.83 19.13
N ASP F 126 5.42 58.09 18.79
CA ASP F 126 4.56 58.82 19.71
C ASP F 126 3.71 57.71 20.33
N VAL F 127 4.12 57.25 21.51
CA VAL F 127 3.45 56.15 22.19
C VAL F 127 2.39 56.49 23.22
N GLY F 128 1.41 55.59 23.36
CA GLY F 128 0.35 55.78 24.33
C GLY F 128 0.79 55.22 25.68
N ASP F 129 -0.12 55.22 26.65
CA ASP F 129 0.22 54.72 27.98
C ASP F 129 0.57 53.22 27.97
N VAL F 130 1.74 52.91 28.53
CA VAL F 130 2.23 51.53 28.59
C VAL F 130 1.43 50.66 29.55
N VAL F 131 0.26 50.23 29.09
CA VAL F 131 -0.60 49.37 29.91
C VAL F 131 -0.37 47.91 29.58
N CYS F 132 0.56 47.65 28.68
CA CYS F 132 0.86 46.29 28.28
C CYS F 132 2.10 46.19 27.42
N GLY F 133 2.53 44.95 27.17
CA GLY F 133 3.72 44.73 26.37
C GLY F 133 3.71 45.36 24.99
N GLY F 134 2.55 45.36 24.34
CA GLY F 134 2.45 45.93 23.00
C GLY F 134 2.85 47.39 22.90
N PHE F 135 2.52 48.18 23.91
CA PHE F 135 2.85 49.59 23.89
C PHE F 135 4.28 49.82 24.35
N ALA F 136 5.02 48.73 24.53
CA ALA F 136 6.41 48.83 24.92
C ALA F 136 7.23 48.33 23.74
N MET F 137 6.53 48.03 22.63
CA MET F 137 7.19 47.53 21.41
C MET F 137 8.28 48.49 20.93
N PRO F 138 8.02 49.82 21.02
CA PRO F 138 9.01 50.80 20.59
C PRO F 138 10.33 50.79 21.34
N ILE F 139 10.34 50.30 22.58
CA ILE F 139 11.58 50.30 23.35
C ILE F 139 12.32 48.96 23.46
N ARG F 140 11.98 48.02 22.58
CA ARG F 140 12.66 46.72 22.57
C ARG F 140 13.98 46.92 21.84
N GLU F 141 14.82 45.89 21.79
CA GLU F 141 16.10 46.01 21.11
C GLU F 141 15.93 46.35 19.63
N ASN F 142 16.91 47.09 19.09
CA ASN F 142 16.92 47.49 17.69
C ASN F 142 15.82 48.50 17.35
N LYS F 143 15.26 49.12 18.37
CA LYS F 143 14.23 50.12 18.19
C LYS F 143 14.73 51.45 18.75
N ALA F 144 13.91 52.06 19.61
CA ALA F 144 14.27 53.33 20.22
C ALA F 144 15.34 53.19 21.29
N GLN F 145 16.34 54.07 21.24
CA GLN F 145 17.43 54.07 22.20
C GLN F 145 17.29 55.26 23.15
N GLU F 146 16.59 56.29 22.70
CA GLU F 146 16.40 57.50 23.49
C GLU F 146 14.94 57.74 23.84
N ILE F 147 14.68 57.91 25.14
CA ILE F 147 13.33 58.15 25.62
C ILE F 147 13.18 59.52 26.25
N TYR F 148 12.19 60.27 25.78
CA TYR F 148 11.92 61.59 26.33
C TYR F 148 10.49 61.57 26.85
N ILE F 149 10.29 62.06 28.06
CA ILE F 149 8.95 62.07 28.66
C ILE F 149 8.46 63.50 28.80
N VAL F 150 7.25 63.76 28.29
CA VAL F 150 6.68 65.10 28.42
C VAL F 150 5.91 65.08 29.73
N CYS F 151 6.10 66.10 30.56
CA CYS F 151 5.45 66.14 31.87
C CYS F 151 4.96 67.52 32.28
N SER F 152 4.36 67.58 33.46
CA SER F 152 3.83 68.82 34.02
C SER F 152 4.06 68.85 35.53
N GLY F 153 3.69 69.96 36.15
CA GLY F 153 3.83 70.08 37.58
C GLY F 153 2.68 69.38 38.27
N GLU F 154 1.71 68.92 37.49
CA GLU F 154 0.56 68.21 38.03
C GLU F 154 1.09 66.93 38.67
N MET F 155 0.35 66.41 39.66
CA MET F 155 0.77 65.20 40.35
C MET F 155 0.66 63.96 39.48
N MET F 156 -0.56 63.66 39.04
CA MET F 156 -0.81 62.49 38.20
C MET F 156 0.05 62.53 36.94
N ALA F 157 0.60 63.70 36.64
CA ALA F 157 1.45 63.88 35.46
C ALA F 157 2.91 63.50 35.74
N MET F 158 3.33 63.69 36.98
CA MET F 158 4.70 63.36 37.38
C MET F 158 4.76 61.88 37.74
N TYR F 159 3.67 61.41 38.35
CA TYR F 159 3.56 60.01 38.74
C TYR F 159 3.63 59.17 37.46
N ALA F 160 3.03 59.68 36.39
CA ALA F 160 3.05 58.99 35.11
C ALA F 160 4.47 58.96 34.59
N ALA F 161 5.20 60.05 34.84
CA ALA F 161 6.59 60.15 34.39
C ALA F 161 7.42 59.07 35.08
N ASN F 162 7.09 58.78 36.34
CA ASN F 162 7.81 57.77 37.09
C ASN F 162 7.49 56.36 36.58
N ASN F 163 6.20 56.05 36.46
CA ASN F 163 5.77 54.74 35.98
C ASN F 163 6.53 54.41 34.69
N ILE F 164 6.62 55.39 33.80
CA ILE F 164 7.32 55.23 32.53
C ILE F 164 8.79 54.92 32.80
N SER F 165 9.38 55.60 33.77
CA SER F 165 10.78 55.38 34.12
C SER F 165 10.97 53.94 34.61
N LYS F 166 10.05 53.46 35.42
CA LYS F 166 10.13 52.09 35.93
C LYS F 166 10.11 51.13 34.75
N GLY F 167 9.34 51.49 33.73
CA GLY F 167 9.24 50.66 32.54
C GLY F 167 10.53 50.69 31.75
N ILE F 168 11.21 51.82 31.79
CA ILE F 168 12.48 51.98 31.11
C ILE F 168 13.46 51.05 31.80
N VAL F 169 13.65 51.27 33.10
CA VAL F 169 14.53 50.46 33.91
C VAL F 169 14.46 48.97 33.55
N LYS F 170 13.25 48.47 33.42
CA LYS F 170 13.01 47.07 33.09
C LYS F 170 13.64 46.65 31.75
N TYR F 171 13.40 47.43 30.70
CA TYR F 171 13.96 47.12 29.38
C TYR F 171 15.41 47.56 29.23
N ALA F 172 15.87 48.39 30.16
CA ALA F 172 17.25 48.89 30.14
C ALA F 172 18.22 47.81 30.59
N ASN F 173 17.87 47.11 31.66
CA ASN F 173 18.71 46.05 32.19
C ASN F 173 18.79 44.91 31.18
N SER F 174 17.85 44.91 30.24
CA SER F 174 17.78 43.87 29.21
C SER F 174 18.42 44.30 27.89
N GLY F 175 18.54 45.60 27.68
CA GLY F 175 19.14 46.05 26.44
C GLY F 175 19.58 47.50 26.37
N SER F 176 19.74 47.98 25.14
CA SER F 176 20.17 49.35 24.90
C SER F 176 19.05 50.37 24.72
N VAL F 177 18.51 50.85 25.83
CA VAL F 177 17.46 51.87 25.80
C VAL F 177 17.65 52.74 27.03
N ARG F 178 17.72 54.04 26.81
CA ARG F 178 17.93 54.97 27.92
C ARG F 178 16.96 56.12 27.95
N LEU F 179 16.93 56.79 29.10
CA LEU F 179 16.07 57.95 29.31
C LEU F 179 16.91 59.16 28.93
N GLY F 180 16.48 59.88 27.90
CA GLY F 180 17.19 61.05 27.44
C GLY F 180 16.80 62.31 28.20
N GLY F 181 15.71 62.24 28.95
CA GLY F 181 15.32 63.43 29.69
C GLY F 181 13.86 63.80 29.72
N LEU F 182 13.60 64.84 30.50
CA LEU F 182 12.26 65.37 30.72
C LEU F 182 12.02 66.66 29.93
N ILE F 183 10.81 66.77 29.38
CA ILE F 183 10.40 67.94 28.63
C ILE F 183 9.14 68.41 29.33
N CYS F 184 9.17 69.64 29.85
CA CYS F 184 8.03 70.16 30.58
C CYS F 184 7.15 71.14 29.81
N ASN F 185 5.86 70.80 29.71
CA ASN F 185 4.90 71.68 29.07
C ASN F 185 4.31 72.51 30.19
N SER F 186 4.52 73.82 30.14
CA SER F 186 4.01 74.71 31.17
C SER F 186 2.51 74.54 31.37
N ARG F 191 6.29 78.18 40.39
CA ARG F 191 7.67 77.60 40.35
C ARG F 191 7.71 76.21 39.74
N GLU F 192 6.80 75.94 38.80
CA GLU F 192 6.73 74.65 38.14
C GLU F 192 8.06 74.37 37.44
N ASP F 193 8.70 75.44 37.00
CA ASP F 193 9.99 75.36 36.31
C ASP F 193 11.00 74.57 37.13
N GLU F 194 11.04 74.87 38.43
CA GLU F 194 11.96 74.22 39.37
C GLU F 194 11.56 72.79 39.72
N LEU F 195 10.28 72.60 40.02
CA LEU F 195 9.74 71.30 40.39
C LEU F 195 10.19 70.16 39.47
N ILE F 196 10.00 70.34 38.16
CA ILE F 196 10.38 69.31 37.20
C ILE F 196 11.88 69.10 37.12
N ILE F 197 12.64 70.13 37.46
CA ILE F 197 14.10 70.02 37.44
C ILE F 197 14.53 69.07 38.55
N ALA F 198 13.92 69.21 39.72
CA ALA F 198 14.23 68.36 40.86
C ALA F 198 13.80 66.92 40.59
N LEU F 199 12.65 66.78 39.93
CA LEU F 199 12.11 65.47 39.58
C LEU F 199 13.13 64.73 38.73
N ALA F 200 13.81 65.47 37.84
CA ALA F 200 14.81 64.89 36.97
C ALA F 200 16.07 64.50 37.74
N ASN F 201 16.52 65.39 38.62
CA ASN F 201 17.71 65.13 39.42
C ASN F 201 17.47 63.87 40.24
N LYS F 202 16.24 63.71 40.71
CA LYS F 202 15.89 62.53 41.50
C LYS F 202 15.98 61.30 40.61
N LEU F 203 15.49 61.43 39.39
CA LEU F 203 15.52 60.33 38.43
C LEU F 203 16.93 60.08 37.92
N GLY F 204 17.78 61.09 38.04
CA GLY F 204 19.15 60.97 37.58
C GLY F 204 19.31 61.38 36.13
N THR F 205 18.30 62.04 35.60
CA THR F 205 18.30 62.50 34.21
C THR F 205 18.24 64.03 34.23
N GLN F 206 17.62 64.63 33.21
CA GLN F 206 17.55 66.09 33.13
C GLN F 206 16.20 66.54 32.61
N MET F 207 15.99 67.85 32.61
CA MET F 207 14.78 68.44 32.04
C MET F 207 15.39 69.05 30.80
N ILE F 208 15.33 68.33 29.68
CA ILE F 208 15.93 68.82 28.45
C ILE F 208 15.41 70.17 28.01
N HIS F 209 14.17 70.50 28.35
CA HIS F 209 13.63 71.80 27.99
C HIS F 209 12.28 72.12 28.61
N PHE F 210 12.10 73.39 28.93
CA PHE F 210 10.86 73.88 29.51
C PHE F 210 10.08 74.63 28.43
N VAL F 211 9.06 73.98 27.89
CA VAL F 211 8.23 74.59 26.86
C VAL F 211 7.21 75.49 27.54
N PRO F 212 7.35 76.81 27.37
CA PRO F 212 6.43 77.77 27.98
C PRO F 212 5.02 77.67 27.42
N ARG F 213 4.06 78.24 28.15
CA ARG F 213 2.68 78.23 27.71
C ARG F 213 2.48 79.39 26.74
N ASP F 214 1.89 79.11 25.59
CA ASP F 214 1.67 80.16 24.60
C ASP F 214 0.50 79.82 23.70
N ASN F 215 -0.51 80.69 23.75
CA ASN F 215 -1.73 80.53 22.98
C ASN F 215 -1.53 80.25 21.50
N VAL F 216 -0.34 80.57 20.97
CA VAL F 216 -0.10 80.35 19.55
C VAL F 216 -0.10 78.86 19.22
N VAL F 217 0.32 78.03 20.17
CA VAL F 217 0.35 76.59 19.97
C VAL F 217 -1.07 76.11 19.70
N GLN F 218 -2.03 76.55 20.51
CA GLN F 218 -3.43 76.17 20.30
C GLN F 218 -3.92 76.71 18.96
N ARG F 219 -3.63 77.98 18.69
CA ARG F 219 -4.04 78.59 17.43
C ARG F 219 -3.66 77.74 16.24
N ALA F 220 -2.40 77.30 16.24
CA ALA F 220 -1.88 76.46 15.16
C ALA F 220 -2.51 75.07 15.22
N GLU F 221 -2.53 74.49 16.41
CA GLU F 221 -3.08 73.15 16.63
C GLU F 221 -4.52 72.98 16.09
N ILE F 222 -5.39 73.91 16.45
CA ILE F 222 -6.78 73.85 16.00
C ILE F 222 -6.86 74.02 14.49
N ARG F 223 -5.81 74.58 13.90
CA ARG F 223 -5.79 74.77 12.45
C ARG F 223 -4.90 73.74 11.76
N ARG F 224 -4.70 72.62 12.45
CA ARG F 224 -3.91 71.50 11.93
C ARG F 224 -2.45 71.79 11.59
N MET F 225 -1.81 72.64 12.39
CA MET F 225 -0.41 72.98 12.14
C MET F 225 0.42 73.05 13.41
N THR F 226 1.74 73.02 13.22
CA THR F 226 2.68 73.15 14.32
C THR F 226 3.01 74.64 14.25
N VAL F 227 3.54 75.21 15.33
CA VAL F 227 3.86 76.63 15.30
C VAL F 227 4.87 76.94 14.19
N ILE F 228 5.86 76.06 14.01
CA ILE F 228 6.87 76.29 12.98
C ILE F 228 6.25 76.55 11.61
N GLU F 229 5.19 75.83 11.28
CA GLU F 229 4.55 76.02 9.99
C GLU F 229 3.55 77.16 10.03
N TYR F 230 2.78 77.20 11.11
CA TYR F 230 1.75 78.21 11.30
C TYR F 230 2.31 79.65 11.35
N ASP F 231 3.44 79.83 12.03
CA ASP F 231 4.05 81.16 12.16
C ASP F 231 5.52 81.05 12.52
N PRO F 232 6.39 80.82 11.52
CA PRO F 232 7.84 80.68 11.71
C PRO F 232 8.49 81.78 12.55
N LYS F 233 7.91 82.98 12.52
CA LYS F 233 8.49 84.10 13.26
C LYS F 233 8.06 84.18 14.73
N ALA F 234 7.08 83.38 15.11
CA ALA F 234 6.59 83.38 16.49
C ALA F 234 7.69 83.05 17.49
N LYS F 235 7.57 83.60 18.69
CA LYS F 235 8.54 83.38 19.75
C LYS F 235 8.51 81.92 20.22
N GLN F 236 7.31 81.34 20.24
CA GLN F 236 7.15 79.95 20.66
C GLN F 236 7.85 79.05 19.64
N ALA F 237 7.91 79.52 18.40
CA ALA F 237 8.56 78.76 17.34
C ALA F 237 10.00 78.54 17.73
N ASP F 238 10.64 79.59 18.24
CA ASP F 238 12.03 79.52 18.65
C ASP F 238 12.22 78.64 19.88
N GLU F 239 11.13 78.42 20.61
CA GLU F 239 11.20 77.56 21.78
C GLU F 239 11.36 76.12 21.32
N TYR F 240 10.63 75.75 20.27
CA TYR F 240 10.72 74.40 19.73
C TYR F 240 12.03 74.19 19.01
N ARG F 241 12.59 75.27 18.46
CA ARG F 241 13.86 75.17 17.78
C ARG F 241 14.94 75.00 18.84
N ALA F 242 14.68 75.53 20.03
CA ALA F 242 15.64 75.40 21.13
C ALA F 242 15.60 73.97 21.66
N LEU F 243 14.40 73.38 21.71
CA LEU F 243 14.24 72.01 22.19
C LEU F 243 14.93 71.08 21.18
N ALA F 244 14.66 71.30 19.90
CA ALA F 244 15.23 70.49 18.83
C ALA F 244 16.76 70.43 18.88
N ARG F 245 17.38 71.58 19.09
CA ARG F 245 18.84 71.65 19.15
C ARG F 245 19.36 70.90 20.36
N LYS F 246 18.65 71.01 21.49
CA LYS F 246 19.06 70.31 22.71
C LYS F 246 18.91 68.81 22.55
N VAL F 247 17.97 68.37 21.71
CA VAL F 247 17.78 66.95 21.46
C VAL F 247 18.88 66.47 20.52
N VAL F 248 19.12 67.21 19.45
CA VAL F 248 20.14 66.84 18.47
C VAL F 248 21.54 66.76 19.08
N ASP F 249 21.82 67.58 20.08
CA ASP F 249 23.13 67.57 20.71
C ASP F 249 23.19 66.79 22.03
N ASN F 250 22.05 66.32 22.50
CA ASN F 250 21.98 65.57 23.76
C ASN F 250 22.89 64.35 23.77
N LYS F 251 23.55 64.13 24.91
CA LYS F 251 24.45 63.00 25.08
C LYS F 251 24.14 62.26 26.37
N LEU F 252 23.26 62.85 27.18
CA LEU F 252 22.89 62.26 28.46
C LEU F 252 21.77 61.22 28.35
N LEU F 253 22.17 59.95 28.30
CA LEU F 253 21.25 58.82 28.24
C LEU F 253 21.47 58.07 29.54
N VAL F 254 20.41 57.85 30.30
CA VAL F 254 20.56 57.18 31.59
C VAL F 254 19.48 56.15 31.90
N ILE F 255 19.75 55.34 32.92
CA ILE F 255 18.78 54.36 33.39
C ILE F 255 18.24 55.09 34.61
N PRO F 256 16.95 55.43 34.60
CA PRO F 256 16.30 56.16 35.70
C PRO F 256 16.17 55.43 37.03
N ASN F 257 16.15 56.21 38.10
CA ASN F 257 16.02 55.69 39.45
C ASN F 257 14.66 56.14 39.99
N PRO F 258 13.57 55.44 39.61
CA PRO F 258 12.22 55.77 40.06
C PRO F 258 12.12 56.09 41.54
N ILE F 259 11.15 56.94 41.88
CA ILE F 259 10.93 57.34 43.27
C ILE F 259 9.62 56.74 43.80
N THR F 260 9.39 56.91 45.09
CA THR F 260 8.17 56.40 45.72
C THR F 260 7.09 57.47 45.62
N MET F 261 5.83 57.05 45.77
CA MET F 261 4.73 58.00 45.73
C MET F 261 4.90 58.88 46.95
N ASP F 262 5.55 58.32 47.97
CA ASP F 262 5.82 59.05 49.20
C ASP F 262 6.86 60.11 48.88
N GLU F 263 7.94 59.68 48.24
CA GLU F 263 9.01 60.60 47.85
C GLU F 263 8.46 61.67 46.91
N LEU F 264 7.40 61.32 46.17
CA LEU F 264 6.77 62.23 45.23
C LEU F 264 5.92 63.25 45.98
N GLU F 265 5.16 62.78 46.96
CA GLU F 265 4.32 63.67 47.76
C GLU F 265 5.19 64.60 48.60
N GLU F 266 6.46 64.22 48.74
CA GLU F 266 7.43 65.01 49.50
C GLU F 266 7.90 66.15 48.61
N LEU F 267 8.25 65.81 47.38
CA LEU F 267 8.72 66.77 46.40
C LEU F 267 7.64 67.83 46.12
N LEU F 268 6.41 67.37 45.92
CA LEU F 268 5.28 68.25 45.66
C LEU F 268 5.00 69.16 46.86
N MET F 269 4.98 68.57 48.04
CA MET F 269 4.71 69.29 49.28
C MET F 269 5.78 70.32 49.62
N GLU F 270 6.93 70.22 48.94
CA GLU F 270 8.03 71.15 49.17
C GLU F 270 7.95 72.37 48.26
N PHE F 271 6.88 72.44 47.46
CA PHE F 271 6.67 73.56 46.54
C PHE F 271 5.26 74.13 46.67
N MET G 3 -12.92 -56.51 -46.01
CA MET G 3 -11.68 -55.82 -45.52
C MET G 3 -11.43 -56.24 -44.07
N ARG G 4 -10.31 -56.92 -43.85
CA ARG G 4 -9.94 -57.40 -42.52
C ARG G 4 -8.58 -56.89 -42.05
N GLN G 5 -8.57 -56.11 -40.97
CA GLN G 5 -7.30 -55.60 -40.43
C GLN G 5 -6.76 -56.60 -39.42
N CYS G 6 -5.48 -56.92 -39.54
CA CYS G 6 -4.85 -57.87 -38.63
C CYS G 6 -3.52 -57.37 -38.08
N ALA G 7 -3.29 -57.63 -36.79
CA ALA G 7 -2.06 -57.22 -36.13
C ALA G 7 -1.27 -58.47 -35.74
N ILE G 8 0.03 -58.46 -36.00
CA ILE G 8 0.87 -59.60 -35.66
C ILE G 8 1.95 -59.22 -34.65
N TYR G 9 1.93 -59.89 -33.51
CA TYR G 9 2.92 -59.65 -32.47
C TYR G 9 3.70 -60.93 -32.20
N GLY G 10 4.66 -60.86 -31.30
CA GLY G 10 5.48 -62.01 -30.96
C GLY G 10 6.89 -61.52 -30.70
N LYS G 11 7.70 -62.31 -30.01
CA LYS G 11 9.07 -61.89 -29.73
C LYS G 11 9.82 -61.70 -31.03
N GLY G 12 10.96 -61.00 -30.95
CA GLY G 12 11.75 -60.72 -32.15
C GLY G 12 12.70 -61.80 -32.63
N GLY G 13 13.40 -62.45 -31.70
CA GLY G 13 14.35 -63.48 -32.08
C GLY G 13 13.81 -64.71 -32.78
N ILE G 14 12.54 -64.66 -33.19
CA ILE G 14 11.92 -65.79 -33.87
C ILE G 14 11.49 -65.47 -35.30
N GLY G 15 12.06 -64.40 -35.86
CA GLY G 15 11.73 -64.01 -37.21
C GLY G 15 10.24 -63.80 -37.41
N LYS G 16 9.62 -63.11 -36.46
CA LYS G 16 8.18 -62.83 -36.52
C LYS G 16 7.88 -62.08 -37.81
N SER G 17 8.82 -61.23 -38.21
CA SER G 17 8.70 -60.42 -39.43
C SER G 17 8.78 -61.30 -40.68
N THR G 18 9.85 -62.07 -40.78
CA THR G 18 10.04 -62.97 -41.92
C THR G 18 8.81 -63.84 -42.12
N THR G 19 8.20 -64.24 -41.01
CA THR G 19 7.01 -65.08 -41.05
C THR G 19 5.81 -64.30 -41.58
N THR G 20 5.70 -63.05 -41.15
CA THR G 20 4.60 -62.19 -41.56
C THR G 20 4.61 -61.98 -43.07
N GLN G 21 5.78 -61.65 -43.60
CA GLN G 21 5.92 -61.39 -45.03
C GLN G 21 5.63 -62.63 -45.88
N ASN G 22 6.00 -63.81 -45.40
CA ASN G 22 5.72 -65.02 -46.14
C ASN G 22 4.23 -65.34 -46.00
N LEU G 23 3.64 -64.93 -44.89
CA LEU G 23 2.22 -65.16 -44.68
C LEU G 23 1.48 -64.40 -45.77
N VAL G 24 1.82 -63.12 -45.92
CA VAL G 24 1.19 -62.27 -46.92
C VAL G 24 1.61 -62.67 -48.34
N ALA G 25 2.82 -63.21 -48.49
CA ALA G 25 3.29 -63.62 -49.80
C ALA G 25 2.32 -64.69 -50.30
N ALA G 26 2.06 -65.66 -49.44
CA ALA G 26 1.15 -66.76 -49.74
C ALA G 26 -0.27 -66.23 -49.92
N LEU G 27 -0.67 -65.31 -49.06
CA LEU G 27 -2.00 -64.72 -49.16
C LEU G 27 -2.12 -63.99 -50.48
N ALA G 28 -0.99 -63.47 -50.95
CA ALA G 28 -0.96 -62.74 -52.21
C ALA G 28 -1.21 -63.68 -53.38
N GLU G 29 -0.45 -64.77 -53.42
CA GLU G 29 -0.57 -65.75 -54.50
C GLU G 29 -2.01 -66.25 -54.66
N MET G 30 -2.72 -66.39 -53.55
CA MET G 30 -4.10 -66.85 -53.57
C MET G 30 -4.99 -65.86 -54.32
N GLY G 31 -4.57 -64.61 -54.41
CA GLY G 31 -5.36 -63.61 -55.10
C GLY G 31 -5.97 -62.57 -54.19
N LYS G 32 -5.38 -62.40 -53.01
CA LYS G 32 -5.86 -61.43 -52.04
C LYS G 32 -5.01 -60.16 -52.09
N LYS G 33 -5.68 -59.00 -52.09
CA LYS G 33 -4.99 -57.72 -52.11
C LYS G 33 -4.56 -57.45 -50.67
N VAL G 34 -3.26 -57.36 -50.42
CA VAL G 34 -2.80 -57.12 -49.06
C VAL G 34 -1.81 -55.98 -48.88
N MET G 35 -1.95 -55.28 -47.76
CA MET G 35 -1.05 -54.17 -47.44
C MET G 35 -0.33 -54.46 -46.14
N ILE G 36 0.95 -54.12 -46.11
CA ILE G 36 1.76 -54.32 -44.92
C ILE G 36 2.18 -52.99 -44.32
N VAL G 37 1.73 -52.74 -43.10
CA VAL G 37 2.08 -51.51 -42.39
C VAL G 37 3.12 -51.92 -41.34
N GLY G 38 4.37 -51.54 -41.57
CA GLY G 38 5.42 -51.89 -40.64
C GLY G 38 5.53 -50.97 -39.44
N CYS G 39 5.30 -51.52 -38.25
CA CYS G 39 5.38 -50.76 -37.01
C CYS G 39 6.41 -51.38 -36.08
N ASP G 40 7.56 -51.78 -36.62
CA ASP G 40 8.57 -52.41 -35.77
C ASP G 40 9.94 -51.78 -35.94
N PRO G 41 10.41 -51.04 -34.92
CA PRO G 41 11.70 -50.36 -34.90
C PRO G 41 12.89 -51.31 -34.72
N LYS G 42 12.57 -52.60 -34.53
CA LYS G 42 13.60 -53.61 -34.32
C LYS G 42 13.81 -54.44 -35.58
N ALA G 43 12.83 -54.42 -36.48
CA ALA G 43 12.92 -55.18 -37.72
C ALA G 43 12.59 -54.38 -38.96
N ASP G 44 12.68 -55.04 -40.11
CA ASP G 44 12.39 -54.44 -41.40
C ASP G 44 11.28 -55.25 -42.06
N SER G 45 10.06 -55.05 -41.55
CA SER G 45 8.88 -55.76 -42.00
C SER G 45 8.48 -55.71 -43.48
N THR G 46 9.30 -55.14 -44.35
CA THR G 46 8.91 -55.09 -45.77
C THR G 46 10.06 -55.38 -46.73
N ARG G 47 11.23 -55.67 -46.18
CA ARG G 47 12.41 -55.96 -46.98
C ARG G 47 12.22 -57.14 -47.93
N LEU G 48 11.66 -58.22 -47.41
CA LEU G 48 11.42 -59.42 -48.20
C LEU G 48 10.35 -59.30 -49.28
N ILE G 49 9.40 -58.39 -49.09
CA ILE G 49 8.34 -58.20 -50.08
C ILE G 49 8.79 -57.26 -51.19
N LEU G 50 9.67 -56.32 -50.86
CA LEU G 50 10.17 -55.37 -51.85
C LEU G 50 11.56 -55.71 -52.37
N ASN G 56 12.16 -44.99 -47.82
CA ASN G 56 11.12 -43.93 -47.80
C ASN G 56 10.01 -44.25 -46.81
N THR G 57 10.26 -43.97 -45.53
CA THR G 57 9.28 -44.23 -44.48
C THR G 57 8.42 -43.00 -44.21
N ILE G 58 7.23 -43.21 -43.67
CA ILE G 58 6.31 -42.11 -43.37
C ILE G 58 7.01 -40.99 -42.61
N MET G 59 7.72 -41.35 -41.54
CA MET G 59 8.43 -40.36 -40.74
C MET G 59 9.37 -39.56 -41.62
N GLU G 60 10.32 -40.28 -42.22
CA GLU G 60 11.33 -39.70 -43.09
C GLU G 60 10.76 -38.81 -44.20
N MET G 61 9.70 -39.27 -44.85
CA MET G 61 9.09 -38.50 -45.93
C MET G 61 8.27 -37.32 -45.40
N ALA G 62 8.06 -37.31 -44.09
CA ALA G 62 7.30 -36.23 -43.46
C ALA G 62 8.24 -35.05 -43.22
N ALA G 63 9.45 -35.36 -42.79
CA ALA G 63 10.46 -34.32 -42.52
C ALA G 63 10.96 -33.72 -43.82
N GLU G 64 10.98 -34.52 -44.87
CA GLU G 64 11.43 -34.07 -46.19
C GLU G 64 10.40 -33.13 -46.80
N ALA G 65 9.14 -33.32 -46.40
CA ALA G 65 8.05 -32.49 -46.91
C ALA G 65 7.77 -31.38 -45.91
N GLY G 66 8.55 -31.35 -44.83
CA GLY G 66 8.37 -30.35 -43.80
C GLY G 66 7.76 -30.97 -42.56
N THR G 67 6.51 -31.37 -42.67
CA THR G 67 5.80 -32.00 -41.55
C THR G 67 4.83 -33.06 -42.06
N VAL G 68 4.15 -33.72 -41.13
CA VAL G 68 3.20 -34.77 -41.47
C VAL G 68 2.08 -34.28 -42.38
N GLU G 69 1.65 -33.04 -42.16
CA GLU G 69 0.57 -32.46 -42.95
C GLU G 69 0.89 -32.29 -44.43
N ASP G 70 2.18 -32.22 -44.75
CA ASP G 70 2.61 -32.07 -46.14
C ASP G 70 2.84 -33.41 -46.83
N LEU G 71 2.83 -34.48 -46.04
CA LEU G 71 3.06 -35.82 -46.56
C LEU G 71 1.98 -36.28 -47.53
N GLU G 72 2.42 -36.90 -48.62
CA GLU G 72 1.51 -37.43 -49.62
C GLU G 72 1.67 -38.95 -49.62
N LEU G 73 0.56 -39.64 -49.41
CA LEU G 73 0.53 -41.10 -49.36
C LEU G 73 1.38 -41.81 -50.42
N GLU G 74 1.39 -41.26 -51.63
CA GLU G 74 2.13 -41.82 -52.75
C GLU G 74 3.63 -41.93 -52.52
N ASP G 75 4.22 -40.88 -51.95
CA ASP G 75 5.65 -40.87 -51.72
C ASP G 75 6.07 -41.96 -50.74
N VAL G 76 5.11 -42.47 -49.98
CA VAL G 76 5.43 -43.49 -49.00
C VAL G 76 4.98 -44.91 -49.42
N LEU G 77 3.82 -45.03 -50.06
CA LEU G 77 3.33 -46.34 -50.50
C LEU G 77 4.19 -46.94 -51.62
N LYS G 78 4.37 -48.25 -51.61
CA LYS G 78 5.18 -48.93 -52.62
C LYS G 78 4.73 -50.38 -52.74
N ALA G 79 4.89 -50.98 -53.91
CA ALA G 79 4.46 -52.37 -54.12
C ALA G 79 5.59 -53.37 -54.33
N GLY G 80 5.35 -54.59 -53.88
CA GLY G 80 6.31 -55.67 -54.01
C GLY G 80 5.64 -56.91 -54.57
N TYR G 81 6.20 -58.07 -54.28
CA TYR G 81 5.65 -59.32 -54.77
C TYR G 81 4.16 -59.48 -54.49
N GLY G 82 3.45 -59.90 -55.52
CA GLY G 82 2.02 -60.12 -55.44
C GLY G 82 1.22 -58.84 -55.49
N GLY G 83 1.89 -57.72 -55.79
CA GLY G 83 1.20 -56.45 -55.82
C GLY G 83 0.88 -56.04 -54.40
N VAL G 84 1.59 -56.63 -53.44
CA VAL G 84 1.40 -56.33 -52.04
C VAL G 84 1.88 -54.91 -51.72
N LYS G 85 0.98 -54.08 -51.19
CA LYS G 85 1.33 -52.71 -50.85
C LYS G 85 2.12 -52.66 -49.54
N CYS G 86 3.11 -51.78 -49.47
CA CYS G 86 3.94 -51.67 -48.28
C CYS G 86 4.20 -50.25 -47.79
N VAL G 87 4.00 -50.05 -46.49
CA VAL G 87 4.23 -48.75 -45.86
C VAL G 87 5.03 -48.98 -44.59
N GLU G 88 6.07 -48.18 -44.40
CA GLU G 88 6.91 -48.29 -43.21
C GLU G 88 6.75 -47.02 -42.39
N SER G 89 6.25 -47.17 -41.16
CA SER G 89 6.02 -46.03 -40.28
C SER G 89 7.26 -45.15 -40.10
N GLY G 90 8.44 -45.76 -40.12
CA GLY G 90 9.65 -45.01 -39.92
C GLY G 90 9.87 -44.86 -38.42
N GLY G 91 10.99 -44.31 -38.03
CA GLY G 91 11.28 -44.14 -36.62
C GLY G 91 12.67 -43.59 -36.39
N PRO G 92 13.09 -43.44 -35.12
CA PRO G 92 14.42 -42.91 -34.83
C PRO G 92 15.54 -43.93 -35.00
N GLU G 93 16.77 -43.41 -34.98
CA GLU G 93 17.95 -44.25 -35.09
C GLU G 93 18.17 -44.82 -33.69
N PRO G 94 19.05 -45.82 -33.56
CA PRO G 94 19.37 -46.47 -32.28
C PRO G 94 19.64 -45.58 -31.06
N GLY G 95 18.92 -45.86 -29.97
CA GLY G 95 19.09 -45.15 -28.72
C GLY G 95 18.64 -43.71 -28.60
N VAL G 96 17.71 -43.29 -29.45
CA VAL G 96 17.24 -41.91 -29.40
C VAL G 96 15.80 -41.81 -29.90
N GLY G 97 15.23 -40.62 -29.79
CA GLY G 97 13.88 -40.40 -30.24
C GLY G 97 12.81 -41.16 -29.48
N CYS G 98 11.67 -41.38 -30.13
CA CYS G 98 10.55 -42.10 -29.54
C CYS G 98 9.94 -42.93 -30.67
N ALA G 99 10.23 -44.23 -30.68
CA ALA G 99 9.70 -45.11 -31.72
C ALA G 99 8.19 -45.20 -31.60
N GLY G 100 7.71 -45.11 -30.36
CA GLY G 100 6.28 -45.19 -30.10
C GLY G 100 5.48 -44.14 -30.85
N ARG G 101 5.88 -42.88 -30.73
CA ARG G 101 5.17 -41.80 -31.40
C ARG G 101 5.28 -42.03 -32.90
N GLY G 102 6.42 -42.58 -33.32
CA GLY G 102 6.62 -42.86 -34.73
C GLY G 102 5.46 -43.66 -35.26
N VAL G 103 5.09 -44.72 -34.56
CA VAL G 103 3.99 -45.57 -34.98
C VAL G 103 2.67 -44.81 -34.89
N ILE G 104 2.52 -43.99 -33.84
CA ILE G 104 1.30 -43.21 -33.66
C ILE G 104 1.09 -42.21 -34.80
N THR G 105 2.16 -41.52 -35.17
CA THR G 105 2.09 -40.53 -36.24
C THR G 105 1.75 -41.22 -37.56
N ALA G 106 2.42 -42.34 -37.83
CA ALA G 106 2.21 -43.11 -39.05
C ALA G 106 0.77 -43.58 -39.19
N ILE G 107 0.22 -44.13 -38.11
CA ILE G 107 -1.15 -44.64 -38.14
C ILE G 107 -2.16 -43.52 -38.40
N ASN G 108 -2.14 -42.49 -37.56
CA ASN G 108 -3.06 -41.38 -37.74
C ASN G 108 -3.00 -40.89 -39.18
N PHE G 109 -1.79 -40.83 -39.72
CA PHE G 109 -1.57 -40.38 -41.09
C PHE G 109 -2.29 -41.24 -42.13
N LEU G 110 -2.26 -42.56 -41.93
CA LEU G 110 -2.92 -43.46 -42.85
C LEU G 110 -4.44 -43.42 -42.64
N GLU G 111 -4.84 -43.19 -41.40
CA GLU G 111 -6.25 -43.10 -41.05
C GLU G 111 -6.87 -41.94 -41.81
N GLU G 112 -6.26 -40.77 -41.66
CA GLU G 112 -6.72 -39.56 -42.32
C GLU G 112 -6.62 -39.70 -43.84
N GLU G 113 -5.46 -40.14 -44.30
CA GLU G 113 -5.21 -40.30 -45.73
C GLU G 113 -6.15 -41.33 -46.36
N GLY G 114 -6.71 -42.22 -45.53
CA GLY G 114 -7.61 -43.24 -46.03
C GLY G 114 -6.96 -44.19 -47.01
N ALA G 115 -5.70 -44.52 -46.77
CA ALA G 115 -4.97 -45.43 -47.64
C ALA G 115 -5.75 -46.70 -47.93
N TYR G 116 -6.53 -47.17 -46.96
CA TYR G 116 -7.25 -48.41 -47.12
C TYR G 116 -8.24 -48.56 -48.32
N LEU G 120 -9.19 -53.69 -51.29
CA LEU G 120 -8.10 -54.24 -50.44
C LEU G 120 -8.66 -55.30 -49.49
N ASP G 121 -8.10 -56.50 -49.56
CA ASP G 121 -8.55 -57.62 -48.72
C ASP G 121 -8.05 -57.58 -47.28
N PHE G 122 -6.73 -57.56 -47.10
CA PHE G 122 -6.15 -57.54 -45.77
C PHE G 122 -5.13 -56.45 -45.51
N VAL G 123 -5.17 -55.91 -44.29
CA VAL G 123 -4.22 -54.91 -43.86
C VAL G 123 -3.48 -55.63 -42.74
N PHE G 124 -2.16 -55.72 -42.85
CA PHE G 124 -1.39 -56.41 -41.83
C PHE G 124 -0.39 -55.50 -41.13
N TYR G 125 -0.55 -55.38 -39.82
CA TYR G 125 0.36 -54.55 -39.04
C TYR G 125 1.46 -55.39 -38.44
N ASP G 126 2.70 -55.07 -38.77
CA ASP G 126 3.80 -55.78 -38.16
C ASP G 126 4.12 -54.84 -37.01
N VAL G 127 3.64 -55.20 -35.82
CA VAL G 127 3.83 -54.37 -34.64
C VAL G 127 4.98 -54.80 -33.77
N GLY G 128 5.67 -53.83 -33.18
CA GLY G 128 6.77 -54.13 -32.30
C GLY G 128 6.24 -54.46 -30.91
N ASP G 129 7.13 -54.80 -30.01
CA ASP G 129 6.71 -55.14 -28.67
C ASP G 129 5.96 -54.03 -27.96
N VAL G 130 4.93 -54.44 -27.22
CA VAL G 130 4.07 -53.52 -26.51
C VAL G 130 4.68 -52.88 -25.27
N VAL G 131 5.80 -52.18 -25.44
CA VAL G 131 6.49 -51.52 -24.33
C VAL G 131 5.84 -50.19 -23.97
N CYS G 132 4.81 -49.80 -24.73
CA CYS G 132 4.10 -48.55 -24.45
C CYS G 132 2.85 -48.39 -25.29
N GLY G 133 2.04 -47.40 -24.91
CA GLY G 133 0.79 -47.14 -25.61
C GLY G 133 0.93 -47.00 -27.11
N GLY G 134 2.05 -46.48 -27.56
CA GLY G 134 2.27 -46.30 -28.98
C GLY G 134 2.12 -47.59 -29.76
N PHE G 135 2.81 -48.63 -29.31
CA PHE G 135 2.74 -49.91 -29.97
C PHE G 135 1.45 -50.66 -29.72
N ALA G 136 0.43 -49.94 -29.28
CA ALA G 136 -0.86 -50.58 -29.05
C ALA G 136 -1.85 -49.91 -29.99
N MET G 137 -1.35 -48.89 -30.70
CA MET G 137 -2.15 -48.14 -31.66
C MET G 137 -2.89 -49.04 -32.64
N PRO G 138 -2.20 -50.05 -33.20
CA PRO G 138 -2.81 -50.97 -34.16
C PRO G 138 -4.01 -51.76 -33.63
N ILE G 139 -4.11 -51.87 -32.30
CA ILE G 139 -5.22 -52.62 -31.73
C ILE G 139 -6.25 -51.77 -31.01
N ARG G 140 -6.26 -50.47 -31.33
CA ARG G 140 -7.24 -49.60 -30.73
C ARG G 140 -8.53 -49.81 -31.53
N GLU G 141 -9.57 -49.06 -31.18
CA GLU G 141 -10.86 -49.18 -31.85
C GLU G 141 -10.83 -48.90 -33.35
N ASN G 142 -11.68 -49.59 -34.10
CA ASN G 142 -11.78 -49.43 -35.55
C ASN G 142 -10.46 -49.58 -36.30
N LYS G 143 -9.55 -50.36 -35.72
CA LYS G 143 -8.24 -50.61 -36.33
C LYS G 143 -8.17 -52.10 -36.61
N ALA G 144 -7.08 -52.73 -36.17
CA ALA G 144 -6.91 -54.17 -36.38
C ALA G 144 -7.94 -54.92 -35.54
N GLN G 145 -8.77 -55.71 -36.20
CA GLN G 145 -9.82 -56.48 -35.52
C GLN G 145 -9.41 -57.90 -35.14
N GLU G 146 -8.33 -58.40 -35.74
CA GLU G 146 -7.86 -59.75 -35.45
C GLU G 146 -6.39 -59.78 -35.08
N ILE G 147 -6.04 -60.53 -34.06
CA ILE G 147 -4.65 -60.63 -33.63
C ILE G 147 -4.09 -62.05 -33.69
N TYR G 148 -2.83 -62.15 -34.08
CA TYR G 148 -2.13 -63.42 -34.16
C TYR G 148 -0.76 -63.17 -33.53
N ILE G 149 -0.36 -64.03 -32.62
CA ILE G 149 0.92 -63.90 -31.94
C ILE G 149 1.88 -65.01 -32.36
N VAL G 150 3.09 -64.66 -32.76
CA VAL G 150 4.06 -65.68 -33.15
C VAL G 150 4.93 -65.96 -31.93
N CYS G 151 5.43 -67.18 -31.83
CA CYS G 151 6.27 -67.57 -30.69
C CYS G 151 6.92 -68.92 -30.97
N SER G 152 7.46 -69.53 -29.91
CA SER G 152 8.11 -70.84 -30.01
C SER G 152 8.03 -71.56 -28.67
N GLY G 153 8.70 -72.69 -28.58
CA GLY G 153 8.69 -73.46 -27.34
C GLY G 153 9.74 -72.95 -26.37
N GLU G 154 10.08 -71.67 -26.48
CA GLU G 154 11.07 -71.04 -25.62
C GLU G 154 10.37 -70.50 -24.37
N MET G 155 11.17 -70.13 -23.38
CA MET G 155 10.68 -69.60 -22.10
C MET G 155 10.23 -68.15 -22.17
N MET G 156 11.10 -67.28 -22.65
CA MET G 156 10.75 -65.87 -22.74
C MET G 156 9.83 -65.63 -23.92
N ALA G 157 9.85 -66.55 -24.88
CA ALA G 157 9.01 -66.45 -26.07
C ALA G 157 7.54 -66.68 -25.72
N MET G 158 7.29 -67.68 -24.87
CA MET G 158 5.93 -67.99 -24.46
C MET G 158 5.46 -66.95 -23.47
N TYR G 159 6.38 -66.47 -22.63
CA TYR G 159 6.03 -65.44 -21.66
C TYR G 159 5.62 -64.21 -22.45
N ALA G 160 6.34 -63.96 -23.55
CA ALA G 160 6.07 -62.83 -24.42
C ALA G 160 4.62 -62.91 -24.92
N ALA G 161 4.23 -64.09 -25.40
CA ALA G 161 2.88 -64.30 -25.89
C ALA G 161 1.88 -64.03 -24.79
N ASN G 162 2.29 -64.34 -23.56
CA ASN G 162 1.45 -64.14 -22.38
C ASN G 162 1.28 -62.65 -22.10
N ASN G 163 2.38 -61.90 -22.08
CA ASN G 163 2.31 -60.47 -21.84
C ASN G 163 1.48 -59.77 -22.89
N ILE G 164 1.76 -60.09 -24.16
CA ILE G 164 1.01 -59.49 -25.27
C ILE G 164 -0.47 -59.76 -25.05
N SER G 165 -0.78 -60.97 -24.59
CA SER G 165 -2.16 -61.35 -24.34
C SER G 165 -2.77 -60.49 -23.24
N LYS G 166 -1.94 -60.04 -22.30
CA LYS G 166 -2.43 -59.18 -21.23
C LYS G 166 -2.88 -57.86 -21.86
N GLY G 167 -2.00 -57.30 -22.69
CA GLY G 167 -2.32 -56.04 -23.35
C GLY G 167 -3.61 -56.12 -24.15
N ILE G 168 -3.81 -57.25 -24.83
CA ILE G 168 -5.00 -57.45 -25.64
C ILE G 168 -6.26 -57.36 -24.78
N VAL G 169 -6.18 -57.88 -23.56
CA VAL G 169 -7.32 -57.87 -22.64
C VAL G 169 -7.87 -56.47 -22.41
N LYS G 170 -6.99 -55.48 -22.27
CA LYS G 170 -7.43 -54.12 -22.06
C LYS G 170 -8.22 -53.61 -23.26
N TYR G 171 -7.61 -53.71 -24.44
CA TYR G 171 -8.24 -53.25 -25.68
C TYR G 171 -9.42 -54.12 -26.12
N ALA G 172 -9.45 -55.36 -25.68
CA ALA G 172 -10.55 -56.25 -26.03
C ALA G 172 -11.73 -55.89 -25.15
N ASN G 173 -11.43 -55.30 -24.00
CA ASN G 173 -12.46 -54.88 -23.05
C ASN G 173 -13.02 -53.54 -23.49
N SER G 174 -12.12 -52.64 -23.89
CA SER G 174 -12.52 -51.31 -24.34
C SER G 174 -13.05 -51.34 -25.78
N GLY G 175 -12.27 -51.93 -26.66
CA GLY G 175 -12.65 -52.00 -28.06
C GLY G 175 -13.32 -53.28 -28.52
N SER G 176 -12.97 -53.72 -29.73
CA SER G 176 -13.56 -54.92 -30.31
C SER G 176 -12.50 -55.94 -30.74
N VAL G 177 -11.23 -55.54 -30.69
CA VAL G 177 -10.14 -56.42 -31.09
C VAL G 177 -10.22 -57.78 -30.40
N ARG G 178 -9.79 -58.83 -31.10
CA ARG G 178 -9.81 -60.19 -30.55
C ARG G 178 -8.54 -60.96 -30.90
N LEU G 179 -8.31 -62.06 -30.18
CA LEU G 179 -7.14 -62.89 -30.41
C LEU G 179 -7.56 -64.06 -31.29
N GLY G 180 -6.96 -64.14 -32.48
CA GLY G 180 -7.29 -65.21 -33.42
C GLY G 180 -6.56 -66.51 -33.17
N GLY G 181 -5.27 -66.43 -32.85
CA GLY G 181 -4.52 -67.66 -32.59
C GLY G 181 -3.03 -67.44 -32.44
N LEU G 182 -2.31 -68.51 -32.14
CA LEU G 182 -0.87 -68.46 -31.99
C LEU G 182 -0.21 -69.07 -33.22
N ILE G 183 1.03 -68.68 -33.48
CA ILE G 183 1.77 -69.20 -34.62
C ILE G 183 3.15 -69.58 -34.12
N CYS G 184 3.45 -70.88 -34.14
CA CYS G 184 4.72 -71.38 -33.67
C CYS G 184 5.76 -71.56 -34.77
N ASN G 185 7.03 -71.52 -34.39
CA ASN G 185 8.13 -71.66 -35.35
C ASN G 185 9.01 -72.88 -35.03
N SER G 186 10.32 -72.74 -35.24
CA SER G 186 11.28 -73.82 -35.01
C SER G 186 10.67 -75.19 -35.28
N ARG G 191 8.99 -81.81 -28.57
CA ARG G 191 7.50 -81.87 -28.54
C ARG G 191 6.88 -80.48 -28.55
N GLU G 192 7.68 -79.49 -28.95
CA GLU G 192 7.22 -78.10 -29.02
C GLU G 192 5.84 -78.06 -29.67
N ASP G 193 5.57 -79.04 -30.51
CA ASP G 193 4.30 -79.17 -31.21
C ASP G 193 3.11 -79.11 -30.26
N GLU G 194 3.10 -80.03 -29.30
CA GLU G 194 2.02 -80.12 -28.32
C GLU G 194 2.04 -78.95 -27.35
N LEU G 195 3.24 -78.55 -26.94
CA LEU G 195 3.43 -77.46 -26.00
C LEU G 195 2.60 -76.20 -26.33
N ILE G 196 2.93 -75.57 -27.45
CA ILE G 196 2.23 -74.36 -27.90
C ILE G 196 0.72 -74.56 -28.03
N ILE G 197 0.30 -75.81 -28.22
CA ILE G 197 -1.13 -76.11 -28.33
C ILE G 197 -1.78 -76.07 -26.96
N ALA G 198 -1.02 -76.42 -25.93
CA ALA G 198 -1.53 -76.41 -24.56
C ALA G 198 -1.65 -74.94 -24.15
N LEU G 199 -0.57 -74.20 -24.33
CA LEU G 199 -0.52 -72.78 -24.02
C LEU G 199 -1.74 -72.08 -24.62
N ALA G 200 -2.06 -72.44 -25.86
CA ALA G 200 -3.20 -71.87 -26.57
C ALA G 200 -4.53 -72.19 -25.91
N ASN G 201 -4.63 -73.36 -25.32
CA ASN G 201 -5.86 -73.78 -24.64
C ASN G 201 -5.99 -73.14 -23.27
N LYS G 202 -4.86 -72.75 -22.69
CA LYS G 202 -4.83 -72.10 -21.39
C LYS G 202 -5.25 -70.64 -21.59
N LEU G 203 -4.89 -70.10 -22.76
CA LEU G 203 -5.22 -68.71 -23.10
C LEU G 203 -6.63 -68.61 -23.65
N GLY G 204 -7.21 -69.73 -24.07
CA GLY G 204 -8.55 -69.72 -24.60
C GLY G 204 -8.59 -69.53 -26.11
N THR G 205 -7.46 -69.71 -26.79
CA THR G 205 -7.43 -69.56 -28.24
C THR G 205 -6.99 -70.81 -28.99
N GLN G 206 -5.94 -70.68 -29.80
CA GLN G 206 -5.48 -71.80 -30.61
C GLN G 206 -4.13 -71.59 -31.26
N MET G 207 -3.45 -72.67 -31.58
CA MET G 207 -2.22 -72.55 -32.34
C MET G 207 -2.84 -72.67 -33.72
N ILE G 208 -2.87 -71.57 -34.48
CA ILE G 208 -3.47 -71.61 -35.79
C ILE G 208 -2.61 -72.39 -36.79
N HIS G 209 -1.35 -72.60 -36.44
CA HIS G 209 -0.46 -73.35 -37.31
C HIS G 209 0.91 -73.60 -36.66
N PHE G 210 1.72 -74.43 -37.30
CA PHE G 210 3.07 -74.75 -36.83
C PHE G 210 3.96 -74.60 -38.06
N VAL G 211 4.94 -73.69 -37.96
CA VAL G 211 5.86 -73.43 -39.07
C VAL G 211 7.24 -74.05 -38.81
N PRO G 212 7.52 -75.19 -39.45
CA PRO G 212 8.80 -75.91 -39.30
C PRO G 212 10.06 -75.12 -39.64
N ARG G 213 11.18 -75.50 -39.02
CA ARG G 213 12.46 -74.85 -39.25
C ARG G 213 13.04 -75.40 -40.54
N ASP G 214 13.28 -74.53 -41.52
CA ASP G 214 13.81 -74.97 -42.81
C ASP G 214 14.72 -73.90 -43.44
N ASN G 215 15.95 -74.29 -43.77
CA ASN G 215 16.91 -73.38 -44.37
C ASN G 215 16.36 -72.60 -45.56
N VAL G 216 15.29 -73.12 -46.18
CA VAL G 216 14.69 -72.44 -47.32
C VAL G 216 14.26 -71.03 -46.92
N VAL G 217 13.79 -70.90 -45.68
CA VAL G 217 13.36 -69.61 -45.16
C VAL G 217 14.58 -68.71 -45.09
N GLN G 218 15.67 -69.23 -44.52
CA GLN G 218 16.91 -68.50 -44.38
C GLN G 218 17.62 -68.34 -45.75
N ARG G 219 17.19 -69.12 -46.76
CA ARG G 219 17.71 -69.08 -48.11
C ARG G 219 17.24 -67.83 -48.85
N ALA G 220 15.91 -67.71 -48.86
CA ALA G 220 15.21 -66.59 -49.48
C ALA G 220 15.50 -65.30 -48.71
N GLU G 221 15.37 -65.39 -47.40
CA GLU G 221 15.61 -64.26 -46.49
C GLU G 221 16.89 -63.51 -46.81
N ILE G 222 18.01 -64.21 -46.89
CA ILE G 222 19.29 -63.58 -47.19
C ILE G 222 19.28 -63.09 -48.64
N ARG G 223 18.46 -63.74 -49.47
CA ARG G 223 18.35 -63.36 -50.87
C ARG G 223 17.25 -62.31 -51.04
N ARG G 224 16.94 -61.63 -49.95
CA ARG G 224 15.95 -60.55 -49.90
C ARG G 224 14.53 -60.78 -50.44
N MET G 225 13.98 -61.98 -50.26
CA MET G 225 12.62 -62.23 -50.72
C MET G 225 11.98 -63.35 -49.91
N THR G 226 10.65 -63.45 -49.99
CA THR G 226 9.93 -64.48 -49.27
C THR G 226 10.19 -65.84 -49.90
N VAL G 227 9.73 -66.90 -49.24
CA VAL G 227 9.92 -68.25 -49.75
C VAL G 227 8.96 -68.55 -50.88
N ILE G 228 7.71 -68.12 -50.72
CA ILE G 228 6.70 -68.34 -51.73
C ILE G 228 7.18 -67.81 -53.08
N GLU G 229 8.13 -66.88 -53.06
CA GLU G 229 8.68 -66.29 -54.28
C GLU G 229 9.97 -66.97 -54.74
N TYR G 230 10.87 -67.21 -53.79
CA TYR G 230 12.16 -67.83 -54.06
C TYR G 230 12.04 -69.20 -54.76
N ASP G 231 10.89 -69.86 -54.65
CA ASP G 231 10.65 -71.17 -55.21
C ASP G 231 9.25 -71.68 -54.91
N PRO G 232 8.23 -71.27 -55.65
CA PRO G 232 6.97 -71.87 -55.18
C PRO G 232 6.95 -73.40 -54.97
N LYS G 233 7.88 -74.07 -55.61
CA LYS G 233 8.02 -75.53 -55.57
C LYS G 233 8.61 -76.13 -54.27
N ALA G 234 8.94 -75.28 -53.30
CA ALA G 234 9.51 -75.76 -52.04
C ALA G 234 8.48 -76.33 -51.09
N LYS G 235 8.96 -77.11 -50.14
CA LYS G 235 8.11 -77.74 -49.14
C LYS G 235 7.60 -76.69 -48.14
N GLN G 236 8.52 -75.85 -47.67
CA GLN G 236 8.20 -74.82 -46.71
C GLN G 236 7.10 -73.91 -47.23
N ALA G 237 7.05 -73.75 -48.56
CA ALA G 237 6.06 -72.91 -49.21
C ALA G 237 4.64 -73.42 -48.96
N ASP G 238 4.50 -74.74 -48.90
CA ASP G 238 3.19 -75.34 -48.67
C ASP G 238 2.74 -75.14 -47.22
N GLU G 239 3.69 -74.86 -46.34
CA GLU G 239 3.37 -74.61 -44.94
C GLU G 239 2.68 -73.25 -44.85
N TYR G 240 3.34 -72.24 -45.41
CA TYR G 240 2.81 -70.88 -45.40
C TYR G 240 1.47 -70.79 -46.12
N ARG G 241 1.26 -71.67 -47.10
CA ARG G 241 0.00 -71.68 -47.83
C ARG G 241 -1.05 -72.18 -46.85
N ALA G 242 -0.67 -73.18 -46.05
CA ALA G 242 -1.56 -73.75 -45.05
C ALA G 242 -1.84 -72.67 -44.02
N LEU G 243 -0.81 -71.92 -43.65
CA LEU G 243 -0.96 -70.85 -42.68
C LEU G 243 -1.93 -69.82 -43.26
N ALA G 244 -1.64 -69.38 -44.48
CA ALA G 244 -2.47 -68.39 -45.18
C ALA G 244 -3.96 -68.73 -45.20
N ARG G 245 -4.28 -69.97 -45.58
CA ARG G 245 -5.67 -70.40 -45.64
C ARG G 245 -6.30 -70.47 -44.25
N LYS G 246 -5.59 -71.09 -43.31
CA LYS G 246 -6.08 -71.20 -41.93
C LYS G 246 -6.48 -69.82 -41.42
N VAL G 247 -5.63 -68.83 -41.69
CA VAL G 247 -5.89 -67.47 -41.28
C VAL G 247 -7.15 -66.93 -41.94
N VAL G 248 -7.26 -67.17 -43.25
CA VAL G 248 -8.40 -66.71 -44.04
C VAL G 248 -9.72 -67.30 -43.53
N ASP G 249 -9.76 -68.61 -43.37
CA ASP G 249 -10.98 -69.29 -42.91
C ASP G 249 -11.21 -69.14 -41.42
N ASN G 250 -10.15 -68.88 -40.67
CA ASN G 250 -10.25 -68.72 -39.22
C ASN G 250 -11.41 -67.85 -38.75
N LYS G 251 -12.14 -68.36 -37.76
CA LYS G 251 -13.26 -67.62 -37.20
C LYS G 251 -13.14 -67.63 -35.68
N LEU G 252 -12.02 -68.15 -35.19
CA LEU G 252 -11.81 -68.22 -33.75
C LEU G 252 -11.17 -66.93 -33.23
N LEU G 253 -12.02 -66.01 -32.76
CA LEU G 253 -11.56 -64.73 -32.20
C LEU G 253 -12.06 -64.63 -30.76
N VAL G 254 -11.12 -64.66 -29.81
CA VAL G 254 -11.47 -64.60 -28.40
C VAL G 254 -10.68 -63.59 -27.58
N ILE G 255 -11.08 -63.42 -26.32
CA ILE G 255 -10.40 -62.53 -25.39
C ILE G 255 -9.60 -63.48 -24.50
N PRO G 256 -8.26 -63.46 -24.64
CA PRO G 256 -7.37 -64.32 -23.87
C PRO G 256 -7.44 -64.20 -22.35
N ASN G 257 -6.99 -65.26 -21.67
CA ASN G 257 -6.92 -65.30 -20.22
C ASN G 257 -5.47 -65.57 -19.89
N PRO G 258 -4.67 -64.51 -19.72
CA PRO G 258 -3.26 -64.72 -19.40
C PRO G 258 -3.10 -65.71 -18.24
N ILE G 259 -1.95 -66.36 -18.18
CA ILE G 259 -1.67 -67.31 -17.12
C ILE G 259 -0.56 -66.73 -16.26
N THR G 260 -0.28 -67.38 -15.13
CA THR G 260 0.78 -66.90 -14.25
C THR G 260 2.10 -67.52 -14.68
N MET G 261 3.19 -66.93 -14.22
CA MET G 261 4.52 -67.41 -14.54
C MET G 261 4.63 -68.89 -14.15
N ASP G 262 4.17 -69.20 -12.95
CA ASP G 262 4.21 -70.57 -12.44
C ASP G 262 3.53 -71.55 -13.41
N GLU G 263 2.24 -71.33 -13.65
CA GLU G 263 1.47 -72.20 -14.55
C GLU G 263 2.23 -72.45 -15.85
N LEU G 264 2.93 -71.43 -16.32
CA LEU G 264 3.70 -71.54 -17.54
C LEU G 264 4.78 -72.59 -17.36
N GLU G 265 5.51 -72.50 -16.25
CA GLU G 265 6.56 -73.45 -15.94
C GLU G 265 6.01 -74.87 -15.84
N GLU G 266 4.73 -74.98 -15.48
CA GLU G 266 4.07 -76.28 -15.37
C GLU G 266 3.73 -76.80 -16.75
N LEU G 267 3.52 -75.88 -17.69
CA LEU G 267 3.19 -76.25 -19.06
C LEU G 267 4.45 -76.79 -19.73
N LEU G 268 5.59 -76.18 -19.42
CA LEU G 268 6.87 -76.58 -19.97
C LEU G 268 7.27 -77.98 -19.50
N MET G 269 7.21 -78.21 -18.20
CA MET G 269 7.57 -79.51 -17.64
C MET G 269 6.65 -80.59 -18.17
N GLU G 270 5.36 -80.26 -18.23
CA GLU G 270 4.34 -81.18 -18.72
C GLU G 270 4.69 -81.74 -20.08
N PHE G 271 5.69 -81.14 -20.74
CA PHE G 271 6.10 -81.60 -22.06
C PHE G 271 7.61 -81.83 -22.16
N MET H 3 35.21 -50.14 -9.26
CA MET H 3 33.75 -50.35 -9.45
C MET H 3 33.41 -50.10 -10.93
N ARG H 4 33.11 -51.17 -11.65
CA ARG H 4 32.82 -51.09 -13.08
C ARG H 4 31.36 -51.30 -13.47
N GLN H 5 30.79 -50.31 -14.16
CA GLN H 5 29.41 -50.40 -14.61
C GLN H 5 29.35 -50.99 -16.01
N CYS H 6 28.52 -52.01 -16.17
CA CYS H 6 28.36 -52.68 -17.47
C CYS H 6 26.90 -52.80 -17.86
N ALA H 7 26.62 -52.58 -19.13
CA ALA H 7 25.26 -52.71 -19.66
C ALA H 7 25.28 -53.91 -20.58
N ILE H 8 24.18 -54.65 -20.62
CA ILE H 8 24.09 -55.83 -21.46
C ILE H 8 22.95 -55.66 -22.46
N TYR H 9 23.30 -55.55 -23.74
CA TYR H 9 22.29 -55.40 -24.78
C TYR H 9 22.30 -56.61 -25.69
N GLY H 10 21.21 -56.82 -26.42
CA GLY H 10 21.13 -57.95 -27.33
C GLY H 10 19.72 -58.18 -27.83
N LYS H 11 19.57 -59.10 -28.79
CA LYS H 11 18.26 -59.41 -29.33
C LYS H 11 17.49 -60.31 -28.37
N GLY H 12 16.17 -60.27 -28.49
CA GLY H 12 15.25 -61.01 -27.64
C GLY H 12 15.39 -62.48 -27.28
N GLY H 13 14.61 -63.31 -27.97
CA GLY H 13 14.62 -64.75 -27.70
C GLY H 13 15.89 -65.53 -27.88
N ILE H 14 16.97 -65.08 -27.26
CA ILE H 14 18.25 -65.80 -27.36
C ILE H 14 18.85 -66.09 -25.99
N GLY H 15 18.13 -65.72 -24.94
CA GLY H 15 18.60 -65.96 -23.58
C GLY H 15 19.44 -64.86 -22.97
N LYS H 16 19.22 -63.63 -23.43
CA LYS H 16 19.95 -62.47 -22.94
C LYS H 16 19.94 -62.31 -21.42
N SER H 17 18.74 -62.20 -20.85
CA SER H 17 18.60 -62.04 -19.40
C SER H 17 19.17 -63.24 -18.66
N THR H 18 18.87 -64.44 -19.16
CA THR H 18 19.37 -65.67 -18.55
C THR H 18 20.88 -65.62 -18.49
N THR H 19 21.50 -65.26 -19.62
CA THR H 19 22.94 -65.16 -19.72
C THR H 19 23.53 -64.14 -18.76
N THR H 20 22.82 -63.04 -18.56
CA THR H 20 23.30 -61.98 -17.67
C THR H 20 23.35 -62.45 -16.22
N GLN H 21 22.24 -63.01 -15.75
CA GLN H 21 22.16 -63.49 -14.37
C GLN H 21 23.18 -64.60 -14.12
N ASN H 22 23.28 -65.54 -15.05
CA ASN H 22 24.25 -66.62 -14.93
C ASN H 22 25.64 -66.03 -14.80
N LEU H 23 25.86 -64.94 -15.54
CA LEU H 23 27.14 -64.24 -15.56
C LEU H 23 27.50 -63.63 -14.21
N VAL H 24 26.59 -62.83 -13.64
CA VAL H 24 26.88 -62.20 -12.35
C VAL H 24 26.95 -63.29 -11.26
N ALA H 25 26.25 -64.39 -11.51
CA ALA H 25 26.27 -65.50 -10.57
C ALA H 25 27.71 -66.00 -10.50
N ALA H 26 28.31 -66.18 -11.66
CA ALA H 26 29.69 -66.64 -11.76
C ALA H 26 30.63 -65.63 -11.12
N LEU H 27 30.35 -64.34 -11.32
CA LEU H 27 31.16 -63.27 -10.76
C LEU H 27 31.08 -63.28 -9.24
N ALA H 28 29.86 -63.44 -8.72
CA ALA H 28 29.63 -63.46 -7.28
C ALA H 28 30.41 -64.62 -6.66
N GLU H 29 30.36 -65.77 -7.32
CA GLU H 29 31.05 -66.97 -6.86
C GLU H 29 32.55 -66.68 -6.71
N MET H 30 33.10 -65.91 -7.64
CA MET H 30 34.51 -65.55 -7.60
C MET H 30 34.81 -64.63 -6.43
N GLY H 31 33.75 -64.03 -5.88
CA GLY H 31 33.92 -63.12 -4.76
C GLY H 31 33.75 -61.67 -5.17
N LYS H 32 33.05 -61.46 -6.28
CA LYS H 32 32.79 -60.11 -6.77
C LYS H 32 31.48 -59.58 -6.21
N LYS H 33 31.49 -58.33 -5.76
CA LYS H 33 30.28 -57.70 -5.23
C LYS H 33 29.51 -57.11 -6.39
N VAL H 34 28.45 -57.80 -6.80
CA VAL H 34 27.66 -57.36 -7.93
C VAL H 34 26.26 -56.86 -7.61
N MET H 35 25.78 -55.96 -8.45
CA MET H 35 24.43 -55.41 -8.36
C MET H 35 23.89 -55.49 -9.77
N ILE H 36 22.70 -56.07 -9.90
CA ILE H 36 22.05 -56.20 -11.21
C ILE H 36 20.87 -55.25 -11.23
N VAL H 37 20.81 -54.42 -12.28
CA VAL H 37 19.74 -53.45 -12.41
C VAL H 37 18.87 -53.78 -13.62
N GLY H 38 17.64 -54.22 -13.37
CA GLY H 38 16.73 -54.57 -14.43
C GLY H 38 16.16 -53.39 -15.20
N CYS H 39 16.35 -53.40 -16.52
CA CYS H 39 15.86 -52.32 -17.39
C CYS H 39 15.30 -52.91 -18.67
N ASP H 40 14.80 -54.13 -18.61
CA ASP H 40 14.26 -54.78 -19.80
C ASP H 40 12.79 -55.21 -19.61
N PRO H 41 11.86 -54.39 -20.08
CA PRO H 41 10.41 -54.64 -20.02
C PRO H 41 9.97 -56.03 -20.48
N LYS H 42 10.76 -56.67 -21.34
CA LYS H 42 10.40 -58.00 -21.84
C LYS H 42 11.16 -59.17 -21.22
N ALA H 43 11.59 -59.05 -19.99
CA ALA H 43 12.29 -60.19 -19.40
C ALA H 43 12.32 -60.05 -17.91
N ASP H 44 12.64 -61.14 -17.24
CA ASP H 44 12.78 -60.97 -15.81
C ASP H 44 14.28 -60.98 -15.71
N SER H 45 14.85 -59.87 -15.27
CA SER H 45 16.29 -59.76 -15.17
C SER H 45 16.85 -60.20 -13.84
N THR H 46 15.99 -60.52 -12.89
CA THR H 46 16.51 -60.90 -11.59
C THR H 46 15.92 -62.17 -10.97
N ARG H 47 14.99 -62.80 -11.69
CA ARG H 47 14.30 -64.02 -11.23
C ARG H 47 15.23 -65.17 -10.83
N LEU H 48 16.26 -65.40 -11.63
CA LEU H 48 17.21 -66.48 -11.36
C LEU H 48 18.11 -66.21 -10.16
N ILE H 49 18.55 -64.97 -9.98
CA ILE H 49 19.42 -64.61 -8.86
C ILE H 49 18.63 -64.52 -7.55
N LEU H 50 17.34 -64.21 -7.66
CA LEU H 50 16.47 -64.08 -6.50
C LEU H 50 15.79 -65.39 -6.11
N HIS H 51 15.04 -65.33 -5.02
CA HIS H 51 14.29 -66.47 -4.51
C HIS H 51 13.15 -66.01 -3.61
N ASN H 56 8.24 -55.81 -6.32
CA ASN H 56 8.70 -54.64 -5.53
C ASN H 56 9.69 -53.78 -6.31
N THR H 57 9.32 -53.43 -7.55
CA THR H 57 10.16 -52.62 -8.42
C THR H 57 10.21 -51.17 -7.98
N ILE H 58 11.20 -50.44 -8.50
CA ILE H 58 11.35 -49.02 -8.17
C ILE H 58 10.12 -48.20 -8.53
N MET H 59 9.56 -48.43 -9.72
CA MET H 59 8.37 -47.69 -10.12
C MET H 59 7.17 -48.09 -9.27
N GLU H 60 7.10 -49.36 -8.88
CA GLU H 60 6.02 -49.84 -8.02
C GLU H 60 6.08 -49.03 -6.74
N MET H 61 7.15 -49.28 -5.97
CA MET H 61 7.38 -48.61 -4.70
C MET H 61 7.33 -47.10 -4.83
N ALA H 62 7.52 -46.59 -6.04
CA ALA H 62 7.48 -45.16 -6.26
C ALA H 62 6.03 -44.69 -6.14
N ALA H 63 5.13 -45.42 -6.79
CA ALA H 63 3.71 -45.09 -6.78
C ALA H 63 3.09 -45.17 -5.38
N GLU H 64 3.31 -46.31 -4.71
CA GLU H 64 2.76 -46.52 -3.37
C GLU H 64 3.26 -45.51 -2.34
N ALA H 65 4.43 -44.92 -2.59
CA ALA H 65 4.99 -43.95 -1.66
C ALA H 65 4.69 -42.53 -2.13
N GLY H 66 4.02 -42.41 -3.28
CA GLY H 66 3.69 -41.11 -3.81
C GLY H 66 4.58 -40.79 -4.99
N THR H 67 5.82 -40.42 -4.70
CA THR H 67 6.79 -40.09 -5.73
C THR H 67 8.16 -40.71 -5.42
N VAL H 68 9.03 -40.73 -6.42
CA VAL H 68 10.36 -41.28 -6.28
C VAL H 68 11.13 -40.60 -5.15
N GLU H 69 10.77 -39.36 -4.88
CA GLU H 69 11.41 -38.56 -3.83
C GLU H 69 11.18 -39.15 -2.44
N ASP H 70 10.02 -39.76 -2.24
CA ASP H 70 9.69 -40.36 -0.96
C ASP H 70 10.19 -41.78 -0.87
N LEU H 71 10.79 -42.26 -1.94
CA LEU H 71 11.30 -43.63 -1.97
C LEU H 71 12.58 -43.82 -1.16
N GLU H 72 12.74 -45.02 -0.63
CA GLU H 72 13.91 -45.34 0.16
C GLU H 72 14.69 -46.40 -0.59
N LEU H 73 15.99 -46.18 -0.76
CA LEU H 73 16.83 -47.13 -1.47
C LEU H 73 16.68 -48.56 -0.98
N GLU H 74 16.66 -48.74 0.34
CA GLU H 74 16.54 -50.07 0.94
C GLU H 74 15.22 -50.79 0.64
N ASP H 75 14.16 -50.02 0.38
CA ASP H 75 12.86 -50.62 0.09
C ASP H 75 12.79 -51.35 -1.23
N VAL H 76 13.65 -50.99 -2.18
CA VAL H 76 13.62 -51.63 -3.50
C VAL H 76 14.77 -52.60 -3.74
N LEU H 77 15.75 -52.61 -2.83
CA LEU H 77 16.89 -53.52 -2.94
C LEU H 77 16.63 -54.84 -2.25
N LYS H 78 17.17 -55.92 -2.82
CA LYS H 78 17.00 -57.24 -2.24
C LYS H 78 18.18 -58.12 -2.65
N ALA H 79 18.86 -58.69 -1.68
CA ALA H 79 20.02 -59.53 -1.96
C ALA H 79 19.57 -60.92 -2.43
N GLY H 80 20.39 -61.55 -3.27
CA GLY H 80 20.05 -62.87 -3.76
C GLY H 80 21.21 -63.83 -3.71
N TYR H 81 21.36 -64.63 -4.76
CA TYR H 81 22.45 -65.60 -4.82
C TYR H 81 23.82 -64.95 -4.71
N GLY H 82 24.68 -65.52 -3.87
CA GLY H 82 26.01 -64.98 -3.70
C GLY H 82 26.06 -63.58 -3.13
N GLY H 83 24.92 -63.09 -2.64
CA GLY H 83 24.88 -61.75 -2.07
C GLY H 83 24.76 -60.68 -3.13
N VAL H 84 24.21 -61.06 -4.27
CA VAL H 84 24.02 -60.14 -5.38
C VAL H 84 22.81 -59.24 -5.12
N LYS H 85 23.01 -57.94 -5.29
CA LYS H 85 21.94 -56.98 -5.08
C LYS H 85 21.14 -56.83 -6.38
N CYS H 86 19.82 -56.90 -6.26
CA CYS H 86 18.94 -56.80 -7.41
C CYS H 86 17.93 -55.67 -7.29
N VAL H 87 17.77 -54.92 -8.38
CA VAL H 87 16.82 -53.81 -8.44
C VAL H 87 16.11 -53.89 -9.78
N GLU H 88 14.80 -53.71 -9.77
CA GLU H 88 14.04 -53.72 -11.01
C GLU H 88 13.52 -52.30 -11.19
N SER H 89 13.75 -51.71 -12.35
CA SER H 89 13.29 -50.35 -12.60
C SER H 89 11.78 -50.32 -12.53
N GLY H 90 11.16 -51.32 -13.13
CA GLY H 90 9.72 -51.39 -13.13
C GLY H 90 9.22 -50.68 -14.37
N GLY H 91 7.92 -50.75 -14.61
CA GLY H 91 7.36 -50.11 -15.78
C GLY H 91 5.85 -50.29 -15.86
N PRO H 92 5.22 -49.82 -16.94
CA PRO H 92 3.78 -49.95 -17.10
C PRO H 92 3.37 -51.37 -17.48
N GLU H 93 2.05 -51.57 -17.60
CA GLU H 93 1.51 -52.86 -17.99
C GLU H 93 1.61 -52.90 -19.51
N PRO H 94 1.52 -54.09 -20.11
CA PRO H 94 1.60 -54.19 -21.57
C PRO H 94 0.59 -53.31 -22.31
N GLY H 95 1.09 -52.50 -23.25
CA GLY H 95 0.22 -51.66 -24.04
C GLY H 95 -0.13 -50.28 -23.51
N VAL H 96 0.51 -49.85 -22.42
CA VAL H 96 0.23 -48.55 -21.86
C VAL H 96 1.48 -47.90 -21.25
N GLY H 97 1.35 -46.65 -20.86
CA GLY H 97 2.47 -45.94 -20.25
C GLY H 97 3.70 -45.79 -21.14
N CYS H 98 4.82 -45.52 -20.49
CA CYS H 98 6.07 -45.32 -21.19
C CYS H 98 7.22 -45.98 -20.43
N ALA H 99 7.60 -47.18 -20.87
CA ALA H 99 8.68 -47.92 -20.22
C ALA H 99 9.97 -47.13 -20.24
N GLY H 100 10.21 -46.42 -21.34
CA GLY H 100 11.42 -45.63 -21.47
C GLY H 100 11.66 -44.72 -20.28
N ARG H 101 10.70 -43.83 -20.00
CA ARG H 101 10.83 -42.92 -18.88
C ARG H 101 11.00 -43.69 -17.57
N GLY H 102 10.47 -44.91 -17.55
CA GLY H 102 10.57 -45.73 -16.35
C GLY H 102 12.02 -46.03 -16.01
N VAL H 103 12.80 -46.37 -17.04
CA VAL H 103 14.22 -46.67 -16.86
C VAL H 103 14.93 -45.42 -16.38
N ILE H 104 14.69 -44.32 -17.08
CA ILE H 104 15.28 -43.02 -16.78
C ILE H 104 15.05 -42.68 -15.31
N THR H 105 13.80 -42.75 -14.89
CA THR H 105 13.45 -42.43 -13.51
C THR H 105 14.17 -43.34 -12.52
N ALA H 106 14.19 -44.64 -12.83
CA ALA H 106 14.84 -45.61 -11.95
C ALA H 106 16.34 -45.40 -11.85
N ILE H 107 16.98 -45.13 -12.99
CA ILE H 107 18.43 -44.91 -12.98
C ILE H 107 18.72 -43.63 -12.23
N ASN H 108 17.90 -42.61 -12.45
CA ASN H 108 18.08 -41.34 -11.78
C ASN H 108 17.97 -41.51 -10.28
N PHE H 109 17.04 -42.36 -9.85
CA PHE H 109 16.86 -42.61 -8.43
C PHE H 109 18.12 -43.25 -7.84
N LEU H 110 18.58 -44.33 -8.49
CA LEU H 110 19.77 -45.02 -8.03
C LEU H 110 20.95 -44.05 -8.03
N GLU H 111 20.94 -43.13 -8.98
CA GLU H 111 21.98 -42.11 -9.10
C GLU H 111 21.99 -41.20 -7.89
N GLU H 112 20.88 -40.52 -7.66
CA GLU H 112 20.74 -39.60 -6.56
C GLU H 112 20.77 -40.22 -5.17
N GLU H 113 20.29 -41.45 -5.03
CA GLU H 113 20.30 -42.10 -3.73
C GLU H 113 21.67 -42.73 -3.43
N GLY H 114 22.55 -42.73 -4.43
CA GLY H 114 23.89 -43.27 -4.25
C GLY H 114 23.99 -44.78 -4.11
N ALA H 115 23.23 -45.51 -4.93
CA ALA H 115 23.24 -46.96 -4.89
C ALA H 115 24.52 -47.58 -5.45
N TYR H 116 25.16 -46.89 -6.40
CA TYR H 116 26.39 -47.40 -7.00
C TYR H 116 27.58 -47.02 -6.12
N GLU H 117 27.31 -46.18 -5.13
CA GLU H 117 28.35 -45.72 -4.23
C GLU H 117 28.69 -46.74 -3.14
N ASP H 118 27.69 -47.45 -2.63
CA ASP H 118 27.92 -48.46 -1.59
C ASP H 118 28.92 -49.47 -2.20
N ASP H 119 29.49 -50.36 -1.39
CA ASP H 119 30.52 -51.24 -1.93
C ASP H 119 30.26 -52.36 -2.94
N LEU H 120 30.63 -52.06 -4.18
CA LEU H 120 30.50 -52.95 -5.32
C LEU H 120 31.75 -53.03 -6.17
N ASP H 121 31.71 -54.03 -7.05
CA ASP H 121 32.77 -54.31 -8.00
C ASP H 121 32.17 -54.22 -9.39
N PHE H 122 30.87 -54.47 -9.51
CA PHE H 122 30.20 -54.40 -10.79
C PHE H 122 28.73 -54.07 -10.64
N VAL H 123 28.23 -53.32 -11.62
CA VAL H 123 26.82 -52.98 -11.68
C VAL H 123 26.48 -53.40 -13.10
N PHE H 124 25.46 -54.24 -13.23
CA PHE H 124 25.05 -54.72 -14.55
C PHE H 124 23.63 -54.32 -14.86
N TYR H 125 23.46 -53.53 -15.92
CA TYR H 125 22.13 -53.10 -16.32
C TYR H 125 21.68 -54.11 -17.39
N ASP H 126 20.45 -54.59 -17.29
CA ASP H 126 19.99 -55.49 -18.33
C ASP H 126 18.98 -54.73 -19.13
N VAL H 127 19.54 -53.93 -20.03
CA VAL H 127 18.78 -53.05 -20.87
C VAL H 127 18.06 -53.74 -22.01
N GLY H 128 16.76 -53.44 -22.09
CA GLY H 128 15.95 -53.98 -23.15
C GLY H 128 16.27 -53.15 -24.37
N ASP H 129 15.76 -53.58 -25.52
CA ASP H 129 15.98 -52.92 -26.80
C ASP H 129 15.82 -51.41 -26.82
N VAL H 130 16.82 -50.75 -27.41
CA VAL H 130 16.86 -49.30 -27.51
C VAL H 130 15.98 -48.66 -28.57
N VAL H 131 14.68 -48.65 -28.32
CA VAL H 131 13.73 -48.05 -29.24
C VAL H 131 13.54 -46.57 -28.93
N CYS H 132 14.29 -46.07 -27.94
CA CYS H 132 14.21 -44.66 -27.56
C CYS H 132 15.25 -44.24 -26.55
N GLY H 133 15.38 -42.93 -26.39
CA GLY H 133 16.35 -42.36 -25.47
C GLY H 133 16.36 -42.98 -24.09
N GLY H 134 15.19 -43.36 -23.59
CA GLY H 134 15.10 -43.97 -22.27
C GLY H 134 15.97 -45.21 -22.13
N PHE H 135 15.96 -46.07 -23.13
CA PHE H 135 16.75 -47.29 -23.08
C PHE H 135 18.23 -47.05 -23.40
N ALA H 136 18.59 -45.78 -23.54
CA ALA H 136 19.97 -45.42 -23.81
C ALA H 136 20.56 -44.84 -22.54
N MET H 137 19.70 -44.69 -21.53
CA MET H 137 20.09 -44.16 -20.23
C MET H 137 21.31 -44.84 -19.61
N PRO H 138 21.31 -46.19 -19.59
CA PRO H 138 22.44 -46.93 -19.02
C PRO H 138 23.80 -46.58 -19.62
N ILE H 139 23.81 -46.07 -20.85
CA ILE H 139 25.08 -45.73 -21.48
C ILE H 139 25.41 -44.24 -21.54
N ARG H 140 24.81 -43.45 -20.65
CA ARG H 140 25.10 -42.02 -20.61
C ARG H 140 26.37 -41.83 -19.78
N GLU H 141 26.82 -40.59 -19.63
CA GLU H 141 28.02 -40.31 -18.87
C GLU H 141 27.80 -40.62 -17.38
N ASN H 142 28.84 -41.16 -16.75
CA ASN H 142 28.79 -41.53 -15.33
C ASN H 142 27.95 -42.79 -15.13
N LYS H 143 27.64 -43.46 -16.24
CA LYS H 143 26.85 -44.68 -16.22
C LYS H 143 27.77 -45.85 -16.61
N ALA H 144 27.28 -46.73 -17.48
CA ALA H 144 28.08 -47.87 -17.91
C ALA H 144 29.23 -47.46 -18.83
N GLN H 145 30.42 -47.98 -18.55
CA GLN H 145 31.60 -47.69 -19.36
C GLN H 145 31.84 -48.84 -20.32
N GLU H 146 31.40 -50.03 -19.93
CA GLU H 146 31.57 -51.23 -20.74
C GLU H 146 30.22 -51.76 -21.22
N ILE H 147 30.18 -52.16 -22.48
CA ILE H 147 28.96 -52.70 -23.09
C ILE H 147 29.26 -54.07 -23.70
N TYR H 148 28.36 -55.02 -23.46
CA TYR H 148 28.53 -56.35 -24.02
C TYR H 148 27.23 -56.74 -24.71
N ILE H 149 27.33 -57.16 -25.96
CA ILE H 149 26.17 -57.54 -26.73
C ILE H 149 26.07 -59.04 -26.90
N VAL H 150 24.98 -59.62 -26.40
CA VAL H 150 24.77 -61.04 -26.54
C VAL H 150 24.02 -61.20 -27.86
N CYS H 151 24.50 -62.12 -28.69
CA CYS H 151 23.89 -62.36 -29.99
C CYS H 151 24.07 -63.80 -30.39
N SER H 152 23.57 -64.17 -31.55
CA SER H 152 23.71 -65.52 -32.06
C SER H 152 24.07 -65.42 -33.54
N GLY H 153 24.29 -66.57 -34.17
CA GLY H 153 24.63 -66.59 -35.58
C GLY H 153 23.45 -66.43 -36.51
N GLU H 154 22.35 -65.88 -35.98
CA GLU H 154 21.15 -65.65 -36.75
C GLU H 154 21.29 -64.32 -37.46
N MET H 155 20.48 -64.08 -38.48
CA MET H 155 20.57 -62.82 -39.22
C MET H 155 20.06 -61.65 -38.37
N MET H 156 18.93 -61.85 -37.69
CA MET H 156 18.36 -60.80 -36.86
C MET H 156 19.14 -60.55 -35.57
N ALA H 157 19.82 -61.57 -35.06
CA ALA H 157 20.59 -61.41 -33.83
C ALA H 157 21.85 -60.58 -34.11
N MET H 158 22.34 -60.67 -35.34
CA MET H 158 23.54 -59.94 -35.74
C MET H 158 23.13 -58.52 -36.14
N TYR H 159 21.99 -58.42 -36.80
CA TYR H 159 21.45 -57.14 -37.22
C TYR H 159 21.30 -56.28 -35.97
N ALA H 160 20.66 -56.86 -34.96
CA ALA H 160 20.43 -56.18 -33.70
C ALA H 160 21.74 -55.70 -33.08
N ALA H 161 22.72 -56.60 -33.02
CA ALA H 161 24.02 -56.26 -32.44
C ALA H 161 24.66 -55.07 -33.16
N ASN H 162 24.39 -54.96 -34.45
CA ASN H 162 24.92 -53.85 -35.24
C ASN H 162 24.17 -52.58 -34.86
N ASN H 163 22.84 -52.69 -34.81
CA ASN H 163 22.00 -51.55 -34.45
C ASN H 163 22.41 -50.97 -33.09
N ILE H 164 22.74 -51.85 -32.15
CA ILE H 164 23.16 -51.40 -30.83
C ILE H 164 24.51 -50.71 -30.94
N SER H 165 25.34 -51.18 -31.85
CA SER H 165 26.66 -50.60 -32.04
C SER H 165 26.52 -49.16 -32.54
N LYS H 166 25.53 -48.94 -33.40
CA LYS H 166 25.27 -47.60 -33.93
C LYS H 166 24.86 -46.70 -32.77
N GLY H 167 24.02 -47.22 -31.89
CA GLY H 167 23.58 -46.45 -30.75
C GLY H 167 24.76 -46.06 -29.89
N ILE H 168 25.67 -47.01 -29.68
CA ILE H 168 26.87 -46.75 -28.89
C ILE H 168 27.71 -45.61 -29.48
N VAL H 169 27.75 -45.53 -30.80
CA VAL H 169 28.51 -44.49 -31.48
C VAL H 169 28.05 -43.08 -31.07
N LYS H 170 26.74 -42.85 -31.15
CA LYS H 170 26.17 -41.55 -30.79
C LYS H 170 26.54 -41.13 -29.38
N TYR H 171 26.85 -42.11 -28.53
CA TYR H 171 27.22 -41.83 -27.14
C TYR H 171 28.70 -42.03 -26.85
N ALA H 172 29.37 -42.82 -27.69
CA ALA H 172 30.79 -43.09 -27.51
C ALA H 172 31.68 -41.93 -27.95
N ASN H 173 31.40 -41.39 -29.14
CA ASN H 173 32.17 -40.27 -29.66
C ASN H 173 31.96 -39.07 -28.76
N SER H 174 30.76 -38.96 -28.21
CA SER H 174 30.40 -37.87 -27.32
C SER H 174 30.86 -38.11 -25.89
N GLY H 175 30.77 -39.36 -25.44
CA GLY H 175 31.15 -39.68 -24.08
C GLY H 175 32.25 -40.70 -23.89
N SER H 176 32.20 -41.42 -22.77
CA SER H 176 33.22 -42.41 -22.45
C SER H 176 32.83 -43.88 -22.57
N VAL H 177 31.55 -44.17 -22.75
CA VAL H 177 31.11 -45.56 -22.87
C VAL H 177 31.72 -46.26 -24.08
N ARG H 178 32.13 -47.51 -23.89
CA ARG H 178 32.75 -48.31 -24.96
C ARG H 178 32.18 -49.72 -25.01
N LEU H 179 32.33 -50.35 -26.18
CA LEU H 179 31.89 -51.72 -26.38
C LEU H 179 33.01 -52.60 -25.84
N GLY H 180 32.67 -53.60 -25.04
CA GLY H 180 33.68 -54.48 -24.48
C GLY H 180 33.84 -55.73 -25.30
N GLY H 181 32.76 -56.12 -25.99
CA GLY H 181 32.80 -57.31 -26.81
C GLY H 181 31.44 -57.94 -26.99
N LEU H 182 31.42 -59.03 -27.74
CA LEU H 182 30.20 -59.76 -28.01
C LEU H 182 30.26 -61.13 -27.35
N ILE H 183 29.11 -61.63 -26.93
CA ILE H 183 29.01 -62.93 -26.32
C ILE H 183 28.05 -63.70 -27.21
N CYS H 184 28.44 -64.89 -27.63
CA CYS H 184 27.59 -65.68 -28.50
C CYS H 184 26.83 -66.79 -27.78
N ASN H 185 25.50 -66.72 -27.83
CA ASN H 185 24.66 -67.74 -27.21
C ASN H 185 24.43 -68.79 -28.29
N SER H 186 25.23 -69.85 -28.23
CA SER H 186 25.16 -70.94 -29.20
C SER H 186 23.76 -71.45 -29.52
N ARG H 187 23.65 -72.13 -30.66
CA ARG H 187 22.39 -72.67 -31.13
C ARG H 187 22.63 -73.97 -31.90
N ARG H 191 30.16 -72.96 -38.72
CA ARG H 191 28.72 -72.58 -38.61
C ARG H 191 28.56 -71.27 -37.82
N GLU H 192 28.30 -71.37 -36.51
CA GLU H 192 28.10 -70.20 -35.64
C GLU H 192 29.43 -69.61 -35.12
N ASP H 193 30.20 -70.44 -34.42
CA ASP H 193 31.50 -70.10 -33.81
C ASP H 193 32.41 -69.10 -34.56
N GLU H 194 32.81 -69.45 -35.77
CA GLU H 194 33.69 -68.61 -36.57
C GLU H 194 32.99 -67.37 -37.10
N LEU H 195 31.68 -67.47 -37.28
CA LEU H 195 30.87 -66.38 -37.80
C LEU H 195 30.91 -65.12 -36.92
N ILE H 196 30.54 -65.27 -35.66
CA ILE H 196 30.53 -64.15 -34.73
C ILE H 196 31.91 -63.51 -34.58
N ILE H 197 32.95 -64.33 -34.64
CA ILE H 197 34.31 -63.85 -34.54
C ILE H 197 34.58 -62.89 -35.70
N ALA H 198 34.03 -63.23 -36.86
CA ALA H 198 34.17 -62.41 -38.06
C ALA H 198 33.45 -61.09 -37.86
N LEU H 199 32.18 -61.18 -37.48
CA LEU H 199 31.36 -60.01 -37.23
C LEU H 199 32.02 -59.08 -36.22
N ALA H 200 32.55 -59.67 -35.14
CA ALA H 200 33.23 -58.91 -34.10
C ALA H 200 34.48 -58.24 -34.64
N ASN H 201 35.08 -58.88 -35.64
CA ASN H 201 36.29 -58.37 -36.26
C ASN H 201 35.98 -57.09 -37.03
N LYS H 202 34.94 -57.15 -37.86
CA LYS H 202 34.52 -56.00 -38.65
C LYS H 202 34.11 -54.86 -37.73
N LEU H 203 33.42 -55.20 -36.64
CA LEU H 203 32.96 -54.20 -35.69
C LEU H 203 34.10 -53.54 -34.92
N GLY H 204 35.26 -54.19 -34.90
CA GLY H 204 36.38 -53.61 -34.19
C GLY H 204 36.51 -54.12 -32.78
N THR H 205 35.65 -55.04 -32.39
CA THR H 205 35.74 -55.59 -31.05
C THR H 205 36.16 -57.05 -31.07
N GLN H 206 35.65 -57.81 -30.10
CA GLN H 206 35.97 -59.22 -29.96
C GLN H 206 34.77 -60.08 -29.54
N MET H 207 34.96 -61.40 -29.58
CA MET H 207 33.94 -62.31 -29.11
C MET H 207 34.54 -62.76 -27.80
N ILE H 208 34.20 -62.04 -26.74
CA ILE H 208 34.72 -62.31 -25.41
C ILE H 208 34.61 -63.78 -25.02
N HIS H 209 33.51 -64.41 -25.40
CA HIS H 209 33.31 -65.82 -25.08
C HIS H 209 32.23 -66.44 -25.95
N PHE H 210 32.22 -67.77 -26.02
CA PHE H 210 31.23 -68.50 -26.79
C PHE H 210 30.51 -69.44 -25.82
N VAL H 211 29.29 -69.08 -25.43
CA VAL H 211 28.51 -69.90 -24.52
C VAL H 211 27.74 -70.97 -25.31
N PRO H 212 27.98 -72.24 -25.02
CA PRO H 212 27.35 -73.43 -25.61
C PRO H 212 25.85 -73.55 -25.42
N ARG H 213 25.25 -74.40 -26.23
CA ARG H 213 23.83 -74.63 -26.05
C ARG H 213 23.78 -75.90 -25.23
N ASP H 214 23.31 -75.77 -23.99
CA ASP H 214 23.20 -76.89 -23.07
C ASP H 214 21.85 -76.85 -22.38
N ASN H 215 21.06 -77.89 -22.56
CA ASN H 215 19.73 -77.92 -21.96
C ASN H 215 19.72 -77.63 -20.45
N VAL H 216 20.85 -77.87 -19.77
CA VAL H 216 20.95 -77.61 -18.33
C VAL H 216 20.40 -76.22 -17.99
N VAL H 217 20.78 -75.25 -18.81
CA VAL H 217 20.36 -73.86 -18.63
C VAL H 217 18.84 -73.73 -18.55
N GLN H 218 18.12 -74.39 -19.47
CA GLN H 218 16.67 -74.33 -19.46
C GLN H 218 16.13 -75.00 -18.21
N ARG H 219 16.82 -76.01 -17.74
CA ARG H 219 16.41 -76.72 -16.52
C ARG H 219 16.56 -75.81 -15.31
N ALA H 220 17.72 -75.21 -15.12
CA ALA H 220 17.94 -74.29 -14.01
C ALA H 220 16.91 -73.16 -14.08
N GLU H 221 16.62 -72.70 -15.29
CA GLU H 221 15.63 -71.63 -15.49
C GLU H 221 14.25 -71.99 -14.95
N ILE H 222 13.74 -73.15 -15.32
CA ILE H 222 12.43 -73.58 -14.86
C ILE H 222 12.45 -73.71 -13.34
N ARG H 223 13.63 -73.99 -12.81
CA ARG H 223 13.81 -74.13 -11.37
C ARG H 223 14.15 -72.79 -10.74
N ARG H 224 13.82 -71.73 -11.46
CA ARG H 224 14.06 -70.35 -11.02
C ARG H 224 15.46 -70.10 -10.48
N MET H 225 16.47 -70.66 -11.14
CA MET H 225 17.84 -70.43 -10.72
C MET H 225 18.83 -70.45 -11.87
N THR H 226 20.07 -70.09 -11.57
CA THR H 226 21.12 -70.06 -12.57
C THR H 226 21.82 -71.42 -12.56
N VAL H 227 22.59 -71.71 -13.59
CA VAL H 227 23.28 -72.99 -13.65
C VAL H 227 24.31 -73.05 -12.53
N ILE H 228 24.91 -71.90 -12.20
CA ILE H 228 25.90 -71.86 -11.13
C ILE H 228 25.28 -72.31 -9.82
N GLU H 229 23.99 -72.00 -9.63
CA GLU H 229 23.31 -72.39 -8.41
C GLU H 229 22.72 -73.79 -8.57
N TYR H 230 21.95 -73.98 -9.65
CA TYR H 230 21.32 -75.26 -9.93
C TYR H 230 22.27 -76.41 -9.60
N ASP H 231 23.45 -76.38 -10.20
CA ASP H 231 24.48 -77.38 -9.94
C ASP H 231 25.80 -76.90 -10.55
N PRO H 232 26.69 -76.35 -9.70
CA PRO H 232 28.00 -75.83 -10.10
C PRO H 232 28.94 -76.85 -10.72
N LYS H 233 28.62 -78.13 -10.54
CA LYS H 233 29.46 -79.20 -11.08
C LYS H 233 29.23 -79.37 -12.58
N ALA H 234 28.09 -78.88 -13.06
CA ALA H 234 27.75 -78.99 -14.48
C ALA H 234 28.86 -78.41 -15.35
N LYS H 235 29.05 -78.99 -16.52
CA LYS H 235 30.08 -78.53 -17.43
C LYS H 235 29.77 -77.09 -17.85
N GLN H 236 28.50 -76.83 -18.16
CA GLN H 236 28.06 -75.51 -18.55
C GLN H 236 28.47 -74.48 -17.52
N ALA H 237 28.40 -74.85 -16.24
CA ALA H 237 28.76 -73.94 -15.16
C ALA H 237 30.11 -73.29 -15.40
N ASP H 238 31.08 -74.07 -15.84
CA ASP H 238 32.41 -73.53 -16.09
C ASP H 238 32.42 -72.62 -17.31
N GLU H 239 31.45 -72.80 -18.20
CA GLU H 239 31.38 -71.96 -19.39
C GLU H 239 31.09 -70.53 -18.93
N TYR H 240 30.31 -70.41 -17.86
CA TYR H 240 29.98 -69.10 -17.31
C TYR H 240 31.12 -68.60 -16.44
N ARG H 241 31.81 -69.51 -15.76
CA ARG H 241 32.93 -69.11 -14.94
C ARG H 241 34.00 -68.57 -15.90
N ALA H 242 34.02 -69.12 -17.11
CA ALA H 242 34.97 -68.71 -18.13
C ALA H 242 34.62 -67.32 -18.66
N LEU H 243 33.37 -67.13 -19.04
CA LEU H 243 32.92 -65.84 -19.54
C LEU H 243 33.23 -64.82 -18.46
N ALA H 244 32.95 -65.20 -17.22
CA ALA H 244 33.17 -64.33 -16.07
C ALA H 244 34.60 -63.81 -15.98
N ARG H 245 35.57 -64.72 -16.02
CA ARG H 245 36.97 -64.33 -15.94
C ARG H 245 37.40 -63.42 -17.08
N LYS H 246 36.80 -63.63 -18.25
CA LYS H 246 37.09 -62.81 -19.42
C LYS H 246 36.65 -61.37 -19.16
N VAL H 247 35.42 -61.20 -18.69
CA VAL H 247 34.86 -59.89 -18.39
C VAL H 247 35.65 -59.17 -17.30
N VAL H 248 36.17 -59.92 -16.33
CA VAL H 248 36.93 -59.31 -15.25
C VAL H 248 38.30 -58.85 -15.75
N ASP H 249 38.90 -59.63 -16.63
CA ASP H 249 40.22 -59.30 -17.15
C ASP H 249 40.22 -58.54 -18.48
N ASN H 250 39.04 -58.20 -18.99
CA ASN H 250 38.98 -57.50 -20.27
C ASN H 250 39.48 -56.05 -20.22
N LYS H 251 40.26 -55.68 -21.24
CA LYS H 251 40.80 -54.33 -21.37
C LYS H 251 40.42 -53.75 -22.73
N LEU H 252 39.91 -54.60 -23.60
CA LEU H 252 39.51 -54.20 -24.95
C LEU H 252 38.21 -53.39 -24.89
N LEU H 253 38.36 -52.06 -24.89
CA LEU H 253 37.22 -51.14 -24.84
C LEU H 253 37.30 -50.25 -26.06
N VAL H 254 36.33 -50.38 -26.97
CA VAL H 254 36.37 -49.62 -28.21
C VAL H 254 35.05 -49.04 -28.74
N ILE H 255 35.20 -48.08 -29.65
CA ILE H 255 34.07 -47.45 -30.33
C ILE H 255 33.95 -48.35 -31.56
N PRO H 256 32.79 -49.00 -31.74
CA PRO H 256 32.57 -49.90 -32.87
C PRO H 256 32.51 -49.26 -34.25
N ASN H 257 32.60 -50.10 -35.27
CA ASN H 257 32.55 -49.68 -36.66
C ASN H 257 31.42 -50.49 -37.31
N PRO H 258 30.18 -50.06 -37.15
CA PRO H 258 29.01 -50.73 -37.70
C PRO H 258 29.14 -51.08 -39.18
N ILE H 259 28.47 -52.14 -39.59
CA ILE H 259 28.50 -52.58 -40.97
C ILE H 259 27.15 -52.37 -41.65
N THR H 260 27.14 -52.42 -42.98
CA THR H 260 25.92 -52.24 -43.75
C THR H 260 25.25 -53.59 -43.93
N MET H 261 23.95 -53.59 -44.20
CA MET H 261 23.20 -54.82 -44.39
C MET H 261 23.86 -55.78 -45.38
N ASP H 262 24.31 -55.25 -46.51
CA ASP H 262 24.95 -56.07 -47.54
C ASP H 262 26.20 -56.76 -47.02
N GLU H 263 27.02 -56.04 -46.28
CA GLU H 263 28.25 -56.60 -45.71
C GLU H 263 27.87 -57.74 -44.78
N LEU H 264 26.78 -57.55 -44.05
CA LEU H 264 26.29 -58.56 -43.11
C LEU H 264 25.84 -59.81 -43.86
N GLU H 265 25.08 -59.61 -44.92
CA GLU H 265 24.59 -60.71 -45.72
C GLU H 265 25.78 -61.43 -46.36
N GLU H 266 26.79 -60.66 -46.75
CA GLU H 266 27.99 -61.24 -47.35
C GLU H 266 28.67 -62.11 -46.31
N LEU H 267 28.66 -61.64 -45.07
CA LEU H 267 29.28 -62.37 -43.98
C LEU H 267 28.53 -63.68 -43.76
N LEU H 268 27.20 -63.62 -43.88
CA LEU H 268 26.38 -64.83 -43.71
C LEU H 268 26.45 -65.70 -44.97
N MET H 269 26.96 -65.11 -46.05
CA MET H 269 27.12 -65.83 -47.30
C MET H 269 28.38 -66.66 -47.15
N GLU H 270 29.43 -65.99 -46.70
CA GLU H 270 30.74 -66.61 -46.50
C GLU H 270 30.65 -67.83 -45.58
N PHE H 271 29.59 -67.90 -44.78
CA PHE H 271 29.41 -69.01 -43.86
C PHE H 271 28.09 -69.76 -44.12
C1 HCA I . -8.24 16.22 26.89
C2 HCA I . -8.74 14.88 26.39
C3 HCA I . -8.04 13.51 26.31
C4 HCA I . -6.55 13.18 25.96
C5 HCA I . -6.20 11.68 26.05
C6 HCA I . -4.72 11.42 25.97
C7 HCA I . -9.07 12.42 25.88
O1 HCA I . -8.04 16.62 28.12
O2 HCA I . -7.60 16.84 25.99
O3 HCA I . -4.38 10.34 25.36
O4 HCA I . -3.90 12.43 26.16
O5 HCA I . -9.32 11.32 26.78
O6 HCA I . -9.29 12.28 24.73
O7 HCA I . -7.89 13.48 27.76
FE1 CFM J . -14.37 12.54 33.71
FE2 CFM J . -12.51 13.82 32.26
FE3 CFM J . -13.73 11.72 31.28
FE4 CFM J . -11.95 11.47 33.28
FE5 CFM J . -10.08 11.34 31.44
FE6 CFM J . -10.75 13.61 30.58
FE7 CFM J . -11.99 11.52 29.50
MO1 CFM J . -9.28 12.10 28.79
S1A CFM J . -12.31 13.34 34.48
S4A CFM J . -14.01 10.42 33.08
S3A CFM J . -10.04 10.32 33.48
S2A CFM J . -14.80 13.69 31.79
S1B CFM J . -8.60 12.92 30.90
S2B CFM J . -11.35 15.62 31.46
S3B CFM J . -11.21 13.35 28.31
S4B CFM J . -10.23 10.12 29.53
S5 CFM J . -14.12 10.81 29.18
CA CA K . 8.95 -2.14 -16.71
FE1 CLF L . -3.74 26.63 23.81
FE2 CLF L . -5.32 28.48 24.75
FE3 CLF L . -6.05 25.84 25.14
FE4 CLF L . -6.18 26.92 22.66
S1 CLF L . -4.49 28.44 22.59
S2A CLF L . -4.25 26.91 25.98
S4A CLF L . -5.18 24.91 23.19
S3A CLF L . -7.42 27.57 24.47
FE5 CLF L . -5.20 26.91 19.36
FE6 CLF L . -3.23 29.94 19.50
FE7 CLF L . -2.55 27.33 18.58
FE8 CLF L . -2.72 27.60 21.28
S2B CLF L . -4.42 28.59 18.04
S3B CLF L . -1.31 28.74 19.89
S4B CLF L . -3.32 25.73 20.07
C1 HCA M . -1.98 -17.38 -27.24
C2 HCA M . -2.86 -16.17 -26.97
C3 HCA M . -2.50 -14.67 -26.83
C4 HCA M . -1.15 -13.99 -26.48
C5 HCA M . -1.18 -12.46 -26.50
C6 HCA M . 0.19 -11.84 -26.42
C7 HCA M . -3.78 -13.89 -26.37
O1 HCA M . -1.53 -17.86 -28.39
O2 HCA M . -1.32 -17.71 -26.19
O3 HCA M . 0.25 -10.73 -25.75
O4 HCA M . 1.22 -12.62 -26.66
O5 HCA M . -4.27 -12.88 -27.35
O6 HCA M . -4.02 -13.85 -25.19
O7 HCA M . -2.24 -14.60 -28.25
FE1 CFM N . -8.18 -15.20 -34.80
FE2 CFM N . -6.32 -16.01 -33.12
FE3 CFM N . -7.87 -14.26 -32.24
FE4 CFM N . -6.24 -13.54 -34.06
FE5 CFM N . -4.59 -13.07 -32.13
FE6 CFM N . -4.68 -15.33 -31.34
FE7 CFM N . -6.43 -13.69 -30.43
MO1 CFM N . -3.78 -13.59 -29.37
S1A CFM N . -6.02 -15.44 -35.32
S4A CFM N . -8.49 -13.03 -34.08
S3A CFM N . -4.63 -11.95 -34.16
S2A CFM N . -8.57 -16.37 -32.87
S1B CFM N . -2.77 -14.17 -31.43
S2B CFM N . -4.78 -17.43 -32.21
S3B CFM N . -5.40 -15.23 -29.11
S4B CFM N . -5.11 -11.90 -30.24
S5 CFM N . -8.74 -13.47 -30.22
CA CA O . 6.77 4.06 17.01
FE1 CLF P . 4.69 -26.52 -23.99
FE2 CLF P . 3.75 -28.68 -24.97
FE3 CLF P . 2.27 -26.28 -25.46
FE4 CLF P . 2.33 -27.39 -23.02
S1 CLF P . 4.35 -28.41 -22.73
S2A CLF P . 4.32 -26.84 -26.20
S4A CLF P . 2.86 -25.18 -23.50
S3A CLF P . 1.46 -28.38 -24.90
FE5 CLF P . 3.09 -27.09 -19.64
FE6 CLF P . 5.67 -29.47 -19.65
FE7 CLF P . 5.71 -26.86 -18.70
FE8 CLF P . 5.75 -27.26 -21.40
S2B CLF P . 4.18 -28.47 -18.19
S3B CLF P . 7.35 -27.91 -19.90
S4B CLF P . 4.68 -25.52 -20.31
FE1 SF4 Q . -4.48 44.14 24.07
FE2 SF4 Q . -3.06 45.55 25.76
FE3 SF4 Q . -5.71 45.64 25.90
FE4 SF4 Q . -4.44 43.52 26.74
S1 SF4 Q . -4.31 45.64 27.73
S2 SF4 Q . -6.34 43.51 25.36
S3 SF4 Q . -2.64 43.35 25.26
S4 SF4 Q . -4.46 46.49 24.18
FE1 SF4 R . 8.21 -43.94 -24.05
FE2 SF4 R . 10.05 -45.00 -25.63
FE3 SF4 R . 7.48 -45.70 -25.92
FE4 SF4 R . 8.28 -43.29 -26.69
S1 SF4 R . 8.95 -45.31 -27.67
S2 SF4 R . 6.37 -43.70 -25.44
S3 SF4 R . 9.87 -42.73 -25.12
S4 SF4 R . 8.82 -46.19 -24.08
#